data_7Y0J
#
_entry.id   7Y0J
#
_cell.length_a   1.00
_cell.length_b   1.00
_cell.length_c   1.00
_cell.angle_alpha   90.00
_cell.angle_beta   90.00
_cell.angle_gamma   90.00
#
_symmetry.space_group_name_H-M   'P 1'
#
loop_
_entity.id
_entity.type
_entity.pdbx_description
1 polymer 'Erythrocyte membrane protein 2 variant TM284var1'
2 polymer 'Immunoglobulin heavy constant mu'
3 polymer 'Immunoglobulin J chain'
4 branched 2-acetamido-2-deoxy-beta-D-glucopyranose-(1-4)-2-acetamido-2-deoxy-beta-D-glucopyranose
5 non-polymer 2-acetamido-2-deoxy-beta-D-glucopyranose
#
loop_
_entity_poly.entity_id
_entity_poly.type
_entity_poly.pdbx_seq_one_letter_code
_entity_poly.pdbx_strand_id
1 'polypeptide(L)'
;MTSKRGNRTVINLSVTDVLEKIALQIYKEENEKKIPHESELIGTLWKAQFSDGLSGSFGDVRSGPSNSCNLHHKYYTNIK
NGYPPARNPCDGRNEKRFSNEGEAECGSDKIRVIGKGDGTACVPFRRQNMCDKNLEYLINKNTKTTHDLLGNVLVTAKYE
GASIVAKHPHKDTSEVCTALARSFADIGDIVRGRDMFLPNKDDKVQKGLREVFKKIHDNLSSSVKPHYKDDGSGNYVKLR
EDWWAINRKEVWNALTCEAPQSVHYFIKTSHGTRGFTSQGKCGRNETNVPTNLDYVPQYLRWFDEWAEEFCRLRNHKLQN
VKKECRGENIGDKYCSGDGEDCEKIVRQDYNIRSDFLCPSCKKECTNYKKWIDTKQGEFNKQKKKYEKEIKKVESNSDTT
YDKKVYKILKEMYPLNSEFVATLKEAPYCNNNNVDGTIDFNKPDDTFSRSDYCKSCPVFGVICTRGECTEVKEDTCSKMN
VKVPKKITNKEDPINIGILVSDDRVSVIPNELENVCKDTGLFKGIRKDQRSCNYLCNLDVCDLSHNKNNTHIDKRISIRV
LFKRWLEYFFKDYSKLKKKLNSCTNNGEKSICINKCKKKCECVGKWVEEKRTEWEKVRKRYFSQYNVDDSQKSYTVKSIV
NGNVDRSDINNSLDESEDIETLKESDTCYNSDSAKKQKCEKNDVITILIDRLKKKIDDCEKQHDNRTNQICCDELPESKE
DDEDEEEEGKKKKNAKQLEVTNEKKEQEDKNLFQVCQKMKKVITDNNGERIRNQRCNEKTDRKWDCSTNEIPTNHTGACM
PPRRISLCIRPLRYLVDNGGKKSIDDYKNAFTECASIETYLLWQKYKRTNGAEDKLKDGEIPNDFLRIMYYTYGDYRDIF
LGTDISKNPNIKNISNKVKNILKFKKSMDESGKNQDENAKVQSSWDEHKRDIWKGMLCGLTYDIQNEKKDILKILNNKYN
YPCDLEVFASKPQFFRWFIEWAEDYCRKYNDEYEKLQTACSTVDCSKDPTDSEKQKCKNACDNFKTFVEGWKKQYDSQKN
KFNKIKIEANIKNTYKGIENKEAYVFLSEECKGKCDCIKYKTDYDTNANDPKGFDTPPKEQKDNCECVLRKKSACENNEV
PKGRTQSQMTCADLKNESPSKGNNNTGNNHKETITFSCNKSNLIGLGAQWKKITDDGLYASPRTRQLCLKHVIDIGRNNT
KKNNITEEEFINVLQKDAYAEGKLLYMYYNSNGKISIFQNGEKLKLDDIEKHTHEAMKRSYADYGDLIKGTTKYTQYNDY
NKISDIINVVTKKKNSASINDIYEREEFWEKYRADVWNAMLCGYKDVSNKTFDGNDDMCNLPNTDKEEEFLRWFKEWNEN
FCITQIKRAEKLKNECNNFNCSSIKSKKDDIKSKCVKACINYKKFVKESKTQYEDQKRTYNERHNKTNKDIPTFLKDNCI
HKNCDCISIKFNHKDNWEKSFFESLDSSDIKNKCECLKLEEESNTTERYISKEDPQYHPEYKGDGKVNYKYEKGKPKALP
SIYPLNCAEKVADELRMYAENSLDTNTKLKAKISKSIDTNEQNATNDEIDCNIYNNISNGQKNTCEHNGNTFHDKDEWDC
NKGTNKLYENDICLPPRRKHMCTKQLENISTASITTTDDLLKEVLITAVNEGKRLKQQWEKTENEAQKKKHFLCDAMKYS
FADLADIIRGTDIWKGNREQQKIQERLVKIFRNIYDNLEKDEYEKYKYGTKYQNLRSAWWDAHRKKIWNAMTCSAPGDFL
FVKRGKGDGSDIEFLTFSEHKKCGHDKEPPVYDYVPQILRWITEWSEHFCELQEKNYYLLKEKCADYIQKDSKPIDDSHN
IKCNTCKTKCEEYSKFIKKWNSQYINLEKKFKELYDEANNTKSYEELYRIGKPSHRNHYEDENLIQFLQNVKSECNEPNT
VDKYLMYTSDCRRVKFSNTIDTNVNKPTADVTHNTINGPSSNLPVVTETNIKNELREYAFLETPEGYGNACKCKGPEPLD
RCPENDNISNYCNDFVSVPECTAKIYKDEIDHWNNANVKFKTSINNGVLVPPRRSHICLKNMITKNYDKKKNGMEKFKTD
LLQVAYNEGYFLCQKYDKQPRDVLEAMKYTFADIADIVKGRDMINKDISAKLRKLLDIKVEPKAPRKWWKYNKAHVWHAM
LCGYRKGGGTITNDECNVPDEEYTYQFLRWFQEWIKKFCTGQQKLYDDVQTKCSSANCNRDDGTISLPECESSCVQYKNY
ITRKRQEYRSLNHQYNMNFKEQKAQGMKATQYIDDKCNSKCDCLIKYIDREKEWTNIYDSLENNDLKNKCDCKQIKPKRH
PKEVNPEEEPANSEPDYIVPLVPQKPSTPEVPPPPPPPLPTPSDEPFHHHHHH
;
M
2 'polypeptide(L)'
;ASAWSHPQFEKGGGSGGGSGGSAWSHPQFEKIDTTIAELPPKVSVFVPPRDGFFGNPRKSKLICQATGFSPRQIQVSWLR
EGKQVGSGVTTDQVQAEAKESGPTTYKVTSTLTIKESDWLGQSMFTCRVDHRGLTFQQNASSMCVPDQDTAIRVFAIPPS
FASIFLTKSTKLTCLVTDLTTYDSVTISWTRQNGEAVKTHTNISESHPNATFSAVGEASICEDDWNSGERFTCTVTHTDL
PSPLKQTISRPKGVALHRPDVYLLPPAREQLNLRESATITCLVTGFSPADVFVQWMQRGQPLSPEKYVTSAPMPEPQAPG
RYFAHSILTVSEEEWNTGETYTCVVAHEALPNRVTERTVDKSTGKPTLYNVSLVMSDTAGTCY
;
A,B,C,D,E,F,G,H,K,L
3 'polypeptide(L)'
;EDERIVLVDNKCKCARITSRIIRSSEDPNEDIVERNIRIIVPLNNRENISDPTSPLRTRFVYHLSDLCKKCDPTEVELDN
QIVTATQSNICDEDSATETCYTYDRNKCYTAVVPLVYGGETKMVETALTPDACYPD
;
J
#
# COMPACT_ATOMS: atom_id res chain seq x y z
N ASP A 1596 37.25 -13.46 -7.29
CA ASP A 1596 38.28 -12.54 -7.74
C ASP A 1596 37.68 -11.27 -8.33
N GLU A 1597 36.45 -10.97 -7.93
CA GLU A 1597 35.75 -9.76 -8.36
C GLU A 1597 35.90 -8.69 -7.29
N TRP A 1598 36.00 -7.43 -7.74
CA TRP A 1598 36.23 -6.32 -6.82
C TRP A 1598 34.95 -5.55 -6.50
N ASP A 1599 33.90 -5.68 -7.31
CA ASP A 1599 32.60 -5.06 -7.07
C ASP A 1599 32.74 -3.54 -6.86
N CYS A 1600 33.22 -2.88 -7.90
CA CYS A 1600 33.58 -1.47 -7.77
C CYS A 1600 32.40 -0.54 -7.92
N ASN A 1601 31.21 -1.06 -8.27
CA ASN A 1601 30.02 -0.23 -8.30
C ASN A 1601 29.71 0.24 -6.88
N LYS A 1602 28.94 1.33 -6.78
CA LYS A 1602 28.69 1.96 -5.49
C LYS A 1602 27.97 1.02 -4.54
N GLY A 1603 26.72 0.67 -4.85
CA GLY A 1603 25.94 -0.23 -4.03
C GLY A 1603 25.94 0.13 -2.55
N THR A 1604 26.62 -0.71 -1.76
CA THR A 1604 26.93 -0.40 -0.37
C THR A 1604 28.41 -0.60 -0.06
N ASN A 1605 29.25 -0.72 -1.08
CA ASN A 1605 30.67 -0.98 -0.87
C ASN A 1605 31.35 0.16 -0.13
N LYS A 1606 31.07 1.40 -0.53
CA LYS A 1606 31.60 2.57 0.17
C LYS A 1606 30.51 3.64 0.23
N LEU A 1607 30.34 4.22 1.42
CA LEU A 1607 29.27 5.19 1.60
C LEU A 1607 29.50 6.47 0.80
N TYR A 1608 30.73 6.98 0.81
CA TYR A 1608 31.01 8.27 0.19
C TYR A 1608 30.97 8.14 -1.33
N GLU A 1609 30.57 9.23 -1.99
CA GLU A 1609 30.20 9.17 -3.40
C GLU A 1609 31.37 8.89 -4.33
N ASN A 1610 32.61 9.11 -3.91
CA ASN A 1610 33.75 8.81 -4.76
C ASN A 1610 33.88 7.31 -4.98
N ASP A 1611 34.27 6.92 -6.19
CA ASP A 1611 34.38 5.52 -6.56
C ASP A 1611 35.75 4.98 -6.18
N ILE A 1612 35.77 3.94 -5.37
CA ILE A 1612 36.97 3.14 -5.12
C ILE A 1612 36.57 1.68 -5.21
N CYS A 1613 37.48 0.86 -5.72
CA CYS A 1613 37.20 -0.55 -5.97
C CYS A 1613 37.70 -1.36 -4.78
N LEU A 1614 36.78 -1.99 -4.06
CA LEU A 1614 37.17 -2.74 -2.86
C LEU A 1614 37.90 -4.02 -3.26
N PRO A 1615 39.00 -4.34 -2.59
CA PRO A 1615 39.68 -5.61 -2.86
C PRO A 1615 38.87 -6.79 -2.35
N PRO A 1616 39.04 -7.98 -2.94
CA PRO A 1616 38.33 -9.15 -2.43
C PRO A 1616 38.83 -9.61 -1.08
N ARG A 1617 40.06 -9.27 -0.69
CA ARG A 1617 40.58 -9.69 0.61
C ARG A 1617 39.84 -9.02 1.76
N ARG A 1618 39.32 -7.80 1.55
CA ARG A 1618 38.49 -7.18 2.56
C ARG A 1618 37.19 -7.93 2.76
N LYS A 1619 36.59 -8.43 1.69
CA LYS A 1619 35.34 -9.17 1.76
C LYS A 1619 35.61 -10.60 2.24
N HIS A 1620 34.63 -11.16 2.95
CA HIS A 1620 34.70 -12.51 3.51
C HIS A 1620 35.91 -12.68 4.42
N MET A 1621 35.96 -11.85 5.46
CA MET A 1621 36.97 -12.02 6.50
C MET A 1621 36.37 -12.69 7.73
N CYS A 1622 37.23 -13.34 8.51
CA CYS A 1622 36.81 -14.00 9.75
C CYS A 1622 36.87 -13.00 10.91
N THR A 1623 36.02 -11.99 10.82
CA THR A 1623 35.90 -10.96 11.83
C THR A 1623 34.88 -11.31 12.90
N LYS A 1624 34.39 -12.56 12.91
CA LYS A 1624 33.33 -12.95 13.83
C LYS A 1624 33.76 -12.91 15.28
N GLN A 1625 35.06 -13.01 15.57
CA GLN A 1625 35.53 -13.00 16.94
C GLN A 1625 35.28 -11.64 17.59
N LEU A 1626 35.69 -10.55 16.92
CA LEU A 1626 35.37 -9.22 17.42
C LEU A 1626 33.90 -8.88 17.20
N GLU A 1627 33.29 -9.43 16.15
CA GLU A 1627 31.86 -9.19 15.90
C GLU A 1627 31.02 -9.72 17.05
N ASN A 1628 31.31 -10.93 17.52
CA ASN A 1628 30.60 -11.52 18.65
C ASN A 1628 31.44 -11.31 19.91
N ILE A 1629 31.48 -10.08 20.37
CA ILE A 1629 32.13 -9.73 21.63
C ILE A 1629 31.04 -9.44 22.64
N SER A 1630 31.37 -9.57 23.92
CA SER A 1630 30.46 -9.28 25.02
C SER A 1630 31.08 -8.17 25.86
N THR A 1631 30.61 -6.94 25.66
CA THR A 1631 31.17 -5.79 26.38
C THR A 1631 30.93 -5.87 27.88
N ALA A 1632 29.96 -6.67 28.32
CA ALA A 1632 29.71 -6.83 29.75
C ALA A 1632 30.85 -7.59 30.43
N SER A 1633 31.34 -8.65 29.78
CA SER A 1633 32.34 -9.50 30.41
C SER A 1633 33.76 -8.96 30.30
N ILE A 1634 33.99 -7.97 29.43
CA ILE A 1634 35.33 -7.45 29.17
C ILE A 1634 35.38 -5.98 29.51
N THR A 1635 36.31 -5.60 30.39
CA THR A 1635 36.47 -4.21 30.78
C THR A 1635 37.93 -3.80 30.99
N THR A 1636 38.90 -4.62 30.58
CA THR A 1636 40.30 -4.34 30.85
C THR A 1636 41.13 -4.54 29.59
N THR A 1637 42.33 -3.94 29.59
CA THR A 1637 43.21 -4.03 28.43
C THR A 1637 43.71 -5.44 28.19
N ASP A 1638 44.01 -6.18 29.27
CA ASP A 1638 44.61 -7.50 29.12
C ASP A 1638 43.66 -8.48 28.45
N ASP A 1639 42.37 -8.43 28.80
CA ASP A 1639 41.41 -9.32 28.16
C ASP A 1639 41.16 -8.94 26.71
N LEU A 1640 41.29 -7.65 26.37
CA LEU A 1640 41.06 -7.23 24.99
C LEU A 1640 42.18 -7.66 24.06
N LEU A 1641 43.42 -7.74 24.59
CA LEU A 1641 44.54 -8.16 23.75
C LEU A 1641 44.40 -9.61 23.30
N LYS A 1642 43.93 -10.48 24.20
CA LYS A 1642 43.88 -11.91 23.90
C LYS A 1642 42.94 -12.19 22.73
N GLU A 1643 41.78 -11.54 22.72
CA GLU A 1643 40.82 -11.75 21.63
C GLU A 1643 41.33 -11.22 20.31
N VAL A 1644 42.07 -10.11 20.33
CA VAL A 1644 42.68 -9.60 19.10
C VAL A 1644 43.73 -10.56 18.58
N LEU A 1645 44.52 -11.14 19.49
CA LEU A 1645 45.49 -12.17 19.09
C LEU A 1645 44.79 -13.38 18.48
N ILE A 1646 43.67 -13.80 19.07
CA ILE A 1646 42.90 -14.91 18.54
C ILE A 1646 42.40 -14.58 17.13
N THR A 1647 41.89 -13.36 16.94
CA THR A 1647 41.40 -12.96 15.62
C THR A 1647 42.53 -12.95 14.60
N ALA A 1648 43.73 -12.51 15.02
CA ALA A 1648 44.88 -12.55 14.13
C ALA A 1648 45.24 -13.97 13.74
N VAL A 1649 45.19 -14.89 14.71
CA VAL A 1649 45.47 -16.30 14.42
C VAL A 1649 44.44 -16.86 13.44
N ASN A 1650 43.17 -16.55 13.65
CA ASN A 1650 42.12 -17.01 12.73
C ASN A 1650 42.32 -16.45 11.34
N GLU A 1651 42.71 -15.17 11.23
CA GLU A 1651 42.97 -14.60 9.92
C GLU A 1651 44.15 -15.29 9.24
N GLY A 1652 45.21 -15.58 10.01
CA GLY A 1652 46.36 -16.26 9.44
C GLY A 1652 46.04 -17.64 8.92
N LYS A 1653 45.31 -18.44 9.72
CA LYS A 1653 44.95 -19.76 9.24
C LYS A 1653 43.92 -19.70 8.12
N ARG A 1654 43.06 -18.69 8.10
CA ARG A 1654 42.13 -18.52 6.99
C ARG A 1654 42.87 -18.27 5.68
N LEU A 1655 43.86 -17.37 5.71
CA LEU A 1655 44.65 -17.14 4.50
C LEU A 1655 45.46 -18.37 4.11
N LYS A 1656 45.99 -19.08 5.10
CA LYS A 1656 46.76 -20.30 4.80
C LYS A 1656 45.89 -21.35 4.12
N GLN A 1657 44.65 -21.54 4.62
CA GLN A 1657 43.74 -22.49 4.00
C GLN A 1657 43.26 -22.00 2.64
N GLN A 1658 43.06 -20.69 2.50
CA GLN A 1658 42.59 -20.13 1.24
C GLN A 1658 43.61 -20.30 0.13
N TRP A 1659 44.89 -20.07 0.43
CA TRP A 1659 45.91 -20.17 -0.60
C TRP A 1659 46.13 -21.61 -1.03
N GLU A 1660 46.07 -22.55 -0.09
CA GLU A 1660 46.20 -23.98 -0.42
C GLU A 1660 44.83 -24.58 -0.71
N LYS A 1661 44.16 -23.99 -1.70
CA LYS A 1661 42.82 -24.43 -2.10
C LYS A 1661 42.88 -25.76 -2.84
N HIS A 1671 56.00 -16.26 -1.18
CA HIS A 1671 56.17 -14.81 -1.04
C HIS A 1671 54.83 -14.11 -1.24
N PHE A 1672 54.03 -14.64 -2.18
CA PHE A 1672 52.71 -14.08 -2.42
C PHE A 1672 51.81 -14.21 -1.20
N LEU A 1673 51.91 -15.33 -0.49
CA LEU A 1673 51.20 -15.49 0.77
C LEU A 1673 51.66 -14.44 1.78
N CYS A 1674 52.96 -14.18 1.82
CA CYS A 1674 53.49 -13.16 2.72
C CYS A 1674 52.95 -11.78 2.38
N ASP A 1675 52.88 -11.44 1.09
CA ASP A 1675 52.35 -10.13 0.71
C ASP A 1675 50.87 -10.00 1.07
N ALA A 1676 50.07 -11.02 0.76
CA ALA A 1676 48.64 -10.99 1.09
C ALA A 1676 48.43 -10.89 2.60
N MET A 1677 49.22 -11.64 3.36
CA MET A 1677 49.13 -11.60 4.82
C MET A 1677 49.57 -10.26 5.36
N LYS A 1678 50.57 -9.63 4.73
CA LYS A 1678 51.02 -8.30 5.09
C LYS A 1678 49.90 -7.28 4.94
N TYR A 1679 49.24 -7.27 3.77
CA TYR A 1679 48.14 -6.33 3.58
C TYR A 1679 46.93 -6.69 4.43
N SER A 1680 46.74 -7.96 4.77
CA SER A 1680 45.66 -8.32 5.68
C SER A 1680 45.93 -7.81 7.09
N PHE A 1681 47.19 -7.86 7.52
CA PHE A 1681 47.56 -7.27 8.81
C PHE A 1681 47.32 -5.76 8.80
N ALA A 1682 47.67 -5.10 7.69
CA ALA A 1682 47.41 -3.66 7.58
C ALA A 1682 45.91 -3.39 7.64
N ASP A 1683 45.11 -4.22 6.97
CA ASP A 1683 43.65 -4.05 6.99
C ASP A 1683 43.09 -4.22 8.40
N LEU A 1684 43.56 -5.25 9.12
CA LEU A 1684 43.09 -5.45 10.49
C LEU A 1684 43.54 -4.30 11.38
N ALA A 1685 44.74 -3.76 11.12
CA ALA A 1685 45.21 -2.56 11.81
C ALA A 1685 44.23 -1.41 11.61
N ASP A 1686 43.78 -1.22 10.37
CA ASP A 1686 42.84 -0.14 10.10
C ASP A 1686 41.49 -0.40 10.77
N ILE A 1687 41.08 -1.66 10.83
CA ILE A 1687 39.81 -2.01 11.49
C ILE A 1687 39.90 -1.67 12.98
N ILE A 1688 41.00 -2.06 13.63
CA ILE A 1688 41.15 -1.79 15.05
C ILE A 1688 41.29 -0.29 15.30
N ARG A 1689 42.00 0.41 14.43
CA ARG A 1689 42.25 1.83 14.63
C ARG A 1689 41.01 2.69 14.42
N GLY A 1690 39.99 2.16 13.74
CA GLY A 1690 38.73 2.85 13.60
C GLY A 1690 38.65 3.84 12.46
N THR A 1691 39.61 3.85 11.55
CA THR A 1691 39.62 4.75 10.40
C THR A 1691 39.24 4.04 9.11
N ASP A 1692 38.54 2.92 9.20
CA ASP A 1692 38.22 2.13 8.02
C ASP A 1692 37.15 2.82 7.16
N ILE A 1693 37.05 2.36 5.92
CA ILE A 1693 36.20 3.00 4.92
C ILE A 1693 34.87 2.26 4.80
N TRP A 1694 34.90 0.93 4.98
CA TRP A 1694 33.73 0.11 4.69
C TRP A 1694 32.65 0.30 5.76
N LYS A 1695 32.10 1.52 5.83
CA LYS A 1695 31.01 1.80 6.75
C LYS A 1695 29.68 1.24 6.26
N GLY A 1696 29.53 1.07 4.94
CA GLY A 1696 28.28 0.63 4.38
C GLY A 1696 27.84 -0.75 4.83
N ASN A 1697 28.79 -1.63 5.10
CA ASN A 1697 28.45 -2.98 5.55
C ASN A 1697 27.73 -2.95 6.88
N ARG A 1698 26.63 -3.69 6.98
CA ARG A 1698 25.85 -3.70 8.20
C ARG A 1698 26.58 -4.48 9.30
N GLU A 1699 27.35 -5.51 8.92
CA GLU A 1699 28.12 -6.25 9.90
C GLU A 1699 29.23 -5.41 10.51
N GLN A 1700 29.90 -4.60 9.69
CA GLN A 1700 31.05 -3.83 10.17
C GLN A 1700 30.67 -2.57 10.93
N GLN A 1701 29.39 -2.20 10.94
CA GLN A 1701 28.95 -1.09 11.78
C GLN A 1701 28.87 -1.53 13.24
N LYS A 1702 28.47 -2.78 13.48
CA LYS A 1702 28.33 -3.27 14.85
C LYS A 1702 29.68 -3.37 15.55
N ILE A 1703 30.73 -3.75 14.82
CA ILE A 1703 32.06 -3.87 15.42
C ILE A 1703 32.55 -2.50 15.88
N GLN A 1704 32.40 -1.48 15.03
CA GLN A 1704 32.78 -0.13 15.42
C GLN A 1704 31.76 0.51 16.35
N GLU A 1705 30.65 -0.16 16.62
CA GLU A 1705 29.71 0.30 17.64
C GLU A 1705 29.97 -0.33 19.00
N ARG A 1706 30.60 -1.51 19.04
CA ARG A 1706 30.87 -2.18 20.31
C ARG A 1706 32.33 -2.16 20.74
N LEU A 1707 33.25 -1.73 19.88
CA LEU A 1707 34.58 -1.38 20.39
C LEU A 1707 34.59 -0.05 21.12
N VAL A 1708 33.61 0.82 20.82
CA VAL A 1708 33.48 2.08 21.55
C VAL A 1708 33.22 1.81 23.03
N LYS A 1709 32.42 0.79 23.34
CA LYS A 1709 32.16 0.44 24.74
C LYS A 1709 33.46 0.04 25.44
N ILE A 1710 34.25 -0.82 24.80
CA ILE A 1710 35.48 -1.31 25.41
C ILE A 1710 36.45 -0.16 25.67
N PHE A 1711 36.67 0.67 24.65
CA PHE A 1711 37.65 1.74 24.82
C PHE A 1711 37.14 2.88 25.68
N ARG A 1712 35.81 3.08 25.75
CA ARG A 1712 35.28 4.01 26.73
C ARG A 1712 35.51 3.52 28.14
N ASN A 1713 35.33 2.22 28.39
CA ASN A 1713 35.63 1.67 29.71
C ASN A 1713 37.10 1.82 30.05
N ILE A 1714 37.98 1.57 29.06
CA ILE A 1714 39.41 1.73 29.28
C ILE A 1714 39.75 3.17 29.61
N TYR A 1715 39.17 4.13 28.88
CA TYR A 1715 39.44 5.54 29.13
C TYR A 1715 38.86 5.96 30.49
N ASP A 1716 37.77 5.32 30.92
CA ASP A 1716 37.21 5.61 32.23
C ASP A 1716 38.12 5.10 33.34
N ASN A 1717 38.76 3.95 33.15
CA ASN A 1717 39.59 3.35 34.19
C ASN A 1717 41.06 3.75 34.08
N LEU A 1718 41.35 4.95 33.59
CA LEU A 1718 42.71 5.43 33.43
C LEU A 1718 43.11 6.32 34.60
N GLU A 1719 44.42 6.57 34.70
CA GLU A 1719 45.00 7.37 35.75
C GLU A 1719 45.31 8.78 35.26
N LYS A 1720 45.66 9.66 36.20
CA LYS A 1720 45.64 11.10 35.95
C LYS A 1720 46.71 11.54 34.95
N ASP A 1721 47.92 10.97 35.04
CA ASP A 1721 48.99 11.42 34.16
C ASP A 1721 48.76 11.04 32.70
N GLU A 1722 47.81 10.13 32.44
CA GLU A 1722 47.38 9.85 31.09
C GLU A 1722 45.98 10.38 30.80
N TYR A 1723 45.17 10.63 31.83
CA TYR A 1723 43.83 11.17 31.63
C TYR A 1723 43.89 12.56 31.00
N GLU A 1724 44.80 13.41 31.47
CA GLU A 1724 44.91 14.75 30.91
C GLU A 1724 45.48 14.73 29.49
N LYS A 1725 46.30 13.71 29.18
CA LYS A 1725 46.85 13.61 27.84
C LYS A 1725 45.82 13.10 26.84
N TYR A 1726 44.95 12.18 27.28
CA TYR A 1726 43.97 11.56 26.40
C TYR A 1726 42.55 12.07 26.65
N LYS A 1727 42.41 13.24 27.29
CA LYS A 1727 41.08 13.76 27.59
C LYS A 1727 40.36 14.19 26.32
N TYR A 1728 41.06 14.88 25.42
CA TYR A 1728 40.45 15.49 24.24
C TYR A 1728 40.65 14.61 23.02
N GLY A 1729 39.60 14.51 22.20
CA GLY A 1729 39.67 13.71 20.99
C GLY A 1729 38.30 13.58 20.37
N THR A 1730 38.14 12.54 19.55
CA THR A 1730 36.85 12.24 18.93
C THR A 1730 36.72 10.74 18.73
N LYS A 1731 35.62 10.18 19.23
CA LYS A 1731 35.32 8.75 19.16
C LYS A 1731 36.42 7.88 19.75
N TYR A 1732 37.23 8.45 20.65
CA TYR A 1732 38.27 7.72 21.39
C TYR A 1732 39.32 7.10 20.46
N GLN A 1733 39.52 7.65 19.25
CA GLN A 1733 40.47 7.02 18.35
C GLN A 1733 41.91 7.41 18.65
N ASN A 1734 42.14 8.49 19.39
CA ASN A 1734 43.50 8.86 19.75
C ASN A 1734 44.13 7.81 20.67
N LEU A 1735 43.46 7.49 21.78
CA LEU A 1735 43.98 6.43 22.63
C LEU A 1735 43.77 5.06 22.04
N ARG A 1736 42.85 4.92 21.07
CA ARG A 1736 42.76 3.67 20.32
C ARG A 1736 44.04 3.42 19.52
N SER A 1737 44.51 4.45 18.80
CA SER A 1737 45.76 4.33 18.08
C SER A 1737 46.95 4.17 19.04
N ALA A 1738 46.90 4.85 20.19
CA ALA A 1738 47.95 4.69 21.19
C ALA A 1738 48.01 3.24 21.69
N TRP A 1739 46.84 2.65 21.96
CA TRP A 1739 46.79 1.26 22.40
C TRP A 1739 47.30 0.32 21.32
N TRP A 1740 46.92 0.58 20.06
CA TRP A 1740 47.42 -0.26 18.97
C TRP A 1740 48.95 -0.18 18.88
N ASP A 1741 49.49 1.03 18.87
CA ASP A 1741 50.94 1.19 18.75
C ASP A 1741 51.67 0.64 19.98
N ALA A 1742 51.00 0.60 21.13
CA ALA A 1742 51.59 -0.03 22.30
C ALA A 1742 51.63 -1.55 22.14
N HIS A 1743 50.57 -2.13 21.58
CA HIS A 1743 50.46 -3.58 21.46
C HIS A 1743 50.57 -4.07 20.02
N ARG A 1744 51.26 -3.33 19.16
CA ARG A 1744 51.33 -3.73 17.76
C ARG A 1744 52.31 -4.88 17.55
N LYS A 1745 53.39 -4.94 18.34
CA LYS A 1745 54.42 -5.95 18.11
C LYS A 1745 53.91 -7.35 18.42
N LYS A 1746 53.11 -7.50 19.48
CA LYS A 1746 52.66 -8.83 19.89
C LYS A 1746 51.63 -9.42 18.93
N ILE A 1747 50.81 -8.57 18.30
CA ILE A 1747 49.73 -9.06 17.45
C ILE A 1747 50.28 -9.76 16.21
N TRP A 1748 51.27 -9.15 15.56
CA TRP A 1748 51.84 -9.76 14.36
C TRP A 1748 52.59 -11.04 14.69
N ASN A 1749 53.16 -11.14 15.90
CA ASN A 1749 53.81 -12.37 16.31
C ASN A 1749 52.81 -13.52 16.45
N ALA A 1750 51.62 -13.23 16.98
CA ALA A 1750 50.58 -14.25 17.04
C ALA A 1750 50.04 -14.56 15.66
N MET A 1751 49.97 -13.55 14.79
CA MET A 1751 49.49 -13.77 13.43
C MET A 1751 50.45 -14.66 12.64
N THR A 1752 51.75 -14.47 12.80
CA THR A 1752 52.76 -15.16 12.01
C THR A 1752 53.02 -16.58 12.48
N CYS A 1753 52.21 -17.10 13.42
CA CYS A 1753 52.36 -18.49 13.85
C CYS A 1753 52.13 -19.45 12.68
N SER A 1754 51.11 -19.19 11.87
CA SER A 1754 50.83 -20.05 10.73
C SER A 1754 51.92 -19.92 9.68
N ALA A 1755 52.42 -21.07 9.21
CA ALA A 1755 53.46 -21.16 8.17
C ALA A 1755 54.70 -20.34 8.53
N LYS A 1787 61.24 -11.51 14.16
CA LYS A 1787 61.22 -10.87 12.85
C LYS A 1787 61.16 -9.35 12.98
N GLU A 1788 60.39 -8.71 12.09
CA GLU A 1788 60.27 -7.27 12.07
C GLU A 1788 58.79 -6.88 12.00
N PRO A 1789 58.44 -5.72 12.53
CA PRO A 1789 57.05 -5.25 12.44
C PRO A 1789 56.76 -4.64 11.08
N PRO A 1790 55.63 -5.00 10.48
CA PRO A 1790 55.27 -4.42 9.17
C PRO A 1790 55.10 -2.91 9.24
N VAL A 1791 55.26 -2.28 8.08
CA VAL A 1791 55.22 -0.81 7.99
C VAL A 1791 54.06 -0.30 7.15
N TYR A 1792 53.38 -1.15 6.38
CA TYR A 1792 52.24 -0.69 5.58
C TYR A 1792 51.04 -0.29 6.42
N ASP A 1793 51.02 -0.62 7.71
CA ASP A 1793 49.87 -0.28 8.55
C ASP A 1793 49.74 1.22 8.76
N TYR A 1794 50.85 1.97 8.73
CA TYR A 1794 50.74 3.42 8.78
C TYR A 1794 50.31 4.04 7.46
N VAL A 1795 50.46 3.31 6.36
CA VAL A 1795 50.09 3.84 5.03
C VAL A 1795 48.58 4.01 4.96
N PRO A 1796 48.08 5.11 4.41
CA PRO A 1796 46.62 5.25 4.23
C PRO A 1796 46.07 4.17 3.32
N GLN A 1797 44.80 3.82 3.56
CA GLN A 1797 44.23 2.61 2.98
C GLN A 1797 44.07 2.68 1.47
N ILE A 1798 43.78 3.87 0.92
CA ILE A 1798 43.47 3.97 -0.50
C ILE A 1798 44.69 3.62 -1.35
N LEU A 1799 45.85 4.15 -0.99
CA LEU A 1799 47.08 3.83 -1.71
C LEU A 1799 47.43 2.36 -1.58
N ARG A 1800 47.23 1.78 -0.39
CA ARG A 1800 47.46 0.35 -0.25
C ARG A 1800 46.52 -0.44 -1.16
N TRP A 1801 45.25 -0.04 -1.26
CA TRP A 1801 44.31 -0.68 -2.16
C TRP A 1801 44.79 -0.61 -3.61
N ILE A 1802 45.40 0.52 -3.98
CA ILE A 1802 46.05 0.62 -5.28
C ILE A 1802 47.16 -0.44 -5.41
N THR A 1803 47.90 -0.67 -4.32
CA THR A 1803 48.99 -1.65 -4.39
C THR A 1803 48.46 -3.08 -4.58
N GLU A 1804 47.37 -3.45 -3.86
CA GLU A 1804 46.80 -4.78 -4.14
C GLU A 1804 46.28 -4.85 -5.57
N TRP A 1805 45.73 -3.76 -6.07
CA TRP A 1805 45.24 -3.77 -7.45
C TRP A 1805 46.38 -4.05 -8.41
N SER A 1806 47.52 -3.37 -8.22
CA SER A 1806 48.66 -3.57 -9.10
C SER A 1806 49.15 -5.02 -9.03
N GLU A 1807 49.31 -5.55 -7.82
CA GLU A 1807 49.79 -6.92 -7.68
C GLU A 1807 48.81 -7.92 -8.30
N HIS A 1808 47.52 -7.76 -8.02
CA HIS A 1808 46.52 -8.68 -8.54
C HIS A 1808 46.46 -8.63 -10.06
N PHE A 1809 46.50 -7.44 -10.65
CA PHE A 1809 46.36 -7.35 -12.10
C PHE A 1809 47.60 -7.91 -12.79
N CYS A 1810 48.80 -7.65 -12.26
CA CYS A 1810 49.99 -8.24 -12.87
C CYS A 1810 49.96 -9.75 -12.74
N GLU A 1811 49.51 -10.26 -11.59
CA GLU A 1811 49.39 -11.70 -11.39
C GLU A 1811 48.43 -12.32 -12.39
N LEU A 1812 47.26 -11.69 -12.59
CA LEU A 1812 46.27 -12.32 -13.45
C LEU A 1812 46.61 -12.16 -14.92
N GLN A 1813 47.34 -11.10 -15.31
CA GLN A 1813 47.77 -11.01 -16.69
C GLN A 1813 48.93 -11.98 -16.97
N GLU A 1814 49.73 -12.29 -15.96
CA GLU A 1814 50.66 -13.40 -16.08
C GLU A 1814 49.90 -14.72 -16.22
N LYS A 1815 48.80 -14.87 -15.49
CA LYS A 1815 47.97 -16.06 -15.58
C LYS A 1815 47.29 -16.19 -16.95
N ASN A 1816 47.02 -15.06 -17.61
CA ASN A 1816 46.23 -15.07 -18.84
C ASN A 1816 46.91 -15.87 -19.93
N TYR A 1817 48.19 -15.62 -20.18
CA TYR A 1817 48.93 -16.30 -21.23
C TYR A 1817 50.32 -16.67 -20.73
N TYR A 1818 50.86 -17.75 -21.29
CA TYR A 1818 52.20 -18.21 -20.92
C TYR A 1818 52.80 -19.05 -22.04
N THR A 1845 43.46 -23.47 -32.22
CA THR A 1845 44.41 -22.40 -32.53
C THR A 1845 44.17 -21.19 -31.64
N CYS A 1846 44.66 -20.03 -32.09
CA CYS A 1846 44.48 -18.80 -31.34
C CYS A 1846 43.09 -18.19 -31.49
N LYS A 1847 42.27 -18.71 -32.42
CA LYS A 1847 40.92 -18.19 -32.58
C LYS A 1847 40.06 -18.51 -31.37
N THR A 1848 40.29 -19.67 -30.75
CA THR A 1848 39.53 -20.04 -29.56
C THR A 1848 39.84 -19.12 -28.39
N LYS A 1849 41.11 -18.76 -28.22
CA LYS A 1849 41.53 -17.97 -27.06
C LYS A 1849 41.23 -16.48 -27.24
N CYS A 1850 41.05 -16.01 -28.48
CA CYS A 1850 41.09 -14.57 -28.75
C CYS A 1850 39.89 -13.84 -28.15
N GLU A 1851 38.70 -14.43 -28.23
CA GLU A 1851 37.49 -13.69 -27.85
C GLU A 1851 37.40 -13.47 -26.35
N GLU A 1852 38.01 -14.34 -25.54
CA GLU A 1852 37.97 -14.14 -24.09
C GLU A 1852 38.82 -12.96 -23.66
N TYR A 1853 39.93 -12.71 -24.36
CA TYR A 1853 40.78 -11.56 -24.03
C TYR A 1853 40.05 -10.25 -24.30
N SER A 1854 39.21 -10.22 -25.33
CA SER A 1854 38.38 -9.04 -25.57
C SER A 1854 37.42 -8.81 -24.42
N LYS A 1855 36.81 -9.87 -23.89
CA LYS A 1855 35.99 -9.75 -22.69
C LYS A 1855 36.85 -9.55 -21.44
N PHE A 1856 38.11 -10.00 -21.47
CA PHE A 1856 39.00 -9.79 -20.34
C PHE A 1856 39.35 -8.31 -20.18
N ILE A 1857 39.52 -7.60 -21.30
CA ILE A 1857 39.80 -6.17 -21.22
C ILE A 1857 38.57 -5.41 -20.77
N LYS A 1858 37.40 -5.71 -21.34
CA LYS A 1858 36.22 -4.90 -21.09
C LYS A 1858 35.63 -5.11 -19.71
N LYS A 1859 35.94 -6.23 -19.04
CA LYS A 1859 35.45 -6.41 -17.68
C LYS A 1859 36.16 -5.48 -16.71
N TRP A 1860 37.37 -5.05 -17.05
CA TRP A 1860 38.16 -4.13 -16.22
C TRP A 1860 38.65 -2.92 -17.01
N ASN A 1861 37.96 -2.56 -18.10
CA ASN A 1861 38.42 -1.46 -18.96
C ASN A 1861 38.29 -0.11 -18.28
N SER A 1862 37.11 0.17 -17.71
CA SER A 1862 36.88 1.43 -17.03
C SER A 1862 37.35 1.40 -15.57
N GLN A 1863 37.95 0.28 -15.15
CA GLN A 1863 38.41 0.17 -13.77
C GLN A 1863 39.59 1.09 -13.48
N TYR A 1864 40.41 1.37 -14.50
CA TYR A 1864 41.56 2.26 -14.28
C TYR A 1864 41.17 3.73 -14.31
N ILE A 1865 40.27 4.11 -15.22
CA ILE A 1865 40.01 5.53 -15.48
C ILE A 1865 39.27 6.21 -14.34
N ASN A 1866 38.36 5.48 -13.66
CA ASN A 1866 37.47 6.12 -12.70
C ASN A 1866 38.23 6.62 -11.47
N LEU A 1867 39.25 5.89 -11.02
CA LEU A 1867 40.02 6.32 -9.87
C LEU A 1867 40.97 7.47 -10.21
N GLU A 1868 41.40 7.57 -11.47
CA GLU A 1868 42.39 8.57 -11.84
C GLU A 1868 41.84 9.99 -11.72
N LYS A 1869 40.51 10.14 -11.84
CA LYS A 1869 39.90 11.45 -11.71
C LYS A 1869 39.92 11.99 -10.28
N LYS A 1870 40.12 11.12 -9.29
CA LYS A 1870 40.19 11.56 -7.89
C LYS A 1870 41.62 11.60 -7.36
N PHE A 1871 42.61 11.38 -8.21
CA PHE A 1871 44.01 11.51 -7.80
C PHE A 1871 44.47 12.97 -7.70
N LYS A 1872 43.55 13.92 -7.79
CA LYS A 1872 43.88 15.34 -7.78
C LYS A 1872 43.99 15.84 -6.34
N GLU A 1873 44.10 17.17 -6.19
CA GLU A 1873 44.21 17.84 -4.89
C GLU A 1873 45.40 17.31 -4.09
N LEU A 1874 46.53 17.22 -4.76
CA LEU A 1874 47.75 16.73 -4.13
C LEU A 1874 48.37 17.79 -3.22
N ASP A 1901 40.54 13.25 3.20
CA ASP A 1901 40.68 13.08 4.64
C ASP A 1901 41.76 14.00 5.20
N GLU A 1902 41.75 14.22 6.51
CA GLU A 1902 42.69 15.13 7.15
C GLU A 1902 44.11 14.57 7.08
N ASN A 1903 44.28 13.31 7.50
CA ASN A 1903 45.62 12.73 7.57
C ASN A 1903 46.15 12.28 6.21
N LEU A 1904 45.29 12.17 5.20
CA LEU A 1904 45.73 11.68 3.90
C LEU A 1904 46.70 12.64 3.23
N ILE A 1905 46.43 13.95 3.32
CA ILE A 1905 47.18 14.92 2.53
C ILE A 1905 48.62 15.03 3.01
N GLN A 1906 48.85 14.91 4.33
CA GLN A 1906 50.21 15.10 4.85
C GLN A 1906 51.16 14.01 4.35
N PHE A 1907 50.68 12.77 4.28
CA PHE A 1907 51.52 11.70 3.74
C PHE A 1907 51.82 11.93 2.27
N LEU A 1908 50.85 12.42 1.51
CA LEU A 1908 51.08 12.71 0.09
C LEU A 1908 52.08 13.84 -0.09
N GLN A 1909 52.02 14.86 0.75
CA GLN A 1909 52.97 15.96 0.65
C GLN A 1909 54.39 15.50 0.97
N ASN A 1910 54.54 14.65 1.99
CA ASN A 1910 55.87 14.20 2.39
C ASN A 1910 56.50 13.30 1.33
N VAL A 1911 55.70 12.39 0.75
CA VAL A 1911 56.23 11.51 -0.28
C VAL A 1911 56.51 12.28 -1.57
N LYS A 1912 55.85 13.42 -1.76
CA LYS A 1912 56.17 14.27 -2.91
C LYS A 1912 57.58 14.83 -2.82
N SER A 1913 58.03 15.14 -1.60
CA SER A 1913 59.36 15.70 -1.41
C SER A 1913 60.45 14.70 -1.79
N GLU A 1914 60.20 13.41 -1.60
CA GLU A 1914 61.17 12.36 -1.89
C GLU A 1914 60.74 11.59 -3.14
N CYS A 1915 61.53 10.56 -3.46
CA CYS A 1915 61.33 9.63 -4.57
C CYS A 1915 61.43 10.28 -5.95
N ASN A 1916 61.68 11.59 -6.03
CA ASN A 1916 61.91 12.34 -7.26
C ASN A 1916 60.73 12.32 -8.22
N GLU A 1917 59.59 11.76 -7.81
CA GLU A 1917 58.39 11.66 -8.65
C GLU A 1917 57.20 12.17 -7.85
N PRO A 1918 57.05 13.50 -7.74
CA PRO A 1918 55.94 14.05 -6.94
C PRO A 1918 54.57 13.72 -7.49
N ASN A 1919 54.32 14.06 -8.75
CA ASN A 1919 53.02 13.88 -9.39
C ASN A 1919 53.14 12.81 -10.46
N THR A 1920 52.76 11.58 -10.10
CA THR A 1920 52.74 10.46 -11.02
C THR A 1920 51.47 9.65 -10.81
N VAL A 1921 50.82 9.28 -11.91
CA VAL A 1921 49.67 8.39 -11.82
C VAL A 1921 50.08 6.97 -11.44
N ASP A 1922 51.35 6.64 -11.59
CA ASP A 1922 51.90 5.35 -11.21
C ASP A 1922 52.89 5.52 -10.05
N LYS A 1923 52.68 4.74 -8.99
CA LYS A 1923 53.45 4.93 -7.76
C LYS A 1923 54.87 4.39 -7.86
N TYR A 1924 55.11 3.42 -8.75
CA TYR A 1924 56.41 2.74 -8.88
C TYR A 1924 56.79 2.00 -7.59
N LEU A 1925 55.82 1.47 -6.87
CA LEU A 1925 56.06 0.63 -5.70
C LEU A 1925 55.57 -0.78 -6.00
N MET A 1926 56.51 -1.72 -6.13
CA MET A 1926 56.22 -3.14 -6.30
C MET A 1926 55.36 -3.43 -7.53
N TYR A 1927 55.54 -2.62 -8.59
CA TYR A 1927 54.80 -2.87 -9.82
C TYR A 1927 55.35 -4.09 -10.57
N THR A 1928 56.68 -4.29 -10.51
CA THR A 1928 57.41 -5.42 -11.09
C THR A 1928 57.00 -5.72 -12.54
N SER A 1929 56.49 -4.72 -13.23
CA SER A 1929 56.08 -4.86 -14.63
C SER A 1929 55.92 -3.46 -15.21
N ASP A 1930 55.64 -3.41 -16.52
CA ASP A 1930 55.41 -2.15 -17.19
C ASP A 1930 54.10 -1.53 -16.73
N CYS A 1931 54.04 -0.20 -16.71
CA CYS A 1931 52.86 0.50 -16.24
C CYS A 1931 52.54 1.65 -17.21
N ARG A 1932 51.49 2.39 -16.87
CA ARG A 1932 50.99 3.54 -17.63
C ARG A 1932 50.63 3.09 -19.06
N ARG A 1933 49.56 2.29 -19.11
CA ARG A 1933 48.82 1.96 -20.32
C ARG A 1933 49.67 1.32 -21.43
N VAL A 1934 50.89 0.87 -21.11
CA VAL A 1934 51.81 0.44 -22.17
C VAL A 1934 51.36 -0.89 -22.78
N LYS A 1935 51.05 -1.88 -21.94
CA LYS A 1935 50.53 -3.16 -22.42
C LYS A 1935 49.18 -3.50 -21.79
N PHE A 1936 48.54 -2.55 -21.11
CA PHE A 1936 47.28 -2.87 -20.44
C PHE A 1936 46.13 -2.99 -21.43
N SER A 1937 46.03 -2.09 -22.40
CA SER A 1937 44.87 -1.98 -23.26
C SER A 1937 45.22 -2.34 -24.71
N ASN A 1938 44.35 -3.16 -25.32
CA ASN A 1938 44.44 -3.53 -26.73
C ASN A 1938 45.79 -4.14 -27.08
N THR A 1939 46.29 -5.00 -26.20
CA THR A 1939 47.53 -5.72 -26.44
C THR A 1939 47.29 -6.98 -27.27
N ILE A 1940 46.03 -7.37 -27.44
CA ILE A 1940 45.71 -8.62 -28.15
C ILE A 1940 46.18 -8.55 -29.60
N ASP A 1941 45.90 -7.42 -30.26
CA ASP A 1941 46.32 -7.24 -31.64
C ASP A 1941 47.79 -6.85 -31.72
N ILE B 152 43.62 57.71 28.05
CA ILE B 152 43.62 58.09 26.64
C ILE B 152 43.48 56.86 25.76
N ARG B 153 42.38 56.79 25.01
CA ARG B 153 42.13 55.71 24.07
C ARG B 153 42.34 56.22 22.65
N VAL B 154 43.21 55.54 21.91
CA VAL B 154 43.54 55.92 20.54
C VAL B 154 43.12 54.77 19.61
N PHE B 155 42.44 55.13 18.52
CA PHE B 155 42.01 54.15 17.54
C PHE B 155 42.03 54.78 16.16
N ALA B 156 42.24 53.96 15.15
CA ALA B 156 42.25 54.39 13.76
C ALA B 156 41.33 53.51 12.94
N ILE B 157 40.46 54.13 12.16
CA ILE B 157 39.51 53.37 11.34
C ILE B 157 39.83 53.55 9.86
N PRO B 158 40.19 52.48 9.16
CA PRO B 158 40.29 52.53 7.69
C PRO B 158 38.93 52.82 7.09
N PRO B 159 38.89 53.27 5.83
CA PRO B 159 37.59 53.50 5.18
C PRO B 159 36.79 52.20 5.09
N SER B 160 35.48 52.33 5.30
CA SER B 160 34.61 51.17 5.34
C SER B 160 34.21 50.75 3.93
N PHE B 161 34.05 49.43 3.76
CA PHE B 161 33.64 48.90 2.46
C PHE B 161 32.23 49.31 2.10
N ALA B 162 31.38 49.59 3.08
CA ALA B 162 30.03 50.06 2.80
C ALA B 162 29.94 51.57 2.70
N SER B 163 31.03 52.29 3.00
CA SER B 163 31.04 53.73 2.79
C SER B 163 31.43 54.06 1.36
N ILE B 164 32.39 53.33 0.80
CA ILE B 164 32.77 53.52 -0.60
C ILE B 164 31.64 53.12 -1.53
N PHE B 165 30.97 52.01 -1.23
CA PHE B 165 29.96 51.48 -2.12
C PHE B 165 28.69 52.33 -2.11
N LEU B 166 28.31 52.85 -0.95
CA LEU B 166 27.04 53.57 -0.80
C LEU B 166 27.22 55.08 -0.85
N THR B 167 28.02 55.64 0.06
CA THR B 167 28.19 57.09 0.11
C THR B 167 29.11 57.60 -0.99
N LYS B 168 30.05 56.78 -1.44
CA LYS B 168 31.07 57.07 -2.46
C LYS B 168 32.07 58.13 -2.02
N SER B 169 31.95 58.67 -0.81
CA SER B 169 32.93 59.61 -0.27
C SER B 169 33.84 58.86 0.69
N THR B 170 35.12 58.75 0.33
CA THR B 170 36.06 57.95 1.11
C THR B 170 36.45 58.66 2.40
N LYS B 171 35.52 58.74 3.34
CA LYS B 171 35.85 59.30 4.65
C LYS B 171 36.70 58.31 5.44
N LEU B 172 37.69 58.82 6.16
CA LEU B 172 38.59 57.99 6.95
C LEU B 172 39.33 58.88 7.93
N THR B 173 39.57 58.36 9.13
CA THR B 173 40.21 59.15 10.18
C THR B 173 40.81 58.22 11.23
N CYS B 174 41.67 58.81 12.05
CA CYS B 174 42.15 58.17 13.27
C CYS B 174 41.71 59.02 14.45
N LEU B 175 41.16 58.38 15.48
CA LEU B 175 40.48 59.08 16.55
C LEU B 175 41.24 58.93 17.87
N VAL B 176 41.26 60.00 18.65
CA VAL B 176 41.77 59.99 20.02
C VAL B 176 40.64 60.44 20.93
N THR B 177 40.38 59.66 21.99
CA THR B 177 39.28 59.94 22.90
C THR B 177 39.76 59.76 24.34
N ASP B 178 38.94 60.25 25.27
CA ASP B 178 39.21 60.22 26.70
C ASP B 178 40.52 60.97 27.02
N LEU B 179 40.54 62.25 26.63
CA LEU B 179 41.68 63.11 26.90
C LEU B 179 41.20 64.56 26.96
N THR B 180 42.05 65.41 27.53
CA THR B 180 41.70 66.81 27.74
C THR B 180 41.56 67.54 26.41
N THR B 181 40.60 68.47 26.36
CA THR B 181 40.34 69.25 25.16
C THR B 181 41.23 70.49 25.13
N TYR B 182 41.94 70.66 24.02
CA TYR B 182 42.79 71.83 23.81
C TYR B 182 42.42 72.66 22.59
N ASP B 183 41.69 72.08 21.62
CA ASP B 183 41.29 72.76 20.39
C ASP B 183 42.49 73.31 19.63
N SER B 184 43.58 72.55 19.62
CA SER B 184 44.81 72.91 18.92
C SER B 184 45.36 71.71 18.17
N VAL B 185 44.48 70.92 17.57
CA VAL B 185 44.85 69.68 16.89
C VAL B 185 44.52 69.80 15.42
N THR B 186 45.51 69.54 14.57
CA THR B 186 45.31 69.37 13.13
C THR B 186 46.20 68.19 12.69
N ILE B 187 45.56 67.06 12.44
CA ILE B 187 46.31 65.81 12.25
C ILE B 187 46.91 65.82 10.85
N SER B 188 48.23 65.97 10.78
CA SER B 188 48.95 65.90 9.51
C SER B 188 48.98 64.45 9.04
N TRP B 189 48.75 64.25 7.74
CA TRP B 189 48.68 62.92 7.15
C TRP B 189 49.82 62.74 6.16
N THR B 190 50.44 61.57 6.17
CA THR B 190 51.62 61.31 5.36
C THR B 190 51.24 60.37 4.21
N ARG B 191 51.42 60.87 2.98
CA ARG B 191 51.30 60.08 1.76
C ARG B 191 52.68 59.81 1.17
N GLN B 192 53.65 59.52 2.04
CA GLN B 192 55.09 59.63 1.82
C GLN B 192 55.52 61.09 1.65
N ASN B 193 54.63 62.04 1.96
CA ASN B 193 54.91 63.46 1.91
C ASN B 193 54.20 64.13 3.09
N GLY B 194 54.70 65.30 3.48
CA GLY B 194 54.23 65.95 4.69
C GLY B 194 52.92 66.70 4.56
N GLU B 195 52.46 66.96 3.34
CA GLU B 195 51.26 67.78 3.16
C GLU B 195 50.01 67.02 3.56
N ALA B 196 49.01 67.78 4.02
CA ALA B 196 47.71 67.27 4.37
C ALA B 196 46.64 68.05 3.60
N VAL B 197 45.74 67.32 2.93
CA VAL B 197 44.79 67.98 2.04
C VAL B 197 43.74 68.75 2.83
N LYS B 198 43.27 68.21 3.95
CA LYS B 198 42.17 68.79 4.69
C LYS B 198 42.43 68.71 6.19
N THR B 199 41.99 69.75 6.89
CA THR B 199 42.07 69.81 8.35
C THR B 199 40.76 69.33 8.96
N HIS B 200 40.61 69.53 10.27
CA HIS B 200 39.43 69.05 10.99
C HIS B 200 38.23 69.94 10.70
N THR B 201 37.10 69.31 10.36
CA THR B 201 35.83 69.98 10.18
C THR B 201 34.75 69.12 10.82
N ASN B 202 33.77 69.79 11.45
CA ASN B 202 32.73 69.12 12.23
C ASN B 202 33.34 68.21 13.31
N ILE B 203 34.40 68.70 13.94
CA ILE B 203 35.09 67.93 14.97
C ILE B 203 34.22 67.89 16.22
N SER B 204 34.12 66.70 16.83
CA SER B 204 33.23 66.48 17.97
C SER B 204 34.00 66.68 19.27
N GLU B 205 34.08 67.95 19.69
CA GLU B 205 34.69 68.25 20.97
C GLU B 205 33.77 67.93 22.14
N SER B 206 32.46 68.03 21.94
CA SER B 206 31.51 67.80 23.03
C SER B 206 31.50 66.34 23.44
N HIS B 207 31.60 66.10 24.75
CA HIS B 207 31.59 64.76 25.31
C HIS B 207 30.88 64.79 26.65
N PRO B 208 30.26 63.67 27.05
CA PRO B 208 29.64 63.63 28.39
C PRO B 208 30.63 63.82 29.52
N ASN B 209 31.88 63.35 29.36
CA ASN B 209 32.92 63.51 30.36
C ASN B 209 33.85 64.68 30.05
N ALA B 210 33.44 65.58 29.15
CA ALA B 210 34.25 66.72 28.71
C ALA B 210 35.59 66.29 28.15
N THR B 211 35.62 65.17 27.43
CA THR B 211 36.84 64.68 26.80
C THR B 211 36.91 65.19 25.37
N PHE B 212 38.00 64.83 24.68
CA PHE B 212 38.30 65.37 23.36
C PHE B 212 38.23 64.26 22.31
N SER B 213 37.87 64.66 21.08
CA SER B 213 37.88 63.77 19.93
C SER B 213 38.37 64.54 18.73
N ALA B 214 38.92 63.82 17.75
CA ALA B 214 39.46 64.41 16.53
C ALA B 214 38.85 63.73 15.32
N VAL B 215 38.48 64.53 14.32
CA VAL B 215 37.84 64.03 13.10
C VAL B 215 38.60 64.60 11.91
N GLY B 216 39.06 63.72 11.02
CA GLY B 216 39.71 64.14 9.80
C GLY B 216 39.08 63.50 8.57
N GLU B 217 39.20 64.14 7.41
CA GLU B 217 38.63 63.61 6.19
C GLU B 217 39.53 63.92 5.00
N ALA B 218 39.46 63.07 3.98
CA ALA B 218 40.26 63.22 2.79
C ALA B 218 39.60 62.44 1.65
N SER B 219 40.21 62.50 0.47
CA SER B 219 39.75 61.79 -0.70
C SER B 219 40.96 61.24 -1.45
N ILE B 220 41.08 59.91 -1.49
CA ILE B 220 42.21 59.23 -2.09
C ILE B 220 41.67 58.24 -3.11
N CYS B 221 42.38 58.14 -4.24
CA CYS B 221 41.97 57.26 -5.33
C CYS B 221 41.89 55.80 -4.86
N GLU B 222 40.88 55.09 -5.37
CA GLU B 222 40.68 53.69 -4.98
C GLU B 222 41.85 52.82 -5.43
N ASP B 223 42.40 53.09 -6.62
CA ASP B 223 43.53 52.30 -7.09
C ASP B 223 44.77 52.55 -6.23
N ASP B 224 44.91 53.77 -5.70
CA ASP B 224 46.01 54.06 -4.80
C ASP B 224 45.89 53.25 -3.51
N TRP B 225 44.67 53.11 -2.99
CA TRP B 225 44.46 52.23 -1.84
C TRP B 225 44.75 50.78 -2.19
N ASN B 226 44.37 50.35 -3.40
CA ASN B 226 44.66 48.99 -3.82
C ASN B 226 46.15 48.74 -3.95
N SER B 227 46.93 49.79 -4.27
CA SER B 227 48.37 49.65 -4.30
C SER B 227 48.95 49.36 -2.92
N GLY B 228 48.40 49.98 -1.88
CA GLY B 228 48.83 49.71 -0.53
C GLY B 228 49.85 50.66 0.04
N GLU B 229 49.76 51.94 -0.27
CA GLU B 229 50.69 52.92 0.29
C GLU B 229 50.45 53.10 1.78
N ARG B 230 51.53 53.36 2.52
CA ARG B 230 51.50 53.41 3.97
C ARG B 230 51.06 54.79 4.46
N PHE B 231 49.78 55.08 4.26
CA PHE B 231 49.19 56.29 4.83
C PHE B 231 49.18 56.21 6.34
N THR B 232 49.70 57.24 6.99
CA THR B 232 49.71 57.32 8.45
C THR B 232 49.31 58.73 8.87
N CYS B 233 48.77 58.82 10.08
CA CYS B 233 48.29 60.08 10.63
C CYS B 233 49.17 60.49 11.81
N THR B 234 49.55 61.76 11.85
CA THR B 234 50.38 62.30 12.92
C THR B 234 49.58 63.35 13.68
N VAL B 235 49.38 63.11 14.97
CA VAL B 235 48.61 64.02 15.81
C VAL B 235 49.44 65.26 16.12
N THR B 236 48.79 66.41 16.10
CA THR B 236 49.44 67.68 16.42
C THR B 236 48.84 68.27 17.71
N HIS B 237 48.48 67.41 18.66
CA HIS B 237 47.94 67.87 19.93
C HIS B 237 49.03 68.51 20.77
N THR B 238 48.72 69.67 21.35
CA THR B 238 49.70 70.37 22.18
C THR B 238 49.94 69.64 23.50
N ASP B 239 48.93 68.92 24.00
CA ASP B 239 49.11 68.18 25.25
C ASP B 239 50.12 67.04 25.07
N LEU B 240 50.08 66.36 23.93
CA LEU B 240 51.00 65.25 23.70
C LEU B 240 52.39 65.78 23.37
N PRO B 241 53.42 65.42 24.14
CA PRO B 241 54.78 65.88 23.79
C PRO B 241 55.34 65.15 22.58
N SER B 242 55.13 63.84 22.50
CA SER B 242 55.61 63.05 21.36
C SER B 242 54.42 62.66 20.49
N PRO B 243 54.35 63.13 19.24
CA PRO B 243 53.23 62.76 18.37
C PRO B 243 53.25 61.28 18.00
N LEU B 244 52.24 60.55 18.46
CA LEU B 244 52.16 59.12 18.16
C LEU B 244 51.90 58.89 16.68
N LYS B 245 52.48 57.81 16.15
CA LYS B 245 52.36 57.46 14.74
C LYS B 245 51.36 56.32 14.61
N GLN B 246 50.29 56.56 13.84
CA GLN B 246 49.24 55.57 13.62
C GLN B 246 49.08 55.39 12.11
N THR B 247 49.36 54.18 11.62
CA THR B 247 49.38 53.90 10.20
C THR B 247 48.21 53.00 9.82
N ILE B 248 47.50 53.37 8.77
CA ILE B 248 46.41 52.56 8.23
C ILE B 248 46.71 52.29 6.75
N SER B 249 46.75 51.01 6.39
CA SER B 249 46.97 50.59 5.00
C SER B 249 46.65 49.11 4.90
N ARG B 250 45.81 48.75 3.93
CA ARG B 250 45.53 47.35 3.67
C ARG B 250 46.65 46.74 2.83
N PRO B 251 47.27 45.66 3.28
CA PRO B 251 48.40 45.09 2.52
C PRO B 251 47.95 44.51 1.19
N LYS B 252 48.87 44.50 0.23
CA LYS B 252 48.60 43.87 -1.06
C LYS B 252 48.63 42.35 -0.91
N GLY B 253 47.74 41.69 -1.63
CA GLY B 253 47.68 40.24 -1.60
C GLY B 253 46.76 39.64 -0.56
N VAL B 254 45.88 40.44 0.06
CA VAL B 254 44.94 39.89 1.02
C VAL B 254 43.93 39.00 0.30
N ALA B 255 43.43 38.01 1.03
CA ALA B 255 42.49 37.06 0.46
C ALA B 255 41.15 37.73 0.16
N LEU B 256 40.55 37.34 -0.96
CA LEU B 256 39.23 37.83 -1.35
C LEU B 256 38.34 36.65 -1.71
N HIS B 257 37.15 36.61 -1.11
CA HIS B 257 36.20 35.54 -1.38
C HIS B 257 34.80 36.03 -1.07
N ARG B 258 33.81 35.32 -1.59
CA ARG B 258 32.43 35.78 -1.45
C ARG B 258 31.79 35.18 -0.21
N PRO B 259 30.89 35.92 0.45
CA PRO B 259 30.21 35.41 1.65
C PRO B 259 29.08 34.46 1.27
N ASP B 260 29.14 33.23 1.78
CA ASP B 260 28.07 32.25 1.58
C ASP B 260 27.07 32.42 2.72
N VAL B 261 26.07 33.26 2.51
CA VAL B 261 25.13 33.60 3.56
C VAL B 261 24.03 32.54 3.62
N TYR B 262 23.93 31.87 4.76
CA TYR B 262 22.81 30.99 5.07
C TYR B 262 22.03 31.58 6.23
N LEU B 263 20.70 31.49 6.15
CA LEU B 263 19.82 32.00 7.20
C LEU B 263 19.21 30.81 7.93
N LEU B 264 19.32 30.82 9.27
CA LEU B 264 18.86 29.71 10.09
C LEU B 264 17.55 30.05 10.77
N PRO B 265 16.54 29.20 10.67
CA PRO B 265 15.25 29.49 11.31
C PRO B 265 15.35 29.32 12.82
N PRO B 266 14.46 29.94 13.58
CA PRO B 266 14.54 29.83 15.05
C PRO B 266 14.20 28.44 15.54
N ALA B 267 14.60 28.18 16.78
CA ALA B 267 14.41 26.86 17.38
C ALA B 267 12.94 26.57 17.64
N ARG B 268 12.60 25.29 17.63
CA ARG B 268 11.24 24.87 17.95
C ARG B 268 10.92 25.13 19.42
N GLU B 269 11.93 24.99 20.28
CA GLU B 269 11.71 25.12 21.73
C GLU B 269 11.35 26.55 22.11
N GLN B 270 12.02 27.54 21.50
CA GLN B 270 11.80 28.93 21.87
C GLN B 270 10.38 29.37 21.53
N LEU B 271 9.87 28.98 20.36
CA LEU B 271 8.51 29.33 19.99
C LEU B 271 7.50 28.64 20.89
N ASN B 272 7.81 27.40 21.31
CA ASN B 272 6.91 26.68 22.22
C ASN B 272 6.83 27.37 23.58
N LEU B 273 7.91 28.00 24.02
CA LEU B 273 7.92 28.66 25.32
C LEU B 273 7.08 29.94 25.32
N ARG B 274 6.69 30.44 24.15
CA ARG B 274 5.79 31.59 23.99
C ARG B 274 6.42 32.90 24.50
N GLU B 275 7.62 33.19 24.00
CA GLU B 275 8.22 34.52 24.14
C GLU B 275 8.85 34.88 22.80
N SER B 276 9.65 35.95 22.80
CA SER B 276 10.25 36.46 21.58
C SER B 276 11.22 35.44 20.99
N ALA B 277 11.15 35.26 19.68
CA ALA B 277 12.04 34.35 18.97
C ALA B 277 13.36 35.05 18.64
N THR B 278 14.27 34.28 18.04
CA THR B 278 15.57 34.81 17.64
C THR B 278 16.03 34.11 16.37
N ILE B 279 16.44 34.90 15.38
CA ILE B 279 16.79 34.41 14.06
C ILE B 279 18.21 34.84 13.74
N THR B 280 19.05 33.88 13.35
CA THR B 280 20.45 34.15 13.03
C THR B 280 20.63 34.29 11.52
N CYS B 281 21.67 35.01 11.13
CA CYS B 281 22.04 35.22 9.73
C CYS B 281 23.52 34.89 9.59
N LEU B 282 23.82 33.62 9.35
CA LEU B 282 25.21 33.18 9.30
C LEU B 282 25.89 33.67 8.02
N VAL B 283 27.14 34.10 8.16
CA VAL B 283 27.98 34.53 7.05
C VAL B 283 29.28 33.74 7.14
N THR B 284 29.57 32.93 6.11
CA THR B 284 30.66 31.97 6.17
C THR B 284 31.65 32.22 5.03
N GLY B 285 32.94 32.21 5.36
CA GLY B 285 33.99 32.18 4.37
C GLY B 285 34.34 33.49 3.72
N PHE B 286 33.79 34.61 4.19
CA PHE B 286 34.03 35.89 3.53
C PHE B 286 35.44 36.40 3.83
N SER B 287 35.89 37.35 3.00
CA SER B 287 37.25 37.85 3.05
C SER B 287 37.49 38.63 4.36
N PRO B 288 38.75 38.78 4.77
CA PRO B 288 39.03 39.40 6.08
C PRO B 288 38.54 40.83 6.24
N ALA B 289 38.15 41.51 5.16
CA ALA B 289 37.62 42.86 5.27
C ALA B 289 36.33 42.85 6.07
N ASP B 290 36.12 43.92 6.84
CA ASP B 290 34.90 44.04 7.62
C ASP B 290 33.68 44.21 6.71
N VAL B 291 32.59 43.55 7.07
CA VAL B 291 31.38 43.51 6.25
C VAL B 291 30.25 44.20 7.01
N PHE B 292 29.40 44.91 6.27
CA PHE B 292 28.24 45.58 6.82
C PHE B 292 26.99 44.82 6.42
N VAL B 293 26.21 44.38 7.40
CA VAL B 293 24.98 43.65 7.16
C VAL B 293 23.85 44.31 7.92
N GLN B 294 22.66 44.32 7.32
CA GLN B 294 21.47 44.88 7.96
C GLN B 294 20.28 43.99 7.65
N TRP B 295 19.17 44.25 8.34
CA TRP B 295 17.97 43.42 8.24
C TRP B 295 16.79 44.29 7.83
N MET B 296 16.06 43.86 6.80
CA MET B 296 14.81 44.48 6.41
C MET B 296 13.74 43.42 6.24
N GLN B 297 12.50 43.80 6.52
CA GLN B 297 11.34 42.92 6.45
C GLN B 297 10.38 43.48 5.40
N ARG B 298 9.93 42.59 4.50
CA ARG B 298 9.10 42.89 3.33
C ARG B 298 9.52 44.18 2.62
N GLY B 299 10.83 44.40 2.50
CA GLY B 299 11.34 45.59 1.84
C GLY B 299 11.38 46.84 2.70
N GLN B 300 11.08 46.73 4.00
CA GLN B 300 11.09 47.88 4.88
C GLN B 300 12.37 47.85 5.72
N PRO B 301 13.30 48.77 5.53
CA PRO B 301 14.56 48.74 6.30
C PRO B 301 14.33 48.98 7.79
N LEU B 302 14.63 47.95 8.58
CA LEU B 302 14.49 48.03 10.02
C LEU B 302 15.61 48.87 10.62
N SER B 303 15.34 49.43 11.80
CA SER B 303 16.34 50.17 12.53
C SER B 303 17.40 49.23 13.08
N PRO B 304 18.66 49.66 13.12
CA PRO B 304 19.73 48.81 13.67
C PRO B 304 19.77 48.73 15.20
N GLU B 305 18.73 49.19 15.88
CA GLU B 305 18.75 49.22 17.34
C GLU B 305 18.54 47.84 17.96
N LYS B 306 17.79 46.96 17.30
CA LYS B 306 17.40 45.70 17.92
C LYS B 306 18.01 44.47 17.25
N TYR B 307 19.09 44.64 16.49
CA TYR B 307 19.90 43.50 16.09
C TYR B 307 21.37 43.80 16.36
N VAL B 308 22.11 42.76 16.71
CA VAL B 308 23.51 42.88 17.10
C VAL B 308 24.33 42.00 16.17
N THR B 309 25.46 42.52 15.71
CA THR B 309 26.38 41.79 14.85
C THR B 309 27.66 41.48 15.61
N SER B 310 28.31 40.38 15.23
CA SER B 310 29.52 39.94 15.88
C SER B 310 30.72 40.22 15.00
N ALA B 311 31.81 40.68 15.61
CA ALA B 311 33.03 40.97 14.87
C ALA B 311 33.57 39.69 14.24
N PRO B 312 34.15 39.77 13.05
CA PRO B 312 34.65 38.57 12.37
C PRO B 312 35.76 37.90 13.17
N MET B 313 35.76 36.56 13.13
CA MET B 313 36.74 35.74 13.80
C MET B 313 37.34 34.75 12.81
N PRO B 314 38.57 34.31 13.03
CA PRO B 314 39.15 33.29 12.14
C PRO B 314 38.33 32.00 12.17
N GLU B 315 38.18 31.40 11.00
CA GLU B 315 37.39 30.19 10.88
C GLU B 315 38.16 29.01 11.49
N PRO B 316 37.52 28.17 12.31
CA PRO B 316 38.25 27.04 12.91
C PRO B 316 38.82 26.07 11.89
N GLN B 317 38.12 25.85 10.78
CA GLN B 317 38.59 24.88 9.79
C GLN B 317 39.59 25.50 8.82
N ALA B 318 39.28 26.70 8.31
CA ALA B 318 40.15 27.38 7.36
C ALA B 318 40.90 28.50 8.05
N PRO B 319 42.23 28.47 8.10
CA PRO B 319 42.99 29.56 8.73
C PRO B 319 42.85 30.89 8.01
N GLY B 320 42.47 30.89 6.74
CA GLY B 320 42.36 32.13 5.99
C GLY B 320 41.02 32.82 6.10
N ARG B 321 39.94 32.12 5.81
CA ARG B 321 38.62 32.73 5.75
C ARG B 321 38.12 33.08 7.14
N TYR B 322 36.97 33.74 7.19
CA TYR B 322 36.39 34.28 8.41
C TYR B 322 34.93 33.84 8.52
N PHE B 323 34.24 34.34 9.54
CA PHE B 323 32.80 34.16 9.67
C PHE B 323 32.26 35.24 10.59
N ALA B 324 30.93 35.35 10.64
CA ALA B 324 30.27 36.33 11.48
C ALA B 324 28.86 35.84 11.81
N HIS B 325 28.13 36.64 12.58
CA HIS B 325 26.78 36.31 12.99
C HIS B 325 25.99 37.60 13.20
N SER B 326 24.67 37.45 13.23
CA SER B 326 23.76 38.54 13.52
C SER B 326 22.42 37.95 13.92
N ILE B 327 21.82 38.46 14.99
CA ILE B 327 20.58 37.93 15.52
C ILE B 327 19.53 39.02 15.61
N LEU B 328 18.28 38.67 15.34
CA LEU B 328 17.14 39.55 15.49
C LEU B 328 16.15 38.95 16.48
N THR B 329 15.69 39.77 17.43
CA THR B 329 14.67 39.36 18.38
C THR B 329 13.35 39.97 17.94
N VAL B 330 12.36 39.12 17.66
CA VAL B 330 11.05 39.55 17.20
C VAL B 330 10.00 38.86 18.04
N SER B 331 8.82 39.47 18.12
CA SER B 331 7.73 38.92 18.91
C SER B 331 7.26 37.59 18.33
N GLU B 332 6.74 36.74 19.21
CA GLU B 332 6.31 35.40 18.79
C GLU B 332 5.14 35.47 17.82
N GLU B 333 4.19 36.36 18.08
CA GLU B 333 3.01 36.46 17.21
C GLU B 333 3.38 36.95 15.82
N GLU B 334 4.43 37.77 15.69
CA GLU B 334 4.85 38.22 14.38
C GLU B 334 5.36 37.07 13.53
N TRP B 335 6.24 36.23 14.11
CA TRP B 335 6.69 35.03 13.40
C TRP B 335 5.56 34.02 13.23
N ASN B 336 4.59 34.01 14.16
CA ASN B 336 3.44 33.13 14.01
C ASN B 336 2.59 33.52 12.81
N THR B 337 2.46 34.82 12.56
CA THR B 337 1.66 35.29 11.42
C THR B 337 2.30 34.93 10.08
N GLY B 338 3.60 34.65 10.05
CA GLY B 338 4.25 34.19 8.83
C GLY B 338 4.96 35.25 8.02
N GLU B 339 5.21 36.42 8.58
CA GLU B 339 5.93 37.46 7.85
C GLU B 339 7.36 37.02 7.56
N THR B 340 7.79 37.23 6.32
CA THR B 340 9.13 36.85 5.90
C THR B 340 10.15 37.92 6.27
N TYR B 341 11.39 37.49 6.47
CA TYR B 341 12.47 38.39 6.85
C TYR B 341 13.68 38.14 5.95
N THR B 342 14.42 39.20 5.66
CA THR B 342 15.52 39.15 4.70
C THR B 342 16.81 39.60 5.35
N CYS B 343 17.92 39.02 4.89
CA CYS B 343 19.26 39.39 5.34
C CYS B 343 20.11 39.74 4.11
N VAL B 344 20.79 40.88 4.17
CA VAL B 344 21.62 41.36 3.07
C VAL B 344 23.06 41.44 3.53
N VAL B 345 23.97 40.99 2.67
CA VAL B 345 25.40 41.09 2.93
C VAL B 345 25.99 42.07 1.92
N ALA B 346 27.05 42.78 2.33
CA ALA B 346 27.69 43.80 1.49
C ALA B 346 29.20 43.57 1.54
N HIS B 347 29.69 42.76 0.60
CA HIS B 347 31.11 42.40 0.60
C HIS B 347 31.56 42.17 -0.84
N GLU B 348 32.88 42.17 -1.04
CA GLU B 348 33.46 42.08 -2.37
C GLU B 348 33.34 40.66 -2.93
N ALA B 349 33.92 40.48 -4.12
CA ALA B 349 33.95 39.20 -4.83
C ALA B 349 32.55 38.68 -5.14
N LEU B 350 31.64 39.58 -5.51
CA LEU B 350 30.29 39.24 -5.92
C LEU B 350 29.95 40.06 -7.16
N PRO B 351 28.98 39.60 -7.96
CA PRO B 351 28.62 40.35 -9.18
C PRO B 351 28.21 41.79 -8.91
N ASN B 352 27.45 42.04 -7.85
CA ASN B 352 27.12 43.41 -7.44
C ASN B 352 27.40 43.65 -5.96
N ARG B 353 28.13 42.75 -5.31
CA ARG B 353 28.60 42.91 -3.94
C ARG B 353 27.47 42.93 -2.92
N VAL B 354 26.27 42.50 -3.31
CA VAL B 354 25.13 42.42 -2.40
C VAL B 354 24.40 41.11 -2.67
N THR B 355 24.17 40.33 -1.62
CA THR B 355 23.42 39.08 -1.71
C THR B 355 22.31 39.07 -0.68
N GLU B 356 21.17 38.50 -1.04
CA GLU B 356 19.98 38.51 -0.20
C GLU B 356 19.37 37.12 -0.12
N ARG B 357 18.99 36.71 1.10
CA ARG B 357 18.26 35.47 1.33
C ARG B 357 17.10 35.76 2.27
N THR B 358 16.09 34.89 2.22
CA THR B 358 14.91 35.09 3.05
C THR B 358 14.20 33.77 3.30
N VAL B 359 13.51 33.69 4.43
CA VAL B 359 12.62 32.58 4.78
C VAL B 359 11.39 33.16 5.47
N ASP B 360 10.44 32.30 5.77
CA ASP B 360 9.25 32.69 6.53
C ASP B 360 8.80 31.51 7.37
N LYS B 361 7.61 31.62 7.97
CA LYS B 361 7.08 30.54 8.80
C LYS B 361 6.86 29.28 7.97
N SER B 362 6.33 29.44 6.74
CA SER B 362 6.12 28.31 5.85
C SER B 362 7.42 27.69 5.36
N THR B 363 8.56 28.38 5.56
CA THR B 363 9.86 27.84 5.20
C THR B 363 10.82 27.80 6.39
N GLY B 364 10.31 27.96 7.60
CA GLY B 364 11.14 27.88 8.79
C GLY B 364 11.15 26.49 9.38
N LYS B 365 11.69 25.52 8.62
CA LYS B 365 11.68 24.10 8.94
C LYS B 365 10.25 23.66 9.25
N PRO B 366 9.36 23.60 8.25
CA PRO B 366 7.95 23.34 8.53
C PRO B 366 7.65 21.86 8.65
N THR B 367 6.40 21.54 9.00
CA THR B 367 5.94 20.18 9.12
C THR B 367 4.91 19.79 8.07
N LEU B 368 4.28 20.77 7.43
CA LEU B 368 3.25 20.51 6.43
C LEU B 368 3.81 20.80 5.03
N TYR B 369 3.64 19.85 4.13
CA TYR B 369 3.91 20.05 2.71
C TYR B 369 2.58 19.91 1.97
N ASN B 370 1.84 21.02 1.92
CA ASN B 370 0.51 21.06 1.31
C ASN B 370 0.68 21.26 -0.19
N VAL B 371 0.95 20.16 -0.88
CA VAL B 371 1.11 20.17 -2.34
C VAL B 371 -0.18 19.69 -2.98
N SER B 372 -0.56 20.32 -4.09
CA SER B 372 -1.80 20.07 -4.80
C SER B 372 -1.54 19.86 -6.28
N LEU B 373 -0.60 18.97 -6.59
CA LEU B 373 -0.17 18.67 -7.96
C LEU B 373 -1.35 18.28 -8.84
N VAL B 374 -1.69 19.14 -9.80
CA VAL B 374 -3.01 19.13 -10.44
C VAL B 374 -2.90 19.02 -11.96
N MET B 375 -1.90 18.26 -12.44
CA MET B 375 -1.69 18.05 -13.88
C MET B 375 -2.99 17.74 -14.60
N SER B 376 -3.19 18.39 -15.75
CA SER B 376 -4.40 18.23 -16.55
C SER B 376 -4.02 18.20 -18.03
N ASP B 377 -4.96 17.72 -18.84
CA ASP B 377 -4.79 17.60 -20.29
C ASP B 377 -3.56 16.77 -20.64
N THR B 378 -3.46 15.60 -20.03
CA THR B 378 -2.27 14.77 -20.17
C THR B 378 -2.11 14.25 -21.60
N ALA B 379 -3.21 13.85 -22.23
CA ALA B 379 -3.14 13.31 -23.59
C ALA B 379 -2.62 14.36 -24.57
N GLY B 380 -3.41 15.40 -24.81
CA GLY B 380 -3.02 16.51 -25.64
C GLY B 380 -2.60 16.14 -27.07
N THR B 381 -2.06 17.14 -27.75
CA THR B 381 -1.54 16.99 -29.10
C THR B 381 -0.18 17.66 -29.17
N CYS B 382 0.80 16.97 -29.76
CA CYS B 382 2.14 17.54 -29.83
C CYS B 382 2.87 16.96 -31.03
N TYR B 383 3.90 17.67 -31.47
CA TYR B 383 4.77 17.23 -32.55
C TYR B 383 6.16 17.82 -32.41
N ILE C 152 57.76 47.11 39.44
CA ILE C 152 57.37 47.72 40.70
C ILE C 152 55.89 47.46 40.96
N ARG C 153 55.07 47.70 39.94
CA ARG C 153 53.63 47.50 40.05
C ARG C 153 53.29 46.02 40.09
N VAL C 154 52.31 45.67 40.93
CA VAL C 154 51.88 44.28 41.11
C VAL C 154 50.40 44.20 40.74
N PHE C 155 50.06 43.26 39.86
CA PHE C 155 48.69 43.05 39.43
C PHE C 155 48.25 41.65 39.85
N ALA C 156 47.09 41.56 40.49
CA ALA C 156 46.51 40.29 40.90
C ALA C 156 45.10 40.18 40.32
N ILE C 157 44.84 39.09 39.60
CA ILE C 157 43.55 38.84 38.98
C ILE C 157 43.00 37.53 39.55
N PRO C 158 41.70 37.45 39.86
CA PRO C 158 41.14 36.22 40.40
C PRO C 158 40.70 35.28 39.29
N PRO C 159 40.64 33.98 39.56
CA PRO C 159 40.14 33.05 38.54
C PRO C 159 38.65 33.20 38.31
N SER C 160 38.20 32.83 37.12
CA SER C 160 36.80 32.89 36.75
C SER C 160 36.21 31.49 36.75
N PHE C 161 34.94 31.39 36.34
CA PHE C 161 34.26 30.09 36.33
C PHE C 161 34.86 29.16 35.29
N ALA C 162 35.30 29.70 34.15
CA ALA C 162 35.90 28.86 33.11
C ALA C 162 37.17 28.19 33.60
N SER C 163 38.03 28.95 34.28
CA SER C 163 39.27 28.38 34.81
C SER C 163 39.00 27.32 35.86
N ILE C 164 38.06 27.58 36.76
CA ILE C 164 37.71 26.61 37.81
C ILE C 164 37.16 25.34 37.18
N PHE C 165 36.27 25.48 36.19
CA PHE C 165 35.66 24.31 35.57
C PHE C 165 36.66 23.49 34.77
N LEU C 166 37.53 24.16 34.00
CA LEU C 166 38.46 23.41 33.15
C LEU C 166 39.59 22.81 33.96
N THR C 167 40.16 23.56 34.90
CA THR C 167 41.31 23.10 35.65
C THR C 167 40.94 22.24 36.86
N LYS C 168 39.67 22.22 37.25
CA LYS C 168 39.17 21.47 38.40
C LYS C 168 39.85 21.90 39.71
N SER C 169 40.37 23.11 39.76
CA SER C 169 41.04 23.61 40.95
C SER C 169 41.04 25.13 40.89
N THR C 170 41.33 25.75 42.04
CA THR C 170 41.38 27.20 42.15
C THR C 170 42.83 27.65 42.12
N LYS C 171 43.15 28.50 41.16
CA LYS C 171 44.50 29.03 40.98
C LYS C 171 44.48 30.55 41.14
N LEU C 172 45.41 31.07 41.91
CA LEU C 172 45.51 32.51 42.16
C LEU C 172 46.82 33.05 41.60
N THR C 173 46.76 34.29 41.12
CA THR C 173 47.92 34.97 40.57
C THR C 173 48.15 36.26 41.32
N CYS C 174 49.40 36.50 41.72
CA CYS C 174 49.84 37.77 42.31
C CYS C 174 51.06 38.18 41.50
N LEU C 175 50.82 38.85 40.38
CA LEU C 175 51.82 39.03 39.34
C LEU C 175 52.42 40.43 39.42
N VAL C 176 53.74 40.51 39.29
CA VAL C 176 54.49 41.76 39.40
C VAL C 176 54.90 42.20 38.00
N THR C 177 54.69 43.48 37.70
CA THR C 177 55.03 44.05 36.41
C THR C 177 56.09 45.13 36.56
N ASP C 178 56.89 45.30 35.50
CA ASP C 178 57.94 46.32 35.43
C ASP C 178 58.95 46.18 36.57
N LEU C 179 59.29 44.94 36.91
CA LEU C 179 60.27 44.65 37.94
C LEU C 179 61.18 43.54 37.44
N THR C 180 62.46 43.87 37.23
CA THR C 180 63.41 42.89 36.74
C THR C 180 63.90 41.99 37.89
N THR C 181 64.88 41.15 37.58
CA THR C 181 65.35 40.15 38.52
C THR C 181 66.23 40.78 39.59
N TYR C 182 65.77 40.77 40.83
CA TYR C 182 66.56 41.13 41.99
C TYR C 182 66.45 40.02 43.04
N ASP C 183 67.21 40.19 44.13
CA ASP C 183 67.21 39.25 45.23
C ASP C 183 66.23 39.67 46.31
N SER C 184 65.88 38.71 47.16
CA SER C 184 64.99 38.91 48.31
C SER C 184 63.63 39.46 47.87
N VAL C 185 62.94 38.65 47.06
CA VAL C 185 61.59 38.96 46.60
C VAL C 185 60.64 37.99 47.30
N THR C 186 59.71 38.54 48.09
CA THR C 186 58.82 37.74 48.91
C THR C 186 57.39 37.90 48.44
N ILE C 187 56.74 36.79 48.11
CA ILE C 187 55.33 36.74 47.74
C ILE C 187 54.68 35.63 48.54
N SER C 188 53.54 35.92 49.16
CA SER C 188 52.82 34.92 49.94
C SER C 188 51.35 35.28 50.00
N TRP C 189 50.50 34.27 49.89
CA TRP C 189 49.05 34.43 50.03
C TRP C 189 48.64 33.95 51.41
N THR C 190 48.01 34.83 52.19
CA THR C 190 47.65 34.53 53.57
C THR C 190 46.16 34.75 53.78
N ARG C 191 45.64 34.06 54.80
CA ARG C 191 44.24 34.19 55.18
C ARG C 191 43.96 35.58 55.74
N GLN C 192 42.72 36.05 55.53
CA GLN C 192 42.28 37.30 56.13
C GLN C 192 42.36 37.23 57.65
N ASN C 193 42.11 36.05 58.22
CA ASN C 193 42.27 35.88 59.67
C ASN C 193 43.72 36.06 60.10
N GLY C 194 44.67 35.71 59.23
CA GLY C 194 46.07 35.93 59.52
C GLY C 194 46.99 34.78 59.21
N GLU C 195 46.48 33.56 59.29
CA GLU C 195 47.31 32.38 59.08
C GLU C 195 47.72 32.24 57.62
N ALA C 196 48.87 31.62 57.39
CA ALA C 196 49.36 31.35 56.05
C ALA C 196 48.72 30.05 55.56
N VAL C 197 47.68 30.19 54.75
CA VAL C 197 46.96 29.00 54.26
C VAL C 197 47.82 28.21 53.29
N LYS C 198 48.60 28.89 52.45
CA LYS C 198 49.39 28.20 51.45
C LYS C 198 50.57 29.08 51.06
N THR C 199 51.72 28.44 50.84
CA THR C 199 52.93 29.11 50.37
C THR C 199 53.11 28.89 48.86
N HIS C 200 54.03 29.66 48.28
CA HIS C 200 54.29 29.60 46.85
C HIS C 200 55.35 28.53 46.56
N THR C 201 54.93 27.28 46.74
CA THR C 201 55.78 26.16 46.35
C THR C 201 55.91 26.10 44.84
N ASN C 202 57.12 25.76 44.37
CA ASN C 202 57.46 25.77 42.95
C ASN C 202 57.21 27.13 42.33
N ILE C 203 57.96 28.12 42.82
CA ILE C 203 57.78 29.50 42.36
C ILE C 203 58.17 29.60 40.89
N SER C 204 57.42 30.40 40.15
CA SER C 204 57.65 30.55 38.72
C SER C 204 58.91 31.37 38.47
N GLU C 205 59.66 30.98 37.44
CA GLU C 205 60.86 31.71 37.06
C GLU C 205 60.49 33.09 36.52
N SER C 206 61.33 34.08 36.83
CA SER C 206 61.07 35.45 36.42
C SER C 206 61.18 35.59 34.91
N HIS C 207 60.20 36.28 34.32
CA HIS C 207 60.29 36.60 32.90
C HIS C 207 61.39 37.63 32.67
N PRO C 208 62.19 37.48 31.61
CA PRO C 208 63.29 38.42 31.37
C PRO C 208 62.84 39.86 31.18
N ASN C 209 61.63 40.10 30.67
CA ASN C 209 61.16 41.45 30.38
C ASN C 209 60.41 42.07 31.55
N ALA C 210 61.05 42.05 32.73
CA ALA C 210 60.56 42.73 33.93
C ALA C 210 59.16 42.27 34.33
N THR C 211 59.00 40.96 34.47
CA THR C 211 57.71 40.38 34.85
C THR C 211 57.95 39.18 35.76
N PHE C 212 57.25 39.16 36.90
CA PHE C 212 57.30 38.06 37.84
C PHE C 212 55.89 37.49 38.01
N SER C 213 55.75 36.18 37.86
CA SER C 213 54.42 35.56 37.90
C SER C 213 53.92 35.43 39.34
N ALA C 214 54.63 34.65 40.15
CA ALA C 214 54.33 34.47 41.58
C ALA C 214 52.88 34.05 41.81
N VAL C 215 52.54 32.88 41.28
CA VAL C 215 51.19 32.35 41.37
C VAL C 215 51.11 31.36 42.53
N GLY C 216 49.94 31.32 43.18
CA GLY C 216 49.71 30.43 44.28
C GLY C 216 48.38 29.71 44.18
N GLU C 217 48.27 28.52 44.76
CA GLU C 217 47.08 27.70 44.64
C GLU C 217 46.33 27.63 45.96
N ALA C 218 45.09 28.11 45.96
CA ALA C 218 44.16 27.90 47.07
C ALA C 218 43.22 26.75 46.74
N SER C 219 43.82 25.59 46.47
CA SER C 219 43.06 24.45 45.98
C SER C 219 42.16 23.85 47.06
N ILE C 220 42.59 23.88 48.32
CA ILE C 220 41.83 23.23 49.38
C ILE C 220 40.51 23.97 49.63
N CYS C 221 40.52 25.29 49.54
CA CYS C 221 39.34 26.10 49.88
C CYS C 221 38.60 26.47 48.60
N GLU C 222 37.88 25.48 48.05
CA GLU C 222 37.02 25.74 46.90
C GLU C 222 35.82 26.61 47.28
N ASP C 223 35.13 26.25 48.37
CA ASP C 223 33.92 26.97 48.75
C ASP C 223 34.23 28.33 49.36
N ASP C 224 35.39 28.48 49.99
CA ASP C 224 35.72 29.74 50.66
C ASP C 224 35.88 30.88 49.65
N TRP C 225 36.41 30.58 48.46
CA TRP C 225 36.44 31.59 47.41
C TRP C 225 35.03 31.97 46.98
N ASN C 226 34.14 30.99 46.86
CA ASN C 226 32.74 31.28 46.53
C ASN C 226 32.04 32.02 47.67
N SER C 227 32.52 31.86 48.91
CA SER C 227 31.95 32.60 50.02
C SER C 227 32.25 34.10 49.90
N GLY C 228 33.32 34.46 49.21
CA GLY C 228 33.69 35.86 49.03
C GLY C 228 34.67 36.41 50.03
N GLU C 229 35.34 35.56 50.80
CA GLU C 229 36.26 36.03 51.83
C GLU C 229 37.52 36.61 51.19
N ARG C 230 38.01 37.70 51.77
CA ARG C 230 39.10 38.46 51.17
C ARG C 230 40.44 37.75 51.35
N PHE C 231 41.28 37.81 50.33
CA PHE C 231 42.60 37.20 50.33
C PHE C 231 43.68 38.28 50.30
N THR C 232 44.81 37.98 50.94
CA THR C 232 45.91 38.93 51.06
C THR C 232 47.16 38.38 50.40
N CYS C 233 47.79 39.19 49.55
CA CYS C 233 49.10 38.89 48.97
C CYS C 233 50.12 39.82 49.60
N THR C 234 51.22 39.26 50.09
CA THR C 234 52.26 40.02 50.76
C THR C 234 53.47 40.14 49.85
N VAL C 235 53.71 41.35 49.33
CA VAL C 235 54.85 41.65 48.48
C VAL C 235 55.80 42.53 49.26
N THR C 236 57.01 42.04 49.50
CA THR C 236 58.00 42.74 50.30
C THR C 236 59.36 42.67 49.62
N HIS C 237 60.03 43.82 49.49
CA HIS C 237 61.38 43.89 48.95
C HIS C 237 62.20 44.81 49.82
N THR C 238 63.52 44.72 49.67
CA THR C 238 64.43 45.49 50.51
C THR C 238 64.29 46.99 50.25
N ASP C 239 64.16 47.38 48.98
CA ASP C 239 64.08 48.81 48.65
C ASP C 239 62.80 49.44 49.20
N LEU C 240 61.69 48.73 49.13
CA LEU C 240 60.43 49.27 49.62
C LEU C 240 60.35 49.17 51.14
N PRO C 241 60.08 50.28 51.84
CA PRO C 241 59.95 50.21 53.30
C PRO C 241 58.64 49.60 53.76
N SER C 242 57.54 49.98 53.12
CA SER C 242 56.22 49.48 53.48
C SER C 242 55.84 48.34 52.56
N PRO C 243 55.52 47.16 53.08
CA PRO C 243 55.16 46.03 52.21
C PRO C 243 53.93 46.34 51.36
N LEU C 244 53.96 45.88 50.12
CA LEU C 244 52.86 46.08 49.19
C LEU C 244 51.88 44.92 49.29
N LYS C 245 50.60 45.25 49.33
CA LYS C 245 49.54 44.27 49.54
C LYS C 245 48.59 44.26 48.36
N GLN C 246 48.12 43.07 47.99
CA GLN C 246 47.13 42.89 46.94
C GLN C 246 45.93 42.15 47.52
N THR C 247 44.74 42.69 47.28
CA THR C 247 43.50 42.15 47.85
C THR C 247 42.54 41.80 46.72
N ILE C 248 42.03 40.57 46.75
CA ILE C 248 41.03 40.11 45.80
C ILE C 248 39.91 39.41 46.56
N SER C 249 38.71 39.47 46.01
CA SER C 249 37.55 38.83 46.62
C SER C 249 36.47 38.64 45.56
N ARG C 250 35.53 37.76 45.86
CA ARG C 250 34.40 37.54 44.98
C ARG C 250 33.43 38.71 45.07
N PRO C 251 33.01 39.30 43.95
CA PRO C 251 32.04 40.38 44.00
C PRO C 251 30.66 39.88 44.44
N LYS C 252 29.88 40.79 45.01
CA LYS C 252 28.54 40.49 45.49
C LYS C 252 27.56 41.53 44.94
N GLY C 253 26.29 41.13 44.87
CA GLY C 253 25.22 42.00 44.46
C GLY C 253 24.73 41.79 43.03
N VAL C 254 25.47 41.06 42.21
CA VAL C 254 25.08 40.84 40.83
C VAL C 254 23.93 39.84 40.77
N ALA C 255 23.14 39.92 39.70
CA ALA C 255 22.02 39.02 39.51
C ALA C 255 22.50 37.68 38.93
N LEU C 256 21.67 36.66 39.08
CA LEU C 256 21.99 35.30 38.68
C LEU C 256 20.87 34.69 37.84
N HIS C 257 20.46 35.41 36.80
CA HIS C 257 19.50 34.86 35.84
C HIS C 257 20.11 33.67 35.11
N ARG C 258 19.28 32.64 34.86
CA ARG C 258 19.75 31.40 34.26
C ARG C 258 19.88 31.52 32.75
N PRO C 259 20.82 30.79 32.16
CA PRO C 259 20.87 30.70 30.70
C PRO C 259 19.70 29.91 30.14
N ASP C 260 19.48 30.06 28.84
CA ASP C 260 18.48 29.27 28.13
C ASP C 260 19.08 28.94 26.76
N VAL C 261 19.74 27.80 26.68
CA VAL C 261 20.42 27.40 25.44
C VAL C 261 19.40 26.85 24.45
N TYR C 262 19.61 27.17 23.17
CA TYR C 262 18.78 26.65 22.08
C TYR C 262 19.73 26.24 20.96
N LEU C 263 19.84 24.95 20.72
CA LEU C 263 20.75 24.44 19.71
C LEU C 263 20.03 24.39 18.35
N LEU C 264 20.69 24.88 17.32
CA LEU C 264 20.09 25.11 16.02
C LEU C 264 20.69 24.18 14.97
N PRO C 265 19.88 23.47 14.19
CA PRO C 265 20.42 22.59 13.15
C PRO C 265 20.86 23.39 11.93
N PRO C 266 21.72 22.83 11.08
CA PRO C 266 22.17 23.57 9.90
C PRO C 266 21.06 23.77 8.88
N ALA C 267 21.26 24.77 8.02
CA ALA C 267 20.26 25.12 7.01
C ALA C 267 20.27 24.12 5.85
N ARG C 268 19.16 24.11 5.11
CA ARG C 268 19.04 23.20 3.98
C ARG C 268 19.94 23.64 2.82
N GLU C 269 20.09 24.96 2.63
CA GLU C 269 20.94 25.45 1.55
C GLU C 269 22.39 25.01 1.74
N GLN C 270 22.89 25.09 2.97
CA GLN C 270 24.24 24.63 3.26
C GLN C 270 24.36 23.13 3.05
N LEU C 271 23.33 22.37 3.44
CA LEU C 271 23.37 20.91 3.27
C LEU C 271 23.37 20.53 1.81
N ASN C 272 22.64 21.27 0.97
CA ASN C 272 22.55 20.95 -0.45
C ASN C 272 23.90 21.07 -1.14
N LEU C 273 24.68 22.10 -0.78
CA LEU C 273 26.01 22.26 -1.37
C LEU C 273 26.96 21.15 -0.95
N ARG C 274 26.63 20.40 0.12
CA ARG C 274 27.31 19.15 0.47
C ARG C 274 28.78 19.39 0.81
N GLU C 275 29.07 20.57 1.37
CA GLU C 275 30.45 20.93 1.71
C GLU C 275 30.74 20.68 3.20
N SER C 276 30.02 21.37 4.08
CA SER C 276 30.20 21.22 5.52
C SER C 276 29.06 21.94 6.22
N ALA C 277 28.49 21.29 7.24
CA ALA C 277 27.44 21.89 8.05
C ALA C 277 28.03 22.54 9.29
N THR C 278 27.39 23.62 9.74
CA THR C 278 27.84 24.38 10.90
C THR C 278 26.68 24.46 11.89
N ILE C 279 26.80 23.74 13.00
CA ILE C 279 25.80 23.75 14.06
C ILE C 279 26.14 24.85 15.05
N THR C 280 25.16 25.71 15.33
CA THR C 280 25.36 26.85 16.22
C THR C 280 24.61 26.65 17.53
N CYS C 281 25.20 27.12 18.62
CA CYS C 281 24.69 26.92 19.98
C CYS C 281 24.45 28.28 20.60
N LEU C 282 23.22 28.78 20.50
CA LEU C 282 22.89 30.15 20.90
C LEU C 282 22.59 30.22 22.39
N VAL C 283 23.66 30.22 23.19
CA VAL C 283 23.52 30.46 24.62
C VAL C 283 23.07 31.90 24.84
N THR C 284 22.07 32.09 25.69
CA THR C 284 21.55 33.43 25.93
C THR C 284 20.88 33.51 27.28
N GLY C 285 20.78 34.73 27.81
CA GLY C 285 19.98 35.03 28.97
C GLY C 285 20.75 35.15 30.28
N PHE C 286 22.01 34.72 30.32
CA PHE C 286 22.74 34.72 31.58
C PHE C 286 23.07 36.12 32.03
N SER C 287 22.91 36.37 33.34
CA SER C 287 23.18 37.69 33.92
C SER C 287 24.66 37.90 34.20
N PRO C 288 25.38 36.97 34.83
CA PRO C 288 26.84 37.13 34.93
C PRO C 288 27.51 36.73 33.62
N ALA C 289 28.57 37.48 33.28
CA ALA C 289 29.25 37.33 32.00
C ALA C 289 30.41 36.35 32.15
N ASP C 290 30.06 35.08 32.33
CA ASP C 290 31.05 34.01 32.38
C ASP C 290 30.42 32.68 31.98
N VAL C 291 30.82 32.17 30.81
CA VAL C 291 30.26 30.94 30.24
C VAL C 291 31.38 30.14 29.62
N PHE C 292 31.42 28.84 29.91
CA PHE C 292 32.37 27.93 29.28
C PHE C 292 31.57 26.87 28.53
N VAL C 293 31.84 26.73 27.23
CA VAL C 293 31.08 25.85 26.35
C VAL C 293 32.02 24.83 25.75
N GLN C 294 31.66 23.55 25.87
CA GLN C 294 32.38 22.46 25.23
C GLN C 294 31.41 21.66 24.36
N TRP C 295 31.97 20.89 23.44
CA TRP C 295 31.19 20.03 22.56
C TRP C 295 31.64 18.59 22.75
N MET C 296 30.69 17.69 22.92
CA MET C 296 30.96 16.28 23.16
C MET C 296 30.27 15.43 22.11
N GLN C 297 30.97 14.41 21.64
CA GLN C 297 30.42 13.43 20.70
C GLN C 297 30.65 12.04 21.27
N ARG C 298 29.56 11.36 21.65
CA ARG C 298 29.60 10.02 22.22
C ARG C 298 30.44 9.98 23.50
N GLY C 299 30.15 10.91 24.40
CA GLY C 299 30.80 10.94 25.70
C GLY C 299 32.28 11.22 25.70
N GLN C 300 32.71 12.22 24.93
CA GLN C 300 34.10 12.65 24.94
C GLN C 300 34.20 14.09 24.46
N PRO C 301 34.88 14.97 25.21
CA PRO C 301 34.97 16.37 24.80
C PRO C 301 35.78 16.53 23.51
N LEU C 302 35.22 17.26 22.56
CA LEU C 302 35.91 17.53 21.31
C LEU C 302 37.07 18.49 21.54
N SER C 303 38.03 18.44 20.63
CA SER C 303 39.21 19.28 20.74
C SER C 303 38.82 20.76 20.64
N PRO C 304 39.52 21.64 21.36
CA PRO C 304 39.19 23.07 21.30
C PRO C 304 39.54 23.74 19.98
N GLU C 305 40.16 23.02 19.05
CA GLU C 305 40.44 23.58 17.73
C GLU C 305 39.20 23.63 16.85
N LYS C 306 38.30 22.65 16.98
CA LYS C 306 37.20 22.51 16.03
C LYS C 306 36.09 23.52 16.25
N TYR C 307 35.89 23.96 17.50
CA TYR C 307 34.86 24.94 17.77
C TYR C 307 35.46 26.28 18.18
N VAL C 308 34.68 27.34 18.01
CA VAL C 308 35.09 28.70 18.32
C VAL C 308 33.99 29.36 19.13
N THR C 309 34.37 29.95 20.27
CA THR C 309 33.43 30.60 21.17
C THR C 309 33.62 32.11 21.10
N SER C 310 32.52 32.83 20.95
CA SER C 310 32.54 34.29 20.93
C SER C 310 32.38 34.84 22.33
N ALA C 311 32.93 36.04 22.54
CA ALA C 311 32.84 36.68 23.85
C ALA C 311 31.40 37.08 24.13
N PRO C 312 31.02 37.13 25.41
CA PRO C 312 29.66 37.59 25.76
C PRO C 312 29.40 39.02 25.29
N MET C 313 28.37 39.17 24.46
CA MET C 313 27.95 40.45 23.92
C MET C 313 26.71 40.95 24.65
N PRO C 314 26.65 42.24 24.98
CA PRO C 314 25.47 42.77 25.66
C PRO C 314 24.21 42.62 24.80
N GLU C 315 23.09 42.34 25.47
CA GLU C 315 21.82 42.14 24.79
C GLU C 315 21.01 43.42 24.85
N PRO C 316 20.53 43.94 23.72
CA PRO C 316 19.89 45.27 23.73
C PRO C 316 18.57 45.34 24.47
N GLN C 317 17.79 44.25 24.48
CA GLN C 317 16.45 44.30 25.05
C GLN C 317 16.49 44.43 26.57
N ALA C 318 17.42 43.75 27.23
CA ALA C 318 17.50 43.81 28.68
C ALA C 318 18.91 44.17 29.10
N PRO C 319 19.06 45.10 30.06
CA PRO C 319 20.40 45.55 30.47
C PRO C 319 21.23 44.48 31.15
N GLY C 320 20.65 43.80 32.14
CA GLY C 320 21.41 42.85 32.94
C GLY C 320 21.78 41.58 32.22
N ARG C 321 21.04 41.21 31.18
CA ARG C 321 21.27 39.95 30.50
C ARG C 321 22.30 40.10 29.38
N TYR C 322 22.84 38.96 28.95
CA TYR C 322 23.80 38.92 27.85
C TYR C 322 23.46 37.75 26.92
N PHE C 323 24.36 37.44 25.99
CA PHE C 323 24.21 36.27 25.14
C PHE C 323 25.57 35.94 24.54
N ALA C 324 25.62 34.82 23.83
CA ALA C 324 26.83 34.37 23.16
C ALA C 324 26.43 33.37 22.09
N HIS C 325 27.44 32.81 21.42
CA HIS C 325 27.20 31.76 20.44
C HIS C 325 28.51 31.02 20.18
N SER C 326 28.39 29.84 19.59
CA SER C 326 29.53 29.06 19.17
C SER C 326 29.12 28.20 17.99
N ILE C 327 30.12 27.82 17.18
CA ILE C 327 29.89 27.04 15.98
C ILE C 327 30.85 25.86 15.98
N LEU C 328 30.53 24.85 15.18
CA LEU C 328 31.40 23.71 14.97
C LEU C 328 31.19 23.21 13.56
N THR C 329 32.29 22.81 12.91
CA THR C 329 32.26 22.41 11.50
C THR C 329 32.20 20.89 11.40
N VAL C 330 30.99 20.34 11.36
CA VAL C 330 30.79 18.93 11.14
C VAL C 330 30.88 18.63 9.65
N SER C 331 31.45 17.48 9.31
CA SER C 331 31.46 17.05 7.93
C SER C 331 30.04 16.65 7.50
N GLU C 332 29.79 16.74 6.19
CA GLU C 332 28.48 16.39 5.67
C GLU C 332 28.21 14.90 5.83
N GLU C 333 29.22 14.07 5.61
CA GLU C 333 29.06 12.63 5.76
C GLU C 333 28.72 12.25 7.19
N GLU C 334 29.43 12.81 8.16
CA GLU C 334 29.21 12.45 9.55
C GLU C 334 27.91 13.01 10.10
N TRP C 335 27.26 13.94 9.38
CA TRP C 335 25.94 14.39 9.81
C TRP C 335 24.83 13.67 9.07
N ASN C 336 25.09 13.25 7.83
CA ASN C 336 24.14 12.40 7.11
C ASN C 336 24.07 11.02 7.75
N THR C 337 25.17 10.55 8.34
CA THR C 337 25.15 9.33 9.13
C THR C 337 24.20 9.42 10.33
N GLY C 338 23.93 10.63 10.82
CA GLY C 338 23.02 10.80 11.92
C GLY C 338 23.63 10.53 13.29
N GLU C 339 24.64 11.31 13.64
CA GLU C 339 25.27 11.25 14.95
C GLU C 339 24.72 12.35 15.85
N THR C 340 25.12 12.32 17.11
CA THR C 340 24.63 13.27 18.11
C THR C 340 25.75 14.19 18.55
N TYR C 341 25.41 15.47 18.74
CA TYR C 341 26.34 16.47 19.20
C TYR C 341 25.71 17.22 20.37
N THR C 342 26.51 17.48 21.40
CA THR C 342 26.01 18.06 22.65
C THR C 342 26.74 19.35 22.97
N CYS C 343 26.00 20.33 23.49
CA CYS C 343 26.53 21.65 23.79
C CYS C 343 26.41 21.89 25.30
N VAL C 344 27.43 21.52 26.05
CA VAL C 344 27.43 21.66 27.50
C VAL C 344 27.75 23.12 27.84
N VAL C 345 26.90 23.72 28.66
CA VAL C 345 27.10 25.09 29.11
C VAL C 345 27.34 25.10 30.62
N ALA C 346 28.38 25.82 31.04
CA ALA C 346 28.74 25.90 32.44
C ALA C 346 28.55 27.34 32.91
N HIS C 347 27.74 27.53 33.94
CA HIS C 347 27.42 28.87 34.39
C HIS C 347 27.13 28.85 35.88
N GLU C 348 27.28 30.02 36.52
CA GLU C 348 27.04 30.12 37.96
C GLU C 348 25.57 29.92 38.30
N ALA C 349 24.67 30.48 37.50
CA ALA C 349 23.27 30.55 37.88
C ALA C 349 22.53 29.22 37.75
N LEU C 350 23.09 28.26 37.03
CA LEU C 350 22.43 26.97 36.89
C LEU C 350 22.46 26.22 38.21
N PRO C 351 21.33 25.69 38.68
CA PRO C 351 21.34 24.97 39.97
C PRO C 351 22.26 23.77 40.00
N ASN C 352 22.40 23.08 38.86
CA ASN C 352 23.30 21.95 38.74
C ASN C 352 24.66 22.43 38.20
N ARG C 353 24.71 23.65 37.69
CA ARG C 353 25.90 24.31 37.13
C ARG C 353 26.35 23.70 35.80
N VAL C 354 25.45 22.99 35.11
CA VAL C 354 25.74 22.44 33.78
C VAL C 354 24.44 22.03 33.12
N THR C 355 24.37 22.17 31.79
CA THR C 355 23.19 21.82 31.02
C THR C 355 23.61 21.29 29.66
N GLU C 356 22.93 20.25 29.19
CA GLU C 356 23.23 19.62 27.91
C GLU C 356 22.02 19.68 26.98
N ARG C 357 22.30 19.72 25.69
CA ARG C 357 21.28 19.65 24.65
C ARG C 357 21.79 18.77 23.53
N THR C 358 20.85 18.22 22.74
CA THR C 358 21.19 17.25 21.71
C THR C 358 20.53 17.62 20.39
N VAL C 359 21.25 17.43 19.30
CA VAL C 359 20.71 17.61 17.96
C VAL C 359 21.11 16.39 17.13
N ASP C 360 20.33 16.11 16.09
CA ASP C 360 20.57 14.95 15.24
C ASP C 360 19.90 15.21 13.89
N LYS C 361 20.20 14.33 12.92
CA LYS C 361 19.55 14.41 11.61
C LYS C 361 18.04 14.33 11.75
N SER C 362 17.55 13.58 12.73
CA SER C 362 16.12 13.40 12.96
C SER C 362 15.49 14.53 13.75
N THR C 363 16.28 15.54 14.17
CA THR C 363 15.72 16.64 14.95
C THR C 363 14.72 17.45 14.15
N GLY C 364 15.04 17.73 12.89
CA GLY C 364 14.11 18.46 12.04
C GLY C 364 13.61 17.65 10.87
N LYS C 365 12.34 17.25 10.92
CA LYS C 365 11.70 16.53 9.83
C LYS C 365 10.25 17.03 9.74
N PRO C 366 9.68 17.09 8.54
CA PRO C 366 8.25 17.42 8.43
C PRO C 366 7.40 16.22 8.82
N THR C 367 6.13 16.50 9.13
CA THR C 367 5.21 15.47 9.57
C THR C 367 4.31 14.97 8.44
N LEU C 368 3.56 15.86 7.80
CA LEU C 368 2.59 15.50 6.78
C LEU C 368 3.13 15.74 5.37
N TYR C 369 2.63 14.95 4.43
CA TYR C 369 2.99 14.99 3.01
C TYR C 369 1.74 14.92 2.13
N ASN C 370 0.64 15.53 2.59
CA ASN C 370 -0.62 15.44 1.84
C ASN C 370 -0.46 15.93 0.41
N VAL C 371 -0.53 14.99 -0.52
CA VAL C 371 -0.43 15.25 -1.95
C VAL C 371 -1.75 14.85 -2.60
N SER C 372 -2.20 15.67 -3.55
CA SER C 372 -3.48 15.45 -4.24
C SER C 372 -3.21 15.46 -5.73
N LEU C 373 -2.90 14.29 -6.29
CA LEU C 373 -2.66 14.17 -7.73
C LEU C 373 -4.00 14.17 -8.45
N VAL C 374 -4.20 15.12 -9.35
CA VAL C 374 -5.52 15.41 -9.92
C VAL C 374 -5.42 15.23 -11.44
N MET C 375 -4.69 14.20 -11.87
CA MET C 375 -4.57 13.89 -13.28
C MET C 375 -5.94 13.81 -13.95
N SER C 376 -6.02 14.38 -15.16
CA SER C 376 -7.26 14.41 -15.92
C SER C 376 -6.92 14.41 -17.40
N ASP C 377 -7.96 14.42 -18.23
CA ASP C 377 -7.80 14.44 -19.69
C ASP C 377 -8.54 15.60 -20.34
N THR C 378 -9.71 15.96 -19.83
CA THR C 378 -10.48 17.09 -20.36
C THR C 378 -10.32 18.29 -19.44
N ALA C 379 -10.00 19.44 -20.04
CA ALA C 379 -9.81 20.67 -19.27
C ALA C 379 -11.11 21.17 -18.69
N ILE D 152 28.44 2.85 73.75
CA ILE D 152 29.11 1.57 73.85
C ILE D 152 29.69 1.17 72.50
N ARG D 153 28.93 1.39 71.43
CA ARG D 153 29.36 1.10 70.08
C ARG D 153 29.55 2.39 69.31
N VAL D 154 30.65 2.50 68.58
CA VAL D 154 30.98 3.68 67.79
C VAL D 154 31.11 3.27 66.33
N PHE D 155 30.29 3.86 65.48
CA PHE D 155 30.31 3.60 64.04
C PHE D 155 30.68 4.87 63.28
N ALA D 156 31.13 4.68 62.05
CA ALA D 156 31.49 5.78 61.16
C ALA D 156 30.64 5.73 59.91
N ILE D 157 30.09 6.87 59.51
CA ILE D 157 29.26 6.97 58.32
C ILE D 157 29.97 7.85 57.30
N PRO D 158 30.61 7.28 56.28
CA PRO D 158 31.29 8.08 55.27
C PRO D 158 30.29 8.78 54.38
N PRO D 159 30.67 9.91 53.75
CA PRO D 159 29.76 10.59 52.84
C PRO D 159 29.45 9.75 51.61
N SER D 160 28.25 9.95 51.07
CA SER D 160 27.80 9.28 49.87
C SER D 160 27.62 10.31 48.77
N PHE D 161 27.67 9.85 47.51
CA PHE D 161 27.56 10.76 46.38
C PHE D 161 26.19 11.42 46.33
N ALA D 162 25.14 10.70 46.73
CA ALA D 162 23.82 11.30 46.83
C ALA D 162 23.80 12.42 47.87
N SER D 163 24.51 12.21 48.98
CA SER D 163 24.61 13.26 50.00
C SER D 163 25.54 14.38 49.54
N ILE D 164 26.63 14.04 48.85
CA ILE D 164 27.57 15.04 48.37
C ILE D 164 26.92 15.95 47.33
N PHE D 165 26.21 15.35 46.37
CA PHE D 165 25.69 16.13 45.25
C PHE D 165 24.47 16.96 45.66
N LEU D 166 23.62 16.42 46.54
CA LEU D 166 22.41 17.14 46.91
C LEU D 166 22.72 18.35 47.79
N THR D 167 23.73 18.24 48.66
CA THR D 167 24.05 19.29 49.61
C THR D 167 25.24 20.14 49.21
N LYS D 168 26.08 19.66 48.28
CA LYS D 168 27.28 20.35 47.80
C LYS D 168 28.32 20.58 48.90
N SER D 169 28.19 19.88 50.03
CA SER D 169 29.12 20.03 51.15
C SER D 169 29.42 18.66 51.72
N THR D 170 30.69 18.25 51.68
CA THR D 170 31.09 16.98 52.26
C THR D 170 30.90 16.99 53.77
N LYS D 171 30.30 15.93 54.29
CA LYS D 171 30.02 15.83 55.72
C LYS D 171 30.40 14.43 56.20
N LEU D 172 31.38 14.36 57.09
CA LEU D 172 31.78 13.11 57.72
C LEU D 172 31.21 13.08 59.14
N THR D 173 30.61 11.95 59.50
CA THR D 173 29.92 11.82 60.78
C THR D 173 30.43 10.61 61.53
N CYS D 174 30.28 10.66 62.86
CA CYS D 174 30.70 9.60 63.75
C CYS D 174 29.50 9.21 64.61
N LEU D 175 29.09 7.95 64.53
CA LEU D 175 27.87 7.47 65.17
C LEU D 175 28.22 6.69 66.42
N VAL D 176 27.74 7.19 67.57
CA VAL D 176 27.88 6.50 68.85
C VAL D 176 26.49 6.29 69.43
N THR D 177 26.19 5.06 69.83
CA THR D 177 24.85 4.68 70.24
C THR D 177 24.99 3.83 71.51
N ASP D 178 23.87 3.24 71.96
CA ASP D 178 23.82 2.32 73.09
C ASP D 178 24.16 3.00 74.42
N LEU D 179 23.68 4.23 74.61
CA LEU D 179 23.87 4.96 75.86
C LEU D 179 22.52 5.47 76.36
N THR D 180 22.56 6.25 77.44
CA THR D 180 21.40 6.97 77.96
C THR D 180 21.72 8.47 77.95
N THR D 181 20.86 9.25 78.58
CA THR D 181 21.07 10.69 78.65
C THR D 181 22.12 10.99 79.71
N TYR D 182 23.38 11.10 79.28
CA TYR D 182 24.47 11.50 80.15
C TYR D 182 24.91 12.92 79.82
N ASP D 183 25.98 13.35 80.47
CA ASP D 183 26.71 14.56 80.14
C ASP D 183 28.18 14.17 79.91
N SER D 184 29.02 15.18 79.69
CA SER D 184 30.45 15.03 79.46
C SER D 184 30.78 14.14 78.27
N VAL D 185 29.85 14.00 77.32
CA VAL D 185 30.10 13.21 76.11
C VAL D 185 30.85 14.08 75.12
N THR D 186 32.03 13.64 74.70
CA THR D 186 32.90 14.39 73.81
C THR D 186 33.10 13.60 72.53
N ILE D 187 32.88 14.26 71.39
CA ILE D 187 33.09 13.68 70.07
C ILE D 187 33.97 14.62 69.26
N SER D 188 34.93 14.06 68.53
CA SER D 188 35.87 14.86 67.76
C SER D 188 36.40 14.05 66.59
N TRP D 189 36.87 14.77 65.58
CA TRP D 189 37.45 14.18 64.38
C TRP D 189 38.88 14.70 64.22
N THR D 190 39.76 13.84 63.71
CA THR D 190 41.15 14.18 63.49
C THR D 190 41.58 13.80 62.08
N ARG D 191 42.54 14.55 61.56
CA ARG D 191 43.06 14.30 60.21
C ARG D 191 44.09 13.17 60.26
N GLN D 192 44.85 13.03 59.17
CA GLN D 192 45.90 12.01 59.11
C GLN D 192 46.97 12.28 60.16
N ASN D 193 47.34 13.54 60.35
CA ASN D 193 48.33 13.93 61.34
C ASN D 193 47.72 14.18 62.72
N GLY D 194 46.43 13.97 62.88
CA GLY D 194 45.76 14.20 64.15
C GLY D 194 45.33 15.62 64.42
N GLU D 195 45.39 16.50 63.40
CA GLU D 195 44.98 17.88 63.59
C GLU D 195 43.48 17.97 63.83
N ALA D 196 43.08 18.96 64.63
CA ALA D 196 41.68 19.14 64.96
C ALA D 196 40.87 19.52 63.73
N VAL D 197 39.67 18.96 63.62
CA VAL D 197 38.82 19.18 62.45
C VAL D 197 37.58 19.96 62.83
N LYS D 198 37.66 21.29 62.72
CA LYS D 198 36.53 22.20 62.88
C LYS D 198 35.74 21.96 64.16
N THR D 199 34.42 22.09 64.09
CA THR D 199 33.54 21.90 65.22
C THR D 199 32.60 20.72 64.96
N HIS D 200 31.88 20.31 66.00
CA HIS D 200 30.91 19.24 65.92
C HIS D 200 29.65 19.66 66.66
N THR D 201 28.53 19.68 65.95
CA THR D 201 27.29 20.23 66.48
C THR D 201 26.14 19.24 66.31
N ASN D 202 25.09 19.45 67.11
CA ASN D 202 23.84 18.70 67.02
C ASN D 202 24.06 17.20 67.26
N ILE D 203 24.52 16.88 68.47
CA ILE D 203 24.57 15.49 68.91
C ILE D 203 23.14 14.99 69.10
N SER D 204 22.86 13.78 68.61
CA SER D 204 21.51 13.23 68.66
C SER D 204 21.05 13.04 70.10
N GLU D 205 19.75 12.84 70.26
CA GLU D 205 19.11 12.73 71.56
C GLU D 205 18.91 11.26 71.92
N SER D 206 18.21 11.01 73.02
CA SER D 206 17.96 9.67 73.52
C SER D 206 16.60 9.18 73.05
N HIS D 207 16.58 7.97 72.50
CA HIS D 207 15.33 7.36 72.05
C HIS D 207 14.49 6.92 73.25
N PRO D 208 13.18 6.76 73.07
CA PRO D 208 12.32 6.37 74.20
C PRO D 208 12.66 5.02 74.81
N ASN D 209 13.38 4.15 74.12
CA ASN D 209 13.77 2.85 74.65
C ASN D 209 15.05 2.90 75.47
N ALA D 210 15.38 4.06 76.05
CA ALA D 210 16.58 4.30 76.84
C ALA D 210 17.86 4.09 76.05
N THR D 211 17.82 4.32 74.74
CA THR D 211 18.99 4.26 73.89
C THR D 211 19.31 5.65 73.38
N PHE D 212 20.55 6.11 73.62
CA PHE D 212 20.98 7.44 73.25
C PHE D 212 21.97 7.36 72.09
N SER D 213 21.73 8.15 71.06
CA SER D 213 22.60 8.21 69.90
C SER D 213 23.43 9.49 69.93
N ALA D 214 24.64 9.40 69.37
CA ALA D 214 25.55 10.54 69.31
C ALA D 214 26.13 10.64 67.91
N VAL D 215 26.03 11.83 67.31
CA VAL D 215 26.56 12.09 65.98
C VAL D 215 27.38 13.38 66.01
N GLY D 216 28.53 13.37 65.35
CA GLY D 216 29.34 14.57 65.20
C GLY D 216 29.68 14.82 63.74
N GLU D 217 29.15 15.90 63.18
CA GLU D 217 29.29 16.20 61.76
C GLU D 217 30.23 17.38 61.56
N ALA D 218 31.14 17.24 60.60
CA ALA D 218 32.07 18.31 60.23
C ALA D 218 32.03 18.49 58.72
N SER D 219 32.21 19.73 58.28
CA SER D 219 32.11 20.10 56.87
C SER D 219 33.53 20.32 56.35
N ILE D 220 34.15 19.24 55.87
CA ILE D 220 35.46 19.33 55.25
C ILE D 220 35.27 19.56 53.75
N CYS D 221 36.34 20.03 53.10
CA CYS D 221 36.30 20.23 51.67
C CYS D 221 36.32 18.89 50.94
N GLU D 222 35.75 18.87 49.74
CA GLU D 222 35.69 17.64 48.96
C GLU D 222 37.07 17.18 48.53
N ASP D 223 38.03 18.11 48.41
CA ASP D 223 39.37 17.74 48.00
C ASP D 223 40.05 16.87 49.05
N ASP D 224 39.77 17.12 50.33
CA ASP D 224 40.30 16.26 51.39
C ASP D 224 39.69 14.87 51.33
N TRP D 225 38.39 14.79 51.08
CA TRP D 225 37.71 13.50 51.12
C TRP D 225 38.08 12.63 49.93
N ASN D 226 38.07 13.20 48.72
CA ASN D 226 38.33 12.39 47.53
C ASN D 226 39.79 12.01 47.37
N SER D 227 40.70 12.72 48.04
CA SER D 227 42.11 12.36 48.01
C SER D 227 42.40 11.08 48.78
N GLY D 228 41.50 10.68 49.67
CA GLY D 228 41.69 9.48 50.45
C GLY D 228 42.47 9.66 51.74
N GLU D 229 42.57 10.89 52.25
CA GLU D 229 43.29 11.13 53.49
C GLU D 229 42.54 10.50 54.66
N ARG D 230 43.22 9.62 55.39
CA ARG D 230 42.58 8.86 56.45
C ARG D 230 42.26 9.77 57.64
N PHE D 231 41.03 9.68 58.14
CA PHE D 231 40.57 10.45 59.28
C PHE D 231 40.18 9.51 60.41
N THR D 232 40.39 9.96 61.65
CA THR D 232 40.10 9.16 62.84
C THR D 232 39.16 9.93 63.76
N CYS D 233 38.22 9.20 64.35
CA CYS D 233 37.21 9.76 65.25
C CYS D 233 37.58 9.42 66.69
N THR D 234 37.56 10.43 67.56
CA THR D 234 37.87 10.25 68.97
C THR D 234 36.63 10.56 69.80
N VAL D 235 36.22 9.59 70.62
CA VAL D 235 35.05 9.72 71.49
C VAL D 235 35.46 9.31 72.90
N THR D 236 35.19 10.17 73.88
CA THR D 236 35.47 9.89 75.28
C THR D 236 34.19 9.98 76.10
N HIS D 237 34.10 9.13 77.13
CA HIS D 237 32.93 9.13 78.00
C HIS D 237 33.34 8.59 79.36
N THR D 238 32.54 8.96 80.37
CA THR D 238 32.78 8.46 81.72
C THR D 238 32.53 6.96 81.80
N ASP D 239 31.52 6.46 81.07
CA ASP D 239 31.25 5.04 81.06
C ASP D 239 32.42 4.26 80.45
N LEU D 240 33.00 4.78 79.38
CA LEU D 240 34.11 4.12 78.71
C LEU D 240 35.37 4.24 79.55
N PRO D 241 36.00 3.13 79.97
CA PRO D 241 37.30 3.24 80.64
C PRO D 241 38.38 3.80 79.74
N SER D 242 38.31 3.52 78.44
CA SER D 242 39.25 4.03 77.45
C SER D 242 38.47 4.62 76.29
N PRO D 243 39.01 5.67 75.65
CA PRO D 243 38.32 6.25 74.49
C PRO D 243 38.21 5.24 73.34
N LEU D 244 37.09 5.28 72.65
CA LEU D 244 36.84 4.44 71.49
C LEU D 244 37.15 5.23 70.23
N LYS D 245 38.04 4.71 69.40
CA LYS D 245 38.51 5.40 68.21
C LYS D 245 38.12 4.61 66.96
N GLN D 246 37.56 5.31 65.99
CA GLN D 246 37.18 4.73 64.71
C GLN D 246 37.82 5.52 63.58
N THR D 247 38.22 4.82 62.52
CA THR D 247 38.87 5.43 61.38
C THR D 247 38.07 5.14 60.11
N ILE D 248 38.22 6.01 59.11
CA ILE D 248 37.49 5.88 57.87
C ILE D 248 38.29 6.55 56.76
N SER D 249 38.12 6.05 55.54
CA SER D 249 38.75 6.61 54.35
C SER D 249 37.93 6.21 53.14
N ARG D 250 38.17 6.87 52.02
CA ARG D 250 37.46 6.56 50.79
C ARG D 250 37.89 5.18 50.29
N PRO D 251 36.94 4.28 50.01
CA PRO D 251 37.32 2.95 49.54
C PRO D 251 38.07 2.99 48.21
N LYS D 252 39.10 2.16 48.10
CA LYS D 252 39.94 2.07 46.92
C LYS D 252 39.78 0.69 46.28
N GLY D 253 40.36 0.54 45.10
CA GLY D 253 40.33 -0.72 44.38
C GLY D 253 39.06 -0.99 43.60
N VAL D 254 38.11 -0.06 43.58
CA VAL D 254 36.87 -0.26 42.85
C VAL D 254 37.07 0.06 41.37
N ALA D 255 36.12 -0.37 40.56
CA ALA D 255 36.12 -0.09 39.13
C ALA D 255 35.16 1.05 38.82
N LEU D 256 35.30 1.61 37.62
CA LEU D 256 34.51 2.75 37.19
C LEU D 256 33.74 2.40 35.92
N HIS D 257 32.48 2.83 35.87
CA HIS D 257 31.63 2.62 34.71
C HIS D 257 30.62 3.76 34.64
N ARG D 258 30.15 4.06 33.44
CA ARG D 258 29.25 5.20 33.30
C ARG D 258 27.83 4.73 33.05
N PRO D 259 26.84 5.38 33.66
CA PRO D 259 25.44 5.03 33.39
C PRO D 259 25.04 5.39 31.96
N ASP D 260 24.05 4.67 31.46
CA ASP D 260 23.50 4.88 30.11
C ASP D 260 22.00 5.07 30.24
N VAL D 261 21.57 6.32 30.36
CA VAL D 261 20.17 6.63 30.60
C VAL D 261 19.37 6.42 29.31
N TYR D 262 18.23 5.75 29.43
CA TYR D 262 17.29 5.58 28.33
C TYR D 262 15.90 5.97 28.85
N LEU D 263 15.54 7.23 28.68
CA LEU D 263 14.23 7.69 29.15
C LEU D 263 13.16 7.12 28.23
N LEU D 264 12.18 6.41 28.82
CA LEU D 264 11.17 5.72 28.04
C LEU D 264 9.84 6.47 28.04
N PRO D 265 9.06 6.38 26.98
CA PRO D 265 7.77 7.06 26.93
C PRO D 265 6.65 6.17 27.43
N PRO D 266 5.54 6.75 27.89
CA PRO D 266 4.45 5.94 28.44
C PRO D 266 3.79 5.08 27.37
N ALA D 267 3.17 4.00 27.84
CA ALA D 267 2.49 3.07 26.95
C ALA D 267 1.27 3.71 26.31
N ARG D 268 0.91 3.21 25.12
CA ARG D 268 -0.25 3.74 24.40
C ARG D 268 -1.54 3.48 25.17
N GLU D 269 -1.67 2.29 25.77
CA GLU D 269 -2.94 1.90 26.39
C GLU D 269 -3.28 2.80 27.58
N GLN D 270 -2.27 3.21 28.35
CA GLN D 270 -2.53 3.99 29.56
C GLN D 270 -3.13 5.36 29.22
N LEU D 271 -2.67 5.98 28.12
CA LEU D 271 -3.20 7.27 27.72
C LEU D 271 -4.66 7.18 27.28
N ASN D 272 -5.10 6.00 26.82
CA ASN D 272 -6.50 5.85 26.44
C ASN D 272 -7.43 5.97 27.65
N LEU D 273 -6.96 5.56 28.83
CA LEU D 273 -7.75 5.77 30.04
C LEU D 273 -7.82 7.24 30.43
N ARG D 274 -6.88 8.05 29.95
CA ARG D 274 -6.85 9.49 30.20
C ARG D 274 -6.88 9.82 31.69
N GLU D 275 -6.11 9.06 32.47
CA GLU D 275 -6.03 9.26 33.92
C GLU D 275 -4.64 9.66 34.37
N SER D 276 -3.62 8.89 34.01
CA SER D 276 -2.26 9.18 34.44
C SER D 276 -1.29 8.57 33.44
N ALA D 277 -0.04 9.01 33.52
CA ALA D 277 1.05 8.46 32.72
C ALA D 277 2.24 8.20 33.64
N THR D 278 3.07 7.24 33.24
CA THR D 278 4.19 6.77 34.06
C THR D 278 5.45 6.79 33.21
N ILE D 279 6.13 7.93 33.19
CA ILE D 279 7.38 8.06 32.45
C ILE D 279 8.51 7.47 33.29
N THR D 280 9.27 6.55 32.70
CA THR D 280 10.35 5.88 33.40
C THR D 280 11.70 6.46 32.98
N CYS D 281 12.75 6.08 33.72
CA CYS D 281 14.10 6.59 33.51
C CYS D 281 15.07 5.46 33.87
N LEU D 282 15.51 4.72 32.86
CA LEU D 282 16.22 3.46 33.06
C LEU D 282 17.73 3.71 33.10
N VAL D 283 18.24 3.99 34.30
CA VAL D 283 19.68 4.01 34.51
C VAL D 283 20.19 2.57 34.48
N THR D 284 21.41 2.38 33.98
CA THR D 284 21.98 1.03 33.91
C THR D 284 23.50 1.12 33.78
N GLY D 285 24.14 -0.01 34.08
CA GLY D 285 25.54 -0.23 33.75
C GLY D 285 26.57 0.34 34.71
N PHE D 286 26.17 1.02 35.77
CA PHE D 286 27.12 1.70 36.64
C PHE D 286 27.57 0.80 37.77
N SER D 287 28.89 0.75 38.00
CA SER D 287 29.52 -0.05 39.06
C SER D 287 29.54 0.59 40.44
N PRO D 288 29.90 1.89 40.62
CA PRO D 288 30.15 2.39 41.99
C PRO D 288 28.91 2.57 42.86
N ALA D 289 27.75 2.06 42.41
CA ALA D 289 26.55 1.82 43.22
C ALA D 289 25.84 3.08 43.67
N ASP D 290 26.37 4.28 43.43
CA ASP D 290 25.73 5.51 43.87
C ASP D 290 25.41 6.39 42.66
N VAL D 291 24.12 6.70 42.50
CA VAL D 291 23.67 7.62 41.48
C VAL D 291 22.65 8.56 42.12
N PHE D 292 22.44 9.71 41.50
CA PHE D 292 21.41 10.66 41.90
C PHE D 292 20.51 10.93 40.71
N VAL D 293 19.21 10.74 40.89
CA VAL D 293 18.24 10.91 39.82
C VAL D 293 17.29 12.02 40.22
N GLN D 294 17.15 13.01 39.35
CA GLN D 294 16.32 14.19 39.62
C GLN D 294 15.56 14.57 38.36
N TRP D 295 14.31 15.01 38.54
CA TRP D 295 13.43 15.33 37.43
C TRP D 295 13.20 16.84 37.39
N MET D 296 13.51 17.44 36.23
CA MET D 296 13.36 18.88 36.02
C MET D 296 12.36 19.13 34.90
N GLN D 297 11.46 20.08 35.11
CA GLN D 297 10.51 20.52 34.11
C GLN D 297 10.71 22.01 33.87
N ARG D 298 11.07 22.38 32.63
CA ARG D 298 11.31 23.75 32.23
C ARG D 298 12.37 24.43 33.11
N GLY D 299 13.39 23.66 33.48
CA GLY D 299 14.50 24.18 34.26
C GLY D 299 14.24 24.30 35.74
N GLN D 300 13.01 24.08 36.20
CA GLN D 300 12.70 24.13 37.61
C GLN D 300 12.55 22.71 38.14
N PRO D 301 13.31 22.32 39.17
CA PRO D 301 13.23 20.95 39.66
C PRO D 301 11.86 20.61 40.20
N LEU D 302 11.43 19.37 39.94
CA LEU D 302 10.14 18.89 40.43
C LEU D 302 10.20 18.59 41.92
N SER D 303 9.04 18.62 42.56
CA SER D 303 8.95 18.29 43.97
C SER D 303 9.32 16.84 44.20
N PRO D 304 10.00 16.52 45.32
CA PRO D 304 10.42 15.13 45.56
C PRO D 304 9.26 14.19 45.87
N GLU D 305 8.03 14.68 45.97
CA GLU D 305 6.90 13.81 46.26
C GLU D 305 6.37 13.09 45.02
N LYS D 306 6.85 13.46 43.84
CA LYS D 306 6.32 12.87 42.61
C LYS D 306 7.10 11.64 42.18
N TYR D 307 8.39 11.80 41.93
CA TYR D 307 9.20 10.68 41.48
C TYR D 307 9.60 9.78 42.64
N VAL D 308 9.65 8.47 42.37
CA VAL D 308 10.03 7.46 43.36
C VAL D 308 11.19 6.67 42.77
N THR D 309 12.35 6.78 43.39
CA THR D 309 13.56 6.15 42.90
C THR D 309 13.77 4.79 43.55
N SER D 310 14.10 3.80 42.74
CA SER D 310 14.41 2.45 43.22
C SER D 310 15.87 2.36 43.62
N ALA D 311 16.14 1.55 44.63
CA ALA D 311 17.51 1.36 45.08
C ALA D 311 18.31 0.58 44.04
N PRO D 312 19.63 0.77 44.00
CA PRO D 312 20.46 -0.02 43.07
C PRO D 312 20.35 -1.51 43.33
N MET D 313 20.19 -2.28 42.26
CA MET D 313 20.13 -3.73 42.29
C MET D 313 21.03 -4.31 41.22
N PRO D 314 21.73 -5.41 41.50
CA PRO D 314 22.72 -5.92 40.56
C PRO D 314 22.09 -6.40 39.25
N GLU D 315 22.87 -6.30 38.18
CA GLU D 315 22.42 -6.74 36.87
C GLU D 315 22.32 -8.27 36.84
N PRO D 316 21.34 -8.83 36.14
CA PRO D 316 21.28 -10.29 35.96
C PRO D 316 22.47 -10.85 35.20
N GLN D 317 22.75 -10.29 34.02
CA GLN D 317 23.75 -10.84 33.11
C GLN D 317 25.08 -10.10 33.16
N ALA D 318 25.27 -9.19 34.11
CA ALA D 318 26.54 -8.52 34.25
C ALA D 318 27.12 -8.76 35.63
N PRO D 319 28.43 -9.06 35.73
CA PRO D 319 29.00 -9.46 37.01
C PRO D 319 28.97 -8.39 38.10
N GLY D 320 29.54 -7.22 37.83
CA GLY D 320 29.70 -6.22 38.88
C GLY D 320 29.20 -4.84 38.55
N ARG D 321 28.14 -4.73 37.75
CA ARG D 321 27.56 -3.45 37.37
C ARG D 321 26.08 -3.47 37.71
N TYR D 322 25.63 -2.44 38.42
CA TYR D 322 24.27 -2.38 38.92
C TYR D 322 23.37 -1.62 37.95
N PHE D 323 22.14 -1.38 38.36
CA PHE D 323 21.21 -0.54 37.61
C PHE D 323 20.15 -0.04 38.59
N ALA D 324 19.24 0.79 38.10
CA ALA D 324 18.16 1.32 38.92
C ALA D 324 17.06 1.80 37.99
N HIS D 325 15.99 2.35 38.58
CA HIS D 325 14.85 2.87 37.84
C HIS D 325 14.43 4.19 38.46
N SER D 326 13.42 4.80 37.87
CA SER D 326 12.75 5.98 38.41
C SER D 326 11.49 6.21 37.59
N ILE D 327 10.38 6.46 38.26
CA ILE D 327 9.11 6.68 37.59
C ILE D 327 8.55 8.03 38.02
N LEU D 328 7.71 8.60 37.15
CA LEU D 328 7.08 9.88 37.43
C LEU D 328 5.62 9.80 36.99
N THR D 329 4.71 10.23 37.86
CA THR D 329 3.29 10.22 37.57
C THR D 329 2.87 11.61 37.10
N VAL D 330 2.36 11.69 35.87
CA VAL D 330 1.90 12.94 35.29
C VAL D 330 0.49 12.75 34.74
N SER D 331 -0.33 13.78 34.87
CA SER D 331 -1.68 13.74 34.32
C SER D 331 -1.62 13.64 32.80
N GLU D 332 -2.60 12.95 32.22
CA GLU D 332 -2.64 12.76 30.78
C GLU D 332 -2.82 14.08 30.04
N GLU D 333 -3.43 15.07 30.69
CA GLU D 333 -3.59 16.39 30.07
C GLU D 333 -2.23 17.04 29.82
N GLU D 334 -1.32 16.92 30.78
CA GLU D 334 0.00 17.53 30.61
C GLU D 334 0.78 16.90 29.47
N TRP D 335 0.75 15.57 29.37
CA TRP D 335 1.50 14.89 28.33
C TRP D 335 0.91 15.16 26.95
N ASN D 336 -0.41 15.36 26.87
CA ASN D 336 -1.02 15.70 25.58
C ASN D 336 -0.54 17.05 25.07
N THR D 337 -0.40 18.02 25.97
CA THR D 337 0.11 19.33 25.60
C THR D 337 1.62 19.27 25.39
N GLY D 338 2.22 20.42 25.12
CA GLY D 338 3.66 20.49 24.92
C GLY D 338 4.43 20.68 26.20
N GLU D 339 4.93 19.58 26.77
CA GLU D 339 5.72 19.61 27.99
C GLU D 339 6.93 18.72 27.81
N THR D 340 8.06 19.13 28.40
CA THR D 340 9.30 18.38 28.34
C THR D 340 9.73 18.00 29.75
N TYR D 341 10.16 16.74 29.91
CA TYR D 341 10.62 16.23 31.19
C TYR D 341 12.03 15.72 31.04
N THR D 342 12.89 16.04 32.01
CA THR D 342 14.32 15.78 31.91
C THR D 342 14.81 15.00 33.12
N CYS D 343 15.58 13.96 32.88
CA CYS D 343 16.30 13.25 33.94
C CYS D 343 17.66 13.88 34.14
N VAL D 344 18.06 13.98 35.41
CA VAL D 344 19.39 14.44 35.79
C VAL D 344 20.07 13.31 36.55
N VAL D 345 21.23 12.88 36.07
CA VAL D 345 21.94 11.74 36.62
C VAL D 345 23.34 12.17 37.01
N ALA D 346 23.66 12.02 38.30
CA ALA D 346 24.97 12.37 38.84
C ALA D 346 25.73 11.10 39.20
N HIS D 347 27.01 11.05 38.84
CA HIS D 347 27.81 9.86 39.06
C HIS D 347 29.28 10.25 39.13
N GLU D 348 30.12 9.27 39.44
CA GLU D 348 31.55 9.47 39.61
C GLU D 348 32.36 9.23 38.33
N ALA D 349 31.71 8.83 37.24
CA ALA D 349 32.43 8.46 36.03
C ALA D 349 32.07 9.28 34.79
N LEU D 350 30.99 10.06 34.85
CA LEU D 350 30.67 10.93 33.74
C LEU D 350 31.71 12.05 33.64
N PRO D 351 32.05 12.49 32.42
CA PRO D 351 33.11 13.51 32.28
C PRO D 351 32.81 14.81 33.01
N ASN D 352 31.56 15.27 33.00
CA ASN D 352 31.14 16.41 33.78
C ASN D 352 30.25 16.02 34.95
N ARG D 353 30.11 14.71 35.21
CA ARG D 353 29.36 14.12 36.31
C ARG D 353 27.86 14.37 36.22
N VAL D 354 27.35 14.83 35.08
CA VAL D 354 25.92 15.09 34.90
C VAL D 354 25.54 14.78 33.46
N THR D 355 24.43 14.05 33.29
CA THR D 355 23.83 13.81 31.99
C THR D 355 22.35 14.18 32.04
N GLU D 356 21.89 14.89 31.02
CA GLU D 356 20.48 15.28 30.91
C GLU D 356 19.90 14.71 29.63
N ARG D 357 18.77 14.01 29.74
CA ARG D 357 18.07 13.47 28.59
C ARG D 357 16.58 13.75 28.74
N THR D 358 15.92 14.02 27.62
CA THR D 358 14.52 14.41 27.65
C THR D 358 13.76 13.73 26.51
N VAL D 359 12.48 13.46 26.77
CA VAL D 359 11.53 12.95 25.78
C VAL D 359 10.21 13.65 26.00
N ASP D 360 9.65 14.21 24.92
CA ASP D 360 8.33 14.82 24.93
C ASP D 360 7.41 14.06 23.98
N LYS D 361 6.20 14.60 23.79
CA LYS D 361 5.23 13.94 22.92
C LYS D 361 5.72 13.91 21.48
N SER D 362 6.38 14.97 21.03
CA SER D 362 6.85 15.05 19.65
C SER D 362 8.02 14.11 19.35
N THR D 363 8.60 13.47 20.36
CA THR D 363 9.68 12.52 20.13
C THR D 363 9.13 11.30 19.40
N GLY D 364 9.84 10.87 18.35
CA GLY D 364 9.33 9.83 17.48
C GLY D 364 8.35 10.41 16.48
N LYS D 365 7.12 9.87 16.47
CA LYS D 365 6.01 10.36 15.66
C LYS D 365 6.41 10.46 14.18
N PRO D 366 6.52 9.34 13.47
CA PRO D 366 7.03 9.38 12.09
C PRO D 366 6.09 10.08 11.13
N THR D 367 6.49 10.13 9.85
CA THR D 367 5.74 10.89 8.86
C THR D 367 4.45 10.19 8.47
N LEU D 368 3.53 10.96 7.88
CA LEU D 368 2.26 10.46 7.37
C LEU D 368 2.08 10.92 5.92
N TYR D 369 1.60 10.03 5.07
CA TYR D 369 1.52 10.28 3.62
C TYR D 369 0.05 10.29 3.22
N ASN D 370 -0.58 11.46 3.29
CA ASN D 370 -2.00 11.60 2.99
C ASN D 370 -2.19 11.78 1.48
N VAL D 371 -1.88 10.71 0.73
CA VAL D 371 -2.04 10.74 -0.72
C VAL D 371 -3.52 10.66 -1.07
N SER D 372 -3.92 11.43 -2.08
CA SER D 372 -5.34 11.64 -2.42
C SER D 372 -5.56 11.55 -3.93
N LEU D 373 -5.09 10.46 -4.56
CA LEU D 373 -5.24 10.28 -6.00
C LEU D 373 -6.70 10.33 -6.44
N VAL D 374 -6.98 11.21 -7.39
CA VAL D 374 -8.33 11.36 -7.94
C VAL D 374 -8.25 11.16 -9.46
N MET D 375 -7.33 10.28 -9.89
CA MET D 375 -7.03 10.07 -11.30
C MET D 375 -8.23 9.65 -12.15
N SER D 376 -9.37 9.31 -11.56
CA SER D 376 -10.48 8.80 -12.35
C SER D 376 -11.21 9.89 -13.13
N ASP D 377 -10.77 11.15 -13.02
CA ASP D 377 -11.33 12.21 -13.84
C ASP D 377 -10.99 12.07 -15.32
N THR D 378 -10.04 11.19 -15.67
CA THR D 378 -9.73 10.95 -17.07
C THR D 378 -10.88 10.29 -17.82
N ALA D 379 -11.80 9.64 -17.11
CA ALA D 379 -12.96 8.96 -17.69
C ALA D 379 -12.54 7.92 -18.72
N GLY D 380 -11.46 7.20 -18.43
CA GLY D 380 -10.96 6.17 -19.32
C GLY D 380 -10.45 6.68 -20.65
N THR D 381 -9.71 7.79 -20.64
CA THR D 381 -9.14 8.47 -21.82
C THR D 381 -10.03 8.44 -23.06
N ILE E 152 16.07 -15.75 73.64
CA ILE E 152 15.44 -16.70 72.73
C ILE E 152 14.67 -15.96 71.63
N ARG E 153 14.79 -16.44 70.39
CA ARG E 153 14.10 -15.84 69.26
C ARG E 153 13.54 -16.97 68.40
N VAL E 154 12.22 -16.99 68.24
CA VAL E 154 11.54 -17.96 67.38
C VAL E 154 10.82 -17.19 66.29
N PHE E 155 11.12 -17.53 65.03
CA PHE E 155 10.56 -16.84 63.89
C PHE E 155 9.72 -17.81 63.07
N ALA E 156 8.50 -17.40 62.73
CA ALA E 156 7.62 -18.15 61.86
C ALA E 156 7.32 -17.31 60.63
N ILE E 157 7.54 -17.87 59.45
CA ILE E 157 7.38 -17.17 58.19
C ILE E 157 6.10 -17.68 57.53
N PRO E 158 5.02 -16.88 57.47
CA PRO E 158 3.82 -17.33 56.79
C PRO E 158 4.05 -17.45 55.30
N PRO E 159 3.34 -18.34 54.61
CA PRO E 159 3.52 -18.47 53.17
C PRO E 159 2.98 -17.27 52.42
N SER E 160 3.54 -17.04 51.23
CA SER E 160 3.14 -15.95 50.36
C SER E 160 2.91 -16.51 48.95
N PHE E 161 2.52 -15.64 48.02
CA PHE E 161 2.19 -16.07 46.67
C PHE E 161 3.34 -16.76 45.98
N ALA E 162 4.58 -16.36 46.27
CA ALA E 162 5.73 -17.03 45.66
C ALA E 162 5.77 -18.50 46.04
N SER E 163 5.66 -18.80 47.33
CA SER E 163 5.73 -20.19 47.77
C SER E 163 4.49 -20.98 47.39
N ILE E 164 3.30 -20.41 47.58
CA ILE E 164 2.07 -21.16 47.33
C ILE E 164 1.67 -21.19 45.87
N PHE E 165 2.37 -20.46 45.00
CA PHE E 165 2.00 -20.41 43.60
C PHE E 165 3.10 -20.90 42.67
N LEU E 166 4.37 -20.68 43.02
CA LEU E 166 5.46 -21.21 42.20
C LEU E 166 5.49 -22.73 42.25
N THR E 167 5.27 -23.32 43.43
CA THR E 167 5.31 -24.76 43.61
C THR E 167 3.95 -25.36 43.95
N LYS E 168 2.92 -24.53 44.17
CA LYS E 168 1.57 -25.00 44.49
C LYS E 168 1.56 -25.89 45.74
N SER E 169 2.36 -25.52 46.73
CA SER E 169 2.44 -26.25 47.99
C SER E 169 2.66 -25.26 49.11
N THR E 170 1.63 -25.04 49.94
CA THR E 170 1.69 -24.06 51.02
C THR E 170 2.51 -24.60 52.19
N LYS E 171 3.80 -24.72 51.94
CA LYS E 171 4.74 -25.17 52.97
C LYS E 171 4.85 -24.15 54.09
N LEU E 172 5.03 -24.65 55.31
CA LEU E 172 5.32 -23.82 56.47
C LEU E 172 6.79 -23.99 56.85
N THR E 173 7.22 -23.26 57.88
CA THR E 173 8.59 -23.39 58.35
C THR E 173 8.68 -22.89 59.79
N CYS E 174 9.56 -23.53 60.57
CA CYS E 174 9.90 -23.10 61.92
C CYS E 174 11.38 -22.72 61.91
N LEU E 175 11.67 -21.43 61.91
CA LEU E 175 13.04 -20.93 61.87
C LEU E 175 13.36 -20.32 63.23
N VAL E 176 14.10 -21.05 64.04
CA VAL E 176 14.55 -20.58 65.34
C VAL E 176 16.05 -20.29 65.25
N THR E 177 16.46 -19.16 65.80
CA THR E 177 17.81 -18.66 65.61
C THR E 177 18.33 -18.10 66.93
N ASP E 178 19.66 -18.08 67.08
CA ASP E 178 20.35 -17.52 68.23
C ASP E 178 20.00 -18.28 69.51
N LEU E 179 20.25 -19.58 69.48
CA LEU E 179 20.11 -20.44 70.64
C LEU E 179 21.29 -21.39 70.68
N THR E 180 21.22 -22.40 71.55
CA THR E 180 22.29 -23.37 71.66
C THR E 180 22.39 -24.22 70.39
N THR E 181 23.63 -24.47 69.95
CA THR E 181 23.84 -25.19 68.70
C THR E 181 23.37 -26.64 68.82
N TYR E 182 23.77 -27.34 69.88
CA TYR E 182 23.36 -28.72 70.12
C TYR E 182 22.56 -28.76 71.42
N ASP E 183 21.31 -29.17 71.32
CA ASP E 183 20.41 -29.25 72.47
C ASP E 183 19.23 -30.13 72.09
N SER E 184 18.58 -30.69 73.12
CA SER E 184 17.35 -31.45 72.90
C SER E 184 16.27 -30.49 72.44
N VAL E 185 15.95 -30.54 71.15
CA VAL E 185 15.10 -29.55 70.50
C VAL E 185 13.76 -30.19 70.15
N THR E 186 12.68 -29.45 70.39
CA THR E 186 11.33 -29.84 70.01
C THR E 186 10.86 -28.90 68.91
N ILE E 187 10.55 -29.45 67.74
CA ILE E 187 10.06 -28.67 66.61
C ILE E 187 8.79 -29.32 66.11
N SER E 188 7.67 -28.58 66.19
CA SER E 188 6.40 -29.06 65.69
C SER E 188 5.45 -27.88 65.54
N TRP E 189 4.48 -28.04 64.65
CA TRP E 189 3.40 -27.08 64.48
C TRP E 189 2.13 -27.62 65.09
N THR E 190 1.27 -26.72 65.56
CA THR E 190 0.00 -27.08 66.18
C THR E 190 -1.09 -26.15 65.68
N ARG E 191 -2.21 -26.73 65.26
CA ARG E 191 -3.34 -25.93 64.80
C ARG E 191 -4.01 -25.23 65.98
N GLN E 192 -4.91 -24.31 65.66
CA GLN E 192 -5.66 -23.61 66.69
C GLN E 192 -6.55 -24.59 67.46
N ASN E 193 -7.17 -25.53 66.75
CA ASN E 193 -7.97 -26.56 67.42
C ASN E 193 -7.09 -27.45 68.29
N GLY E 194 -5.93 -27.87 67.79
CA GLY E 194 -4.99 -28.59 68.61
C GLY E 194 -4.42 -29.87 68.02
N GLU E 195 -4.87 -30.25 66.83
CA GLU E 195 -4.38 -31.48 66.21
C GLU E 195 -2.93 -31.32 65.78
N ALA E 196 -2.17 -32.40 65.90
CA ALA E 196 -0.75 -32.38 65.55
C ALA E 196 -0.57 -32.45 64.03
N VAL E 197 0.40 -31.68 63.53
CA VAL E 197 0.73 -31.66 62.12
C VAL E 197 1.63 -32.84 61.79
N LYS E 198 1.87 -33.06 60.50
CA LYS E 198 2.68 -34.18 60.04
C LYS E 198 4.16 -33.92 60.34
N THR E 199 5.02 -34.81 59.86
CA THR E 199 6.43 -34.81 60.23
C THR E 199 7.16 -33.61 59.65
N HIS E 200 8.26 -33.24 60.30
CA HIS E 200 9.18 -32.23 59.82
C HIS E 200 10.54 -32.90 59.59
N THR E 201 11.05 -32.78 58.36
CA THR E 201 12.21 -33.54 57.93
C THR E 201 13.30 -32.57 57.46
N ASN E 202 14.55 -33.03 57.53
CA ASN E 202 15.72 -32.28 57.06
C ASN E 202 15.91 -30.98 57.85
N ILE E 203 16.03 -31.12 59.17
CA ILE E 203 16.38 -29.99 60.02
C ILE E 203 17.83 -29.62 59.76
N SER E 204 18.07 -28.32 59.54
CA SER E 204 19.41 -27.86 59.19
C SER E 204 20.38 -28.06 60.36
N GLU E 205 21.64 -28.33 60.00
CA GLU E 205 22.69 -28.49 60.98
C GLU E 205 23.01 -27.13 61.63
N SER E 206 23.65 -27.20 62.79
CA SER E 206 23.95 -26.00 63.55
C SER E 206 24.89 -25.09 62.76
N HIS E 207 24.55 -23.80 62.73
CA HIS E 207 25.34 -22.83 61.99
C HIS E 207 26.66 -22.59 62.73
N PRO E 208 27.81 -22.70 62.05
CA PRO E 208 29.10 -22.61 62.76
C PRO E 208 29.36 -21.30 63.47
N ASN E 209 28.51 -20.29 63.32
CA ASN E 209 28.66 -19.03 64.05
C ASN E 209 27.88 -19.02 65.36
N ALA E 210 27.73 -20.19 66.00
CA ALA E 210 27.11 -20.36 67.32
C ALA E 210 25.61 -20.07 67.31
N THR E 211 25.05 -19.77 66.14
CA THR E 211 23.62 -19.61 66.01
C THR E 211 22.97 -20.93 65.64
N PHE E 212 21.73 -21.13 66.09
CA PHE E 212 21.01 -22.37 65.82
C PHE E 212 20.15 -22.22 64.58
N SER E 213 20.01 -23.34 63.85
CA SER E 213 19.21 -23.39 62.64
C SER E 213 18.28 -24.60 62.69
N ALA E 214 17.04 -24.40 62.25
CA ALA E 214 16.05 -25.47 62.22
C ALA E 214 15.15 -25.28 61.01
N VAL E 215 14.77 -26.39 60.39
CA VAL E 215 13.93 -26.38 59.19
C VAL E 215 12.74 -27.30 59.42
N GLY E 216 11.54 -26.78 59.22
CA GLY E 216 10.33 -27.59 59.30
C GLY E 216 9.46 -27.35 58.10
N GLU E 217 8.60 -28.32 57.82
CA GLU E 217 7.62 -28.22 56.74
C GLU E 217 6.32 -28.87 57.19
N ALA E 218 5.20 -28.21 56.93
CA ALA E 218 3.88 -28.67 57.34
C ALA E 218 2.89 -28.40 56.21
N SER E 219 2.58 -29.42 55.43
CA SER E 219 1.61 -29.27 54.36
C SER E 219 0.22 -29.03 54.93
N ILE E 220 -0.45 -27.99 54.43
CA ILE E 220 -1.75 -27.58 54.94
C ILE E 220 -2.71 -27.50 53.75
N CYS E 221 -4.01 -27.62 54.04
CA CYS E 221 -5.01 -27.37 53.01
C CYS E 221 -4.98 -25.91 52.60
N GLU E 222 -5.18 -25.65 51.31
CA GLU E 222 -4.97 -24.32 50.76
C GLU E 222 -5.94 -23.30 51.33
N ASP E 223 -7.23 -23.63 51.36
CA ASP E 223 -8.21 -22.70 51.91
C ASP E 223 -8.29 -22.79 53.43
N ASP E 224 -7.66 -23.80 54.05
CA ASP E 224 -7.56 -23.82 55.50
C ASP E 224 -6.70 -22.66 56.01
N TRP E 225 -5.61 -22.36 55.31
CA TRP E 225 -4.82 -21.19 55.63
C TRP E 225 -5.63 -19.92 55.42
N ASN E 226 -6.47 -19.91 54.38
CA ASN E 226 -7.41 -18.81 54.17
C ASN E 226 -8.55 -18.81 55.19
N SER E 227 -8.84 -19.96 55.80
CA SER E 227 -9.94 -20.05 56.76
C SER E 227 -9.66 -19.28 58.04
N GLY E 228 -8.40 -18.96 58.31
CA GLY E 228 -8.06 -18.19 59.49
C GLY E 228 -7.60 -19.00 60.68
N GLU E 229 -7.28 -20.28 60.50
CA GLU E 229 -6.84 -21.11 61.61
C GLU E 229 -5.43 -20.70 62.03
N ARG E 230 -5.30 -20.20 63.26
CA ARG E 230 -4.01 -19.77 63.78
C ARG E 230 -3.12 -20.99 64.04
N PHE E 231 -1.87 -20.91 63.61
CA PHE E 231 -0.92 -22.00 63.71
C PHE E 231 0.19 -21.62 64.67
N THR E 232 0.60 -22.56 65.51
CA THR E 232 1.57 -22.31 66.58
C THR E 232 2.75 -23.26 66.42
N CYS E 233 3.95 -22.70 66.32
CA CYS E 233 5.18 -23.48 66.30
C CYS E 233 5.63 -23.76 67.73
N THR E 234 5.89 -25.04 68.03
CA THR E 234 6.27 -25.46 69.37
C THR E 234 7.79 -25.50 69.48
N VAL E 235 8.33 -24.73 70.43
CA VAL E 235 9.77 -24.71 70.70
C VAL E 235 9.95 -24.89 72.20
N THR E 236 10.71 -25.90 72.60
CA THR E 236 10.98 -26.18 74.00
C THR E 236 12.38 -26.74 74.14
N HIS E 237 13.16 -26.19 75.07
CA HIS E 237 14.53 -26.59 75.29
C HIS E 237 14.76 -26.87 76.76
N THR E 238 15.79 -27.68 77.05
CA THR E 238 16.20 -27.88 78.43
C THR E 238 16.97 -26.67 78.96
N ASP E 239 17.64 -25.93 78.08
CA ASP E 239 18.36 -24.73 78.50
C ASP E 239 17.38 -23.67 79.02
N LEU E 240 16.27 -23.47 78.33
CA LEU E 240 15.22 -22.55 78.78
C LEU E 240 13.95 -23.35 79.05
N PRO E 241 13.62 -23.63 80.31
CA PRO E 241 12.51 -24.54 80.60
C PRO E 241 11.14 -24.03 80.17
N SER E 242 11.00 -22.74 79.92
CA SER E 242 9.69 -22.19 79.55
C SER E 242 9.36 -22.54 78.10
N PRO E 243 8.26 -23.24 77.84
CA PRO E 243 7.86 -23.48 76.45
C PRO E 243 7.37 -22.21 75.78
N LEU E 244 7.49 -22.17 74.46
CA LEU E 244 7.11 -21.00 73.68
C LEU E 244 6.14 -21.41 72.58
N LYS E 245 5.06 -20.66 72.44
CA LYS E 245 4.06 -20.86 71.39
C LYS E 245 3.79 -19.51 70.74
N GLN E 246 4.01 -19.42 69.44
CA GLN E 246 3.84 -18.18 68.69
C GLN E 246 2.74 -18.37 67.64
N THR E 247 1.78 -17.44 67.62
CA THR E 247 0.64 -17.51 66.73
C THR E 247 0.87 -16.61 65.52
N ILE E 248 0.64 -17.15 64.33
CA ILE E 248 0.74 -16.39 63.09
C ILE E 248 -0.55 -16.55 62.30
N SER E 249 -0.96 -15.48 61.63
CA SER E 249 -2.15 -15.51 60.78
C SER E 249 -2.00 -14.46 59.69
N ARG E 250 -2.72 -14.68 58.59
CA ARG E 250 -2.71 -13.73 57.49
C ARG E 250 -3.39 -12.42 57.90
N PRO E 251 -2.95 -11.29 57.35
CA PRO E 251 -3.66 -10.03 57.62
C PRO E 251 -5.07 -10.07 57.04
N LYS E 252 -5.99 -9.43 57.74
CA LYS E 252 -7.40 -9.39 57.33
C LYS E 252 -7.90 -7.95 57.40
N GLY E 253 -8.79 -7.61 56.47
CA GLY E 253 -9.37 -6.29 56.40
C GLY E 253 -8.71 -5.35 55.41
N VAL E 254 -7.62 -5.79 54.77
CA VAL E 254 -6.92 -4.93 53.82
C VAL E 254 -7.77 -4.73 52.57
N ALA E 255 -7.53 -3.62 51.88
CA ALA E 255 -8.26 -3.29 50.66
C ALA E 255 -7.82 -4.20 49.51
N LEU E 256 -8.60 -4.18 48.44
CA LEU E 256 -8.40 -5.08 47.31
C LEU E 256 -8.38 -4.26 46.03
N HIS E 257 -7.38 -4.49 45.18
CA HIS E 257 -7.23 -3.70 43.96
C HIS E 257 -6.56 -4.51 42.88
N ARG E 258 -6.98 -4.26 41.64
CA ARG E 258 -6.55 -5.03 40.48
C ARG E 258 -5.26 -4.47 39.90
N PRO E 259 -4.27 -5.32 39.61
CA PRO E 259 -3.07 -4.84 38.89
C PRO E 259 -3.42 -4.41 37.47
N ASP E 260 -2.63 -3.47 36.95
CA ASP E 260 -2.76 -2.98 35.58
C ASP E 260 -1.41 -3.13 34.90
N VAL E 261 -1.20 -4.27 34.25
CA VAL E 261 0.08 -4.58 33.63
C VAL E 261 0.21 -3.78 32.35
N TYR E 262 1.30 -3.01 32.24
CA TYR E 262 1.69 -2.33 31.01
C TYR E 262 3.10 -2.75 30.67
N LEU E 263 3.35 -3.06 29.40
CA LEU E 263 4.64 -3.55 28.95
C LEU E 263 5.20 -2.56 27.93
N LEU E 264 6.42 -2.05 28.19
CA LEU E 264 7.05 -1.00 27.40
C LEU E 264 8.11 -1.59 26.48
N PRO E 265 8.06 -1.31 25.18
CA PRO E 265 9.10 -1.78 24.27
C PRO E 265 10.40 -1.02 24.50
N PRO E 266 11.55 -1.59 24.10
CA PRO E 266 12.82 -0.90 24.31
C PRO E 266 12.95 0.36 23.48
N ALA E 267 13.79 1.27 23.95
CA ALA E 267 14.01 2.54 23.27
C ALA E 267 14.90 2.35 22.06
N ARG E 268 14.82 3.32 21.14
CA ARG E 268 15.58 3.23 19.88
C ARG E 268 17.09 3.30 20.12
N GLU E 269 17.52 4.13 21.07
CA GLU E 269 18.95 4.26 21.35
C GLU E 269 19.52 2.94 21.85
N GLN E 270 18.79 2.25 22.72
CA GLN E 270 19.27 0.99 23.27
C GLN E 270 19.47 -0.05 22.18
N LEU E 271 18.53 -0.10 21.22
CA LEU E 271 18.72 -0.97 20.06
C LEU E 271 19.90 -0.50 19.22
N ASN E 272 20.12 0.81 19.14
CA ASN E 272 21.23 1.34 18.35
C ASN E 272 22.58 0.94 18.92
N LEU E 273 22.67 0.78 20.25
CA LEU E 273 23.92 0.30 20.84
C LEU E 273 24.24 -1.14 20.42
N ARG E 274 23.25 -1.90 19.93
CA ARG E 274 23.47 -3.19 19.29
C ARG E 274 24.07 -4.22 20.25
N GLU E 275 23.70 -4.14 21.52
CA GLU E 275 24.16 -5.11 22.51
C GLU E 275 23.02 -5.92 23.12
N SER E 276 22.01 -5.27 23.67
CA SER E 276 20.88 -5.94 24.27
C SER E 276 19.74 -4.95 24.43
N ALA E 277 18.53 -5.47 24.51
CA ALA E 277 17.34 -4.68 24.77
C ALA E 277 16.71 -5.14 26.08
N THR E 278 16.31 -4.19 26.92
CA THR E 278 15.70 -4.48 28.21
C THR E 278 14.23 -4.08 28.14
N ILE E 279 13.35 -5.04 28.43
CA ILE E 279 11.91 -4.85 28.33
C ILE E 279 11.33 -4.79 29.74
N THR E 280 10.62 -3.71 30.04
CA THR E 280 10.05 -3.50 31.36
C THR E 280 8.61 -4.01 31.41
N CYS E 281 8.18 -4.40 32.61
CA CYS E 281 6.83 -4.89 32.86
C CYS E 281 6.30 -4.11 34.07
N LEU E 282 5.45 -3.12 33.81
CA LEU E 282 5.07 -2.14 34.83
C LEU E 282 3.77 -2.55 35.51
N VAL E 283 3.88 -3.52 36.42
CA VAL E 283 2.77 -3.86 37.29
C VAL E 283 2.50 -2.69 38.23
N THR E 284 1.25 -2.26 38.30
CA THR E 284 0.92 -1.11 39.14
C THR E 284 -0.51 -1.19 39.62
N GLY E 285 -0.80 -0.45 40.68
CA GLY E 285 -2.16 -0.29 41.16
C GLY E 285 -2.74 -1.44 41.96
N PHE E 286 -1.90 -2.30 42.53
CA PHE E 286 -2.38 -3.42 43.33
C PHE E 286 -2.06 -3.16 44.80
N SER E 287 -3.07 -3.34 45.66
CA SER E 287 -3.04 -2.98 47.07
C SER E 287 -2.36 -4.00 48.00
N PRO E 288 -2.64 -5.33 47.91
CA PRO E 288 -2.12 -6.26 48.93
C PRO E 288 -0.59 -6.34 49.05
N ALA E 289 0.14 -5.62 48.21
CA ALA E 289 1.59 -5.48 48.30
C ALA E 289 2.33 -6.79 48.10
N ASP E 290 1.71 -7.76 47.43
CA ASP E 290 2.40 -8.98 47.05
C ASP E 290 2.08 -9.31 45.60
N VAL E 291 3.07 -9.91 44.92
CA VAL E 291 2.95 -10.19 43.50
C VAL E 291 4.05 -11.17 43.13
N PHE E 292 3.81 -11.96 42.09
CA PHE E 292 4.81 -12.86 41.53
C PHE E 292 4.83 -12.65 40.01
N VAL E 293 5.97 -12.22 39.49
CA VAL E 293 6.10 -11.86 38.09
C VAL E 293 7.01 -12.87 37.40
N GLN E 294 6.53 -13.46 36.30
CA GLN E 294 7.29 -14.41 35.52
C GLN E 294 7.16 -14.05 34.05
N TRP E 295 8.18 -14.39 33.27
CA TRP E 295 8.22 -14.07 31.85
C TRP E 295 8.08 -15.34 31.03
N MET E 296 7.23 -15.29 30.01
CA MET E 296 6.92 -16.44 29.18
C MET E 296 7.29 -16.12 27.74
N GLN E 297 8.08 -17.00 27.12
CA GLN E 297 8.47 -16.86 25.72
C GLN E 297 7.93 -18.05 24.94
N ARG E 298 7.05 -17.77 23.97
CA ARG E 298 6.45 -18.75 23.07
C ARG E 298 5.67 -19.85 23.78
N GLY E 299 5.40 -19.69 25.08
CA GLY E 299 4.70 -20.72 25.82
C GLY E 299 5.57 -21.73 26.54
N GLN E 300 6.88 -21.51 26.63
CA GLN E 300 7.72 -22.33 27.49
C GLN E 300 8.35 -21.45 28.55
N PRO E 301 8.57 -21.99 29.76
CA PRO E 301 9.13 -21.19 30.85
C PRO E 301 10.51 -20.66 30.52
N LEU E 302 10.77 -19.44 30.98
CA LEU E 302 12.03 -18.74 30.74
C LEU E 302 12.91 -18.84 31.97
N SER E 303 14.22 -18.80 31.73
CA SER E 303 15.19 -18.98 32.81
C SER E 303 15.07 -17.86 33.82
N PRO E 304 15.14 -18.16 35.13
CA PRO E 304 15.06 -17.09 36.13
C PRO E 304 16.27 -16.17 36.14
N GLU E 305 17.38 -16.56 35.51
CA GLU E 305 18.56 -15.72 35.52
C GLU E 305 18.42 -14.52 34.59
N LYS E 306 17.45 -14.55 33.69
CA LYS E 306 17.31 -13.52 32.67
C LYS E 306 16.37 -12.39 33.05
N TYR E 307 15.97 -12.29 34.32
CA TYR E 307 15.15 -11.17 34.76
C TYR E 307 15.32 -10.97 36.26
N VAL E 308 14.94 -9.78 36.72
CA VAL E 308 14.88 -9.46 38.13
C VAL E 308 13.54 -8.81 38.41
N THR E 309 13.25 -8.59 39.69
CA THR E 309 11.99 -8.01 40.12
C THR E 309 12.21 -7.20 41.38
N SER E 310 11.69 -5.97 41.38
CA SER E 310 11.77 -5.12 42.55
C SER E 310 10.67 -5.48 43.56
N ALA E 311 10.88 -5.08 44.80
CA ALA E 311 9.85 -5.27 45.79
C ALA E 311 8.79 -4.18 45.66
N PRO E 312 7.54 -4.47 46.05
CA PRO E 312 6.50 -3.45 45.98
C PRO E 312 6.84 -2.22 46.81
N MET E 313 6.58 -1.05 46.23
CA MET E 313 6.84 0.23 46.87
C MET E 313 5.60 1.10 46.74
N PRO E 314 5.33 1.96 47.73
CA PRO E 314 4.10 2.75 47.72
C PRO E 314 4.03 3.67 46.52
N GLU E 315 2.82 3.79 45.96
CA GLU E 315 2.62 4.69 44.84
C GLU E 315 2.67 6.14 45.32
N PRO E 316 3.36 7.03 44.60
CA PRO E 316 3.48 8.42 45.06
C PRO E 316 2.14 9.14 45.19
N GLN E 317 1.18 8.85 44.32
CA GLN E 317 -0.10 9.55 44.34
C GLN E 317 -1.26 8.64 44.74
N ALA E 318 -0.97 7.46 45.30
CA ALA E 318 -2.00 6.57 45.82
C ALA E 318 -1.61 6.18 47.24
N PRO E 319 -2.52 6.32 48.21
CA PRO E 319 -2.13 6.05 49.61
C PRO E 319 -1.92 4.57 49.91
N GLY E 320 -2.68 3.69 49.26
CA GLY E 320 -2.62 2.29 49.62
C GLY E 320 -2.09 1.36 48.54
N ARG E 321 -2.01 1.84 47.31
CA ARG E 321 -1.61 0.98 46.21
C ARG E 321 -0.08 0.84 46.16
N TYR E 322 0.37 -0.05 45.28
CA TYR E 322 1.80 -0.33 45.11
C TYR E 322 2.07 -0.57 43.63
N PHE E 323 3.37 -0.63 43.30
CA PHE E 323 3.81 -0.94 41.95
C PHE E 323 5.05 -1.81 42.05
N ALA E 324 5.61 -2.17 40.90
CA ALA E 324 6.81 -3.01 40.86
C ALA E 324 7.47 -2.83 39.49
N HIS E 325 8.48 -3.64 39.22
CA HIS E 325 9.23 -3.57 37.97
C HIS E 325 9.79 -4.94 37.66
N SER E 326 10.16 -5.12 36.39
CA SER E 326 10.87 -6.32 35.95
C SER E 326 11.47 -6.07 34.57
N ILE E 327 12.77 -6.30 34.42
CA ILE E 327 13.45 -6.10 33.14
C ILE E 327 13.85 -7.46 32.59
N LEU E 328 13.62 -7.65 31.29
CA LEU E 328 13.97 -8.90 30.61
C LEU E 328 15.02 -8.56 29.55
N THR E 329 16.28 -8.85 29.84
CA THR E 329 17.36 -8.51 28.93
C THR E 329 17.38 -9.47 27.73
N VAL E 330 16.68 -9.10 26.67
CA VAL E 330 16.64 -9.89 25.45
C VAL E 330 17.76 -9.43 24.53
N SER E 331 18.37 -10.38 23.83
CA SER E 331 19.42 -10.03 22.87
C SER E 331 18.82 -9.24 21.72
N GLU E 332 19.59 -8.28 21.21
CA GLU E 332 19.10 -7.40 20.15
C GLU E 332 18.80 -8.17 18.88
N GLU E 333 19.65 -9.15 18.55
CA GLU E 333 19.41 -9.97 17.36
C GLU E 333 18.13 -10.77 17.49
N GLU E 334 17.86 -11.32 18.68
CA GLU E 334 16.63 -12.08 18.88
C GLU E 334 15.40 -11.19 18.81
N TRP E 335 15.55 -9.89 19.13
CA TRP E 335 14.43 -8.98 19.03
C TRP E 335 14.14 -8.59 17.58
N ASN E 336 15.18 -8.49 16.75
CA ASN E 336 15.00 -8.11 15.36
C ASN E 336 14.19 -9.15 14.59
N THR E 337 14.53 -10.42 14.78
CA THR E 337 13.73 -11.52 14.24
C THR E 337 12.60 -11.77 15.21
N GLY E 338 11.42 -11.22 14.91
CA GLY E 338 10.31 -11.12 15.84
C GLY E 338 9.95 -12.37 16.62
N GLU E 339 10.19 -12.32 17.92
CA GLU E 339 9.81 -13.38 18.85
C GLU E 339 9.02 -12.75 19.98
N THR E 340 7.83 -13.29 20.25
CA THR E 340 6.92 -12.69 21.21
C THR E 340 7.36 -13.03 22.63
N TYR E 341 7.41 -12.01 23.48
CA TYR E 341 7.62 -12.16 24.91
C TYR E 341 6.39 -11.65 25.64
N THR E 342 6.06 -12.27 26.78
CA THR E 342 4.86 -11.88 27.50
C THR E 342 5.07 -12.01 29.01
N CYS E 343 4.31 -11.21 29.75
CA CYS E 343 4.31 -11.24 31.21
C CYS E 343 3.13 -12.06 31.72
N VAL E 344 3.32 -12.67 32.89
CA VAL E 344 2.23 -13.23 33.67
C VAL E 344 2.33 -12.67 35.09
N VAL E 345 1.23 -12.15 35.60
CA VAL E 345 1.17 -11.53 36.92
C VAL E 345 0.32 -12.41 37.82
N ALA E 346 0.86 -12.74 39.00
CA ALA E 346 0.15 -13.54 39.98
C ALA E 346 -0.36 -12.63 41.09
N HIS E 347 -1.69 -12.56 41.24
CA HIS E 347 -2.27 -11.67 42.23
C HIS E 347 -3.70 -12.14 42.52
N GLU E 348 -4.10 -11.98 43.78
CA GLU E 348 -5.38 -12.49 44.25
C GLU E 348 -6.57 -11.70 43.73
N ALA E 349 -6.41 -10.38 43.60
CA ALA E 349 -7.56 -9.52 43.29
C ALA E 349 -8.02 -9.63 41.86
N LEU E 350 -7.27 -10.31 41.00
CA LEU E 350 -7.71 -10.54 39.63
C LEU E 350 -8.95 -11.43 39.64
N PRO E 351 -9.85 -11.28 38.65
CA PRO E 351 -11.01 -12.20 38.58
C PRO E 351 -10.59 -13.66 38.46
N ASN E 352 -9.55 -13.94 37.71
CA ASN E 352 -8.89 -15.23 37.69
C ASN E 352 -7.62 -15.12 38.52
N ARG E 353 -6.77 -16.15 38.47
CA ARG E 353 -5.50 -16.05 39.20
C ARG E 353 -4.52 -15.11 38.51
N VAL E 354 -4.38 -15.21 37.19
CA VAL E 354 -3.32 -14.50 36.48
C VAL E 354 -3.89 -13.72 35.30
N THR E 355 -3.11 -12.72 34.86
CA THR E 355 -3.41 -11.89 33.70
C THR E 355 -2.15 -11.80 32.84
N GLU E 356 -2.34 -11.78 31.52
CA GLU E 356 -1.24 -11.89 30.57
C GLU E 356 -1.29 -10.75 29.56
N ARG E 357 -0.11 -10.19 29.24
CA ARG E 357 0.03 -9.15 28.24
C ARG E 357 1.28 -9.41 27.42
N THR E 358 1.27 -8.98 26.15
CA THR E 358 2.41 -9.19 25.28
C THR E 358 2.53 -8.05 24.27
N VAL E 359 3.78 -7.72 23.93
CA VAL E 359 4.10 -6.67 22.96
C VAL E 359 5.29 -7.12 22.12
N ASP E 360 5.19 -6.92 20.81
CA ASP E 360 6.30 -7.15 19.89
C ASP E 360 6.42 -5.91 18.99
N LYS E 361 7.25 -6.02 17.95
CA LYS E 361 7.47 -4.87 17.06
C LYS E 361 6.19 -4.48 16.33
N SER E 362 5.30 -5.46 16.07
CA SER E 362 4.03 -5.14 15.42
C SER E 362 3.22 -4.17 16.25
N THR E 363 3.25 -4.31 17.57
CA THR E 363 2.58 -3.35 18.44
C THR E 363 3.37 -2.05 18.48
N GLY E 364 2.64 -0.93 18.39
CA GLY E 364 3.23 0.39 18.47
C GLY E 364 3.41 1.10 17.16
N LYS E 365 3.43 0.37 16.04
CA LYS E 365 3.55 1.01 14.74
C LYS E 365 2.20 1.60 14.33
N PRO E 366 2.12 2.91 14.08
CA PRO E 366 0.85 3.52 13.70
C PRO E 366 0.66 3.57 12.19
N THR E 367 -0.54 3.97 11.79
CA THR E 367 -0.85 4.11 10.37
C THR E 367 -0.05 5.26 9.77
N LEU E 368 0.52 5.01 8.59
CA LEU E 368 1.31 5.99 7.87
C LEU E 368 0.73 6.35 6.51
N TYR E 369 0.39 5.33 5.71
CA TYR E 369 0.15 5.51 4.28
C TYR E 369 -1.35 5.57 4.03
N ASN E 370 -1.92 6.78 4.16
CA ASN E 370 -3.33 7.02 3.85
C ASN E 370 -3.53 7.17 2.33
N VAL E 371 -3.22 6.11 1.60
CA VAL E 371 -3.41 6.12 0.15
C VAL E 371 -4.90 6.12 -0.16
N SER E 372 -5.39 7.20 -0.76
CA SER E 372 -6.82 7.35 -1.05
C SER E 372 -7.03 7.39 -2.56
N LEU E 373 -7.96 6.58 -3.04
CA LEU E 373 -8.34 6.56 -4.45
C LEU E 373 -9.76 7.07 -4.57
N VAL E 374 -9.97 8.03 -5.48
CA VAL E 374 -11.27 8.68 -5.64
C VAL E 374 -11.74 8.47 -7.08
N MET E 375 -12.99 8.06 -7.22
CA MET E 375 -13.59 7.86 -8.53
C MET E 375 -13.91 9.20 -9.20
N ILE F 152 -31.43 -50.47 44.57
CA ILE F 152 -30.71 -49.35 45.17
C ILE F 152 -29.28 -49.32 44.63
N ARG F 153 -28.96 -48.29 43.86
CA ARG F 153 -27.65 -48.15 43.23
C ARG F 153 -26.90 -46.97 43.82
N VAL F 154 -25.60 -47.18 44.07
CA VAL F 154 -24.74 -46.11 44.55
C VAL F 154 -24.58 -45.04 43.46
N PHE F 155 -24.37 -43.80 43.88
CA PHE F 155 -24.37 -42.67 42.97
C PHE F 155 -23.33 -41.67 43.44
N ALA F 156 -22.25 -41.52 42.67
CA ALA F 156 -21.16 -40.62 43.02
C ALA F 156 -20.76 -39.81 41.79
N ILE F 157 -20.32 -38.58 42.04
CA ILE F 157 -19.87 -37.67 40.98
C ILE F 157 -18.41 -37.34 41.24
N PRO F 158 -17.50 -37.93 40.47
CA PRO F 158 -16.09 -37.48 40.50
C PRO F 158 -15.99 -36.07 39.95
N PRO F 159 -15.45 -35.14 40.74
CA PRO F 159 -15.41 -33.73 40.29
C PRO F 159 -14.54 -33.56 39.05
N SER F 160 -14.94 -32.61 38.21
CA SER F 160 -14.20 -32.24 37.01
C SER F 160 -13.53 -30.89 37.21
N PHE F 161 -12.71 -30.50 36.23
CA PHE F 161 -12.05 -29.21 36.31
C PHE F 161 -13.05 -28.08 36.19
N ALA F 162 -14.10 -28.25 35.39
CA ALA F 162 -15.14 -27.23 35.29
C ALA F 162 -15.85 -27.05 36.63
N SER F 163 -16.02 -28.14 37.37
CA SER F 163 -16.68 -28.05 38.67
C SER F 163 -15.80 -27.38 39.72
N ILE F 164 -14.52 -27.77 39.77
CA ILE F 164 -13.67 -27.33 40.88
C ILE F 164 -13.13 -25.93 40.66
N PHE F 165 -12.94 -25.51 39.41
CA PHE F 165 -12.29 -24.23 39.15
C PHE F 165 -13.20 -23.07 39.51
N LEU F 166 -14.46 -23.12 39.07
CA LEU F 166 -15.39 -22.02 39.38
C LEU F 166 -15.79 -22.04 40.84
N THR F 167 -16.02 -23.23 41.41
CA THR F 167 -16.43 -23.32 42.81
C THR F 167 -15.27 -23.02 43.75
N LYS F 168 -14.03 -23.24 43.30
CA LYS F 168 -12.81 -23.05 44.09
C LYS F 168 -12.81 -23.92 45.36
N SER F 169 -13.55 -25.03 45.34
CA SER F 169 -13.61 -25.94 46.48
C SER F 169 -14.09 -27.29 45.98
N THR F 170 -13.26 -28.32 46.14
CA THR F 170 -13.63 -29.65 45.71
C THR F 170 -14.79 -30.18 46.54
N LYS F 171 -15.82 -30.70 45.85
CA LYS F 171 -17.05 -31.15 46.50
C LYS F 171 -17.37 -32.56 46.03
N LEU F 172 -16.91 -33.55 46.78
CA LEU F 172 -17.32 -34.93 46.53
C LEU F 172 -18.77 -35.14 46.96
N THR F 173 -19.43 -36.08 46.29
CA THR F 173 -20.87 -36.30 46.46
C THR F 173 -21.10 -37.62 47.19
N CYS F 174 -21.83 -37.55 48.30
CA CYS F 174 -22.27 -38.74 49.02
C CYS F 174 -23.75 -38.97 48.73
N LEU F 175 -24.02 -39.61 47.60
CA LEU F 175 -25.36 -39.78 47.08
C LEU F 175 -25.67 -41.25 46.83
N VAL F 176 -26.92 -41.51 46.45
CA VAL F 176 -27.40 -42.85 46.14
C VAL F 176 -28.61 -42.73 45.22
N THR F 177 -28.75 -43.68 44.30
CA THR F 177 -29.78 -43.61 43.28
C THR F 177 -31.01 -44.40 43.68
N ASP F 178 -32.18 -43.75 43.56
CA ASP F 178 -33.48 -44.41 43.58
C ASP F 178 -33.75 -45.12 44.91
N LEU F 179 -33.55 -44.41 46.01
CA LEU F 179 -33.93 -44.89 47.33
C LEU F 179 -35.36 -44.46 47.61
N THR F 180 -36.18 -45.39 48.07
CA THR F 180 -37.61 -45.15 48.24
C THR F 180 -37.86 -44.39 49.55
N THR F 181 -39.13 -44.34 49.96
CA THR F 181 -39.48 -43.71 51.23
C THR F 181 -38.81 -44.42 52.39
N TYR F 182 -37.85 -43.76 53.01
CA TYR F 182 -37.01 -44.39 54.02
C TYR F 182 -36.47 -43.32 54.96
N ASP F 183 -36.51 -43.61 56.25
CA ASP F 183 -35.99 -42.70 57.27
C ASP F 183 -34.65 -43.21 57.78
N SER F 184 -33.98 -42.36 58.56
CA SER F 184 -32.65 -42.63 59.10
C SER F 184 -31.65 -42.98 58.00
N VAL F 185 -31.71 -42.23 56.90
CA VAL F 185 -30.77 -42.45 55.80
C VAL F 185 -29.36 -42.03 56.22
N THR F 186 -28.38 -42.57 55.50
CA THR F 186 -26.96 -42.32 55.80
C THR F 186 -26.33 -41.64 54.58
N ILE F 187 -26.27 -40.32 54.62
CA ILE F 187 -25.61 -39.55 53.58
C ILE F 187 -24.36 -38.88 54.15
N SER F 188 -23.22 -39.55 54.00
CA SER F 188 -21.95 -39.05 54.53
C SER F 188 -20.82 -39.64 53.70
N TRP F 189 -19.65 -39.03 53.79
CA TRP F 189 -18.50 -39.44 53.01
C TRP F 189 -17.33 -39.76 53.95
N THR F 190 -16.45 -40.65 53.48
CA THR F 190 -15.37 -41.17 54.32
C THR F 190 -14.11 -41.28 53.46
N ARG F 191 -12.96 -41.09 54.10
CA ARG F 191 -11.68 -41.29 53.44
C ARG F 191 -11.36 -42.78 53.37
N GLN F 192 -10.19 -43.10 52.80
CA GLN F 192 -9.75 -44.49 52.75
C GLN F 192 -9.43 -45.01 54.15
N ASN F 193 -8.66 -44.23 54.93
CA ASN F 193 -8.37 -44.61 56.30
C ASN F 193 -9.56 -44.39 57.23
N GLY F 194 -10.39 -43.40 56.94
CA GLY F 194 -11.60 -43.16 57.72
C GLY F 194 -11.47 -42.15 58.84
N GLU F 195 -10.37 -41.40 58.89
CA GLU F 195 -10.20 -40.44 59.98
C GLU F 195 -11.18 -39.28 59.88
N ALA F 196 -11.38 -38.75 58.68
CA ALA F 196 -12.20 -37.56 58.47
C ALA F 196 -13.59 -37.96 57.97
N VAL F 197 -14.62 -37.60 58.73
CA VAL F 197 -16.00 -37.81 58.35
C VAL F 197 -16.67 -36.44 58.23
N LYS F 198 -17.35 -36.21 57.11
CA LYS F 198 -17.90 -34.90 56.78
C LYS F 198 -19.41 -34.97 56.77
N THR F 199 -20.04 -33.91 57.30
CA THR F 199 -21.48 -33.88 57.46
C THR F 199 -22.17 -33.66 56.11
N HIS F 200 -23.50 -33.67 56.15
CA HIS F 200 -24.34 -33.49 54.98
C HIS F 200 -25.05 -32.15 55.03
N THR F 201 -25.04 -31.43 53.91
CA THR F 201 -25.70 -30.14 53.81
C THR F 201 -26.48 -30.08 52.49
N ASN F 202 -27.49 -29.21 52.46
CA ASN F 202 -28.31 -28.95 51.28
C ASN F 202 -29.00 -30.23 50.81
N ILE F 203 -29.88 -30.75 51.66
CA ILE F 203 -30.65 -31.95 51.32
C ILE F 203 -31.68 -31.60 50.27
N SER F 204 -31.72 -32.38 49.19
CA SER F 204 -32.64 -32.13 48.09
C SER F 204 -33.99 -32.77 48.37
N GLU F 205 -34.92 -32.60 47.43
CA GLU F 205 -36.26 -33.14 47.52
C GLU F 205 -36.34 -34.45 46.77
N SER F 206 -37.56 -34.96 46.59
CA SER F 206 -37.77 -36.24 45.96
C SER F 206 -37.56 -36.16 44.45
N HIS F 207 -37.26 -37.30 43.85
CA HIS F 207 -37.11 -37.42 42.41
C HIS F 207 -38.47 -37.30 41.73
N PRO F 208 -38.49 -37.03 40.41
CA PRO F 208 -39.78 -36.89 39.71
C PRO F 208 -40.68 -38.12 39.79
N ASN F 209 -40.11 -39.32 39.94
CA ASN F 209 -40.92 -40.53 40.11
C ASN F 209 -41.30 -40.77 41.57
N ALA F 210 -41.31 -39.72 42.39
CA ALA F 210 -41.77 -39.66 43.78
C ALA F 210 -40.81 -40.35 44.76
N THR F 211 -39.71 -40.93 44.29
CA THR F 211 -38.74 -41.50 45.20
C THR F 211 -37.82 -40.41 45.74
N PHE F 212 -37.36 -40.58 46.98
CA PHE F 212 -36.62 -39.54 47.65
C PHE F 212 -35.18 -39.44 47.12
N SER F 213 -34.52 -38.34 47.47
CA SER F 213 -33.13 -38.11 47.11
C SER F 213 -32.56 -37.07 48.07
N ALA F 214 -31.62 -37.48 48.91
CA ALA F 214 -31.01 -36.61 49.90
C ALA F 214 -29.56 -36.32 49.53
N VAL F 215 -29.21 -35.05 49.47
CA VAL F 215 -27.91 -34.60 48.97
C VAL F 215 -27.08 -34.10 50.16
N GLY F 216 -25.84 -34.57 50.24
CA GLY F 216 -24.91 -34.08 51.24
C GLY F 216 -23.61 -33.60 50.63
N GLU F 217 -23.18 -32.40 51.01
CA GLU F 217 -21.98 -31.79 50.45
C GLU F 217 -20.80 -31.96 51.41
N ALA F 218 -19.63 -32.25 50.83
CA ALA F 218 -18.41 -32.41 51.61
C ALA F 218 -17.31 -31.53 51.02
N SER F 219 -16.62 -30.79 51.89
CA SER F 219 -15.49 -29.96 51.49
C SER F 219 -14.21 -30.75 51.70
N ILE F 220 -13.46 -30.96 50.61
CA ILE F 220 -12.34 -31.88 50.59
C ILE F 220 -11.08 -31.12 50.25
N CYS F 221 -9.97 -31.46 50.91
CA CYS F 221 -8.68 -30.88 50.59
C CYS F 221 -8.29 -31.22 49.16
N GLU F 222 -7.77 -30.23 48.44
CA GLU F 222 -7.54 -30.37 47.01
C GLU F 222 -6.40 -31.34 46.71
N ASP F 223 -5.31 -31.28 47.48
CA ASP F 223 -4.18 -32.16 47.20
C ASP F 223 -4.51 -33.61 47.52
N ASP F 224 -5.36 -33.86 48.52
CA ASP F 224 -5.81 -35.22 48.79
C ASP F 224 -6.62 -35.76 47.62
N TRP F 225 -7.47 -34.93 47.03
CA TRP F 225 -8.20 -35.35 45.84
C TRP F 225 -7.27 -35.60 44.67
N ASN F 226 -6.26 -34.73 44.48
CA ASN F 226 -5.32 -34.90 43.39
C ASN F 226 -4.38 -36.07 43.60
N SER F 227 -4.27 -36.58 44.83
CA SER F 227 -3.37 -37.69 45.10
C SER F 227 -3.80 -38.95 44.36
N GLY F 228 -5.11 -39.17 44.24
CA GLY F 228 -5.62 -40.37 43.62
C GLY F 228 -5.98 -41.51 44.55
N GLU F 229 -6.06 -41.24 45.86
CA GLU F 229 -6.41 -42.26 46.82
C GLU F 229 -7.85 -42.74 46.62
N ARG F 230 -8.03 -44.05 46.58
CA ARG F 230 -9.37 -44.61 46.44
C ARG F 230 -10.18 -44.34 47.69
N PHE F 231 -11.47 -44.07 47.50
CA PHE F 231 -12.33 -43.58 48.58
C PHE F 231 -13.62 -44.37 48.62
N THR F 232 -14.27 -44.35 49.79
CA THR F 232 -15.52 -45.05 50.03
C THR F 232 -16.55 -44.08 50.58
N CYS F 233 -17.81 -44.28 50.22
CA CYS F 233 -18.90 -43.46 50.72
C CYS F 233 -19.64 -44.18 51.84
N THR F 234 -20.13 -43.41 52.81
CA THR F 234 -20.81 -43.95 53.98
C THR F 234 -22.31 -44.03 53.69
N VAL F 235 -22.77 -45.21 53.25
CA VAL F 235 -24.17 -45.46 52.99
C VAL F 235 -24.58 -46.72 53.73
N THR F 236 -25.48 -46.58 54.70
CA THR F 236 -26.00 -47.70 55.47
C THR F 236 -27.52 -47.66 55.46
N HIS F 237 -28.14 -48.78 55.09
CA HIS F 237 -29.58 -48.92 55.08
C HIS F 237 -29.98 -50.11 55.94
N THR F 238 -30.91 -49.87 56.88
CA THR F 238 -31.38 -50.95 57.74
C THR F 238 -32.15 -52.00 56.96
N ASP F 239 -33.00 -51.57 56.03
CA ASP F 239 -33.78 -52.52 55.24
C ASP F 239 -32.88 -53.34 54.33
N LEU F 240 -31.87 -52.71 53.73
CA LEU F 240 -30.93 -53.46 52.91
C LEU F 240 -30.07 -54.37 53.78
N PRO F 241 -29.76 -55.58 53.32
CA PRO F 241 -28.98 -56.51 54.15
C PRO F 241 -27.59 -56.01 54.51
N SER F 242 -26.95 -55.26 53.63
CA SER F 242 -25.58 -54.80 53.86
C SER F 242 -25.47 -53.32 53.53
N PRO F 243 -24.59 -52.59 54.23
CA PRO F 243 -24.33 -51.20 53.86
C PRO F 243 -23.69 -51.11 52.48
N LEU F 244 -24.00 -50.02 51.77
CA LEU F 244 -23.53 -49.83 50.40
C LEU F 244 -22.19 -49.11 50.41
N LYS F 245 -21.16 -49.78 49.93
CA LYS F 245 -19.83 -49.21 49.79
C LYS F 245 -19.53 -49.03 48.30
N GLN F 246 -19.11 -47.83 47.91
CA GLN F 246 -18.80 -47.54 46.52
C GLN F 246 -17.40 -46.95 46.42
N THR F 247 -16.79 -47.12 45.25
CA THR F 247 -15.43 -46.66 45.00
C THR F 247 -15.45 -45.35 44.22
N ILE F 248 -14.61 -44.41 44.64
CA ILE F 248 -14.41 -43.14 43.95
C ILE F 248 -12.91 -42.92 43.79
N SER F 249 -12.46 -42.84 42.54
CA SER F 249 -11.04 -42.62 42.25
C SER F 249 -10.92 -42.07 40.84
N ARG F 250 -9.75 -41.50 40.56
CA ARG F 250 -9.49 -40.89 39.26
C ARG F 250 -8.45 -41.70 38.51
N PRO F 251 -8.67 -41.94 37.21
CA PRO F 251 -7.67 -42.69 36.43
C PRO F 251 -6.38 -41.92 36.27
N LYS F 252 -5.27 -42.65 36.39
CA LYS F 252 -3.93 -42.11 36.21
C LYS F 252 -3.35 -42.64 34.91
N GLY F 253 -2.11 -42.23 34.63
CA GLY F 253 -1.42 -42.68 33.43
C GLY F 253 -1.93 -42.08 32.14
N VAL F 254 -2.62 -40.95 32.21
CA VAL F 254 -3.15 -40.27 31.02
C VAL F 254 -2.22 -39.10 30.68
N ALA F 255 -1.87 -39.00 29.40
CA ALA F 255 -0.97 -37.94 28.97
C ALA F 255 -1.66 -36.59 28.99
N LEU F 256 -0.87 -35.54 29.22
CA LEU F 256 -1.37 -34.17 29.26
C LEU F 256 -0.90 -33.43 28.02
N HIS F 257 -1.78 -32.59 27.47
CA HIS F 257 -1.51 -31.88 26.23
C HIS F 257 -1.98 -30.44 26.34
N ARG F 258 -1.17 -29.52 25.81
CA ARG F 258 -1.48 -28.10 25.87
C ARG F 258 -2.51 -27.74 24.80
N PRO F 259 -3.64 -27.15 25.17
CA PRO F 259 -4.55 -26.63 24.14
C PRO F 259 -3.95 -25.42 23.44
N ASP F 260 -4.38 -25.22 22.20
CA ASP F 260 -3.96 -24.08 21.39
C ASP F 260 -5.22 -23.33 20.99
N VAL F 261 -5.66 -22.42 21.86
CA VAL F 261 -6.92 -21.72 21.63
C VAL F 261 -6.76 -20.70 20.52
N TYR F 262 -7.74 -20.67 19.62
CA TYR F 262 -7.82 -19.68 18.54
C TYR F 262 -9.18 -19.00 18.60
N LEU F 263 -9.24 -17.76 18.13
CA LEU F 263 -10.47 -16.97 18.18
C LEU F 263 -10.79 -16.51 16.76
N LEU F 264 -11.71 -17.20 16.10
CA LEU F 264 -12.12 -16.84 14.75
C LEU F 264 -13.07 -15.64 14.78
N PRO F 265 -12.99 -14.78 13.77
CA PRO F 265 -13.89 -13.62 13.72
C PRO F 265 -15.17 -13.96 12.98
N PRO F 266 -16.25 -13.21 13.22
CA PRO F 266 -17.53 -13.53 12.57
C PRO F 266 -17.47 -13.31 11.06
N ALA F 267 -18.32 -14.06 10.36
CA ALA F 267 -18.35 -13.99 8.90
C ALA F 267 -18.94 -12.67 8.43
N ARG F 268 -18.42 -12.18 7.30
CA ARG F 268 -18.93 -10.95 6.72
C ARG F 268 -20.35 -11.13 6.20
N GLU F 269 -20.68 -12.33 5.71
CA GLU F 269 -22.02 -12.56 5.17
C GLU F 269 -23.09 -12.40 6.23
N GLN F 270 -22.84 -12.89 7.44
CA GLN F 270 -23.81 -12.73 8.53
C GLN F 270 -23.91 -11.27 8.95
N LEU F 271 -22.80 -10.53 8.91
CA LEU F 271 -22.82 -9.13 9.29
C LEU F 271 -23.62 -8.28 8.31
N ASN F 272 -23.73 -8.72 7.06
CA ASN F 272 -24.46 -7.95 6.06
C ASN F 272 -25.95 -7.93 6.35
N LEU F 273 -26.48 -9.00 6.94
CA LEU F 273 -27.91 -9.06 7.23
C LEU F 273 -28.28 -8.19 8.44
N ARG F 274 -27.30 -7.86 9.29
CA ARG F 274 -27.39 -6.77 10.27
C ARG F 274 -28.41 -7.05 11.37
N GLU F 275 -28.30 -8.22 12.02
CA GLU F 275 -28.94 -8.43 13.31
C GLU F 275 -27.95 -8.75 14.41
N SER F 276 -27.09 -9.75 14.22
CA SER F 276 -26.16 -10.18 15.24
C SER F 276 -25.00 -10.92 14.60
N ALA F 277 -23.93 -11.09 15.37
CA ALA F 277 -22.73 -11.78 14.92
C ALA F 277 -22.34 -12.83 15.95
N THR F 278 -21.69 -13.89 15.49
CA THR F 278 -21.26 -15.00 16.33
C THR F 278 -19.75 -15.14 16.25
N ILE F 279 -19.11 -15.29 17.40
CA ILE F 279 -17.67 -15.47 17.51
C ILE F 279 -17.40 -16.86 18.05
N THR F 280 -16.61 -17.65 17.33
CA THR F 280 -16.43 -19.07 17.61
C THR F 280 -15.01 -19.33 18.14
N CYS F 281 -14.87 -19.27 19.45
CA CYS F 281 -13.61 -19.62 20.10
C CYS F 281 -13.36 -21.11 19.94
N LEU F 282 -12.15 -21.47 19.51
CA LEU F 282 -11.86 -22.83 19.06
C LEU F 282 -10.68 -23.38 19.87
N VAL F 283 -10.97 -24.25 20.83
CA VAL F 283 -9.95 -25.02 21.53
C VAL F 283 -9.74 -26.32 20.77
N THR F 284 -8.50 -26.64 20.43
CA THR F 284 -8.24 -27.61 19.38
C THR F 284 -7.49 -28.87 19.81
N GLY F 285 -6.62 -28.82 20.81
CA GLY F 285 -5.74 -29.95 21.04
C GLY F 285 -5.50 -30.38 22.48
N PHE F 286 -6.49 -30.21 23.34
CA PHE F 286 -6.26 -30.38 24.76
C PHE F 286 -6.34 -31.84 25.18
N SER F 287 -5.78 -32.11 26.36
CA SER F 287 -5.81 -33.45 26.95
C SER F 287 -7.25 -33.84 27.25
N PRO F 288 -7.58 -35.15 27.15
CA PRO F 288 -8.99 -35.60 27.28
C PRO F 288 -9.74 -35.12 28.51
N ALA F 289 -9.02 -34.64 29.53
CA ALA F 289 -9.67 -34.00 30.67
C ALA F 289 -10.49 -32.80 30.21
N ASP F 290 -11.68 -32.65 30.78
CA ASP F 290 -12.61 -31.62 30.32
C ASP F 290 -12.08 -30.22 30.64
N VAL F 291 -12.38 -29.28 29.75
CA VAL F 291 -11.96 -27.89 29.90
C VAL F 291 -13.15 -27.05 30.35
N PHE F 292 -12.85 -25.82 30.77
CA PHE F 292 -13.86 -24.86 31.20
C PHE F 292 -13.66 -23.58 30.38
N VAL F 293 -14.54 -23.34 29.42
CA VAL F 293 -14.43 -22.21 28.51
C VAL F 293 -15.38 -21.11 28.98
N GLN F 294 -14.83 -19.92 29.18
CA GLN F 294 -15.58 -18.77 29.68
C GLN F 294 -15.11 -17.53 28.93
N TRP F 295 -15.99 -16.55 28.76
CA TRP F 295 -15.57 -15.24 28.28
C TRP F 295 -15.97 -14.13 29.23
N MET F 296 -15.12 -13.11 29.30
CA MET F 296 -15.40 -11.83 29.91
C MET F 296 -15.01 -10.73 28.92
N GLN F 297 -15.71 -9.60 29.00
CA GLN F 297 -15.44 -8.48 28.11
C GLN F 297 -14.99 -7.28 28.93
N ARG F 298 -13.90 -6.64 28.46
CA ARG F 298 -13.14 -5.59 29.14
C ARG F 298 -12.98 -5.84 30.64
N GLY F 299 -12.71 -7.10 31.03
CA GLY F 299 -12.36 -7.42 32.39
C GLY F 299 -13.49 -7.85 33.30
N GLN F 300 -14.76 -7.70 32.87
CA GLN F 300 -15.82 -8.15 33.77
C GLN F 300 -16.56 -9.35 33.20
N PRO F 301 -16.89 -10.33 34.03
CA PRO F 301 -17.51 -11.57 33.53
C PRO F 301 -18.86 -11.34 32.88
N LEU F 302 -19.15 -12.16 31.88
CA LEU F 302 -20.42 -12.15 31.17
C LEU F 302 -21.44 -13.03 31.87
N SER F 303 -22.70 -12.86 31.49
CA SER F 303 -23.74 -13.77 31.94
C SER F 303 -23.53 -15.15 31.33
N PRO F 304 -23.78 -16.22 32.07
CA PRO F 304 -23.60 -17.56 31.51
C PRO F 304 -24.57 -17.90 30.38
N GLU F 305 -25.63 -17.13 30.22
CA GLU F 305 -26.65 -17.47 29.23
C GLU F 305 -26.14 -17.30 27.81
N LYS F 306 -25.25 -16.32 27.58
CA LYS F 306 -24.82 -16.02 26.22
C LYS F 306 -23.91 -17.12 25.67
N TYR F 307 -22.76 -17.33 26.30
CA TYR F 307 -21.81 -18.32 25.79
C TYR F 307 -22.35 -19.73 26.00
N VAL F 308 -22.19 -20.56 24.97
CA VAL F 308 -22.58 -21.96 24.99
C VAL F 308 -21.43 -22.77 24.42
N THR F 309 -20.97 -23.77 25.18
CA THR F 309 -19.88 -24.63 24.76
C THR F 309 -20.39 -26.06 24.65
N SER F 310 -20.10 -26.70 23.52
CA SER F 310 -20.46 -28.09 23.34
C SER F 310 -19.53 -28.98 24.14
N ALA F 311 -19.99 -30.21 24.39
CA ALA F 311 -19.14 -31.19 25.06
C ALA F 311 -17.97 -31.55 24.16
N PRO F 312 -16.80 -31.83 24.74
CA PRO F 312 -15.63 -32.18 23.92
C PRO F 312 -15.89 -33.42 23.08
N MET F 313 -15.33 -33.42 21.88
CA MET F 313 -15.46 -34.51 20.93
C MET F 313 -14.08 -34.92 20.43
N PRO F 314 -13.90 -36.17 20.04
CA PRO F 314 -12.59 -36.62 19.57
C PRO F 314 -12.15 -35.88 18.31
N GLU F 315 -10.87 -35.52 18.28
CA GLU F 315 -10.34 -34.84 17.11
C GLU F 315 -10.18 -35.83 15.96
N PRO F 316 -10.53 -35.44 14.73
CA PRO F 316 -10.43 -36.38 13.61
C PRO F 316 -9.02 -36.89 13.33
N GLN F 317 -7.99 -36.08 13.59
CA GLN F 317 -6.63 -36.47 13.25
C GLN F 317 -5.93 -37.23 14.37
N ALA F 318 -6.26 -36.95 15.63
CA ALA F 318 -5.58 -37.61 16.73
C ALA F 318 -6.56 -38.37 17.59
N PRO F 319 -6.18 -39.55 18.11
CA PRO F 319 -7.12 -40.31 18.95
C PRO F 319 -7.31 -39.72 20.33
N GLY F 320 -6.23 -39.27 20.98
CA GLY F 320 -6.35 -38.78 22.34
C GLY F 320 -6.83 -37.34 22.43
N ARG F 321 -6.68 -36.58 21.35
CA ARG F 321 -7.00 -35.16 21.39
C ARG F 321 -8.51 -34.93 21.33
N TYR F 322 -8.95 -33.83 21.95
CA TYR F 322 -10.34 -33.41 21.95
C TYR F 322 -10.40 -31.96 21.50
N PHE F 323 -11.57 -31.55 21.01
CA PHE F 323 -11.79 -30.17 20.58
C PHE F 323 -13.17 -29.71 21.02
N ALA F 324 -13.30 -28.41 21.26
CA ALA F 324 -14.56 -27.81 21.69
C ALA F 324 -14.75 -26.48 20.99
N HIS F 325 -15.98 -25.97 21.06
CA HIS F 325 -16.34 -24.69 20.48
C HIS F 325 -17.04 -23.82 21.52
N SER F 326 -17.25 -22.56 21.17
CA SER F 326 -17.95 -21.62 22.04
C SER F 326 -18.53 -20.50 21.19
N ILE F 327 -19.80 -20.18 21.41
CA ILE F 327 -20.55 -19.26 20.54
C ILE F 327 -21.25 -18.23 21.40
N LEU F 328 -21.28 -16.98 20.91
CA LEU F 328 -22.04 -15.94 21.56
C LEU F 328 -22.86 -15.19 20.52
N THR F 329 -23.94 -14.55 20.98
CA THR F 329 -24.80 -13.74 20.15
C THR F 329 -24.71 -12.30 20.60
N VAL F 330 -24.09 -11.45 19.79
CA VAL F 330 -23.99 -10.03 20.05
C VAL F 330 -24.42 -9.28 18.80
N SER F 331 -25.24 -8.24 18.98
CA SER F 331 -25.71 -7.46 17.85
C SER F 331 -24.55 -6.68 17.22
N GLU F 332 -24.69 -6.40 15.92
CA GLU F 332 -23.59 -5.82 15.17
C GLU F 332 -23.21 -4.43 15.67
N GLU F 333 -24.17 -3.71 16.29
CA GLU F 333 -23.90 -2.35 16.72
C GLU F 333 -22.79 -2.30 17.77
N GLU F 334 -22.79 -3.24 18.71
CA GLU F 334 -21.64 -3.39 19.59
C GLU F 334 -20.41 -3.81 18.80
N TRP F 335 -20.58 -4.75 17.86
CA TRP F 335 -19.45 -5.20 17.05
C TRP F 335 -18.95 -4.10 16.12
N ASN F 336 -19.79 -3.12 15.77
CA ASN F 336 -19.29 -1.95 15.05
C ASN F 336 -18.34 -1.12 15.89
N THR F 337 -18.32 -1.33 17.20
CA THR F 337 -17.38 -0.70 18.11
C THR F 337 -16.39 -1.76 18.59
N GLY F 338 -15.31 -1.32 19.24
CA GLY F 338 -14.33 -2.21 19.81
C GLY F 338 -14.58 -2.45 21.28
N GLU F 339 -14.67 -3.72 21.66
CA GLU F 339 -14.90 -4.11 23.05
C GLU F 339 -13.87 -5.07 23.61
N THR F 340 -13.03 -5.69 22.78
CA THR F 340 -11.97 -6.59 23.21
C THR F 340 -12.54 -7.77 24.02
N TYR F 341 -13.32 -8.59 23.32
CA TYR F 341 -13.83 -9.82 23.91
C TYR F 341 -12.69 -10.80 24.12
N THR F 342 -12.71 -11.50 25.26
CA THR F 342 -11.63 -12.39 25.65
C THR F 342 -12.17 -13.78 25.92
N CYS F 343 -11.43 -14.81 25.49
CA CYS F 343 -11.85 -16.20 25.62
C CYS F 343 -10.81 -16.96 26.46
N VAL F 344 -11.08 -17.11 27.76
CA VAL F 344 -10.18 -17.79 28.67
C VAL F 344 -10.49 -19.29 28.63
N VAL F 345 -9.44 -20.10 28.55
CA VAL F 345 -9.57 -21.56 28.56
C VAL F 345 -8.86 -22.09 29.80
N ALA F 346 -9.55 -22.96 30.53
CA ALA F 346 -9.01 -23.58 31.74
C ALA F 346 -8.69 -25.03 31.46
N HIS F 347 -7.48 -25.45 31.78
CA HIS F 347 -7.06 -26.82 31.51
C HIS F 347 -5.94 -27.21 32.47
N GLU F 348 -5.75 -28.52 32.62
CA GLU F 348 -4.74 -29.04 33.54
C GLU F 348 -3.33 -28.83 33.00
N ALA F 349 -3.11 -29.12 31.72
CA ALA F 349 -1.77 -29.19 31.17
C ALA F 349 -1.13 -27.82 30.94
N LEU F 350 -1.89 -26.74 31.04
CA LEU F 350 -1.32 -25.41 30.84
C LEU F 350 -0.36 -25.09 31.98
N PRO F 351 0.84 -24.55 31.69
CA PRO F 351 1.79 -24.25 32.78
C PRO F 351 1.25 -23.24 33.79
N ASN F 352 0.48 -22.25 33.33
CA ASN F 352 -0.19 -21.31 34.22
C ASN F 352 -1.63 -21.71 34.51
N ARG F 353 -2.08 -22.83 33.93
CA ARG F 353 -3.41 -23.41 34.11
C ARG F 353 -4.54 -22.56 33.54
N VAL F 354 -4.22 -21.53 32.75
CA VAL F 354 -5.23 -20.74 32.03
C VAL F 354 -4.56 -19.93 30.94
N THR F 355 -5.23 -19.78 29.80
CA THR F 355 -4.74 -18.99 28.68
C THR F 355 -5.90 -18.17 28.12
N GLU F 356 -5.61 -16.93 27.71
CA GLU F 356 -6.63 -16.03 27.20
C GLU F 356 -6.20 -15.44 25.86
N ARG F 357 -7.19 -15.08 25.05
CA ARG F 357 -6.96 -14.49 23.73
C ARG F 357 -8.04 -13.44 23.48
N THR F 358 -7.89 -12.68 22.40
CA THR F 358 -8.85 -11.64 22.06
C THR F 358 -8.77 -11.29 20.58
N VAL F 359 -9.77 -10.57 20.10
CA VAL F 359 -9.82 -10.14 18.70
C VAL F 359 -10.76 -8.94 18.60
N ASP F 360 -10.44 -8.03 17.67
CA ASP F 360 -11.25 -6.86 17.36
C ASP F 360 -11.27 -6.67 15.84
N LYS F 361 -11.82 -5.53 15.39
CA LYS F 361 -11.81 -5.22 13.96
C LYS F 361 -10.39 -5.10 13.43
N SER F 362 -9.51 -4.42 14.17
CA SER F 362 -8.20 -4.03 13.65
C SER F 362 -7.23 -5.20 13.57
N THR F 363 -7.71 -6.44 13.72
CA THR F 363 -6.87 -7.61 13.51
C THR F 363 -6.58 -7.83 12.03
N GLY F 364 -7.50 -7.49 11.15
CA GLY F 364 -7.37 -7.80 9.73
C GLY F 364 -6.40 -6.93 8.97
N LYS F 365 -6.66 -5.62 8.93
CA LYS F 365 -5.82 -4.72 8.15
C LYS F 365 -4.42 -4.66 8.75
N PRO F 366 -3.37 -4.61 7.92
CA PRO F 366 -2.00 -4.58 8.45
C PRO F 366 -1.66 -3.32 9.23
N THR F 367 -2.55 -2.34 9.32
CA THR F 367 -2.41 -1.11 10.09
C THR F 367 -1.21 -0.26 9.67
N LEU F 368 -0.57 -0.59 8.55
CA LEU F 368 0.48 0.26 8.01
C LEU F 368 -0.09 1.16 6.91
N TYR F 369 -0.73 0.56 5.92
CA TYR F 369 -1.46 1.30 4.89
C TYR F 369 -2.96 1.21 5.16
N ASN F 370 -3.68 2.24 4.74
CA ASN F 370 -5.11 2.38 4.99
C ASN F 370 -5.84 2.77 3.71
N VAL F 371 -5.61 1.99 2.65
CA VAL F 371 -6.17 2.29 1.34
C VAL F 371 -7.69 2.32 1.41
N SER F 372 -8.29 3.34 0.81
CA SER F 372 -9.73 3.55 0.85
C SER F 372 -10.22 3.96 -0.53
N LEU F 373 -11.54 4.15 -0.64
CA LEU F 373 -12.15 4.62 -1.87
C LEU F 373 -13.31 5.55 -1.53
N VAL F 374 -13.49 6.59 -2.34
CA VAL F 374 -14.58 7.54 -2.19
C VAL F 374 -15.22 7.75 -3.57
N MET F 375 -16.54 7.69 -3.63
CA MET F 375 -17.25 7.94 -4.87
C MET F 375 -17.26 9.43 -5.21
N ILE G 152 -38.87 -57.74 28.90
CA ILE G 152 -39.95 -57.49 27.94
C ILE G 152 -39.93 -56.01 27.52
N ARG G 153 -38.97 -55.67 26.66
CA ARG G 153 -38.82 -54.31 26.16
C ARG G 153 -38.63 -54.34 24.65
N VAL G 154 -39.19 -53.35 23.97
CA VAL G 154 -39.02 -53.19 22.54
C VAL G 154 -38.54 -51.77 22.27
N PHE G 155 -37.47 -51.65 21.49
CA PHE G 155 -36.91 -50.36 21.09
C PHE G 155 -37.10 -50.19 19.58
N ALA G 156 -37.64 -49.04 19.19
CA ALA G 156 -37.82 -48.69 17.79
C ALA G 156 -36.87 -47.56 17.43
N ILE G 157 -36.29 -47.64 16.24
CA ILE G 157 -35.36 -46.63 15.74
C ILE G 157 -36.04 -45.91 14.58
N PRO G 158 -36.63 -44.74 14.80
CA PRO G 158 -37.22 -43.98 13.69
C PRO G 158 -36.16 -43.58 12.69
N PRO G 159 -36.47 -43.59 11.40
CA PRO G 159 -35.49 -43.14 10.41
C PRO G 159 -35.21 -41.66 10.56
N SER G 160 -33.95 -41.30 10.33
CA SER G 160 -33.50 -39.91 10.44
C SER G 160 -33.37 -39.29 9.06
N PHE G 161 -33.30 -37.96 9.03
CA PHE G 161 -33.17 -37.25 7.76
C PHE G 161 -31.85 -37.60 7.07
N ALA G 162 -30.77 -37.75 7.83
CA ALA G 162 -29.50 -38.16 7.24
C ALA G 162 -29.61 -39.56 6.64
N SER G 163 -30.28 -40.48 7.34
CA SER G 163 -30.42 -41.85 6.85
C SER G 163 -31.27 -41.91 5.59
N ILE G 164 -32.44 -41.26 5.61
CA ILE G 164 -33.32 -41.30 4.45
C ILE G 164 -32.79 -40.43 3.31
N PHE G 165 -31.83 -39.56 3.61
CA PHE G 165 -31.29 -38.68 2.57
C PHE G 165 -30.10 -39.33 1.86
N LEU G 166 -29.14 -39.86 2.63
CA LEU G 166 -27.98 -40.49 2.04
C LEU G 166 -28.35 -41.79 1.33
N THR G 167 -29.20 -42.60 1.96
CA THR G 167 -29.57 -43.88 1.37
C THR G 167 -30.69 -43.74 0.35
N LYS G 168 -31.48 -42.67 0.43
CA LYS G 168 -32.63 -42.41 -0.43
C LYS G 168 -33.70 -43.48 -0.33
N SER G 169 -33.74 -44.25 0.76
CA SER G 169 -34.74 -45.27 0.99
C SER G 169 -34.94 -45.44 2.48
N THR G 170 -36.18 -45.35 2.93
CA THR G 170 -36.48 -45.45 4.35
C THR G 170 -36.13 -46.83 4.89
N LYS G 171 -35.38 -46.86 5.98
CA LYS G 171 -34.97 -48.09 6.64
C LYS G 171 -35.52 -48.11 8.06
N LEU G 172 -36.13 -49.23 8.44
CA LEU G 172 -36.74 -49.39 9.76
C LEU G 172 -36.11 -50.58 10.47
N THR G 173 -35.66 -50.37 11.69
CA THR G 173 -35.11 -51.42 12.53
C THR G 173 -35.86 -51.45 13.85
N CYS G 174 -36.31 -52.64 14.25
CA CYS G 174 -37.06 -52.83 15.49
C CYS G 174 -36.23 -53.74 16.39
N LEU G 175 -35.67 -53.16 17.46
CA LEU G 175 -34.75 -53.86 18.35
C LEU G 175 -35.47 -54.21 19.65
N VAL G 176 -35.80 -55.48 19.83
CA VAL G 176 -36.33 -55.92 21.11
C VAL G 176 -35.21 -55.90 22.16
N THR G 177 -35.59 -55.68 23.41
CA THR G 177 -34.63 -55.45 24.47
C THR G 177 -35.05 -56.21 25.72
N ASP G 178 -34.05 -56.60 26.52
CA ASP G 178 -34.26 -57.28 27.80
C ASP G 178 -35.00 -58.60 27.64
N LEU G 179 -34.79 -59.27 26.51
CA LEU G 179 -35.38 -60.57 26.22
C LEU G 179 -34.28 -61.62 26.18
N THR G 180 -34.49 -62.73 26.88
CA THR G 180 -33.50 -63.78 26.92
C THR G 180 -33.36 -64.43 25.54
N THR G 181 -32.12 -64.68 25.14
CA THR G 181 -31.83 -65.18 23.80
C THR G 181 -32.30 -66.61 23.65
N TYR G 182 -33.35 -66.81 22.84
CA TYR G 182 -33.85 -68.13 22.49
C TYR G 182 -33.91 -68.27 20.98
N ASP G 183 -33.86 -69.51 20.52
CA ASP G 183 -34.04 -69.81 19.11
C ASP G 183 -35.53 -69.88 18.79
N SER G 184 -35.83 -70.04 17.49
CA SER G 184 -37.20 -70.12 16.99
C SER G 184 -38.02 -68.88 17.39
N VAL G 185 -37.49 -67.71 17.03
CA VAL G 185 -38.15 -66.44 17.28
C VAL G 185 -38.49 -65.79 15.94
N THR G 186 -39.63 -65.10 15.90
CA THR G 186 -40.13 -64.49 14.68
C THR G 186 -40.27 -62.99 14.88
N ILE G 187 -39.82 -62.21 13.89
CA ILE G 187 -39.95 -60.77 13.89
C ILE G 187 -40.72 -60.36 12.64
N SER G 188 -41.60 -59.37 12.78
CA SER G 188 -42.44 -58.97 11.67
C SER G 188 -42.69 -57.47 11.72
N TRP G 189 -42.94 -56.88 10.55
CA TRP G 189 -43.29 -55.48 10.41
C TRP G 189 -44.60 -55.38 9.64
N THR G 190 -45.60 -54.74 10.24
CA THR G 190 -46.91 -54.58 9.62
C THR G 190 -47.30 -53.11 9.64
N ARG G 191 -47.88 -52.66 8.52
CA ARG G 191 -48.30 -51.28 8.41
C ARG G 191 -49.55 -51.02 9.27
N GLN G 192 -49.81 -49.73 9.52
CA GLN G 192 -50.96 -49.35 10.32
C GLN G 192 -52.28 -49.67 9.61
N ASN G 193 -52.29 -49.61 8.28
CA ASN G 193 -53.50 -49.87 7.53
C ASN G 193 -53.86 -51.35 7.51
N GLY G 194 -52.93 -52.24 7.85
CA GLY G 194 -53.17 -53.66 7.91
C GLY G 194 -52.24 -54.50 7.06
N GLU G 195 -51.64 -53.92 6.03
CA GLU G 195 -50.76 -54.68 5.15
C GLU G 195 -49.47 -55.06 5.87
N ALA G 196 -48.91 -56.20 5.48
CA ALA G 196 -47.71 -56.73 6.11
C ALA G 196 -46.52 -56.62 5.18
N VAL G 197 -45.32 -56.51 5.77
CA VAL G 197 -44.08 -56.48 5.02
C VAL G 197 -43.45 -57.87 5.04
N LYS G 198 -43.20 -58.42 3.85
CA LYS G 198 -42.80 -59.81 3.71
C LYS G 198 -41.34 -60.07 4.05
N THR G 199 -40.46 -59.10 3.85
CA THR G 199 -39.02 -59.33 3.94
C THR G 199 -38.48 -58.90 5.29
N HIS G 200 -37.63 -59.75 5.87
CA HIS G 200 -36.92 -59.47 7.12
C HIS G 200 -35.61 -60.22 7.09
N THR G 201 -34.50 -59.51 7.32
CA THR G 201 -33.18 -60.10 7.25
C THR G 201 -32.30 -59.55 8.37
N ASN G 202 -31.15 -60.20 8.55
CA ASN G 202 -30.09 -59.75 9.46
C ASN G 202 -30.58 -59.69 10.90
N ILE G 203 -30.97 -60.86 11.43
CA ILE G 203 -31.34 -60.96 12.83
C ILE G 203 -30.08 -61.07 13.68
N SER G 204 -30.26 -60.89 14.99
CA SER G 204 -29.14 -60.92 15.91
C SER G 204 -28.84 -62.36 16.36
N GLU G 205 -27.58 -62.60 16.69
CA GLU G 205 -27.13 -63.89 17.18
C GLU G 205 -27.18 -63.90 18.71
N SER G 206 -26.57 -64.91 19.33
CA SER G 206 -26.52 -64.99 20.78
C SER G 206 -25.74 -63.82 21.36
N HIS G 207 -26.20 -63.32 22.51
CA HIS G 207 -25.63 -62.14 23.13
C HIS G 207 -24.94 -62.47 24.43
N PRO G 208 -23.76 -61.91 24.69
CA PRO G 208 -23.10 -62.16 25.99
C PRO G 208 -23.90 -61.66 27.18
N ASN G 209 -24.65 -60.58 27.03
CA ASN G 209 -25.44 -60.02 28.12
C ASN G 209 -26.83 -60.63 28.23
N ALA G 210 -27.14 -61.64 27.41
CA ALA G 210 -28.39 -62.40 27.39
C ALA G 210 -29.60 -61.57 26.96
N THR G 211 -29.41 -60.31 26.60
CA THR G 211 -30.50 -59.48 26.08
C THR G 211 -30.52 -59.60 24.57
N PHE G 212 -31.55 -60.26 24.04
CA PHE G 212 -31.64 -60.52 22.59
C PHE G 212 -32.02 -59.22 21.89
N SER G 213 -31.06 -58.63 21.19
CA SER G 213 -31.29 -57.39 20.43
C SER G 213 -31.56 -57.70 18.97
N ALA G 214 -32.60 -58.50 18.73
CA ALA G 214 -32.97 -58.88 17.38
C ALA G 214 -33.48 -57.67 16.60
N VAL G 215 -33.04 -57.55 15.35
CA VAL G 215 -33.41 -56.44 14.48
C VAL G 215 -33.87 -56.98 13.14
N GLY G 216 -34.80 -56.26 12.51
CA GLY G 216 -35.26 -56.59 11.18
C GLY G 216 -35.43 -55.36 10.33
N GLU G 217 -34.80 -55.35 9.15
CA GLU G 217 -34.79 -54.18 8.29
C GLU G 217 -35.59 -54.43 7.02
N ALA G 218 -36.27 -53.39 6.55
CA ALA G 218 -37.09 -53.47 5.34
C ALA G 218 -37.19 -52.08 4.73
N SER G 219 -37.58 -52.05 3.45
CA SER G 219 -37.69 -50.81 2.70
C SER G 219 -39.16 -50.42 2.54
N ILE G 220 -39.49 -49.20 2.93
CA ILE G 220 -40.83 -48.65 2.81
C ILE G 220 -40.72 -47.30 2.11
N CYS G 221 -41.64 -47.04 1.19
CA CYS G 221 -41.60 -45.78 0.45
C CYS G 221 -41.84 -44.59 1.38
N GLU G 222 -41.23 -43.45 1.02
CA GLU G 222 -41.27 -42.28 1.88
C GLU G 222 -42.66 -41.65 1.97
N ASP G 223 -43.53 -41.90 0.98
CA ASP G 223 -44.89 -41.37 1.07
C ASP G 223 -45.64 -41.96 2.25
N ASP G 224 -45.46 -43.26 2.49
CA ASP G 224 -46.07 -43.90 3.66
C ASP G 224 -45.54 -43.31 4.95
N TRP G 225 -44.22 -43.05 5.01
CA TRP G 225 -43.63 -42.54 6.24
C TRP G 225 -44.09 -41.11 6.53
N ASN G 226 -44.03 -40.22 5.54
CA ASN G 226 -44.40 -38.84 5.80
C ASN G 226 -45.91 -38.61 5.76
N SER G 227 -46.69 -39.61 5.33
CA SER G 227 -48.14 -39.46 5.38
C SER G 227 -48.68 -39.59 6.79
N GLY G 228 -47.92 -40.20 7.70
CA GLY G 228 -48.30 -40.30 9.10
C GLY G 228 -48.72 -41.67 9.58
N GLU G 229 -48.54 -42.72 8.78
CA GLU G 229 -48.93 -44.05 9.20
C GLU G 229 -47.98 -44.57 10.27
N ARG G 230 -48.54 -44.92 11.43
CA ARG G 230 -47.78 -45.44 12.57
C ARG G 230 -47.60 -46.94 12.38
N PHE G 231 -46.45 -47.33 11.82
CA PHE G 231 -46.18 -48.72 11.52
C PHE G 231 -46.03 -49.53 12.80
N THR G 232 -46.32 -50.82 12.71
CA THR G 232 -46.32 -51.72 13.86
C THR G 232 -45.21 -52.75 13.73
N CYS G 233 -44.51 -53.01 14.83
CA CYS G 233 -43.52 -54.06 14.92
C CYS G 233 -44.04 -55.14 15.85
N THR G 234 -44.31 -56.33 15.30
CA THR G 234 -44.77 -57.48 16.06
C THR G 234 -43.70 -58.55 16.06
N VAL G 235 -43.29 -58.98 17.25
CA VAL G 235 -42.21 -59.94 17.41
C VAL G 235 -42.73 -61.12 18.23
N THR G 236 -42.70 -62.31 17.63
CA THR G 236 -43.05 -63.53 18.34
C THR G 236 -41.83 -64.04 19.11
N HIS G 237 -41.99 -64.28 20.40
CA HIS G 237 -40.89 -64.65 21.27
C HIS G 237 -41.24 -65.94 22.00
N THR G 238 -40.21 -66.71 22.35
CA THR G 238 -40.42 -68.02 22.95
C THR G 238 -41.06 -67.93 24.33
N ASP G 239 -40.61 -66.96 25.14
CA ASP G 239 -41.15 -66.81 26.49
C ASP G 239 -42.61 -66.37 26.43
N LEU G 240 -42.90 -65.32 25.65
CA LEU G 240 -44.25 -64.78 25.56
C LEU G 240 -44.86 -65.14 24.21
N PRO G 241 -45.82 -66.08 24.17
CA PRO G 241 -46.45 -66.42 22.87
C PRO G 241 -47.17 -65.24 22.23
N SER G 242 -47.71 -64.33 23.02
CA SER G 242 -48.32 -63.13 22.47
C SER G 242 -47.25 -62.25 21.84
N PRO G 243 -47.42 -61.79 20.60
CA PRO G 243 -46.40 -60.95 19.98
C PRO G 243 -46.24 -59.62 20.70
N LEU G 244 -45.01 -59.10 20.69
CA LEU G 244 -44.69 -57.84 21.32
C LEU G 244 -44.94 -56.71 20.32
N LYS G 245 -45.88 -55.84 20.63
CA LYS G 245 -46.27 -54.76 19.73
C LYS G 245 -45.52 -53.48 20.08
N GLN G 246 -45.08 -52.76 19.05
CA GLN G 246 -44.34 -51.52 19.22
C GLN G 246 -44.95 -50.44 18.33
N THR G 247 -45.05 -49.23 18.87
CA THR G 247 -45.59 -48.08 18.16
C THR G 247 -44.44 -47.17 17.75
N ILE G 248 -44.37 -46.86 16.46
CA ILE G 248 -43.33 -45.99 15.92
C ILE G 248 -43.95 -45.06 14.89
N SER G 249 -43.65 -43.77 15.00
CA SER G 249 -44.15 -42.75 14.08
C SER G 249 -43.33 -41.49 14.28
N ARG G 250 -43.52 -40.52 13.35
CA ARG G 250 -42.81 -39.25 13.51
C ARG G 250 -43.79 -38.13 13.82
N PRO G 251 -43.35 -37.07 14.50
CA PRO G 251 -44.22 -35.91 14.74
C PRO G 251 -44.65 -35.21 13.45
N ALA G 255 -41.73 -27.31 14.45
CA ALA G 255 -41.90 -26.26 13.45
C ALA G 255 -40.89 -26.42 12.32
N LEU G 256 -40.66 -25.34 11.58
CA LEU G 256 -39.74 -25.36 10.45
C LEU G 256 -39.02 -24.01 10.40
N HIS G 257 -37.71 -24.07 10.13
CA HIS G 257 -36.91 -22.86 10.04
C HIS G 257 -35.72 -23.11 9.12
N ARG G 258 -35.44 -22.14 8.27
CA ARG G 258 -34.38 -22.30 7.26
C ARG G 258 -33.01 -22.14 7.91
N PRO G 259 -32.07 -23.04 7.63
CA PRO G 259 -30.70 -22.83 8.09
C PRO G 259 -30.07 -21.63 7.39
N ASP G 260 -29.09 -21.03 8.05
CA ASP G 260 -28.31 -19.91 7.51
C ASP G 260 -26.84 -20.32 7.60
N VAL G 261 -26.34 -20.98 6.56
CA VAL G 261 -24.97 -21.45 6.57
C VAL G 261 -24.02 -20.26 6.49
N TYR G 262 -23.06 -20.20 7.41
CA TYR G 262 -22.06 -19.14 7.46
C TYR G 262 -20.69 -19.80 7.60
N LEU G 263 -20.10 -20.18 6.47
CA LEU G 263 -18.81 -20.86 6.50
C LEU G 263 -17.72 -19.86 6.86
N LEU G 264 -16.72 -20.32 7.62
CA LEU G 264 -15.72 -19.43 8.17
C LEU G 264 -14.30 -19.87 7.80
N PRO G 265 -13.39 -18.92 7.55
CA PRO G 265 -12.03 -19.28 7.18
C PRO G 265 -11.12 -19.38 8.40
N PRO G 266 -9.97 -20.03 8.29
CA PRO G 266 -9.06 -20.13 9.43
C PRO G 266 -8.49 -18.79 9.84
N ALA G 267 -8.08 -18.71 11.10
CA ALA G 267 -7.49 -17.50 11.65
C ALA G 267 -6.04 -17.35 11.20
N ARG G 268 -5.53 -16.12 11.34
CA ARG G 268 -4.14 -15.84 10.94
C ARG G 268 -3.15 -16.58 11.81
N GLU G 269 -3.42 -16.69 13.12
CA GLU G 269 -2.48 -17.34 14.03
C GLU G 269 -2.27 -18.81 13.67
N GLN G 270 -3.35 -19.50 13.30
CA GLN G 270 -3.22 -20.91 12.92
C GLN G 270 -2.39 -21.05 11.65
N LEU G 271 -2.59 -20.17 10.67
CA LEU G 271 -1.81 -20.23 9.44
C LEU G 271 -0.35 -19.90 9.69
N ASN G 272 -0.06 -19.07 10.68
CA ASN G 272 1.33 -18.74 11.00
C ASN G 272 2.05 -19.92 11.63
N LEU G 273 1.32 -20.82 12.28
CA LEU G 273 1.94 -22.01 12.88
C LEU G 273 2.40 -23.00 11.82
N ARG G 274 1.82 -22.93 10.62
CA ARG G 274 2.22 -23.73 9.47
C ARG G 274 2.12 -25.23 9.73
N GLU G 275 1.08 -25.66 10.45
CA GLU G 275 0.86 -27.07 10.73
C GLU G 275 -0.40 -27.61 10.06
N SER G 276 -1.55 -26.99 10.31
CA SER G 276 -2.81 -27.45 9.75
C SER G 276 -3.79 -26.28 9.79
N ALA G 277 -4.90 -26.43 9.06
CA ALA G 277 -5.95 -25.42 9.03
C ALA G 277 -7.30 -26.08 9.25
N THR G 278 -8.15 -25.40 10.01
CA THR G 278 -9.49 -25.88 10.32
C THR G 278 -10.51 -24.92 9.72
N ILE G 279 -11.52 -25.47 9.05
CA ILE G 279 -12.56 -24.68 8.40
C ILE G 279 -13.89 -25.04 9.02
N THR G 280 -14.55 -24.06 9.63
CA THR G 280 -15.76 -24.27 10.40
C THR G 280 -16.99 -23.93 9.58
N CYS G 281 -17.89 -24.90 9.42
CA CYS G 281 -19.15 -24.72 8.70
C CYS G 281 -20.25 -24.47 9.73
N LEU G 282 -20.36 -23.22 10.17
CA LEU G 282 -21.26 -22.87 11.27
C LEU G 282 -22.72 -22.92 10.85
N VAL G 283 -23.28 -24.12 10.71
CA VAL G 283 -24.69 -24.25 10.38
C VAL G 283 -25.53 -23.81 11.57
N THR G 284 -26.52 -22.95 11.32
CA THR G 284 -27.34 -22.44 12.41
C THR G 284 -28.72 -22.08 11.90
N GLY G 285 -29.68 -22.01 12.83
CA GLY G 285 -30.98 -21.45 12.56
C GLY G 285 -32.11 -22.46 12.38
N PHE G 286 -31.81 -23.75 12.26
CA PHE G 286 -32.84 -24.72 11.96
C PHE G 286 -33.57 -25.16 13.22
N SER G 287 -34.90 -25.24 13.14
CA SER G 287 -35.74 -25.66 14.26
C SER G 287 -35.82 -27.18 14.39
N PRO G 288 -36.07 -27.96 13.34
CA PRO G 288 -35.97 -29.42 13.48
C PRO G 288 -34.54 -29.86 13.75
N ALA G 289 -34.40 -30.94 14.51
CA ALA G 289 -33.11 -31.39 15.03
C ALA G 289 -32.42 -32.40 14.12
N ASP G 290 -32.73 -32.42 12.83
CA ASP G 290 -32.13 -33.38 11.90
C ASP G 290 -31.51 -32.62 10.73
N VAL G 291 -30.18 -32.54 10.72
CA VAL G 291 -29.44 -31.98 9.60
C VAL G 291 -28.29 -32.93 9.27
N PHE G 292 -27.81 -32.83 8.04
CA PHE G 292 -26.67 -33.63 7.58
C PHE G 292 -25.68 -32.69 6.90
N VAL G 293 -24.42 -32.75 7.31
CA VAL G 293 -23.37 -31.88 6.79
C VAL G 293 -22.37 -32.74 6.05
N GLN G 294 -22.13 -32.41 4.78
CA GLN G 294 -21.18 -33.12 3.94
C GLN G 294 -20.34 -32.08 3.21
N TRP G 295 -19.07 -32.39 2.97
CA TRP G 295 -18.13 -31.45 2.37
C TRP G 295 -17.79 -31.90 0.96
N MET G 296 -17.93 -30.99 0.00
CA MET G 296 -17.65 -31.26 -1.41
C MET G 296 -16.36 -30.58 -1.80
N GLN G 297 -15.47 -31.33 -2.46
CA GLN G 297 -14.18 -30.83 -2.92
C GLN G 297 -14.10 -31.07 -4.42
N ARG G 298 -14.37 -30.03 -5.19
CA ARG G 298 -14.34 -30.06 -6.65
C ARG G 298 -15.26 -31.19 -7.17
N GLY G 299 -16.56 -30.97 -7.00
CA GLY G 299 -17.57 -31.84 -7.54
C GLY G 299 -17.62 -33.26 -7.00
N GLN G 300 -16.64 -33.67 -6.20
CA GLN G 300 -16.57 -35.03 -5.69
C GLN G 300 -16.51 -35.02 -4.17
N PRO G 301 -17.29 -35.87 -3.50
CA PRO G 301 -17.33 -35.84 -2.03
C PRO G 301 -16.05 -36.36 -1.40
N LEU G 302 -15.77 -35.87 -0.20
CA LEU G 302 -14.65 -36.33 0.59
C LEU G 302 -15.11 -37.42 1.56
N SER G 303 -14.13 -38.12 2.14
CA SER G 303 -14.43 -39.20 3.07
C SER G 303 -15.04 -38.62 4.35
N PRO G 304 -15.97 -39.33 4.98
CA PRO G 304 -16.58 -38.81 6.22
C PRO G 304 -15.60 -38.70 7.38
N GLU G 305 -14.45 -39.36 7.30
CA GLU G 305 -13.48 -39.32 8.39
C GLU G 305 -12.81 -37.96 8.53
N LYS G 306 -12.82 -37.14 7.48
CA LYS G 306 -12.16 -35.84 7.54
C LYS G 306 -12.91 -34.89 8.48
N TYR G 307 -14.23 -34.82 8.35
CA TYR G 307 -15.00 -33.89 9.18
C TYR G 307 -15.57 -34.61 10.40
N VAL G 308 -16.25 -33.83 11.25
CA VAL G 308 -16.78 -34.30 12.51
C VAL G 308 -18.28 -34.11 12.62
N THR G 309 -18.78 -32.93 12.24
CA THR G 309 -20.19 -32.56 12.13
C THR G 309 -20.82 -32.37 13.52
N SER G 310 -20.06 -32.73 14.58
CA SER G 310 -20.45 -32.49 15.97
C SER G 310 -21.84 -33.04 16.28
N ALA G 311 -22.64 -32.25 17.00
CA ALA G 311 -23.99 -32.65 17.37
C ALA G 311 -24.80 -31.39 17.63
N PRO G 312 -26.10 -31.39 17.32
CA PRO G 312 -26.92 -30.20 17.53
C PRO G 312 -27.02 -29.82 19.01
N MET G 313 -27.15 -28.52 19.25
CA MET G 313 -27.26 -27.96 20.59
C MET G 313 -28.26 -26.83 20.55
N PRO G 314 -29.06 -26.66 21.61
CA PRO G 314 -30.05 -25.57 21.62
C PRO G 314 -29.41 -24.20 21.51
N GLU G 315 -30.14 -23.28 20.87
CA GLU G 315 -29.66 -21.93 20.65
C GLU G 315 -29.52 -21.20 21.99
N PRO G 316 -28.51 -20.33 22.13
CA PRO G 316 -28.38 -19.58 23.41
C PRO G 316 -29.58 -18.70 23.73
N GLN G 317 -30.24 -18.12 22.73
CA GLN G 317 -31.36 -17.23 22.97
C GLN G 317 -32.69 -17.78 22.51
N ALA G 318 -32.81 -18.14 21.23
CA ALA G 318 -34.09 -18.61 20.72
C ALA G 318 -34.35 -20.05 21.19
N PRO G 319 -35.59 -20.36 21.56
CA PRO G 319 -35.90 -21.74 22.00
C PRO G 319 -35.86 -22.76 20.88
N GLY G 320 -36.53 -22.47 19.76
CA GLY G 320 -36.68 -23.46 18.71
C GLY G 320 -35.39 -23.77 17.98
N ARG G 321 -34.59 -22.75 17.71
CA ARG G 321 -33.44 -22.91 16.81
C ARG G 321 -32.37 -23.80 17.43
N TYR G 322 -31.78 -24.66 16.61
CA TYR G 322 -30.67 -25.52 16.99
C TYR G 322 -29.50 -25.21 16.07
N PHE G 323 -28.33 -24.93 16.64
CA PHE G 323 -27.14 -24.75 15.83
C PHE G 323 -26.36 -26.07 15.74
N ALA G 324 -25.24 -26.04 15.03
CA ALA G 324 -24.39 -27.21 14.84
C ALA G 324 -23.01 -26.73 14.43
N HIS G 325 -22.15 -27.67 14.07
CA HIS G 325 -20.80 -27.34 13.63
C HIS G 325 -20.31 -28.40 12.67
N SER G 326 -19.12 -28.16 12.12
CA SER G 326 -18.34 -29.13 11.37
C SER G 326 -16.96 -28.52 11.14
N ILE G 327 -15.92 -29.32 11.30
CA ILE G 327 -14.56 -28.87 11.05
C ILE G 327 -13.89 -29.85 10.10
N LEU G 328 -13.20 -29.31 9.10
CA LEU G 328 -12.41 -30.12 8.18
C LEU G 328 -10.97 -29.63 8.24
N THR G 329 -10.04 -30.57 8.31
CA THR G 329 -8.63 -30.27 8.53
C THR G 329 -7.85 -30.39 7.23
N VAL G 330 -7.14 -29.32 6.87
CA VAL G 330 -6.26 -29.30 5.71
C VAL G 330 -4.92 -28.72 6.12
N SER G 331 -3.89 -29.08 5.37
CA SER G 331 -2.59 -28.44 5.54
C SER G 331 -2.62 -27.05 4.90
N GLU G 332 -1.74 -26.18 5.40
CA GLU G 332 -1.72 -24.80 4.91
C GLU G 332 -1.32 -24.70 3.44
N GLU G 333 -0.65 -25.73 2.90
CA GLU G 333 -0.29 -25.72 1.49
C GLU G 333 -1.53 -25.80 0.61
N GLU G 334 -2.50 -26.64 0.99
CA GLU G 334 -3.75 -26.70 0.24
C GLU G 334 -4.56 -25.42 0.40
N TRP G 335 -4.36 -24.69 1.49
CA TRP G 335 -5.03 -23.39 1.63
C TRP G 335 -4.37 -22.34 0.75
N ASN G 336 -3.04 -22.34 0.67
CA ASN G 336 -2.34 -21.40 -0.20
C ASN G 336 -2.67 -21.67 -1.66
N THR G 337 -2.68 -22.94 -2.06
CA THR G 337 -3.21 -23.34 -3.36
C THR G 337 -4.68 -23.75 -3.17
N GLY G 338 -5.50 -22.73 -2.93
CA GLY G 338 -6.83 -22.96 -2.39
C GLY G 338 -7.76 -23.67 -3.35
N GLU G 339 -8.86 -24.16 -2.78
CA GLU G 339 -9.92 -24.85 -3.51
C GLU G 339 -11.27 -24.34 -3.02
N THR G 340 -12.33 -24.85 -3.65
CA THR G 340 -13.68 -24.36 -3.35
C THR G 340 -14.13 -24.77 -1.96
N TYR G 341 -13.99 -26.06 -1.61
CA TYR G 341 -14.35 -26.60 -0.30
C TYR G 341 -15.81 -26.29 0.04
N THR G 342 -16.70 -26.87 -0.76
CA THR G 342 -18.13 -26.60 -0.60
C THR G 342 -18.70 -27.39 0.58
N CYS G 343 -19.60 -26.75 1.33
CA CYS G 343 -20.23 -27.35 2.50
C CYS G 343 -21.74 -27.38 2.28
N VAL G 344 -22.32 -28.57 2.21
CA VAL G 344 -23.74 -28.73 1.93
C VAL G 344 -24.49 -28.94 3.24
N VAL G 345 -25.78 -28.61 3.23
CA VAL G 345 -26.66 -28.80 4.37
C VAL G 345 -27.98 -29.36 3.87
N ALA G 346 -28.42 -30.47 4.47
CA ALA G 346 -29.69 -31.10 4.15
C ALA G 346 -30.67 -30.85 5.28
N HIS G 347 -31.88 -30.40 4.93
CA HIS G 347 -32.85 -30.05 5.96
C HIS G 347 -34.26 -30.11 5.37
N GLU G 348 -35.24 -30.23 6.26
CA GLU G 348 -36.64 -30.23 5.85
C GLU G 348 -37.08 -28.85 5.36
N ALA G 349 -36.78 -27.82 6.14
CA ALA G 349 -37.37 -26.50 5.94
C ALA G 349 -36.80 -25.74 4.76
N LEU G 350 -35.73 -26.22 4.15
CA LEU G 350 -35.18 -25.55 2.98
C LEU G 350 -36.17 -25.64 1.82
N PRO G 351 -36.32 -24.57 1.02
CA PRO G 351 -37.27 -24.62 -0.10
C PRO G 351 -36.96 -25.71 -1.11
N ASN G 352 -35.69 -26.03 -1.35
CA ASN G 352 -35.33 -27.05 -2.32
C ASN G 352 -34.48 -28.15 -1.67
N ARG G 353 -34.37 -28.13 -0.34
CA ARG G 353 -33.83 -29.15 0.55
C ARG G 353 -32.30 -29.19 0.56
N VAL G 354 -31.60 -28.44 -0.29
CA VAL G 354 -30.14 -28.44 -0.30
C VAL G 354 -29.67 -27.00 -0.52
N THR G 355 -28.72 -26.56 0.30
CA THR G 355 -28.05 -25.27 0.13
C THR G 355 -26.55 -25.48 0.20
N GLU G 356 -25.80 -24.52 -0.35
CA GLU G 356 -24.35 -24.64 -0.41
C GLU G 356 -23.70 -23.28 -0.15
N ARG G 357 -22.47 -23.34 0.33
CA ARG G 357 -21.60 -22.18 0.47
C ARG G 357 -20.18 -22.61 0.15
N THR G 358 -19.31 -21.62 -0.10
CA THR G 358 -17.93 -21.91 -0.44
C THR G 358 -17.06 -20.70 -0.15
N VAL G 359 -15.76 -20.96 0.01
CA VAL G 359 -14.73 -19.93 0.17
C VAL G 359 -13.51 -20.34 -0.63
N ASP G 360 -12.46 -19.53 -0.54
CA ASP G 360 -11.17 -19.82 -1.15
C ASP G 360 -10.12 -19.06 -0.36
N LYS G 361 -8.90 -18.99 -0.91
CA LYS G 361 -7.86 -18.17 -0.29
C LYS G 361 -8.27 -16.71 -0.29
N SER G 362 -8.87 -16.25 -1.38
CA SER G 362 -9.22 -14.84 -1.56
C SER G 362 -10.73 -14.70 -1.62
N THR G 363 -11.35 -14.49 -0.46
CA THR G 363 -12.75 -14.10 -0.36
C THR G 363 -12.93 -12.74 0.28
N GLY G 364 -12.34 -12.53 1.46
CA GLY G 364 -12.25 -11.19 2.01
C GLY G 364 -11.00 -10.52 1.51
N LYS G 365 -11.14 -9.75 0.43
CA LYS G 365 -10.01 -9.17 -0.27
C LYS G 365 -10.46 -7.85 -0.87
N PRO G 366 -9.52 -6.96 -1.17
CA PRO G 366 -9.90 -5.73 -1.89
C PRO G 366 -10.51 -6.04 -3.24
N THR G 367 -11.67 -5.45 -3.50
CA THR G 367 -12.44 -5.82 -4.68
C THR G 367 -11.79 -5.31 -5.96
N LEU G 368 -11.38 -4.04 -6.00
CA LEU G 368 -10.79 -3.49 -7.22
C LEU G 368 -9.57 -2.62 -6.91
N TYR G 369 -8.79 -3.00 -5.89
CA TYR G 369 -7.57 -2.25 -5.60
C TYR G 369 -6.53 -3.21 -5.02
N ASN G 370 -5.66 -3.71 -5.89
CA ASN G 370 -4.54 -4.52 -5.45
C ASN G 370 -3.50 -3.58 -4.83
N VAL G 371 -3.11 -3.86 -3.59
CA VAL G 371 -2.13 -3.05 -2.87
C VAL G 371 -1.03 -3.98 -2.38
N SER G 372 0.22 -3.61 -2.64
CA SER G 372 1.37 -4.44 -2.31
C SER G 372 2.42 -3.63 -1.56
N LEU G 373 3.35 -4.35 -0.94
CA LEU G 373 4.51 -3.77 -0.28
C LEU G 373 5.74 -4.53 -0.75
N VAL G 374 6.80 -3.79 -1.07
CA VAL G 374 8.06 -4.39 -1.50
C VAL G 374 9.20 -3.49 -1.05
N MET G 375 10.33 -4.10 -0.73
CA MET G 375 11.50 -3.34 -0.26
C MET G 375 12.33 -2.84 -1.43
N ILE H 152 -61.05 -41.78 -29.09
CA ILE H 152 -60.71 -42.96 -29.86
C ILE H 152 -59.45 -43.62 -29.30
N ARG H 153 -58.35 -42.88 -29.28
CA ARG H 153 -57.06 -43.38 -28.81
C ARG H 153 -56.70 -42.69 -27.50
N VAL H 154 -56.42 -43.49 -26.47
CA VAL H 154 -56.04 -42.97 -25.17
C VAL H 154 -54.55 -42.67 -25.16
N PHE H 155 -54.19 -41.51 -24.61
CA PHE H 155 -52.80 -41.07 -24.53
C PHE H 155 -52.32 -41.19 -23.09
N ALA H 156 -51.26 -41.96 -22.87
CA ALA H 156 -50.66 -42.13 -21.56
C ALA H 156 -49.28 -41.48 -21.58
N ILE H 157 -49.05 -40.56 -20.65
CA ILE H 157 -47.82 -39.77 -20.59
C ILE H 157 -46.98 -40.27 -19.42
N PRO H 158 -45.68 -40.52 -19.62
CA PRO H 158 -44.82 -40.79 -18.48
C PRO H 158 -44.61 -39.53 -17.65
N PRO H 159 -44.34 -39.67 -16.36
CA PRO H 159 -44.03 -38.48 -15.55
C PRO H 159 -42.73 -37.83 -16.01
N SER H 160 -42.69 -36.51 -15.95
CA SER H 160 -41.53 -35.74 -16.35
C SER H 160 -40.70 -35.39 -15.12
N PHE H 161 -39.39 -35.19 -15.35
CA PHE H 161 -38.49 -34.86 -14.24
C PHE H 161 -38.87 -33.54 -13.59
N ALA H 162 -39.40 -32.59 -14.37
CA ALA H 162 -39.91 -31.36 -13.78
C ALA H 162 -41.10 -31.66 -12.86
N SER H 163 -42.00 -32.54 -13.29
CA SER H 163 -43.14 -32.90 -12.44
C SER H 163 -42.70 -33.67 -11.21
N ILE H 164 -41.76 -34.60 -11.37
CA ILE H 164 -41.28 -35.40 -10.25
C ILE H 164 -40.57 -34.52 -9.23
N PHE H 165 -39.74 -33.59 -9.70
CA PHE H 165 -38.92 -32.81 -8.79
C PHE H 165 -39.70 -31.69 -8.12
N LEU H 166 -40.56 -31.00 -8.88
CA LEU H 166 -41.27 -29.85 -8.33
C LEU H 166 -42.38 -30.27 -7.38
N THR H 167 -43.13 -31.33 -7.73
CA THR H 167 -44.30 -31.72 -6.96
C THR H 167 -44.09 -32.94 -6.07
N LYS H 168 -43.02 -33.71 -6.30
CA LYS H 168 -42.72 -34.91 -5.50
C LYS H 168 -43.86 -35.92 -5.50
N SER H 169 -44.48 -36.13 -6.66
CA SER H 169 -45.58 -37.09 -6.80
C SER H 169 -45.51 -37.70 -8.19
N THR H 170 -45.09 -38.97 -8.26
CA THR H 170 -44.99 -39.69 -9.53
C THR H 170 -46.40 -40.05 -9.99
N LYS H 171 -46.95 -39.19 -10.85
CA LYS H 171 -48.32 -39.34 -11.33
C LYS H 171 -48.31 -39.83 -12.77
N LEU H 172 -49.03 -40.92 -13.01
CA LEU H 172 -49.24 -41.46 -14.35
C LEU H 172 -50.68 -41.19 -14.77
N THR H 173 -50.85 -40.64 -15.97
CA THR H 173 -52.16 -40.21 -16.44
C THR H 173 -52.42 -40.74 -17.85
N CYS H 174 -53.57 -41.37 -18.04
CA CYS H 174 -54.07 -41.75 -19.36
C CYS H 174 -55.12 -40.74 -19.81
N LEU H 175 -55.00 -40.28 -21.05
CA LEU H 175 -55.84 -39.20 -21.57
C LEU H 175 -56.47 -39.68 -22.88
N VAL H 176 -57.77 -39.92 -22.86
CA VAL H 176 -58.48 -40.34 -24.06
C VAL H 176 -58.73 -39.13 -24.95
N THR H 177 -58.65 -39.34 -26.26
CA THR H 177 -58.77 -38.24 -27.22
C THR H 177 -59.85 -38.54 -28.25
N ASP H 178 -60.65 -37.52 -28.55
CA ASP H 178 -61.56 -37.51 -29.71
C ASP H 178 -62.69 -38.53 -29.59
N LEU H 179 -63.28 -38.65 -28.41
CA LEU H 179 -64.35 -39.61 -28.18
C LEU H 179 -65.71 -38.90 -28.10
N THR H 180 -66.76 -39.67 -27.87
CA THR H 180 -68.12 -39.15 -27.87
C THR H 180 -68.64 -38.87 -26.45
N THR H 181 -69.94 -38.58 -26.37
CA THR H 181 -70.54 -37.92 -25.21
C THR H 181 -71.01 -38.93 -24.17
N TYR H 182 -70.06 -39.58 -23.48
CA TYR H 182 -70.36 -40.48 -22.36
C TYR H 182 -69.64 -40.03 -21.11
N ASP H 183 -70.36 -40.05 -19.99
CA ASP H 183 -69.79 -39.67 -18.70
C ASP H 183 -69.17 -40.88 -17.99
N SER H 184 -68.16 -40.62 -17.18
CA SER H 184 -67.53 -41.61 -16.31
C SER H 184 -66.98 -42.79 -17.10
N VAL H 185 -66.05 -42.48 -18.02
CA VAL H 185 -65.40 -43.51 -18.80
C VAL H 185 -64.47 -44.31 -17.91
N THR H 186 -64.57 -45.63 -17.99
CA THR H 186 -63.79 -46.52 -17.12
C THR H 186 -62.31 -46.44 -17.49
N ILE H 187 -61.51 -45.88 -16.60
CA ILE H 187 -60.07 -45.77 -16.76
C ILE H 187 -59.42 -46.59 -15.63
N SER H 188 -58.50 -47.47 -16.00
CA SER H 188 -57.92 -48.42 -15.07
C SER H 188 -56.42 -48.20 -14.97
N TRP H 189 -55.92 -48.11 -13.74
CA TRP H 189 -54.50 -48.06 -13.46
C TRP H 189 -54.14 -49.26 -12.59
N THR H 190 -53.13 -50.02 -13.01
CA THR H 190 -52.70 -51.20 -12.28
C THR H 190 -51.19 -51.38 -12.44
N ARG H 191 -50.60 -52.09 -11.49
CA ARG H 191 -49.17 -52.32 -11.46
C ARG H 191 -48.78 -53.46 -12.41
N GLN H 192 -47.49 -53.77 -12.42
CA GLN H 192 -47.00 -54.90 -13.23
C GLN H 192 -47.54 -56.22 -12.68
N ASN H 193 -47.58 -56.36 -11.35
CA ASN H 193 -48.07 -57.60 -10.75
C ASN H 193 -49.54 -57.84 -11.08
N GLY H 194 -50.36 -56.79 -11.03
CA GLY H 194 -51.77 -56.94 -11.33
C GLY H 194 -52.68 -56.24 -10.36
N GLU H 195 -52.12 -55.77 -9.24
CA GLU H 195 -52.91 -55.06 -8.24
C GLU H 195 -53.40 -53.73 -8.81
N ALA H 196 -54.67 -53.43 -8.56
CA ALA H 196 -55.31 -52.22 -9.09
C ALA H 196 -55.00 -51.06 -8.15
N VAL H 197 -54.07 -50.19 -8.57
CA VAL H 197 -53.76 -48.98 -7.83
C VAL H 197 -54.89 -47.97 -8.05
N LYS H 198 -54.88 -46.88 -7.29
CA LYS H 198 -55.95 -45.89 -7.37
C LYS H 198 -56.03 -45.31 -8.78
N THR H 199 -57.26 -45.17 -9.28
CA THR H 199 -57.46 -44.93 -10.71
C THR H 199 -57.56 -43.46 -11.07
N HIS H 200 -58.56 -42.75 -10.55
CA HIS H 200 -58.86 -41.42 -11.07
C HIS H 200 -59.57 -40.59 -10.00
N THR H 201 -59.55 -39.28 -10.22
CA THR H 201 -60.30 -38.30 -9.42
C THR H 201 -60.42 -37.00 -10.21
N ASN H 202 -61.64 -36.48 -10.34
CA ASN H 202 -61.91 -35.22 -11.04
C ASN H 202 -61.42 -35.28 -12.49
N ILE H 203 -62.06 -36.16 -13.26
CA ILE H 203 -61.69 -36.32 -14.66
C ILE H 203 -62.07 -35.07 -15.46
N SER H 204 -61.53 -34.99 -16.67
CA SER H 204 -61.79 -33.85 -17.53
C SER H 204 -63.25 -33.81 -17.98
N GLU H 205 -63.81 -32.61 -18.01
CA GLU H 205 -65.22 -32.43 -18.36
C GLU H 205 -65.40 -32.34 -19.88
N SER H 206 -66.59 -31.95 -20.29
CA SER H 206 -66.95 -31.94 -21.70
C SER H 206 -66.20 -30.85 -22.46
N HIS H 207 -65.75 -31.20 -23.67
CA HIS H 207 -65.09 -30.24 -24.53
C HIS H 207 -66.08 -29.65 -25.54
N PRO H 208 -65.89 -28.38 -25.93
CA PRO H 208 -66.84 -27.74 -26.85
C PRO H 208 -66.92 -28.41 -28.22
N ASN H 209 -65.83 -28.97 -28.72
CA ASN H 209 -65.80 -29.60 -30.04
C ASN H 209 -66.02 -31.10 -29.99
N ALA H 210 -66.57 -31.62 -28.89
CA ALA H 210 -66.87 -33.03 -28.69
C ALA H 210 -65.65 -33.93 -28.84
N THR H 211 -64.48 -33.46 -28.42
CA THR H 211 -63.27 -34.28 -28.37
C THR H 211 -62.97 -34.48 -26.88
N PHE H 212 -63.60 -35.50 -26.30
CA PHE H 212 -63.60 -35.68 -24.85
C PHE H 212 -62.29 -36.25 -24.35
N SER H 213 -62.01 -35.98 -23.07
CA SER H 213 -60.79 -36.42 -22.43
C SER H 213 -61.08 -36.75 -20.98
N ALA H 214 -60.14 -37.48 -20.36
CA ALA H 214 -60.26 -37.85 -18.96
C ALA H 214 -58.87 -37.91 -18.36
N VAL H 215 -58.80 -37.67 -17.04
CA VAL H 215 -57.54 -37.64 -16.32
C VAL H 215 -57.63 -38.66 -15.20
N GLY H 216 -56.83 -39.72 -15.28
CA GLY H 216 -56.72 -40.68 -14.20
C GLY H 216 -55.33 -40.71 -13.61
N GLU H 217 -55.18 -40.22 -12.39
CA GLU H 217 -53.87 -40.08 -11.76
C GLU H 217 -53.68 -41.14 -10.69
N ALA H 218 -52.44 -41.67 -10.61
CA ALA H 218 -52.07 -42.65 -9.60
C ALA H 218 -50.75 -42.25 -8.98
N SER H 219 -50.65 -42.41 -7.66
CA SER H 219 -49.44 -42.10 -6.92
C SER H 219 -48.65 -43.38 -6.69
N ILE H 220 -47.42 -43.41 -7.19
CA ILE H 220 -46.56 -44.59 -7.14
C ILE H 220 -45.20 -44.17 -6.58
N CYS H 221 -44.53 -45.11 -5.92
CA CYS H 221 -43.18 -44.88 -5.42
C CYS H 221 -42.25 -44.48 -6.56
N GLU H 222 -41.34 -43.55 -6.27
CA GLU H 222 -40.39 -43.09 -7.27
C GLU H 222 -39.46 -44.21 -7.72
N ASP H 223 -39.01 -45.04 -6.78
CA ASP H 223 -38.11 -46.14 -7.12
C ASP H 223 -38.80 -47.15 -8.04
N ASP H 224 -40.12 -47.30 -7.92
CA ASP H 224 -40.85 -48.17 -8.84
C ASP H 224 -40.78 -47.64 -10.27
N TRP H 225 -40.93 -46.32 -10.44
CA TRP H 225 -40.83 -45.74 -11.78
C TRP H 225 -39.40 -45.81 -12.30
N ASN H 226 -38.41 -45.58 -11.44
CA ASN H 226 -37.01 -45.68 -11.87
C ASN H 226 -36.64 -47.11 -12.23
N SER H 227 -37.28 -48.10 -11.60
CA SER H 227 -36.98 -49.51 -11.92
C SER H 227 -37.37 -49.83 -13.35
N GLY H 228 -38.51 -49.32 -13.81
CA GLY H 228 -38.93 -49.52 -15.18
C GLY H 228 -40.04 -50.52 -15.41
N GLU H 229 -40.75 -50.94 -14.37
CA GLU H 229 -41.88 -51.84 -14.55
C GLU H 229 -43.00 -51.15 -15.31
N ARG H 230 -43.55 -51.82 -16.31
CA ARG H 230 -44.63 -51.24 -17.10
C ARG H 230 -45.91 -51.17 -16.28
N PHE H 231 -46.71 -50.15 -16.56
CA PHE H 231 -48.01 -49.96 -15.90
C PHE H 231 -49.10 -50.12 -16.95
N THR H 232 -50.03 -51.04 -16.70
CA THR H 232 -51.07 -51.37 -17.66
C THR H 232 -52.26 -50.43 -17.48
N CYS H 233 -52.66 -49.79 -18.59
CA CYS H 233 -53.78 -48.87 -18.62
C CYS H 233 -54.81 -49.39 -19.61
N THR H 234 -56.03 -49.63 -19.15
CA THR H 234 -57.10 -50.16 -19.97
C THR H 234 -58.28 -49.19 -19.96
N VAL H 235 -58.86 -48.95 -21.14
CA VAL H 235 -60.05 -48.12 -21.28
C VAL H 235 -61.12 -48.98 -21.94
N THR H 236 -62.19 -49.26 -21.22
CA THR H 236 -63.28 -50.11 -21.71
C THR H 236 -64.61 -49.42 -21.44
N HIS H 237 -65.44 -49.31 -22.49
CA HIS H 237 -66.76 -48.73 -22.36
C HIS H 237 -67.56 -49.21 -23.56
N THR H 238 -68.84 -48.82 -23.63
CA THR H 238 -69.74 -49.32 -24.67
C THR H 238 -69.25 -48.91 -26.06
N ASP H 239 -68.69 -47.71 -26.20
CA ASP H 239 -68.22 -47.26 -27.51
C ASP H 239 -67.06 -48.12 -28.01
N LEU H 240 -66.15 -48.50 -27.11
CA LEU H 240 -64.97 -49.30 -27.45
C LEU H 240 -65.02 -50.58 -26.64
N PRO H 241 -65.69 -51.63 -27.14
CA PRO H 241 -65.73 -52.90 -26.39
C PRO H 241 -64.35 -53.52 -26.20
N SER H 242 -63.46 -53.34 -27.16
CA SER H 242 -62.09 -53.81 -26.99
C SER H 242 -61.34 -52.86 -26.06
N PRO H 243 -60.75 -53.34 -24.98
CA PRO H 243 -59.99 -52.44 -24.09
C PRO H 243 -58.81 -51.82 -24.80
N LEU H 244 -58.54 -50.55 -24.48
CA LEU H 244 -57.41 -49.82 -25.04
C LEU H 244 -56.23 -49.98 -24.09
N LYS H 245 -55.30 -50.85 -24.46
CA LYS H 245 -54.17 -51.20 -23.59
C LYS H 245 -52.99 -50.29 -23.91
N GLN H 246 -52.51 -49.57 -22.90
CA GLN H 246 -51.35 -48.70 -23.04
C GLN H 246 -50.41 -48.96 -21.88
N THR H 247 -49.19 -49.41 -22.18
CA THR H 247 -48.17 -49.66 -21.18
C THR H 247 -47.00 -48.72 -21.45
N ILE H 248 -46.60 -47.97 -20.43
CA ILE H 248 -45.52 -47.00 -20.53
C ILE H 248 -44.51 -47.28 -19.44
N SER H 249 -43.23 -47.23 -19.78
CA SER H 249 -42.15 -47.48 -18.84
C SER H 249 -41.08 -46.43 -19.01
N ARG H 250 -40.33 -46.19 -17.94
CA ARG H 250 -39.19 -45.27 -18.01
C ARG H 250 -38.11 -45.87 -18.91
N PRO H 251 -37.53 -45.07 -19.81
CA PRO H 251 -36.48 -45.59 -20.69
C PRO H 251 -35.24 -45.99 -19.90
N LYS H 252 -34.55 -47.00 -20.41
CA LYS H 252 -33.28 -47.47 -19.86
C LYS H 252 -32.17 -47.27 -20.88
N GLY H 253 -30.94 -47.54 -20.44
CA GLY H 253 -29.79 -47.46 -21.32
C GLY H 253 -29.47 -46.07 -21.82
N VAL H 254 -29.49 -45.08 -20.94
CA VAL H 254 -29.15 -43.71 -21.29
C VAL H 254 -27.94 -43.29 -20.46
N ALA H 255 -27.00 -42.59 -21.11
CA ALA H 255 -25.81 -42.13 -20.42
C ALA H 255 -26.14 -40.99 -19.47
N LEU H 256 -25.26 -40.80 -18.48
CA LEU H 256 -25.42 -39.76 -17.48
C LEU H 256 -24.30 -38.73 -17.62
N HIS H 257 -24.68 -37.47 -17.77
CA HIS H 257 -23.73 -36.36 -17.84
C HIS H 257 -24.20 -35.24 -16.93
N ARG H 258 -23.25 -34.69 -16.17
CA ARG H 258 -23.57 -33.66 -15.19
C ARG H 258 -23.58 -32.29 -15.85
N PRO H 259 -24.68 -31.54 -15.78
CA PRO H 259 -24.66 -30.17 -16.31
C PRO H 259 -23.74 -29.28 -15.50
N ASP H 260 -23.21 -28.26 -16.17
CA ASP H 260 -22.33 -27.26 -15.55
C ASP H 260 -22.85 -25.88 -15.94
N VAL H 261 -23.77 -25.35 -15.14
CA VAL H 261 -24.45 -24.11 -15.48
C VAL H 261 -23.51 -22.93 -15.31
N TYR H 262 -23.53 -22.02 -16.29
CA TYR H 262 -22.85 -20.74 -16.20
C TYR H 262 -23.91 -19.64 -16.20
N LEU H 263 -23.66 -18.59 -15.43
CA LEU H 263 -24.58 -17.45 -15.35
C LEU H 263 -23.89 -16.25 -15.98
N LEU H 264 -24.49 -15.73 -17.06
CA LEU H 264 -23.90 -14.64 -17.84
C LEU H 264 -24.49 -13.31 -17.43
N PRO H 265 -23.67 -12.31 -17.12
CA PRO H 265 -24.20 -10.98 -16.78
C PRO H 265 -24.81 -10.32 -17.99
N PRO H 266 -25.72 -9.37 -17.79
CA PRO H 266 -26.36 -8.72 -18.94
C PRO H 266 -25.38 -7.85 -19.71
N ALA H 267 -25.76 -7.55 -20.95
CA ALA H 267 -24.88 -6.79 -21.83
C ALA H 267 -24.68 -5.37 -21.34
N ARG H 268 -23.52 -4.80 -21.69
CA ARG H 268 -23.30 -3.38 -21.41
C ARG H 268 -24.26 -2.51 -22.19
N GLU H 269 -24.64 -2.95 -23.40
CA GLU H 269 -25.63 -2.23 -24.18
C GLU H 269 -27.02 -2.27 -23.52
N GLN H 270 -27.27 -3.23 -22.63
CA GLN H 270 -28.51 -3.25 -21.86
C GLN H 270 -28.65 -2.00 -20.99
N LEU H 271 -27.58 -1.63 -20.29
CA LEU H 271 -27.68 -0.61 -19.27
C LEU H 271 -27.68 0.81 -19.84
N ASN H 272 -27.26 0.98 -21.10
CA ASN H 272 -27.32 2.31 -21.70
C ASN H 272 -28.74 2.74 -21.97
N LEU H 273 -29.62 1.80 -22.31
CA LEU H 273 -31.02 2.15 -22.53
C LEU H 273 -31.73 2.52 -21.24
N ARG H 274 -31.23 2.03 -20.09
CA ARG H 274 -31.77 2.37 -18.78
C ARG H 274 -33.23 1.95 -18.63
N GLU H 275 -33.59 0.85 -19.28
CA GLU H 275 -34.96 0.32 -19.20
C GLU H 275 -35.02 -1.05 -18.58
N SER H 276 -34.24 -2.02 -19.09
CA SER H 276 -34.30 -3.38 -18.56
C SER H 276 -32.96 -4.06 -18.80
N ALA H 277 -32.74 -5.14 -18.06
CA ALA H 277 -31.54 -5.96 -18.19
C ALA H 277 -31.92 -7.41 -17.96
N THR H 278 -31.51 -8.28 -18.88
CA THR H 278 -31.92 -9.68 -18.86
C THR H 278 -30.72 -10.56 -18.52
N ILE H 279 -30.72 -11.11 -17.31
CA ILE H 279 -29.69 -12.08 -16.91
C ILE H 279 -30.02 -13.42 -17.53
N THR H 280 -29.02 -14.06 -18.13
CA THR H 280 -29.22 -15.30 -18.88
C THR H 280 -28.56 -16.46 -18.15
N CYS H 281 -29.33 -17.51 -17.90
CA CYS H 281 -28.85 -18.74 -17.27
C CYS H 281 -28.63 -19.78 -18.35
N LEU H 282 -27.38 -20.20 -18.52
CA LEU H 282 -27.01 -21.14 -19.56
C LEU H 282 -26.75 -22.51 -18.95
N VAL H 283 -27.59 -23.48 -19.28
CA VAL H 283 -27.46 -24.85 -18.78
C VAL H 283 -27.05 -25.72 -19.96
N THR H 284 -25.84 -26.26 -19.91
CA THR H 284 -25.30 -27.03 -21.02
C THR H 284 -24.61 -28.29 -20.52
N GLY H 285 -24.62 -29.32 -21.36
CA GLY H 285 -23.87 -30.53 -21.11
C GLY H 285 -24.64 -31.69 -20.50
N PHE H 286 -25.96 -31.58 -20.39
CA PHE H 286 -26.73 -32.63 -19.73
C PHE H 286 -27.31 -33.61 -20.76
N SER H 287 -27.29 -34.90 -20.39
CA SER H 287 -27.67 -35.99 -21.28
C SER H 287 -29.17 -36.21 -21.40
N PRO H 288 -29.96 -36.23 -20.32
CA PRO H 288 -31.41 -36.40 -20.49
C PRO H 288 -32.04 -35.18 -21.14
N ALA H 289 -33.33 -35.30 -21.44
CA ALA H 289 -34.09 -34.26 -22.13
C ALA H 289 -34.97 -33.46 -21.20
N ASP H 290 -34.83 -33.61 -19.90
CA ASP H 290 -35.66 -32.89 -18.93
C ASP H 290 -34.78 -32.26 -17.86
N VAL H 291 -34.85 -30.94 -17.76
CA VAL H 291 -34.23 -30.19 -16.67
C VAL H 291 -35.24 -29.17 -16.17
N PHE H 292 -35.04 -28.73 -14.93
CA PHE H 292 -35.93 -27.76 -14.30
C PHE H 292 -35.08 -26.66 -13.68
N VAL H 293 -35.21 -25.45 -14.21
CA VAL H 293 -34.44 -24.30 -13.75
C VAL H 293 -35.38 -23.32 -13.07
N GLN H 294 -34.97 -22.79 -11.92
CA GLN H 294 -35.78 -21.87 -11.16
C GLN H 294 -34.85 -20.84 -10.52
N TRP H 295 -35.39 -19.66 -10.25
CA TRP H 295 -34.62 -18.54 -9.73
C TRP H 295 -34.99 -18.27 -8.29
N MET H 296 -34.01 -18.38 -7.39
CA MET H 296 -34.13 -17.95 -5.99
C MET H 296 -33.41 -16.62 -5.84
N GLN H 297 -34.14 -15.61 -5.38
CA GLN H 297 -33.57 -14.31 -5.06
C GLN H 297 -33.61 -14.10 -3.56
N ARG H 298 -32.44 -13.82 -2.97
CA ARG H 298 -32.21 -13.64 -1.53
C ARG H 298 -32.97 -14.66 -0.68
N GLY H 299 -33.03 -15.91 -1.15
CA GLY H 299 -33.79 -16.93 -0.45
C GLY H 299 -35.28 -16.69 -0.42
N GLN H 300 -35.84 -16.13 -1.49
CA GLN H 300 -37.26 -15.83 -1.57
C GLN H 300 -37.78 -16.30 -2.92
N PRO H 301 -38.96 -16.92 -2.97
CA PRO H 301 -39.47 -17.43 -4.25
C PRO H 301 -39.84 -16.30 -5.21
N LEU H 302 -39.81 -16.63 -6.49
CA LEU H 302 -40.07 -15.67 -7.55
C LEU H 302 -41.26 -16.12 -8.39
N SER H 303 -41.91 -15.16 -9.03
CA SER H 303 -43.10 -15.45 -9.83
C SER H 303 -42.71 -16.26 -11.07
N PRO H 304 -43.56 -17.21 -11.49
CA PRO H 304 -43.27 -17.96 -12.72
C PRO H 304 -43.29 -17.10 -13.98
N GLU H 305 -43.92 -15.92 -13.94
CA GLU H 305 -43.97 -15.06 -15.11
C GLU H 305 -42.61 -14.47 -15.44
N LYS H 306 -41.77 -14.22 -14.43
CA LYS H 306 -40.51 -13.52 -14.66
C LYS H 306 -39.55 -14.35 -15.50
N TYR H 307 -39.33 -15.61 -15.13
CA TYR H 307 -38.37 -16.45 -15.84
C TYR H 307 -39.04 -17.18 -16.99
N VAL H 308 -38.38 -17.22 -18.13
CA VAL H 308 -38.82 -17.95 -19.31
C VAL H 308 -37.74 -18.95 -19.68
N THR H 309 -38.14 -20.16 -20.03
CA THR H 309 -37.20 -21.21 -20.41
C THR H 309 -37.70 -21.89 -21.67
N SER H 310 -36.75 -22.47 -22.42
CA SER H 310 -37.06 -23.18 -23.65
C SER H 310 -36.84 -24.67 -23.45
N ALA H 311 -37.47 -25.47 -24.32
CA ALA H 311 -37.25 -26.91 -24.28
C ALA H 311 -35.80 -27.23 -24.66
N PRO H 312 -35.23 -28.29 -24.09
CA PRO H 312 -33.86 -28.67 -24.44
C PRO H 312 -33.72 -28.96 -25.92
N MET H 313 -32.59 -28.53 -26.49
CA MET H 313 -32.33 -28.66 -27.90
C MET H 313 -31.08 -29.50 -28.13
N PRO H 314 -30.99 -30.19 -29.27
CA PRO H 314 -29.79 -30.98 -29.57
C PRO H 314 -28.54 -30.10 -29.61
N GLU H 315 -27.45 -30.64 -29.06
CA GLU H 315 -26.17 -29.94 -29.08
C GLU H 315 -25.53 -30.11 -30.45
N PRO H 316 -25.14 -29.02 -31.13
CA PRO H 316 -24.58 -29.17 -32.48
C PRO H 316 -23.30 -29.99 -32.56
N GLN H 317 -22.46 -29.95 -31.52
CA GLN H 317 -21.18 -30.65 -31.58
C GLN H 317 -21.31 -32.09 -31.11
N ALA H 318 -21.81 -32.29 -29.89
CA ALA H 318 -21.98 -33.63 -29.34
C ALA H 318 -23.46 -33.99 -29.31
N PRO H 319 -23.92 -34.87 -30.19
CA PRO H 319 -25.32 -35.32 -30.11
C PRO H 319 -25.76 -35.83 -28.76
N GLY H 320 -24.84 -36.38 -27.96
CA GLY H 320 -25.22 -36.92 -26.66
C GLY H 320 -25.69 -35.84 -25.69
N ARG H 321 -25.00 -34.70 -25.68
CA ARG H 321 -25.34 -33.64 -24.74
C ARG H 321 -26.50 -32.79 -25.28
N TYR H 322 -27.07 -31.98 -24.38
CA TYR H 322 -28.11 -31.04 -24.74
C TYR H 322 -27.93 -29.77 -23.91
N PHE H 323 -28.52 -28.68 -24.40
CA PHE H 323 -28.44 -27.39 -23.73
C PHE H 323 -29.82 -26.77 -23.65
N ALA H 324 -29.97 -25.83 -22.71
CA ALA H 324 -31.20 -25.08 -22.55
C ALA H 324 -30.85 -23.64 -22.21
N HIS H 325 -31.87 -22.79 -22.19
CA HIS H 325 -31.65 -21.37 -21.95
C HIS H 325 -32.73 -20.86 -21.00
N SER H 326 -32.40 -19.78 -20.30
CA SER H 326 -33.34 -19.14 -19.38
C SER H 326 -32.89 -17.70 -19.18
N ILE H 327 -33.84 -16.76 -19.26
CA ILE H 327 -33.54 -15.34 -19.21
C ILE H 327 -34.48 -14.66 -18.21
N LEU H 328 -33.99 -14.44 -17.00
CA LEU H 328 -34.73 -13.61 -16.05
C LEU H 328 -34.68 -12.16 -16.52
N THR H 329 -35.81 -11.46 -16.38
CA THR H 329 -35.91 -10.06 -16.73
C THR H 329 -36.13 -9.23 -15.47
N VAL H 330 -35.57 -8.03 -15.44
CA VAL H 330 -35.66 -7.16 -14.27
C VAL H 330 -35.42 -5.74 -14.73
N SER H 331 -35.92 -4.77 -13.95
CA SER H 331 -35.77 -3.37 -14.29
C SER H 331 -34.34 -2.91 -13.99
N GLU H 332 -34.04 -1.66 -14.35
CA GLU H 332 -32.67 -1.15 -14.25
C GLU H 332 -32.22 -1.01 -12.80
N GLU H 333 -33.10 -0.53 -11.92
CA GLU H 333 -32.65 -0.13 -10.58
C GLU H 333 -32.26 -1.32 -9.72
N GLU H 334 -32.88 -2.48 -9.92
CA GLU H 334 -32.55 -3.65 -9.10
C GLU H 334 -31.12 -4.11 -9.36
N TRP H 335 -30.68 -4.09 -10.62
CA TRP H 335 -29.32 -4.51 -10.93
C TRP H 335 -28.30 -3.55 -10.33
N ASN H 336 -28.61 -2.25 -10.28
CA ASN H 336 -27.71 -1.29 -9.67
C ASN H 336 -27.59 -1.52 -8.15
N THR H 337 -28.62 -2.08 -7.53
CA THR H 337 -28.58 -2.36 -6.10
C THR H 337 -27.84 -3.67 -5.87
N GLY H 338 -27.87 -4.16 -4.63
CA GLY H 338 -27.18 -5.39 -4.29
C GLY H 338 -28.09 -6.61 -4.20
N GLU H 339 -28.06 -7.45 -5.21
CA GLU H 339 -28.83 -8.68 -5.23
C GLU H 339 -27.98 -9.78 -5.85
N THR H 340 -28.38 -11.03 -5.60
CA THR H 340 -27.61 -12.20 -6.02
C THR H 340 -28.20 -12.91 -7.23
N TYR H 341 -29.53 -13.06 -7.26
CA TYR H 341 -30.24 -13.67 -8.40
C TYR H 341 -29.70 -15.08 -8.69
N THR H 342 -29.88 -15.97 -7.72
CA THR H 342 -29.34 -17.32 -7.81
C THR H 342 -30.17 -18.17 -8.77
N CYS H 343 -29.48 -18.93 -9.62
CA CYS H 343 -30.08 -19.80 -10.60
C CYS H 343 -29.79 -21.25 -10.23
N VAL H 344 -30.83 -22.07 -10.12
CA VAL H 344 -30.69 -23.47 -9.70
C VAL H 344 -31.00 -24.38 -10.89
N VAL H 345 -30.40 -25.56 -10.87
CA VAL H 345 -30.54 -26.56 -11.92
C VAL H 345 -30.92 -27.88 -11.28
N ALA H 346 -32.07 -28.43 -11.66
CA ALA H 346 -32.53 -29.73 -11.18
C ALA H 346 -32.17 -30.79 -12.21
N HIS H 347 -31.40 -31.79 -11.79
CA HIS H 347 -30.92 -32.81 -12.72
C HIS H 347 -30.61 -34.08 -11.95
N GLU H 348 -30.73 -35.22 -12.65
CA GLU H 348 -30.51 -36.51 -12.00
C GLU H 348 -29.04 -36.85 -11.86
N ALA H 349 -28.18 -36.44 -12.79
CA ALA H 349 -26.78 -36.82 -12.75
C ALA H 349 -26.00 -36.07 -11.68
N LEU H 350 -26.57 -35.02 -11.09
CA LEU H 350 -25.90 -34.31 -10.02
C LEU H 350 -25.77 -35.21 -8.79
N PRO H 351 -24.60 -35.25 -8.15
CA PRO H 351 -24.44 -36.11 -6.96
C PRO H 351 -25.40 -35.78 -5.84
N ASN H 352 -25.71 -34.51 -5.63
CA ASN H 352 -26.67 -34.08 -4.63
C ASN H 352 -28.01 -33.70 -5.23
N ARG H 353 -28.18 -33.89 -6.54
CA ARG H 353 -29.38 -33.60 -7.32
C ARG H 353 -29.69 -32.12 -7.42
N VAL H 354 -28.91 -31.25 -6.79
CA VAL H 354 -29.16 -29.81 -6.78
C VAL H 354 -27.84 -29.06 -6.93
N THR H 355 -27.80 -28.10 -7.85
CA THR H 355 -26.70 -27.15 -7.93
C THR H 355 -27.29 -25.75 -8.10
N GLU H 356 -26.50 -24.75 -7.69
CA GLU H 356 -26.93 -23.37 -7.81
C GLU H 356 -25.71 -22.49 -8.04
N ARG H 357 -25.94 -21.37 -8.74
CA ARG H 357 -24.89 -20.40 -9.03
C ARG H 357 -25.48 -19.00 -8.94
N THR H 358 -24.61 -18.01 -8.79
CA THR H 358 -25.04 -16.62 -8.67
C THR H 358 -23.96 -15.69 -9.18
N VAL H 359 -24.38 -14.48 -9.54
CA VAL H 359 -23.48 -13.40 -9.98
C VAL H 359 -23.95 -12.10 -9.35
N ASP H 360 -23.13 -11.07 -9.51
CA ASP H 360 -23.47 -9.72 -9.08
C ASP H 360 -22.66 -8.73 -9.89
N LYS H 361 -22.95 -7.44 -9.70
CA LYS H 361 -22.17 -6.40 -10.38
C LYS H 361 -20.71 -6.46 -10.00
N SER H 362 -20.41 -6.83 -8.76
CA SER H 362 -19.02 -6.92 -8.30
C SER H 362 -18.25 -8.02 -9.01
N THR H 363 -18.94 -8.99 -9.63
CA THR H 363 -18.23 -10.06 -10.33
C THR H 363 -17.56 -9.54 -11.60
N GLY H 364 -18.30 -8.77 -12.41
CA GLY H 364 -17.79 -8.37 -13.70
C GLY H 364 -16.61 -7.41 -13.62
N LYS H 365 -16.65 -6.49 -12.68
CA LYS H 365 -15.64 -5.44 -12.61
C LYS H 365 -14.29 -6.01 -12.19
N PRO H 366 -13.22 -5.80 -12.95
CA PRO H 366 -11.89 -6.25 -12.53
C PRO H 366 -11.16 -5.18 -11.75
N THR H 367 -9.97 -5.50 -11.23
CA THR H 367 -9.19 -4.55 -10.46
C THR H 367 -8.55 -3.53 -11.39
N LEU H 368 -8.87 -2.25 -11.19
CA LEU H 368 -8.29 -1.19 -12.00
C LEU H 368 -7.01 -0.65 -11.38
N TYR H 369 -7.09 -0.15 -10.16
CA TYR H 369 -5.99 0.56 -9.52
C TYR H 369 -5.00 -0.46 -8.96
N ASN H 370 -3.84 -0.56 -9.59
CA ASN H 370 -2.78 -1.49 -9.21
C ASN H 370 -1.78 -0.82 -8.26
N VAL H 371 -2.30 -0.25 -7.16
CA VAL H 371 -1.49 0.60 -6.29
C VAL H 371 -0.32 -0.19 -5.72
N SER H 372 0.84 0.46 -5.66
CA SER H 372 2.05 -0.14 -5.10
C SER H 372 2.70 0.83 -4.14
N LEU H 373 3.16 0.32 -3.00
CA LEU H 373 3.79 1.11 -1.96
C LEU H 373 5.16 0.51 -1.65
N VAL H 374 6.21 1.23 -2.03
CA VAL H 374 7.58 0.73 -1.94
C VAL H 374 8.47 1.76 -1.27
N MET H 375 9.31 1.29 -0.35
CA MET H 375 10.28 2.15 0.34
C MET H 375 11.69 1.88 -0.15
N ILE I 152 -59.97 -34.12 -48.04
CA ILE I 152 -59.11 -33.55 -49.06
C ILE I 152 -58.50 -32.23 -48.57
N ARG I 153 -57.18 -32.17 -48.62
CA ARG I 153 -56.46 -30.97 -48.21
C ARG I 153 -55.12 -30.93 -48.92
N VAL I 154 -54.65 -29.72 -49.22
CA VAL I 154 -53.38 -29.49 -49.89
C VAL I 154 -52.51 -28.66 -48.97
N PHE I 155 -51.35 -29.21 -48.58
CA PHE I 155 -50.39 -28.44 -47.80
C PHE I 155 -49.84 -27.29 -48.62
N ALA I 156 -49.86 -26.10 -48.03
CA ALA I 156 -49.34 -24.89 -48.67
C ALA I 156 -48.47 -24.14 -47.67
N ILE I 157 -47.24 -23.85 -48.07
CA ILE I 157 -46.33 -23.08 -47.22
C ILE I 157 -46.17 -21.70 -47.84
N PRO I 158 -46.77 -20.66 -47.26
CA PRO I 158 -46.59 -19.32 -47.80
C PRO I 158 -45.14 -18.89 -47.66
N PRO I 159 -44.66 -18.04 -48.57
CA PRO I 159 -43.29 -17.53 -48.44
C PRO I 159 -43.10 -16.76 -47.14
N SER I 160 -41.96 -16.98 -46.50
CA SER I 160 -41.63 -16.35 -45.24
C SER I 160 -40.30 -15.61 -45.37
N PHE I 161 -40.05 -14.72 -44.41
CA PHE I 161 -38.88 -13.86 -44.49
C PHE I 161 -37.59 -14.66 -44.46
N ALA I 162 -37.54 -15.71 -43.63
CA ALA I 162 -36.35 -16.56 -43.58
C ALA I 162 -36.10 -17.23 -44.93
N SER I 163 -37.16 -17.77 -45.55
CA SER I 163 -37.01 -18.39 -46.87
C SER I 163 -36.65 -17.35 -47.92
N ILE I 164 -37.25 -16.16 -47.82
CA ILE I 164 -36.95 -15.09 -48.78
C ILE I 164 -35.49 -14.72 -48.73
N PHE I 165 -34.94 -14.53 -47.52
CA PHE I 165 -33.54 -14.16 -47.40
C PHE I 165 -32.61 -15.31 -47.79
N LEU I 166 -32.96 -16.54 -47.40
CA LEU I 166 -32.09 -17.67 -47.67
C LEU I 166 -32.02 -18.00 -49.16
N THR I 167 -33.16 -17.91 -49.86
CA THR I 167 -33.23 -18.35 -51.24
C THR I 167 -33.20 -17.22 -52.25
N LYS I 168 -33.46 -15.98 -51.82
CA LYS I 168 -33.53 -14.79 -52.67
C LYS I 168 -34.60 -14.88 -53.74
N SER I 169 -35.53 -15.83 -53.62
CA SER I 169 -36.62 -15.99 -54.58
C SER I 169 -37.78 -16.69 -53.88
N THR I 170 -38.98 -16.13 -54.03
CA THR I 170 -40.16 -16.69 -53.39
C THR I 170 -40.67 -17.88 -54.19
N LYS I 171 -40.63 -19.06 -53.57
CA LYS I 171 -41.10 -20.29 -54.20
C LYS I 171 -42.35 -20.77 -53.46
N LEU I 172 -43.44 -20.95 -54.20
CA LEU I 172 -44.70 -21.37 -53.63
C LEU I 172 -44.81 -22.90 -53.63
N THR I 173 -45.68 -23.42 -52.77
CA THR I 173 -45.81 -24.87 -52.59
C THR I 173 -47.28 -25.27 -52.50
N CYS I 174 -47.62 -26.35 -53.19
CA CYS I 174 -48.89 -27.06 -53.00
C CYS I 174 -48.66 -28.54 -53.25
N LEU I 175 -48.80 -29.36 -52.20
CA LEU I 175 -48.72 -30.81 -52.31
C LEU I 175 -49.99 -31.42 -51.75
N VAL I 176 -50.57 -32.37 -52.49
CA VAL I 176 -51.89 -32.90 -52.16
C VAL I 176 -51.77 -34.00 -51.11
N THR I 177 -52.63 -33.93 -50.10
CA THR I 177 -52.71 -34.94 -49.05
C THR I 177 -54.18 -35.23 -48.76
N ASP I 178 -54.41 -35.99 -47.69
CA ASP I 178 -55.75 -36.29 -47.18
C ASP I 178 -56.65 -36.90 -48.26
N LEU I 179 -56.09 -37.81 -49.04
CA LEU I 179 -56.83 -38.45 -50.12
C LEU I 179 -56.24 -39.84 -50.37
N THR I 180 -57.11 -40.75 -50.81
CA THR I 180 -56.69 -42.12 -51.09
C THR I 180 -55.74 -42.13 -52.28
N THR I 181 -54.87 -43.14 -52.32
CA THR I 181 -53.88 -43.31 -53.39
C THR I 181 -54.53 -43.21 -54.76
N TYR I 182 -54.13 -42.19 -55.51
CA TYR I 182 -54.74 -41.87 -56.81
C TYR I 182 -53.63 -41.48 -57.78
N ASP I 183 -53.61 -42.14 -58.94
CA ASP I 183 -52.60 -41.88 -59.95
C ASP I 183 -53.06 -40.76 -60.88
N SER I 184 -52.16 -40.34 -61.77
CA SER I 184 -52.41 -39.25 -62.72
C SER I 184 -52.80 -37.97 -62.01
N VAL I 185 -52.00 -37.61 -60.99
CA VAL I 185 -52.24 -36.38 -60.25
C VAL I 185 -51.92 -35.17 -61.11
N THR I 186 -52.61 -34.07 -60.85
CA THR I 186 -52.41 -32.83 -61.60
C THR I 186 -52.50 -31.66 -60.63
N ILE I 187 -51.47 -30.80 -60.65
CA ILE I 187 -51.40 -29.61 -59.81
C ILE I 187 -51.32 -28.39 -60.72
N SER I 188 -52.11 -27.37 -60.41
CA SER I 188 -52.15 -26.14 -61.18
C SER I 188 -52.20 -24.96 -60.22
N TRP I 189 -51.78 -23.79 -60.72
CA TRP I 189 -51.72 -22.58 -59.91
C TRP I 189 -52.60 -21.50 -60.49
N THR I 190 -53.10 -20.62 -59.62
CA THR I 190 -53.96 -19.52 -60.00
C THR I 190 -53.63 -18.29 -59.17
N ARG I 191 -53.30 -17.18 -59.83
CA ARG I 191 -53.05 -15.92 -59.13
C ARG I 191 -54.38 -15.23 -58.82
N GLN I 192 -54.29 -13.95 -58.43
CA GLN I 192 -55.50 -13.17 -58.19
C GLN I 192 -56.30 -13.00 -59.47
N ASN I 193 -55.63 -12.76 -60.59
CA ASN I 193 -56.29 -12.63 -61.89
C ASN I 193 -56.27 -13.92 -62.69
N GLY I 194 -55.63 -14.97 -62.19
CA GLY I 194 -55.70 -16.27 -62.82
C GLY I 194 -54.82 -16.47 -64.04
N GLU I 195 -53.70 -15.76 -64.14
CA GLU I 195 -52.79 -15.96 -65.26
C GLU I 195 -52.09 -17.31 -65.15
N ALA I 196 -51.80 -17.92 -66.30
CA ALA I 196 -51.24 -19.28 -66.36
C ALA I 196 -49.75 -19.22 -66.09
N VAL I 197 -49.40 -19.29 -64.80
CA VAL I 197 -48.01 -19.37 -64.36
C VAL I 197 -47.55 -20.82 -64.42
N LYS I 198 -46.24 -21.04 -64.26
CA LYS I 198 -45.70 -22.40 -64.20
C LYS I 198 -46.34 -23.17 -63.06
N THR I 199 -47.06 -24.24 -63.40
CA THR I 199 -47.82 -24.98 -62.40
C THR I 199 -46.90 -25.75 -61.46
N HIS I 200 -45.91 -26.46 -62.00
CA HIS I 200 -45.08 -27.33 -61.19
C HIS I 200 -43.79 -27.66 -61.94
N THR I 201 -42.84 -28.23 -61.19
CA THR I 201 -41.59 -28.73 -61.76
C THR I 201 -40.99 -29.71 -60.76
N ASN I 202 -40.68 -30.91 -61.22
CA ASN I 202 -40.04 -31.96 -60.42
C ASN I 202 -40.89 -32.30 -59.19
N ILE I 203 -42.06 -32.89 -59.48
CA ILE I 203 -42.97 -33.29 -58.41
C ILE I 203 -42.33 -34.36 -57.54
N SER I 204 -42.80 -34.45 -56.29
CA SER I 204 -42.24 -35.36 -55.31
C SER I 204 -42.87 -36.75 -55.46
N GLU I 205 -42.43 -37.67 -54.62
CA GLU I 205 -42.91 -39.05 -54.65
C GLU I 205 -44.20 -39.20 -53.85
N SER I 206 -44.70 -40.44 -53.82
CA SER I 206 -45.92 -40.72 -53.08
C SER I 206 -45.62 -40.93 -51.60
N HIS I 207 -46.48 -40.38 -50.75
CA HIS I 207 -46.31 -40.55 -49.32
C HIS I 207 -46.66 -41.98 -48.91
N PRO I 208 -45.97 -42.54 -47.92
CA PRO I 208 -46.26 -43.93 -47.51
C PRO I 208 -47.67 -44.12 -46.95
N ASN I 209 -48.28 -43.08 -46.38
CA ASN I 209 -49.60 -43.25 -45.77
C ASN I 209 -50.71 -43.12 -46.80
N ALA I 210 -50.62 -43.87 -47.89
CA ALA I 210 -51.65 -43.96 -48.93
C ALA I 210 -51.98 -42.58 -49.50
N THR I 211 -50.96 -41.92 -50.06
CA THR I 211 -51.14 -40.59 -50.63
C THR I 211 -50.10 -40.35 -51.71
N PHE I 212 -50.56 -39.91 -52.88
CA PHE I 212 -49.69 -39.40 -53.93
C PHE I 212 -49.53 -37.89 -53.78
N SER I 213 -48.37 -37.39 -54.18
CA SER I 213 -48.04 -35.98 -54.03
C SER I 213 -47.56 -35.40 -55.35
N ALA I 214 -47.83 -34.11 -55.55
CA ALA I 214 -47.35 -33.38 -56.71
C ALA I 214 -47.13 -31.94 -56.29
N VAL I 215 -45.87 -31.62 -55.95
CA VAL I 215 -45.55 -30.28 -55.47
C VAL I 215 -45.55 -29.30 -56.64
N GLY I 216 -46.10 -28.11 -56.40
CA GLY I 216 -46.16 -27.08 -57.41
C GLY I 216 -45.40 -25.84 -57.02
N GLU I 217 -44.40 -25.47 -57.82
CA GLU I 217 -43.52 -24.35 -57.52
C GLU I 217 -43.86 -23.17 -58.42
N ALA I 218 -44.09 -22.01 -57.80
CA ALA I 218 -44.42 -20.79 -58.51
C ALA I 218 -43.47 -19.68 -58.09
N SER I 219 -42.90 -18.97 -59.06
CA SER I 219 -41.99 -17.86 -58.78
C SER I 219 -42.77 -16.56 -58.84
N ILE I 220 -42.81 -15.84 -57.72
CA ILE I 220 -43.56 -14.60 -57.60
C ILE I 220 -42.60 -13.50 -57.17
N CYS I 221 -42.77 -12.32 -57.74
CA CYS I 221 -41.94 -11.18 -57.37
C CYS I 221 -42.22 -10.75 -55.94
N GLU I 222 -41.22 -10.10 -55.33
CA GLU I 222 -41.30 -9.78 -53.90
C GLU I 222 -42.42 -8.81 -53.59
N ASP I 223 -42.61 -7.80 -54.45
CA ASP I 223 -43.65 -6.80 -54.18
C ASP I 223 -45.04 -7.38 -54.32
N ASP I 224 -45.23 -8.33 -55.24
CA ASP I 224 -46.54 -8.95 -55.41
C ASP I 224 -46.95 -9.73 -54.17
N TRP I 225 -46.01 -10.45 -53.56
CA TRP I 225 -46.29 -11.13 -52.31
C TRP I 225 -46.62 -10.13 -51.21
N ASN I 226 -45.89 -9.00 -51.18
CA ASN I 226 -46.12 -7.94 -50.22
C ASN I 226 -47.38 -7.13 -50.55
N SER I 227 -47.83 -7.15 -51.81
CA SER I 227 -48.99 -6.37 -52.20
C SER I 227 -50.25 -6.82 -51.47
N GLY I 228 -50.41 -8.13 -51.30
CA GLY I 228 -51.50 -8.67 -50.49
C GLY I 228 -52.54 -9.46 -51.24
N GLU I 229 -52.39 -9.67 -52.54
CA GLU I 229 -53.35 -10.48 -53.27
C GLU I 229 -53.19 -11.96 -52.91
N ARG I 230 -54.30 -12.68 -53.00
CA ARG I 230 -54.30 -14.10 -52.65
C ARG I 230 -53.80 -14.94 -53.82
N PHE I 231 -53.23 -16.10 -53.48
CA PHE I 231 -52.79 -17.07 -54.47
C PHE I 231 -53.35 -18.43 -54.09
N THR I 232 -54.02 -19.08 -55.04
CA THR I 232 -54.63 -20.38 -54.82
C THR I 232 -54.17 -21.35 -55.88
N CYS I 233 -54.22 -22.64 -55.54
CA CYS I 233 -53.78 -23.70 -56.43
C CYS I 233 -54.88 -24.74 -56.58
N THR I 234 -55.25 -25.05 -57.83
CA THR I 234 -56.31 -25.98 -58.14
C THR I 234 -55.73 -27.30 -58.66
N VAL I 235 -56.51 -28.37 -58.48
CA VAL I 235 -56.08 -29.71 -58.86
C VAL I 235 -57.15 -30.34 -59.74
N THR I 236 -56.71 -31.08 -60.75
CA THR I 236 -57.61 -31.87 -61.59
C THR I 236 -57.71 -33.27 -61.00
N HIS I 237 -58.84 -33.58 -60.39
CA HIS I 237 -59.05 -34.83 -59.68
C HIS I 237 -60.27 -35.54 -60.24
N THR I 238 -60.11 -36.83 -60.58
CA THR I 238 -61.21 -37.59 -61.14
C THR I 238 -62.32 -37.81 -60.13
N ASP I 239 -61.97 -38.14 -58.88
CA ASP I 239 -62.97 -38.38 -57.86
C ASP I 239 -63.65 -37.10 -57.41
N LEU I 240 -63.08 -35.93 -57.70
CA LEU I 240 -63.65 -34.67 -57.30
C LEU I 240 -64.42 -34.05 -58.47
N PRO I 241 -65.74 -33.87 -58.34
CA PRO I 241 -66.47 -33.18 -59.42
C PRO I 241 -66.00 -31.76 -59.67
N SER I 242 -65.53 -31.07 -58.63
CA SER I 242 -65.02 -29.72 -58.75
C SER I 242 -63.57 -29.68 -58.27
N PRO I 243 -62.71 -28.89 -58.92
CA PRO I 243 -61.31 -28.80 -58.47
C PRO I 243 -61.19 -28.24 -57.06
N LEU I 244 -60.23 -28.76 -56.31
CA LEU I 244 -59.97 -28.32 -54.95
C LEU I 244 -58.94 -27.19 -54.98
N LYS I 245 -59.26 -26.08 -54.30
CA LYS I 245 -58.39 -24.91 -54.28
C LYS I 245 -58.10 -24.51 -52.85
N GLN I 246 -56.85 -24.11 -52.60
CA GLN I 246 -56.39 -23.68 -51.29
C GLN I 246 -55.76 -22.31 -51.42
N THR I 247 -56.35 -21.32 -50.75
CA THR I 247 -55.90 -19.93 -50.88
C THR I 247 -54.75 -19.64 -49.92
N ILE I 248 -53.87 -18.73 -50.33
CA ILE I 248 -52.73 -18.30 -49.53
C ILE I 248 -52.78 -16.79 -49.40
N SER I 249 -52.70 -16.29 -48.17
CA SER I 249 -52.79 -14.85 -47.92
C SER I 249 -51.92 -14.49 -46.73
N ARG I 250 -51.70 -13.20 -46.57
CA ARG I 250 -50.93 -12.64 -45.46
C ARG I 250 -51.84 -11.92 -44.48
N PRO I 251 -51.44 -11.80 -43.21
CA PRO I 251 -52.20 -11.03 -42.22
C PRO I 251 -52.33 -9.55 -42.59
N VAL I 254 -48.14 -7.41 -38.98
CA VAL I 254 -49.13 -6.55 -38.33
C VAL I 254 -48.43 -5.47 -37.53
N ALA I 255 -47.96 -5.82 -36.33
CA ALA I 255 -47.27 -4.87 -35.48
C ALA I 255 -45.87 -4.58 -36.01
N LEU I 256 -45.37 -3.40 -35.71
CA LEU I 256 -44.05 -2.94 -36.13
C LEU I 256 -43.17 -2.80 -34.90
N HIS I 257 -42.15 -3.66 -34.79
CA HIS I 257 -41.18 -3.57 -33.70
C HIS I 257 -39.84 -4.06 -34.21
N ARG I 258 -38.78 -3.38 -33.77
CA ARG I 258 -37.44 -3.57 -34.29
C ARG I 258 -36.62 -4.46 -33.36
N PRO I 259 -35.94 -5.47 -33.90
CA PRO I 259 -35.06 -6.28 -33.06
C PRO I 259 -33.88 -5.47 -32.56
N ASP I 260 -33.34 -5.89 -31.41
CA ASP I 260 -32.20 -5.22 -30.78
C ASP I 260 -31.19 -6.32 -30.44
N VAL I 261 -30.24 -6.55 -31.36
CA VAL I 261 -29.23 -7.58 -31.14
C VAL I 261 -28.31 -7.13 -30.00
N TYR I 262 -28.02 -8.06 -29.09
CA TYR I 262 -27.13 -7.83 -27.96
C TYR I 262 -26.24 -9.06 -27.81
N LEU I 263 -25.09 -9.03 -28.46
CA LEU I 263 -24.20 -10.19 -28.49
C LEU I 263 -23.40 -10.24 -27.20
N LEU I 264 -23.46 -11.38 -26.50
CA LEU I 264 -22.85 -11.52 -25.18
C LEU I 264 -21.54 -12.28 -25.28
N PRO I 265 -20.42 -11.70 -24.84
CA PRO I 265 -19.19 -12.49 -24.77
C PRO I 265 -19.29 -13.53 -23.68
N PRO I 266 -18.55 -14.64 -23.79
CA PRO I 266 -18.65 -15.69 -22.78
C PRO I 266 -18.05 -15.28 -21.44
N ALA I 267 -18.59 -15.84 -20.37
CA ALA I 267 -18.05 -15.62 -19.04
C ALA I 267 -16.73 -16.35 -18.87
N ARG I 268 -15.86 -15.80 -18.01
CA ARG I 268 -14.52 -16.34 -17.85
C ARG I 268 -14.51 -17.71 -17.17
N GLU I 269 -15.58 -18.08 -16.48
CA GLU I 269 -15.64 -19.40 -15.86
C GLU I 269 -15.57 -20.50 -16.89
N GLN I 270 -16.24 -20.32 -18.03
CA GLN I 270 -16.18 -21.31 -19.10
C GLN I 270 -14.82 -21.32 -19.77
N LEU I 271 -14.19 -20.14 -19.91
CA LEU I 271 -12.91 -20.06 -20.60
C LEU I 271 -11.79 -20.70 -19.78
N ASN I 272 -11.85 -20.60 -18.45
CA ASN I 272 -10.78 -21.16 -17.62
C ASN I 272 -10.73 -22.68 -17.73
N LEU I 273 -11.88 -23.32 -17.96
CA LEU I 273 -11.91 -24.77 -18.12
C LEU I 273 -11.30 -25.21 -19.45
N ARG I 274 -11.26 -24.31 -20.44
CA ARG I 274 -10.55 -24.50 -21.71
C ARG I 274 -11.13 -25.64 -22.56
N GLU I 275 -12.44 -25.84 -22.55
CA GLU I 275 -13.05 -26.72 -23.55
C GLU I 275 -13.53 -25.92 -24.76
N SER I 276 -14.44 -24.96 -24.53
CA SER I 276 -15.00 -24.14 -25.60
C SER I 276 -15.62 -22.91 -24.95
N ALA I 277 -16.12 -22.02 -25.80
CA ALA I 277 -16.84 -20.83 -25.36
C ALA I 277 -18.09 -20.67 -26.21
N THR I 278 -19.19 -20.30 -25.56
CA THR I 278 -20.50 -20.23 -26.21
C THR I 278 -20.87 -18.76 -26.39
N ILE I 279 -20.57 -18.22 -27.56
CA ILE I 279 -20.92 -16.85 -27.89
C ILE I 279 -22.38 -16.81 -28.33
N THR I 280 -23.19 -16.05 -27.60
CA THR I 280 -24.63 -15.98 -27.83
C THR I 280 -25.03 -14.55 -28.11
N CYS I 281 -25.83 -14.32 -29.15
CA CYS I 281 -26.37 -13.01 -29.45
C CYS I 281 -27.88 -13.03 -29.28
N LEU I 282 -28.37 -12.37 -28.23
CA LEU I 282 -29.77 -12.41 -27.86
C LEU I 282 -30.59 -11.51 -28.77
N VAL I 283 -31.18 -12.10 -29.80
CA VAL I 283 -32.07 -11.37 -30.70
C VAL I 283 -33.43 -11.24 -30.02
N THR I 284 -33.78 -10.03 -29.61
CA THR I 284 -35.00 -9.83 -28.85
C THR I 284 -35.69 -8.55 -29.28
N GLY I 285 -37.02 -8.56 -29.20
CA GLY I 285 -37.83 -7.37 -29.40
C GLY I 285 -38.67 -7.32 -30.66
N PHE I 286 -38.66 -8.37 -31.48
CA PHE I 286 -39.39 -8.36 -32.74
C PHE I 286 -40.76 -8.99 -32.57
N SER I 287 -41.79 -8.31 -33.10
CA SER I 287 -43.16 -8.82 -33.05
C SER I 287 -43.50 -9.85 -34.15
N PRO I 288 -43.19 -9.62 -35.43
CA PRO I 288 -43.68 -10.56 -36.46
C PRO I 288 -43.08 -11.95 -36.39
N ALA I 289 -41.96 -12.13 -35.68
CA ALA I 289 -41.36 -13.45 -35.45
C ALA I 289 -41.01 -14.16 -36.76
N ASP I 290 -40.42 -13.42 -37.69
CA ASP I 290 -39.96 -13.97 -38.97
C ASP I 290 -38.49 -13.65 -39.19
N VAL I 291 -37.66 -13.90 -38.19
CA VAL I 291 -36.26 -13.52 -38.25
C VAL I 291 -35.41 -14.71 -38.67
N PHE I 292 -34.24 -14.41 -39.22
CA PHE I 292 -33.21 -15.41 -39.50
C PHE I 292 -31.88 -14.88 -39.01
N VAL I 293 -31.12 -15.74 -38.35
CA VAL I 293 -29.86 -15.37 -37.71
C VAL I 293 -28.72 -16.10 -38.42
N GLN I 294 -27.72 -15.36 -38.85
CA GLN I 294 -26.55 -15.90 -39.53
C GLN I 294 -25.29 -15.38 -38.87
N TRP I 295 -24.32 -16.26 -38.64
CA TRP I 295 -23.10 -15.94 -37.93
C TRP I 295 -21.98 -15.74 -38.93
N MET I 296 -21.40 -14.54 -38.93
CA MET I 296 -20.40 -14.15 -39.92
C MET I 296 -19.03 -14.05 -39.26
N GLN I 297 -18.04 -14.68 -39.90
CA GLN I 297 -16.65 -14.63 -39.45
C GLN I 297 -15.83 -13.86 -40.48
N ARG I 298 -15.37 -12.67 -40.10
CA ARG I 298 -14.46 -11.84 -40.91
C ARG I 298 -15.04 -11.52 -42.29
N GLY I 299 -16.36 -11.46 -42.41
CA GLY I 299 -17.02 -11.30 -43.68
C GLY I 299 -17.30 -12.58 -44.42
N GLN I 300 -16.82 -13.73 -43.92
CA GLN I 300 -17.04 -15.05 -44.49
C GLN I 300 -18.10 -15.78 -43.69
N PRO I 301 -19.24 -16.13 -44.31
CA PRO I 301 -20.30 -16.83 -43.58
C PRO I 301 -19.84 -18.18 -43.05
N LEU I 302 -20.39 -18.56 -41.91
CA LEU I 302 -20.07 -19.81 -41.26
C LEU I 302 -21.10 -20.89 -41.62
N SER I 303 -20.76 -22.13 -41.28
CA SER I 303 -21.64 -23.24 -41.58
C SER I 303 -22.88 -23.21 -40.69
N PRO I 304 -24.04 -23.62 -41.23
CA PRO I 304 -25.25 -23.68 -40.40
C PRO I 304 -25.18 -24.72 -39.29
N GLU I 305 -24.27 -25.71 -39.40
CA GLU I 305 -24.11 -26.70 -38.36
C GLU I 305 -23.55 -26.09 -37.08
N LYS I 306 -22.65 -25.10 -37.21
CA LYS I 306 -21.91 -24.60 -36.06
C LYS I 306 -22.82 -23.96 -35.03
N TYR I 307 -23.83 -23.22 -35.47
CA TYR I 307 -24.73 -22.54 -34.56
C TYR I 307 -26.12 -23.14 -34.61
N VAL I 308 -26.86 -23.02 -33.51
CA VAL I 308 -28.22 -23.50 -33.39
C VAL I 308 -29.08 -22.35 -32.90
N THR I 309 -30.20 -22.10 -33.57
CA THR I 309 -31.12 -21.03 -33.21
C THR I 309 -32.42 -21.61 -32.68
N SER I 310 -33.05 -20.88 -31.77
CA SER I 310 -34.31 -21.31 -31.18
C SER I 310 -35.49 -20.72 -31.95
N ALA I 311 -36.67 -21.25 -31.67
CA ALA I 311 -37.89 -20.70 -32.24
C ALA I 311 -38.31 -19.44 -31.48
N PRO I 312 -39.02 -18.53 -32.14
CA PRO I 312 -39.50 -17.32 -31.44
C PRO I 312 -40.43 -17.66 -30.29
N MET I 313 -40.00 -17.27 -29.07
CA MET I 313 -40.69 -17.49 -27.81
C MET I 313 -41.39 -16.22 -27.34
N PRO I 314 -42.52 -16.36 -26.66
CA PRO I 314 -43.22 -15.17 -26.14
C PRO I 314 -42.38 -14.42 -25.12
N GLU I 315 -42.49 -13.09 -25.14
CA GLU I 315 -41.86 -12.24 -24.14
C GLU I 315 -42.65 -12.31 -22.84
N PRO I 316 -41.98 -12.30 -21.69
CA PRO I 316 -42.71 -12.32 -20.41
C PRO I 316 -43.63 -11.13 -20.20
N GLN I 317 -43.27 -9.95 -20.69
CA GLN I 317 -44.03 -8.74 -20.42
C GLN I 317 -45.09 -8.47 -21.48
N ALA I 318 -44.65 -8.26 -22.73
CA ALA I 318 -45.57 -7.93 -23.81
C ALA I 318 -45.85 -9.17 -24.64
N PRO I 319 -47.11 -9.61 -24.75
CA PRO I 319 -47.41 -10.81 -25.57
C PRO I 319 -47.04 -10.66 -27.03
N GLY I 320 -47.14 -9.46 -27.60
CA GLY I 320 -46.86 -9.29 -29.02
C GLY I 320 -45.40 -9.51 -29.37
N ARG I 321 -44.50 -9.09 -28.49
CA ARG I 321 -43.07 -9.18 -28.78
C ARG I 321 -42.58 -10.61 -28.55
N TYR I 322 -41.74 -11.08 -29.48
CA TYR I 322 -41.13 -12.41 -29.41
C TYR I 322 -39.62 -12.26 -29.52
N PHE I 323 -38.90 -13.07 -28.75
CA PHE I 323 -37.44 -13.11 -28.80
C PHE I 323 -36.96 -14.44 -29.35
N ALA I 324 -35.67 -14.51 -29.64
CA ALA I 324 -35.04 -15.73 -30.12
C ALA I 324 -33.67 -15.84 -29.48
N HIS I 325 -32.87 -16.78 -29.94
CA HIS I 325 -31.55 -17.01 -29.39
C HIS I 325 -30.69 -17.71 -30.43
N SER I 326 -29.39 -17.75 -30.15
CA SER I 326 -28.44 -18.54 -30.94
C SER I 326 -27.22 -18.80 -30.07
N ILE I 327 -26.46 -19.83 -30.42
CA ILE I 327 -25.26 -20.19 -29.69
C ILE I 327 -24.18 -20.56 -30.68
N LEU I 328 -23.02 -19.93 -30.57
CA LEU I 328 -21.88 -20.20 -31.44
C LEU I 328 -20.71 -20.66 -30.57
N THR I 329 -20.29 -21.91 -30.78
CA THR I 329 -19.20 -22.50 -30.01
C THR I 329 -17.87 -22.21 -30.69
N VAL I 330 -16.88 -21.86 -29.89
CA VAL I 330 -15.56 -21.48 -30.40
C VAL I 330 -14.50 -22.11 -29.50
N SER I 331 -13.39 -22.54 -30.12
CA SER I 331 -12.26 -23.02 -29.34
C SER I 331 -11.68 -21.89 -28.49
N GLU I 332 -11.21 -22.26 -27.30
CA GLU I 332 -10.75 -21.24 -26.34
C GLU I 332 -9.52 -20.50 -26.85
N GLU I 333 -8.70 -21.15 -27.68
CA GLU I 333 -7.53 -20.47 -28.23
C GLU I 333 -7.92 -19.47 -29.32
N GLU I 334 -9.02 -19.72 -30.03
CA GLU I 334 -9.44 -18.80 -31.08
C GLU I 334 -9.97 -17.50 -30.49
N TRP I 335 -10.72 -17.58 -29.40
CA TRP I 335 -11.27 -16.37 -28.78
C TRP I 335 -10.16 -15.44 -28.29
N ASN I 336 -9.01 -16.00 -27.91
CA ASN I 336 -7.88 -15.17 -27.50
C ASN I 336 -7.20 -14.51 -28.70
N THR I 337 -7.29 -15.12 -29.88
CA THR I 337 -6.66 -14.55 -31.07
C THR I 337 -7.33 -13.24 -31.47
N GLY I 338 -8.65 -13.18 -31.39
CA GLY I 338 -9.33 -11.92 -31.62
C GLY I 338 -10.10 -11.78 -32.92
N GLU I 339 -10.79 -12.83 -33.35
CA GLU I 339 -11.66 -12.72 -34.51
C GLU I 339 -12.90 -11.90 -34.18
N THR I 340 -13.62 -11.48 -35.23
CA THR I 340 -14.73 -10.55 -35.06
C THR I 340 -15.97 -11.26 -34.48
N TYR I 341 -16.40 -12.35 -35.12
CA TYR I 341 -17.49 -13.20 -34.63
C TYR I 341 -18.79 -12.40 -34.45
N THR I 342 -19.29 -11.92 -35.58
CA THR I 342 -20.53 -11.15 -35.61
C THR I 342 -21.69 -12.02 -36.09
N CYS I 343 -22.89 -11.69 -35.59
CA CYS I 343 -24.13 -12.32 -36.02
C CYS I 343 -25.01 -11.27 -36.65
N VAL I 344 -25.60 -11.59 -37.80
CA VAL I 344 -26.49 -10.68 -38.52
C VAL I 344 -27.92 -11.17 -38.35
N VAL I 345 -28.86 -10.22 -38.34
CA VAL I 345 -30.26 -10.50 -38.09
C VAL I 345 -31.07 -9.92 -39.25
N ALA I 346 -31.81 -10.79 -39.94
CA ALA I 346 -32.68 -10.38 -41.04
C ALA I 346 -34.11 -10.28 -40.53
N HIS I 347 -34.71 -9.10 -40.70
CA HIS I 347 -36.08 -8.88 -40.24
C HIS I 347 -36.75 -7.85 -41.13
N GLU I 348 -38.09 -7.90 -41.16
CA GLU I 348 -38.84 -7.01 -42.03
C GLU I 348 -38.93 -5.59 -41.50
N ALA I 349 -38.98 -5.42 -40.18
CA ALA I 349 -39.14 -4.08 -39.59
C ALA I 349 -37.88 -3.24 -39.67
N LEU I 350 -36.75 -3.83 -40.04
CA LEU I 350 -35.50 -3.08 -40.11
C LEU I 350 -35.52 -2.16 -41.34
N PRO I 351 -35.30 -0.86 -41.17
CA PRO I 351 -35.21 0.03 -42.35
C PRO I 351 -34.10 -0.34 -43.30
N ASN I 352 -32.97 -0.81 -42.77
CA ASN I 352 -31.84 -1.23 -43.59
C ASN I 352 -32.07 -2.62 -44.17
N ARG I 353 -33.06 -3.35 -43.65
CA ARG I 353 -33.45 -4.72 -43.93
C ARG I 353 -32.50 -5.73 -43.27
N VAL I 354 -31.41 -5.27 -42.65
CA VAL I 354 -30.53 -6.14 -41.88
C VAL I 354 -29.70 -5.25 -40.94
N THR I 355 -29.49 -5.73 -39.72
CA THR I 355 -28.60 -5.09 -38.77
C THR I 355 -27.41 -5.99 -38.51
N GLU I 356 -26.50 -5.54 -37.65
CA GLU I 356 -25.29 -6.28 -37.37
C GLU I 356 -24.64 -5.72 -36.12
N ARG I 357 -24.18 -6.62 -35.24
CA ARG I 357 -23.45 -6.25 -34.04
C ARG I 357 -22.29 -7.23 -33.85
N THR I 358 -21.28 -6.78 -33.11
CA THR I 358 -20.14 -7.64 -32.82
C THR I 358 -19.42 -7.12 -31.58
N VAL I 359 -18.67 -8.02 -30.95
CA VAL I 359 -17.69 -7.69 -29.92
C VAL I 359 -16.46 -8.56 -30.16
N ASP I 360 -15.40 -8.26 -29.42
CA ASP I 360 -14.15 -9.00 -29.52
C ASP I 360 -13.62 -9.18 -28.10
N LYS I 361 -12.53 -9.94 -27.95
CA LYS I 361 -11.94 -10.18 -26.65
C LYS I 361 -11.54 -8.88 -25.96
N SER I 362 -11.20 -7.84 -26.73
CA SER I 362 -10.78 -6.56 -26.18
C SER I 362 -11.89 -5.52 -26.19
N THR I 363 -13.15 -5.94 -26.38
CA THR I 363 -14.24 -4.97 -26.47
C THR I 363 -14.52 -4.30 -25.12
N GLY I 364 -14.56 -5.09 -24.05
CA GLY I 364 -14.97 -4.56 -22.76
C GLY I 364 -13.86 -4.43 -21.74
N LYS I 365 -12.67 -4.00 -22.17
CA LYS I 365 -11.55 -3.83 -21.26
C LYS I 365 -11.41 -2.35 -20.92
N PRO I 366 -11.62 -1.95 -19.68
CA PRO I 366 -11.41 -0.55 -19.29
C PRO I 366 -9.93 -0.24 -19.13
N THR I 367 -9.63 1.05 -19.03
CA THR I 367 -8.26 1.49 -18.88
C THR I 367 -7.73 1.10 -17.50
N LEU I 368 -6.55 0.50 -17.48
CA LEU I 368 -5.93 0.08 -16.23
C LEU I 368 -5.23 1.27 -15.57
N TYR I 369 -4.50 0.99 -14.50
CA TYR I 369 -3.71 2.00 -13.80
C TYR I 369 -2.52 1.32 -13.15
N ASN I 370 -1.53 2.13 -12.78
CA ASN I 370 -0.31 1.57 -12.20
C ASN I 370 0.32 2.67 -11.36
N VAL I 371 0.14 2.60 -10.04
CA VAL I 371 0.64 3.63 -9.13
C VAL I 371 1.82 3.07 -8.36
N SER I 372 2.89 3.87 -8.28
CA SER I 372 4.19 3.40 -7.80
C SER I 372 4.82 4.39 -6.83
N LEU I 373 4.09 4.75 -5.77
CA LEU I 373 4.61 5.61 -4.72
C LEU I 373 5.98 5.13 -4.23
N VAL I 374 7.00 5.95 -4.43
CA VAL I 374 8.39 5.54 -4.22
C VAL I 374 9.06 6.45 -3.21
N MET I 375 9.70 5.86 -2.20
CA MET I 375 10.81 6.48 -1.48
C MET I 375 11.56 5.41 -0.69
N ILE J 152 -33.93 13.13 -82.41
CA ILE J 152 -34.52 12.02 -83.16
C ILE J 152 -34.55 10.76 -82.31
N ARG J 153 -33.39 10.13 -82.13
CA ARG J 153 -33.30 8.93 -81.33
C ARG J 153 -33.49 9.24 -79.84
N VAL J 154 -33.94 8.23 -79.10
CA VAL J 154 -34.25 8.35 -77.69
C VAL J 154 -33.18 7.62 -76.88
N PHE J 155 -32.88 8.16 -75.70
CA PHE J 155 -31.98 7.53 -74.74
C PHE J 155 -32.76 7.14 -73.50
N ALA J 156 -32.52 5.92 -73.01
CA ALA J 156 -33.18 5.42 -71.82
C ALA J 156 -32.22 5.44 -70.63
N ILE J 157 -32.67 6.01 -69.53
CA ILE J 157 -31.88 6.08 -68.30
C ILE J 157 -31.96 4.72 -67.62
N PRO J 158 -30.83 4.05 -67.39
CA PRO J 158 -30.87 2.74 -66.72
C PRO J 158 -30.82 2.91 -65.21
N PRO J 159 -31.86 2.45 -64.50
CA PRO J 159 -31.79 2.46 -63.04
C PRO J 159 -30.70 1.52 -62.55
N SER J 160 -29.96 2.00 -61.55
CA SER J 160 -28.83 1.26 -61.01
C SER J 160 -29.09 0.97 -59.54
N PHE J 161 -28.10 0.38 -58.87
CA PHE J 161 -28.28 -0.02 -57.48
C PHE J 161 -28.35 1.19 -56.55
N ALA J 162 -27.80 2.34 -56.95
CA ALA J 162 -27.94 3.54 -56.15
C ALA J 162 -29.33 4.14 -56.26
N SER J 163 -30.08 3.79 -57.31
CA SER J 163 -31.43 4.31 -57.52
C SER J 163 -32.52 3.37 -57.03
N ILE J 164 -32.38 2.06 -57.30
CA ILE J 164 -33.40 1.12 -56.87
C ILE J 164 -33.40 0.98 -55.34
N PHE J 165 -32.22 1.05 -54.71
CA PHE J 165 -32.15 0.94 -53.26
C PHE J 165 -32.64 2.20 -52.58
N LEU J 166 -32.30 3.38 -53.13
CA LEU J 166 -32.73 4.63 -52.54
C LEU J 166 -34.24 4.81 -52.63
N THR J 167 -34.83 4.48 -53.78
CA THR J 167 -36.25 4.65 -54.01
C THR J 167 -37.06 3.42 -53.63
N LYS J 168 -36.42 2.34 -53.20
CA LYS J 168 -37.06 1.09 -52.80
C LYS J 168 -37.87 0.43 -53.91
N SER J 169 -37.68 0.86 -55.15
CA SER J 169 -38.39 0.29 -56.28
C SER J 169 -37.60 0.54 -57.55
N THR J 170 -37.95 -0.20 -58.60
CA THR J 170 -37.31 -0.08 -59.90
C THR J 170 -38.19 0.74 -60.83
N LYS J 171 -37.62 1.81 -61.39
CA LYS J 171 -38.33 2.69 -62.31
C LYS J 171 -37.55 2.80 -63.60
N LEU J 172 -38.21 2.52 -64.72
CA LEU J 172 -37.58 2.54 -66.04
C LEU J 172 -38.18 3.67 -66.86
N THR J 173 -37.32 4.53 -67.40
CA THR J 173 -37.74 5.68 -68.18
C THR J 173 -36.79 5.87 -69.35
N CYS J 174 -37.33 6.42 -70.44
CA CYS J 174 -36.53 6.80 -71.61
C CYS J 174 -36.73 8.28 -71.88
N LEU J 175 -35.62 9.00 -72.08
CA LEU J 175 -35.63 10.45 -72.23
C LEU J 175 -35.55 10.81 -73.70
N VAL J 176 -36.57 11.51 -74.20
CA VAL J 176 -36.57 11.96 -75.59
C VAL J 176 -35.52 13.05 -75.76
N THR J 177 -34.72 12.93 -76.82
CA THR J 177 -33.65 13.87 -77.09
C THR J 177 -33.79 14.42 -78.50
N ASP J 178 -33.78 15.75 -78.61
CA ASP J 178 -33.76 16.48 -79.88
C ASP J 178 -34.98 16.09 -80.73
N LEU J 179 -36.14 16.56 -80.27
CA LEU J 179 -37.39 16.45 -81.01
C LEU J 179 -38.31 17.58 -80.59
N THR J 180 -39.08 18.10 -81.53
CA THR J 180 -40.01 19.19 -81.24
C THR J 180 -41.11 18.72 -80.29
N THR J 181 -41.59 19.64 -79.46
CA THR J 181 -42.57 19.29 -78.44
C THR J 181 -43.96 19.12 -79.03
N TYR J 182 -44.72 18.18 -78.48
CA TYR J 182 -46.09 17.93 -78.90
C TYR J 182 -46.99 17.76 -77.68
N ASP J 183 -48.28 18.03 -77.88
CA ASP J 183 -49.24 17.95 -76.80
C ASP J 183 -49.61 16.50 -76.53
N SER J 184 -49.55 16.11 -75.24
CA SER J 184 -49.96 14.78 -74.78
C SER J 184 -49.17 13.67 -75.48
N VAL J 185 -47.85 13.69 -75.25
CA VAL J 185 -46.97 12.67 -75.82
C VAL J 185 -47.07 11.41 -74.98
N THR J 186 -47.34 10.28 -75.64
CA THR J 186 -47.49 9.00 -74.96
C THR J 186 -46.20 8.20 -75.03
N ILE J 187 -45.77 7.67 -73.90
CA ILE J 187 -44.55 6.87 -73.78
C ILE J 187 -44.90 5.54 -73.13
N SER J 188 -44.45 4.45 -73.74
CA SER J 188 -44.68 3.11 -73.23
C SER J 188 -43.39 2.32 -73.32
N TRP J 189 -43.39 1.16 -72.66
CA TRP J 189 -42.23 0.28 -72.65
C TRP J 189 -42.65 -1.11 -73.13
N THR J 190 -41.86 -1.69 -74.03
CA THR J 190 -42.13 -3.01 -74.57
C THR J 190 -40.95 -3.92 -74.27
N ARG J 191 -41.24 -5.12 -73.75
CA ARG J 191 -40.21 -6.07 -73.39
C ARG J 191 -39.68 -6.77 -74.64
N GLN J 192 -38.75 -7.71 -74.42
CA GLN J 192 -38.19 -8.48 -75.53
C GLN J 192 -39.24 -9.38 -76.18
N ASN J 193 -40.13 -9.96 -75.37
CA ASN J 193 -41.16 -10.86 -75.89
C ASN J 193 -42.24 -10.13 -76.67
N GLY J 194 -42.28 -8.80 -76.62
CA GLY J 194 -43.27 -8.02 -77.34
C GLY J 194 -44.39 -7.47 -76.47
N GLU J 195 -44.49 -7.90 -75.22
CA GLU J 195 -45.53 -7.39 -74.33
C GLU J 195 -45.25 -5.93 -73.97
N ALA J 196 -46.30 -5.12 -73.94
CA ALA J 196 -46.20 -3.71 -73.63
C ALA J 196 -46.76 -3.45 -72.23
N VAL J 197 -46.03 -2.69 -71.44
CA VAL J 197 -46.41 -2.38 -70.05
C VAL J 197 -46.71 -0.88 -69.95
N LYS J 198 -47.76 -0.56 -69.20
CA LYS J 198 -48.16 0.83 -69.01
C LYS J 198 -47.08 1.57 -68.21
N THR J 199 -46.61 2.69 -68.76
CA THR J 199 -45.50 3.43 -68.17
C THR J 199 -45.83 4.86 -67.81
N HIS J 200 -46.44 5.62 -68.73
CA HIS J 200 -46.39 7.07 -68.67
C HIS J 200 -47.34 7.62 -67.61
N THR J 201 -46.79 8.47 -66.73
CA THR J 201 -47.54 9.26 -65.76
C THR J 201 -46.84 10.60 -65.59
N ASN J 202 -47.57 11.60 -65.10
CA ASN J 202 -47.01 12.89 -64.70
C ASN J 202 -46.33 13.59 -65.87
N ILE J 203 -47.14 14.04 -66.83
CA ILE J 203 -46.67 14.64 -68.07
C ILE J 203 -45.77 15.83 -67.76
N SER J 204 -44.55 15.82 -68.33
CA SER J 204 -43.68 16.97 -68.26
C SER J 204 -44.10 18.02 -69.30
N GLU J 205 -43.92 19.29 -68.92
CA GLU J 205 -44.38 20.39 -69.75
C GLU J 205 -43.47 20.59 -70.96
N SER J 206 -43.82 21.56 -71.80
CA SER J 206 -43.03 21.86 -72.99
C SER J 206 -41.68 22.43 -72.60
N HIS J 207 -40.62 21.88 -73.17
CA HIS J 207 -39.26 22.26 -72.80
C HIS J 207 -38.81 23.42 -73.68
N PRO J 208 -38.34 24.53 -73.10
CA PRO J 208 -38.18 25.77 -73.89
C PRO J 208 -37.19 25.68 -75.04
N ASN J 209 -36.22 24.79 -74.99
CA ASN J 209 -35.21 24.66 -76.04
C ASN J 209 -35.80 23.89 -77.24
N ALA J 210 -37.03 23.37 -77.07
CA ALA J 210 -37.78 22.59 -78.05
C ALA J 210 -37.17 21.23 -78.33
N THR J 211 -36.53 20.65 -77.32
CA THR J 211 -36.14 19.24 -77.33
C THR J 211 -36.98 18.59 -76.22
N PHE J 212 -38.05 17.92 -76.61
CA PHE J 212 -39.08 17.50 -75.66
C PHE J 212 -38.55 16.48 -74.67
N SER J 213 -39.03 16.58 -73.43
CA SER J 213 -38.69 15.64 -72.37
C SER J 213 -39.96 15.26 -71.63
N ALA J 214 -39.96 14.07 -71.04
CA ALA J 214 -41.15 13.57 -70.35
C ALA J 214 -40.75 12.55 -69.30
N VAL J 215 -41.69 12.23 -68.42
CA VAL J 215 -41.47 11.33 -67.30
C VAL J 215 -42.38 10.11 -67.47
N GLY J 216 -41.82 8.93 -67.25
CA GLY J 216 -42.58 7.70 -67.30
C GLY J 216 -42.07 6.66 -66.32
N GLU J 217 -42.97 6.08 -65.52
CA GLU J 217 -42.60 5.12 -64.49
C GLU J 217 -42.99 3.72 -64.93
N ALA J 218 -42.00 2.84 -65.05
CA ALA J 218 -42.22 1.45 -65.41
C ALA J 218 -41.77 0.57 -64.24
N SER J 219 -42.69 -0.26 -63.74
CA SER J 219 -42.42 -1.11 -62.59
C SER J 219 -41.84 -2.45 -63.04
N ILE J 220 -40.64 -2.39 -63.61
CA ILE J 220 -39.94 -3.59 -64.05
C ILE J 220 -39.47 -4.38 -62.83
N CYS J 221 -39.60 -5.70 -62.91
CA CYS J 221 -39.10 -6.56 -61.85
C CYS J 221 -37.59 -6.47 -61.75
N GLU J 222 -37.08 -6.57 -60.52
CA GLU J 222 -35.64 -6.49 -60.29
C GLU J 222 -34.91 -7.65 -60.95
N ASP J 223 -35.51 -8.85 -60.93
CA ASP J 223 -34.89 -10.00 -61.60
C ASP J 223 -34.84 -9.80 -63.10
N ASP J 224 -35.88 -9.20 -63.69
CA ASP J 224 -35.89 -8.96 -65.12
C ASP J 224 -34.77 -8.01 -65.54
N TRP J 225 -34.54 -6.95 -64.75
CA TRP J 225 -33.43 -6.05 -65.01
C TRP J 225 -32.09 -6.77 -64.87
N ASN J 226 -31.96 -7.62 -63.84
CA ASN J 226 -30.72 -8.35 -63.64
C ASN J 226 -30.53 -9.45 -64.69
N SER J 227 -31.62 -10.03 -65.18
CA SER J 227 -31.51 -11.10 -66.17
C SER J 227 -31.01 -10.61 -67.52
N GLY J 228 -31.03 -9.30 -67.76
CA GLY J 228 -30.54 -8.76 -69.01
C GLY J 228 -31.53 -8.77 -70.16
N GLU J 229 -32.81 -9.02 -69.89
CA GLU J 229 -33.82 -8.98 -70.94
C GLU J 229 -33.96 -7.55 -71.48
N ARG J 230 -33.88 -7.41 -72.80
CA ARG J 230 -33.90 -6.10 -73.42
C ARG J 230 -35.31 -5.52 -73.40
N PHE J 231 -35.43 -4.28 -72.96
CA PHE J 231 -36.69 -3.55 -72.96
C PHE J 231 -36.59 -2.38 -73.92
N THR J 232 -37.60 -2.24 -74.77
CA THR J 232 -37.59 -1.23 -75.82
C THR J 232 -38.51 -0.08 -75.44
N CYS J 233 -37.96 1.14 -75.43
CA CYS J 233 -38.77 2.32 -75.23
C CYS J 233 -39.69 2.54 -76.42
N THR J 234 -40.83 3.18 -76.16
CA THR J 234 -41.83 3.46 -77.20
C THR J 234 -42.36 4.87 -76.95
N VAL J 235 -41.97 5.81 -77.81
CA VAL J 235 -42.42 7.19 -77.74
C VAL J 235 -43.13 7.51 -79.05
N THR J 236 -44.34 8.08 -78.95
CA THR J 236 -45.14 8.40 -80.12
C THR J 236 -44.96 9.87 -80.47
N HIS J 237 -44.20 10.13 -81.53
CA HIS J 237 -44.03 11.47 -82.08
C HIS J 237 -44.46 11.48 -83.53
N THR J 238 -45.24 12.49 -83.91
CA THR J 238 -45.83 12.52 -85.23
C THR J 238 -44.83 12.95 -86.29
N ASP J 239 -43.86 13.79 -85.93
CA ASP J 239 -42.88 14.26 -86.91
C ASP J 239 -42.00 13.12 -87.41
N LEU J 240 -41.60 12.22 -86.52
CA LEU J 240 -40.76 11.10 -86.92
C LEU J 240 -41.59 10.07 -87.69
N PRO J 241 -41.05 9.52 -88.78
CA PRO J 241 -41.79 8.48 -89.52
C PRO J 241 -42.04 7.22 -88.73
N SER J 242 -41.18 6.90 -87.76
CA SER J 242 -41.28 5.67 -86.99
C SER J 242 -41.28 5.99 -85.50
N PRO J 243 -41.89 5.14 -84.68
CA PRO J 243 -41.86 5.35 -83.23
C PRO J 243 -40.45 5.23 -82.69
N LEU J 244 -40.20 5.95 -81.60
CA LEU J 244 -38.87 5.99 -81.01
C LEU J 244 -38.58 4.67 -80.29
N LYS J 245 -37.56 3.94 -80.78
CA LYS J 245 -37.19 2.64 -80.25
C LYS J 245 -35.81 2.70 -79.62
N GLN J 246 -35.65 2.01 -78.48
CA GLN J 246 -34.34 1.92 -77.82
C GLN J 246 -34.33 0.66 -76.97
N THR J 247 -33.63 -0.37 -77.45
CA THR J 247 -33.45 -1.61 -76.71
C THR J 247 -32.39 -1.39 -75.64
N ILE J 248 -32.80 -1.42 -74.38
CA ILE J 248 -31.90 -1.16 -73.27
C ILE J 248 -32.03 -2.28 -72.24
N SER J 249 -30.96 -2.46 -71.46
CA SER J 249 -30.92 -3.45 -70.39
C SER J 249 -29.77 -3.10 -69.46
N ARG J 250 -29.75 -3.75 -68.30
CA ARG J 250 -28.67 -3.53 -67.36
C ARG J 250 -27.39 -4.13 -67.96
N PRO J 251 -26.31 -3.36 -68.07
CA PRO J 251 -25.14 -3.83 -68.82
C PRO J 251 -24.48 -5.06 -68.20
N LYS J 252 -23.91 -5.89 -69.08
CA LYS J 252 -23.28 -7.14 -68.67
C LYS J 252 -21.77 -6.94 -68.58
N GLY J 253 -21.19 -7.41 -67.48
CA GLY J 253 -19.76 -7.28 -67.27
C GLY J 253 -18.95 -8.30 -68.06
N LEU J 256 -16.19 -8.35 -60.68
CA LEU J 256 -17.01 -8.31 -59.46
C LEU J 256 -16.12 -8.38 -58.22
N HIS J 257 -16.15 -7.32 -57.42
CA HIS J 257 -15.33 -7.25 -56.21
C HIS J 257 -16.14 -6.61 -55.09
N ARG J 258 -15.85 -7.05 -53.86
CA ARG J 258 -16.55 -6.55 -52.70
C ARG J 258 -15.73 -5.47 -52.02
N PRO J 259 -16.31 -4.30 -51.72
CA PRO J 259 -15.57 -3.28 -50.99
C PRO J 259 -15.30 -3.70 -49.55
N ASP J 260 -14.27 -3.09 -48.96
CA ASP J 260 -13.90 -3.31 -47.56
C ASP J 260 -13.83 -1.94 -46.90
N VAL J 261 -14.98 -1.49 -46.39
CA VAL J 261 -15.08 -0.15 -45.81
C VAL J 261 -14.26 -0.09 -44.53
N TYR J 262 -13.53 1.01 -44.35
CA TYR J 262 -12.79 1.30 -43.13
C TYR J 262 -13.23 2.68 -42.63
N LEU J 263 -13.42 2.79 -41.32
CA LEU J 263 -13.90 4.01 -40.70
C LEU J 263 -12.76 4.64 -39.91
N LEU J 264 -12.48 5.93 -40.17
CA LEU J 264 -11.37 6.65 -39.57
C LEU J 264 -11.87 7.63 -38.53
N PRO J 265 -11.34 7.59 -37.31
CA PRO J 265 -11.77 8.54 -36.27
C PRO J 265 -11.22 9.93 -36.57
N PRO J 266 -11.85 10.98 -36.04
CA PRO J 266 -11.37 12.34 -36.31
C PRO J 266 -9.98 12.57 -35.71
N ALA J 267 -9.22 13.45 -36.37
CA ALA J 267 -7.87 13.74 -35.93
C ALA J 267 -7.88 14.45 -34.58
N ARG J 268 -6.86 14.17 -33.77
CA ARG J 268 -6.73 14.81 -32.48
C ARG J 268 -6.47 16.31 -32.62
N GLU J 269 -5.85 16.72 -33.74
CA GLU J 269 -5.68 18.14 -34.01
C GLU J 269 -7.02 18.83 -34.19
N GLN J 270 -7.96 18.17 -34.88
CA GLN J 270 -9.31 18.70 -35.00
C GLN J 270 -9.99 18.76 -33.64
N LEU J 271 -9.64 17.83 -32.74
CA LEU J 271 -10.26 17.80 -31.43
C LEU J 271 -9.77 18.94 -30.53
N ASN J 272 -8.70 19.63 -30.94
CA ASN J 272 -8.17 20.71 -30.11
C ASN J 272 -9.10 21.91 -30.08
N LEU J 273 -9.57 22.35 -31.25
CA LEU J 273 -10.29 23.62 -31.36
C LEU J 273 -11.76 23.51 -30.96
N ARG J 274 -12.30 22.29 -30.89
CA ARG J 274 -13.57 21.98 -30.23
C ARG J 274 -14.81 22.59 -30.88
N GLU J 275 -14.74 23.02 -32.15
CA GLU J 275 -15.95 23.54 -32.77
C GLU J 275 -16.71 22.47 -33.55
N SER J 276 -15.99 21.49 -34.11
CA SER J 276 -16.59 20.45 -34.94
C SER J 276 -15.58 19.35 -35.15
N ALA J 277 -16.04 18.24 -35.70
CA ALA J 277 -15.19 17.09 -36.02
C ALA J 277 -15.68 16.45 -37.30
N THR J 278 -14.77 15.78 -38.00
CA THR J 278 -15.08 15.10 -39.26
C THR J 278 -14.76 13.62 -39.12
N ILE J 279 -15.71 12.78 -39.53
CA ILE J 279 -15.54 11.34 -39.54
C ILE J 279 -15.62 10.88 -40.99
N THR J 280 -14.63 10.13 -41.44
CA THR J 280 -14.45 9.81 -42.85
C THR J 280 -14.74 8.33 -43.09
N CYS J 281 -15.85 8.05 -43.77
CA CYS J 281 -16.17 6.69 -44.21
C CYS J 281 -15.39 6.42 -45.49
N LEU J 282 -14.36 5.60 -45.39
CA LEU J 282 -13.42 5.38 -46.50
C LEU J 282 -13.79 4.05 -47.16
N VAL J 283 -14.67 4.12 -48.14
CA VAL J 283 -15.09 2.94 -48.90
C VAL J 283 -14.06 2.65 -49.98
N THR J 284 -13.60 1.41 -50.07
CA THR J 284 -12.58 1.05 -51.04
C THR J 284 -12.75 -0.40 -51.46
N GLY J 285 -12.79 -0.63 -52.78
CA GLY J 285 -12.71 -1.98 -53.31
C GLY J 285 -13.94 -2.48 -54.04
N PHE J 286 -14.67 -1.59 -54.71
CA PHE J 286 -15.89 -1.96 -55.41
C PHE J 286 -15.65 -1.92 -56.91
N SER J 287 -15.92 -3.04 -57.59
CA SER J 287 -15.72 -3.18 -59.03
C SER J 287 -16.85 -2.58 -59.88
N PRO J 288 -18.13 -2.84 -59.61
CA PRO J 288 -19.18 -2.30 -60.49
C PRO J 288 -19.38 -0.80 -60.40
N ALA J 289 -18.59 -0.09 -59.59
CA ALA J 289 -18.55 1.37 -59.55
C ALA J 289 -19.92 1.98 -59.24
N ASP J 290 -20.62 1.40 -58.25
CA ASP J 290 -21.88 1.98 -57.78
C ASP J 290 -22.02 1.64 -56.31
N VAL J 291 -21.90 2.66 -55.46
CA VAL J 291 -22.04 2.51 -54.01
C VAL J 291 -22.93 3.63 -53.48
N PHE J 292 -23.77 3.29 -52.51
CA PHE J 292 -24.59 4.25 -51.79
C PHE J 292 -24.17 4.23 -50.33
N VAL J 293 -23.79 5.40 -49.81
CA VAL J 293 -23.27 5.52 -48.45
C VAL J 293 -24.27 6.32 -47.63
N GLN J 294 -24.70 5.75 -46.51
CA GLN J 294 -25.73 6.33 -45.67
C GLN J 294 -25.27 6.29 -44.22
N TRP J 295 -25.65 7.33 -43.47
CA TRP J 295 -25.26 7.48 -42.08
C TRP J 295 -26.50 7.51 -41.20
N MET J 296 -26.51 6.70 -40.14
CA MET J 296 -27.57 6.75 -39.16
C MET J 296 -27.00 6.60 -37.75
N GLN J 297 -27.81 7.00 -36.78
CA GLN J 297 -27.51 6.80 -35.36
C GLN J 297 -28.83 6.71 -34.62
N ARG J 298 -28.81 5.98 -33.50
CA ARG J 298 -30.00 5.71 -32.68
C ARG J 298 -31.11 5.00 -33.46
N GLY J 299 -30.75 4.28 -34.52
CA GLY J 299 -31.71 3.51 -35.28
C GLY J 299 -32.49 4.28 -36.32
N GLN J 300 -32.26 5.59 -36.47
CA GLN J 300 -32.96 6.36 -37.47
C GLN J 300 -32.00 7.00 -38.45
N PRO J 301 -32.30 7.00 -39.74
CA PRO J 301 -31.37 7.56 -40.73
C PRO J 301 -31.30 9.08 -40.63
N LEU J 302 -30.09 9.61 -40.54
CA LEU J 302 -29.88 11.04 -40.57
C LEU J 302 -30.12 11.57 -41.98
N SER J 303 -30.42 12.86 -42.08
CA SER J 303 -30.68 13.48 -43.36
C SER J 303 -29.40 13.52 -44.20
N PRO J 304 -29.51 13.37 -45.52
CA PRO J 304 -28.32 13.44 -46.38
C PRO J 304 -27.65 14.80 -46.40
N GLU J 305 -28.31 15.86 -45.90
CA GLU J 305 -27.68 17.17 -45.86
C GLU J 305 -26.54 17.23 -44.84
N LYS J 306 -26.58 16.35 -43.82
CA LYS J 306 -25.55 16.37 -42.78
C LYS J 306 -24.19 15.99 -43.34
N TYR J 307 -24.12 14.94 -44.16
CA TYR J 307 -22.86 14.43 -44.67
C TYR J 307 -22.76 14.65 -46.17
N VAL J 308 -21.58 14.41 -46.70
CA VAL J 308 -21.28 14.57 -48.12
C VAL J 308 -20.69 13.27 -48.65
N THR J 309 -21.25 12.77 -49.75
CA THR J 309 -20.76 11.57 -50.40
C THR J 309 -20.09 11.95 -51.71
N SER J 310 -18.85 11.51 -51.89
CA SER J 310 -18.08 11.83 -53.09
C SER J 310 -18.42 10.86 -54.21
N ALA J 311 -18.42 11.37 -55.44
CA ALA J 311 -18.64 10.53 -56.60
C ALA J 311 -17.49 9.52 -56.75
N PRO J 312 -17.76 8.34 -57.30
CA PRO J 312 -16.71 7.34 -57.47
C PRO J 312 -15.58 7.83 -58.36
N MET J 313 -14.36 7.43 -58.02
CA MET J 313 -13.16 7.79 -58.74
C MET J 313 -12.30 6.53 -58.94
N PRO J 314 -11.74 6.34 -60.13
CA PRO J 314 -10.96 5.12 -60.38
C PRO J 314 -9.74 5.02 -59.48
N GLU J 315 -9.39 3.78 -59.13
CA GLU J 315 -8.24 3.53 -58.27
C GLU J 315 -6.96 3.49 -59.10
N PRO J 316 -5.96 4.31 -58.76
CA PRO J 316 -4.70 4.28 -59.55
C PRO J 316 -3.99 2.94 -59.51
N GLN J 317 -4.09 2.21 -58.40
CA GLN J 317 -3.34 0.97 -58.26
C GLN J 317 -4.05 -0.18 -58.96
N ALA J 318 -5.35 -0.31 -58.75
CA ALA J 318 -6.13 -1.33 -59.43
C ALA J 318 -6.99 -0.66 -60.48
N PRO J 319 -6.69 -0.81 -61.77
CA PRO J 319 -7.45 -0.12 -62.82
C PRO J 319 -8.93 -0.51 -62.86
N GLY J 320 -9.22 -1.78 -62.59
CA GLY J 320 -10.60 -2.22 -62.60
C GLY J 320 -11.39 -1.75 -61.38
N ARG J 321 -10.69 -1.50 -60.28
CA ARG J 321 -11.35 -1.15 -59.04
C ARG J 321 -11.54 0.37 -58.93
N TYR J 322 -12.44 0.76 -58.03
CA TYR J 322 -12.74 2.16 -57.77
C TYR J 322 -12.80 2.38 -56.26
N PHE J 323 -12.58 3.63 -55.86
CA PHE J 323 -12.64 4.01 -54.45
C PHE J 323 -13.54 5.22 -54.29
N ALA J 324 -14.18 5.30 -53.12
CA ALA J 324 -15.01 6.45 -52.80
C ALA J 324 -14.63 7.01 -51.43
N HIS J 325 -15.37 8.01 -50.96
CA HIS J 325 -15.02 8.67 -49.72
C HIS J 325 -16.25 9.45 -49.25
N SER J 326 -16.48 9.45 -47.94
CA SER J 326 -17.61 10.16 -47.35
C SER J 326 -17.14 10.93 -46.13
N ILE J 327 -17.74 12.09 -45.90
CA ILE J 327 -17.36 12.97 -44.80
C ILE J 327 -18.62 13.47 -44.12
N LEU J 328 -18.66 13.37 -42.79
CA LEU J 328 -19.76 13.91 -42.00
C LEU J 328 -19.19 14.85 -40.94
N THR J 329 -19.77 16.04 -40.84
CA THR J 329 -19.34 17.03 -39.86
C THR J 329 -20.34 17.06 -38.70
N VAL J 330 -19.84 16.85 -37.49
CA VAL J 330 -20.66 16.80 -36.29
C VAL J 330 -19.96 17.58 -35.19
N SER J 331 -20.72 18.37 -34.44
CA SER J 331 -20.18 19.15 -33.34
C SER J 331 -19.57 18.23 -32.29
N GLU J 332 -18.53 18.73 -31.61
CA GLU J 332 -17.73 17.92 -30.71
C GLU J 332 -18.52 17.39 -29.52
N GLU J 333 -19.58 18.08 -29.09
CA GLU J 333 -20.32 17.66 -27.90
C GLU J 333 -20.98 16.31 -28.11
N GLU J 334 -21.50 16.05 -29.31
CA GLU J 334 -22.09 14.75 -29.59
C GLU J 334 -21.04 13.64 -29.56
N TRP J 335 -19.85 13.92 -30.09
CA TRP J 335 -18.75 12.95 -29.98
C TRP J 335 -18.35 12.72 -28.54
N ASN J 336 -18.45 13.76 -27.70
CA ASN J 336 -18.09 13.62 -26.30
C ASN J 336 -19.11 12.76 -25.55
N THR J 337 -20.38 12.82 -25.97
CA THR J 337 -21.42 12.01 -25.32
C THR J 337 -21.18 10.53 -25.54
N GLY J 338 -20.75 10.14 -26.74
CA GLY J 338 -20.46 8.75 -27.02
C GLY J 338 -21.47 8.07 -27.94
N GLU J 339 -21.93 8.78 -28.96
CA GLU J 339 -22.88 8.21 -29.90
C GLU J 339 -22.18 7.20 -30.81
N THR J 340 -22.99 6.43 -31.55
CA THR J 340 -22.46 5.35 -32.37
C THR J 340 -21.93 5.85 -33.70
N TYR J 341 -22.78 6.53 -34.48
CA TYR J 341 -22.43 7.11 -35.77
C TYR J 341 -21.90 6.03 -36.73
N THR J 342 -22.80 5.12 -37.08
CA THR J 342 -22.45 4.00 -37.93
C THR J 342 -22.61 4.37 -39.42
N CYS J 343 -21.83 3.68 -40.26
CA CYS J 343 -21.80 3.93 -41.69
C CYS J 343 -22.37 2.73 -42.44
N VAL J 344 -23.06 3.00 -43.55
CA VAL J 344 -23.75 1.99 -44.33
C VAL J 344 -23.16 1.97 -45.74
N VAL J 345 -22.83 0.77 -46.22
CA VAL J 345 -22.28 0.57 -47.56
C VAL J 345 -23.22 -0.35 -48.32
N ALA J 346 -24.01 0.23 -49.21
CA ALA J 346 -24.90 -0.54 -50.08
C ALA J 346 -24.18 -0.84 -51.39
N HIS J 347 -23.95 -2.12 -51.66
CA HIS J 347 -23.22 -2.52 -52.85
C HIS J 347 -23.72 -3.87 -53.35
N GLU J 348 -23.44 -4.15 -54.63
CA GLU J 348 -23.90 -5.39 -55.25
C GLU J 348 -23.20 -6.62 -54.69
N ALA J 349 -21.89 -6.58 -54.57
CA ALA J 349 -21.10 -7.80 -54.43
C ALA J 349 -21.07 -8.38 -53.02
N LEU J 350 -21.62 -7.69 -52.03
CA LEU J 350 -21.62 -8.23 -50.68
C LEU J 350 -22.61 -9.41 -50.58
N PRO J 351 -22.34 -10.37 -49.68
CA PRO J 351 -23.27 -11.50 -49.55
C PRO J 351 -24.67 -11.09 -49.15
N ASN J 352 -24.81 -10.03 -48.34
CA ASN J 352 -26.11 -9.50 -47.96
C ASN J 352 -26.29 -8.06 -48.42
N ARG J 353 -25.42 -7.60 -49.31
CA ARG J 353 -25.45 -6.29 -49.98
C ARG J 353 -25.49 -5.11 -49.01
N VAL J 354 -25.24 -5.34 -47.72
CA VAL J 354 -25.21 -4.29 -46.71
C VAL J 354 -24.08 -4.60 -45.74
N THR J 355 -23.26 -3.58 -45.43
CA THR J 355 -22.17 -3.72 -44.48
C THR J 355 -22.21 -2.54 -43.51
N GLU J 356 -21.92 -2.81 -42.24
CA GLU J 356 -21.98 -1.81 -41.18
C GLU J 356 -20.64 -1.71 -40.47
N ARG J 357 -20.27 -0.48 -40.10
CA ARG J 357 -19.14 -0.22 -39.23
C ARG J 357 -19.51 0.95 -38.31
N THR J 358 -18.87 1.00 -37.14
CA THR J 358 -19.12 2.09 -36.21
C THR J 358 -17.87 2.32 -35.37
N VAL J 359 -17.75 3.56 -34.84
CA VAL J 359 -16.62 3.95 -34.03
C VAL J 359 -17.10 4.79 -32.84
N ASP J 360 -16.26 4.84 -31.82
CA ASP J 360 -16.49 5.71 -30.66
C ASP J 360 -15.14 5.94 -29.98
N LYS J 361 -15.18 6.48 -28.76
CA LYS J 361 -13.95 6.70 -28.01
C LYS J 361 -13.25 5.38 -27.70
N SER J 362 -14.03 4.34 -27.37
CA SER J 362 -13.47 3.04 -27.03
C SER J 362 -12.91 2.29 -28.21
N THR J 363 -13.06 2.82 -29.44
CA THR J 363 -12.55 2.13 -30.62
C THR J 363 -11.04 1.98 -30.57
N GLY J 364 -10.35 2.97 -30.01
CA GLY J 364 -8.91 2.86 -29.84
C GLY J 364 -8.54 1.80 -28.82
N LYS J 365 -7.28 1.37 -28.89
CA LYS J 365 -6.78 0.36 -27.98
C LYS J 365 -6.74 0.92 -26.56
N PRO J 366 -7.23 0.19 -25.56
CA PRO J 366 -7.21 0.71 -24.18
C PRO J 366 -5.79 0.91 -23.68
N THR J 367 -5.62 1.95 -22.87
CA THR J 367 -4.29 2.43 -22.48
C THR J 367 -3.92 1.97 -21.08
N LEU J 368 -2.69 2.28 -20.70
CA LEU J 368 -2.14 1.97 -19.39
C LEU J 368 -1.46 3.23 -18.84
N TYR J 369 -1.45 3.36 -17.52
CA TYR J 369 -1.02 4.60 -16.87
C TYR J 369 -0.03 4.30 -15.74
N ASN J 370 1.26 4.27 -16.06
CA ASN J 370 2.27 4.37 -15.01
C ASN J 370 2.15 5.71 -14.29
N VAL J 371 2.30 5.68 -12.97
CA VAL J 371 2.39 6.89 -12.17
C VAL J 371 3.52 6.67 -11.18
N SER J 372 4.06 7.77 -10.64
CA SER J 372 5.05 7.71 -9.59
C SER J 372 5.03 9.01 -8.81
N LEU J 373 5.46 8.95 -7.56
CA LEU J 373 5.60 10.15 -6.73
C LEU J 373 6.80 9.93 -5.82
N VAL J 374 7.97 10.36 -6.26
CA VAL J 374 9.20 10.20 -5.50
C VAL J 374 9.34 11.41 -4.60
N MET J 375 9.04 11.23 -3.31
CA MET J 375 9.06 12.32 -2.34
C MET J 375 10.42 12.47 -1.68
N SER J 376 11.44 11.77 -2.15
CA SER J 376 12.78 11.88 -1.60
C SER J 376 13.50 13.10 -2.17
N ILE K 152 -14.95 26.13 -83.82
CA ILE K 152 -16.29 26.65 -83.93
C ILE K 152 -16.72 27.29 -82.62
N ARG K 153 -16.43 26.63 -81.51
CA ARG K 153 -16.80 27.11 -80.19
C ARG K 153 -15.62 27.82 -79.53
N VAL K 154 -15.91 28.90 -78.82
CA VAL K 154 -14.89 29.63 -78.09
C VAL K 154 -14.49 28.84 -76.84
N PHE K 155 -13.20 28.83 -76.54
CA PHE K 155 -12.69 28.04 -75.42
C PHE K 155 -11.45 28.72 -74.85
N ALA K 156 -11.43 28.88 -73.53
CA ALA K 156 -10.30 29.49 -72.85
C ALA K 156 -10.02 28.74 -71.56
N ILE K 157 -8.74 28.71 -71.17
CA ILE K 157 -8.30 28.09 -69.94
C ILE K 157 -7.62 29.16 -69.09
N PRO K 158 -8.34 29.77 -68.15
CA PRO K 158 -7.71 30.69 -67.20
C PRO K 158 -6.65 29.98 -66.38
N PRO K 159 -5.57 30.67 -66.00
CA PRO K 159 -4.50 30.01 -65.25
C PRO K 159 -4.96 29.63 -63.85
N SER K 160 -4.94 28.33 -63.56
CA SER K 160 -5.33 27.83 -62.26
C SER K 160 -4.27 28.21 -61.21
N PHE K 161 -4.63 28.02 -59.94
CA PHE K 161 -3.70 28.30 -58.86
C PHE K 161 -2.49 27.37 -58.90
N ALA K 162 -2.66 26.18 -59.45
CA ALA K 162 -1.53 25.24 -59.57
C ALA K 162 -0.48 25.76 -60.53
N SER K 163 -0.90 26.23 -61.71
CA SER K 163 0.05 26.72 -62.71
C SER K 163 0.74 27.99 -62.22
N ILE K 164 -0.01 28.89 -61.57
CA ILE K 164 0.58 30.14 -61.11
C ILE K 164 1.60 29.89 -60.00
N PHE K 165 1.28 28.99 -59.06
CA PHE K 165 2.17 28.77 -57.93
C PHE K 165 3.39 27.95 -58.32
N LEU K 166 3.22 27.01 -59.26
CA LEU K 166 4.33 26.13 -59.62
C LEU K 166 5.39 26.85 -60.45
N THR K 167 4.98 27.64 -61.44
CA THR K 167 5.89 28.21 -62.41
C THR K 167 6.06 29.73 -62.28
N LYS K 168 5.23 30.38 -61.46
CA LYS K 168 5.26 31.83 -61.25
C LYS K 168 5.05 32.60 -62.56
N SER K 169 4.38 31.98 -63.53
CA SER K 169 4.08 32.61 -64.81
C SER K 169 2.60 32.39 -65.14
N THR K 170 1.87 33.49 -65.30
CA THR K 170 0.45 33.45 -65.62
C THR K 170 0.26 33.50 -67.13
N LYS K 171 -0.65 32.67 -67.64
CA LYS K 171 -0.91 32.57 -69.06
C LYS K 171 -2.41 32.45 -69.30
N LEU K 172 -2.92 33.20 -70.28
CA LEU K 172 -4.30 33.10 -70.72
C LEU K 172 -4.31 32.52 -72.13
N THR K 173 -5.08 31.46 -72.33
CA THR K 173 -5.08 30.71 -73.59
C THR K 173 -6.35 31.00 -74.37
N CYS K 174 -6.17 31.31 -75.65
CA CYS K 174 -7.28 31.49 -76.59
C CYS K 174 -7.32 30.27 -77.50
N LEU K 175 -8.40 29.49 -77.41
CA LEU K 175 -8.51 28.23 -78.12
C LEU K 175 -9.83 28.15 -78.88
N VAL K 176 -9.78 27.59 -80.07
CA VAL K 176 -10.97 27.27 -80.86
C VAL K 176 -10.82 25.82 -81.35
N THR K 177 -11.90 25.07 -81.25
CA THR K 177 -11.89 23.64 -81.57
C THR K 177 -12.86 23.36 -82.72
N ASP K 178 -12.73 22.14 -83.27
CA ASP K 178 -13.58 21.63 -84.34
C ASP K 178 -13.52 22.48 -85.61
N LEU K 179 -12.41 23.20 -85.82
CA LEU K 179 -12.27 24.04 -86.99
C LEU K 179 -11.65 23.26 -88.15
N THR K 180 -11.94 23.70 -89.37
CA THR K 180 -11.35 23.09 -90.55
C THR K 180 -9.84 23.32 -90.57
N THR K 181 -9.12 22.34 -91.11
CA THR K 181 -7.67 22.30 -91.01
C THR K 181 -6.96 23.34 -91.89
N TYR K 182 -7.21 24.61 -91.61
CA TYR K 182 -6.50 25.70 -92.26
C TYR K 182 -5.32 26.11 -91.38
N ASP K 183 -4.12 25.98 -91.91
CA ASP K 183 -2.91 26.17 -91.11
C ASP K 183 -2.64 27.66 -90.87
N SER K 184 -2.24 27.96 -89.63
CA SER K 184 -1.75 29.29 -89.23
C SER K 184 -2.81 30.38 -89.46
N VAL K 185 -3.92 30.26 -88.75
CA VAL K 185 -4.91 31.32 -88.74
C VAL K 185 -4.42 32.47 -87.86
N THR K 186 -5.09 33.62 -87.99
CA THR K 186 -4.71 34.79 -87.22
C THR K 186 -5.12 34.62 -85.76
N ILE K 187 -4.12 34.60 -84.87
CA ILE K 187 -4.34 34.43 -83.45
C ILE K 187 -3.70 35.60 -82.71
N SER K 188 -4.51 36.34 -81.97
CA SER K 188 -4.04 37.50 -81.22
C SER K 188 -5.01 37.76 -80.09
N TRP K 189 -4.59 38.60 -79.15
CA TRP K 189 -5.40 38.95 -77.99
C TRP K 189 -5.65 40.46 -78.00
N THR K 190 -6.92 40.85 -77.99
CA THR K 190 -7.31 42.25 -77.85
C THR K 190 -7.63 42.52 -76.38
N ARG K 191 -6.92 43.47 -75.79
CA ARG K 191 -6.96 43.69 -74.35
C ARG K 191 -6.45 45.11 -74.10
N GLN K 192 -6.79 45.65 -72.93
CA GLN K 192 -6.31 46.97 -72.54
C GLN K 192 -4.79 47.07 -72.64
N ASN K 193 -4.09 45.98 -72.33
CA ASN K 193 -2.65 45.92 -72.56
C ASN K 193 -2.33 45.71 -74.03
N GLY K 194 -3.19 45.01 -74.76
CA GLY K 194 -2.93 44.71 -76.17
C GLY K 194 -1.76 43.78 -76.39
N GLU K 195 -1.67 42.71 -75.61
CA GLU K 195 -0.54 41.79 -75.72
C GLU K 195 -0.66 40.95 -76.99
N ALA K 196 0.44 40.86 -77.74
CA ALA K 196 0.50 40.04 -78.93
C ALA K 196 0.94 38.63 -78.52
N VAL K 197 0.00 37.68 -78.58
CA VAL K 197 0.30 36.32 -78.15
C VAL K 197 1.19 35.62 -79.17
N LYS K 198 1.93 34.62 -78.70
CA LYS K 198 2.75 33.81 -79.58
C LYS K 198 1.85 32.87 -80.40
N THR K 199 2.20 32.68 -81.67
CA THR K 199 1.43 31.82 -82.54
C THR K 199 1.54 30.37 -82.09
N HIS K 200 0.54 29.57 -82.46
CA HIS K 200 0.52 28.16 -82.12
C HIS K 200 1.65 27.43 -82.80
N THR K 201 2.32 26.56 -82.04
CA THR K 201 3.49 25.83 -82.52
C THR K 201 3.31 24.34 -82.27
N ASN K 202 3.55 23.54 -83.31
CA ASN K 202 3.63 22.08 -83.28
C ASN K 202 2.31 21.39 -82.94
N ILE K 203 1.19 22.12 -82.87
CA ILE K 203 -0.10 21.50 -82.59
C ILE K 203 -0.93 21.44 -83.86
N SER K 204 -0.65 22.34 -84.80
CA SER K 204 -1.39 22.34 -86.07
C SER K 204 -0.99 21.16 -86.95
N GLU K 205 0.25 20.69 -86.84
CA GLU K 205 0.71 19.60 -87.70
C GLU K 205 0.08 18.26 -87.31
N SER K 206 -0.17 18.04 -86.03
CA SER K 206 -0.66 16.75 -85.54
C SER K 206 -2.04 16.93 -84.94
N HIS K 207 -3.02 16.17 -85.44
CA HIS K 207 -4.38 16.17 -84.93
C HIS K 207 -5.04 14.84 -85.25
N PRO K 208 -5.42 14.05 -84.24
CA PRO K 208 -6.04 12.75 -84.51
C PRO K 208 -7.36 12.84 -85.27
N ASN K 209 -8.14 13.89 -85.04
CA ASN K 209 -9.43 14.07 -85.71
C ASN K 209 -9.32 14.95 -86.95
N ALA K 210 -8.11 15.32 -87.36
CA ALA K 210 -7.85 16.10 -88.58
C ALA K 210 -8.61 17.42 -88.59
N THR K 211 -8.70 18.05 -87.42
CA THR K 211 -9.26 19.39 -87.29
C THR K 211 -8.15 20.38 -86.96
N PHE K 212 -8.52 21.63 -86.78
CA PHE K 212 -7.57 22.69 -86.45
C PHE K 212 -7.89 23.26 -85.07
N SER K 213 -6.86 23.33 -84.23
CA SER K 213 -6.95 23.97 -82.93
C SER K 213 -5.72 24.85 -82.73
N ALA K 214 -5.94 26.11 -82.37
CA ALA K 214 -4.86 27.07 -82.21
C ALA K 214 -4.91 27.68 -80.82
N VAL K 215 -3.74 27.86 -80.21
CA VAL K 215 -3.63 28.39 -78.86
C VAL K 215 -2.89 29.72 -78.92
N GLY K 216 -3.37 30.68 -78.13
CA GLY K 216 -2.71 31.97 -78.00
C GLY K 216 -2.42 32.30 -76.55
N GLU K 217 -1.14 32.36 -76.18
CA GLU K 217 -0.73 32.53 -74.79
C GLU K 217 -0.58 34.02 -74.49
N ALA K 218 -1.47 34.55 -73.64
CA ALA K 218 -1.41 35.95 -73.23
C ALA K 218 -0.49 36.07 -72.02
N SER K 219 0.81 36.07 -72.31
CA SER K 219 1.82 36.17 -71.26
C SER K 219 1.83 37.58 -70.68
N ILE K 220 1.38 37.71 -69.43
CA ILE K 220 1.26 38.99 -68.74
C ILE K 220 1.81 38.84 -67.34
N CYS K 221 1.70 39.91 -66.56
CA CYS K 221 2.02 39.88 -65.14
C CYS K 221 0.82 39.42 -64.33
N GLU K 222 1.09 38.98 -63.10
CA GLU K 222 0.03 38.47 -62.23
C GLU K 222 -0.96 39.57 -61.86
N ASP K 223 -0.46 40.77 -61.56
CA ASP K 223 -1.33 41.84 -61.08
C ASP K 223 -2.33 42.27 -62.13
N ASP K 224 -2.01 42.09 -63.42
CA ASP K 224 -2.97 42.39 -64.46
C ASP K 224 -4.17 41.45 -64.39
N TRP K 225 -3.92 40.16 -64.12
CA TRP K 225 -5.02 39.22 -63.98
C TRP K 225 -5.75 39.40 -62.66
N ASN K 226 -5.05 39.84 -61.61
CA ASN K 226 -5.72 40.11 -60.34
C ASN K 226 -6.69 41.28 -60.43
N SER K 227 -6.49 42.18 -61.40
CA SER K 227 -7.40 43.30 -61.57
C SER K 227 -8.80 42.83 -61.97
N GLY K 228 -8.87 41.85 -62.86
CA GLY K 228 -10.16 41.30 -63.27
C GLY K 228 -10.83 42.00 -64.42
N GLU K 229 -10.07 42.64 -65.32
CA GLU K 229 -10.66 43.31 -66.46
C GLU K 229 -11.16 42.30 -67.49
N ARG K 230 -12.01 42.79 -68.39
CA ARG K 230 -12.58 41.94 -69.43
C ARG K 230 -11.52 41.54 -70.44
N PHE K 231 -11.65 40.31 -70.95
CA PHE K 231 -10.68 39.74 -71.88
C PHE K 231 -11.38 39.40 -73.19
N THR K 232 -10.67 39.60 -74.30
CA THR K 232 -11.15 39.24 -75.63
C THR K 232 -10.00 38.67 -76.44
N CYS K 233 -10.33 37.90 -77.47
CA CYS K 233 -9.34 37.27 -78.34
C CYS K 233 -9.62 37.62 -79.79
N THR K 234 -8.63 37.35 -80.64
CA THR K 234 -8.72 37.57 -82.08
C THR K 234 -8.59 36.22 -82.79
N VAL K 235 -9.70 35.73 -83.33
CA VAL K 235 -9.71 34.50 -84.11
C VAL K 235 -10.47 34.77 -85.40
N THR K 236 -9.78 34.71 -86.53
CA THR K 236 -10.39 34.87 -87.84
C THR K 236 -10.10 33.63 -88.67
N HIS K 237 -11.14 33.09 -89.29
CA HIS K 237 -11.04 31.86 -90.06
C HIS K 237 -11.51 32.10 -91.49
N THR K 238 -11.02 31.26 -92.40
CA THR K 238 -11.45 31.36 -93.80
C THR K 238 -12.94 31.07 -93.93
N ASP K 239 -13.43 30.05 -93.22
CA ASP K 239 -14.86 29.73 -93.25
C ASP K 239 -15.68 30.70 -92.41
N LEU K 240 -15.10 31.24 -91.34
CA LEU K 240 -15.80 32.16 -90.44
C LEU K 240 -14.98 33.43 -90.33
N PRO K 241 -15.18 34.39 -91.23
CA PRO K 241 -14.43 35.66 -91.14
C PRO K 241 -14.78 36.49 -89.92
N SER K 242 -15.91 36.24 -89.28
CA SER K 242 -16.28 37.00 -88.09
C SER K 242 -15.33 36.69 -86.94
N PRO K 243 -14.83 37.70 -86.23
CA PRO K 243 -13.91 37.44 -85.13
C PRO K 243 -14.57 36.68 -83.99
N LEU K 244 -13.77 35.86 -83.30
CA LEU K 244 -14.21 35.09 -82.16
C LEU K 244 -13.49 35.58 -80.91
N LYS K 245 -14.24 35.81 -79.84
CA LYS K 245 -13.72 36.37 -78.61
C LYS K 245 -14.12 35.50 -77.43
N GLN K 246 -13.19 35.29 -76.50
CA GLN K 246 -13.45 34.57 -75.26
C GLN K 246 -13.45 35.58 -74.11
N THR K 247 -14.58 35.68 -73.41
CA THR K 247 -14.75 36.65 -72.34
C THR K 247 -14.56 35.93 -71.00
N ILE K 248 -13.55 36.37 -70.24
CA ILE K 248 -13.27 35.82 -68.92
C ILE K 248 -12.64 36.92 -68.07
N SER K 249 -12.96 36.90 -66.77
CA SER K 249 -12.43 37.87 -65.83
C SER K 249 -12.38 37.25 -64.45
N ARG K 250 -11.52 37.80 -63.60
CA ARG K 250 -11.40 37.31 -62.24
C ARG K 250 -12.62 37.70 -61.43
N PRO K 251 -13.32 36.73 -60.81
CA PRO K 251 -14.51 37.00 -60.00
C PRO K 251 -14.19 37.73 -58.70
N LEU K 256 -13.80 33.32 -47.87
CA LEU K 256 -12.38 33.61 -47.68
C LEU K 256 -11.90 33.06 -46.34
N HIS K 257 -11.23 31.91 -46.38
CA HIS K 257 -10.77 31.25 -45.17
C HIS K 257 -9.46 30.52 -45.45
N ARG K 258 -8.61 30.44 -44.43
CA ARG K 258 -7.34 29.74 -44.55
C ARG K 258 -7.59 28.24 -44.70
N PRO K 259 -6.84 27.56 -45.57
CA PRO K 259 -7.00 26.10 -45.67
C PRO K 259 -6.46 25.36 -44.46
N ASP K 260 -7.37 24.84 -43.63
CA ASP K 260 -6.99 24.06 -42.46
C ASP K 260 -6.75 22.63 -42.91
N VAL K 261 -5.54 22.12 -42.63
CA VAL K 261 -5.11 20.82 -43.11
C VAL K 261 -4.96 19.87 -41.93
N TYR K 262 -5.62 18.72 -42.02
CA TYR K 262 -5.48 17.64 -41.05
C TYR K 262 -5.07 16.38 -41.78
N LEU K 263 -4.09 15.66 -41.23
CA LEU K 263 -3.57 14.44 -41.84
C LEU K 263 -4.01 13.26 -40.97
N LEU K 264 -4.94 12.47 -41.48
CA LEU K 264 -5.50 11.35 -40.73
C LEU K 264 -4.64 10.11 -40.95
N PRO K 265 -4.14 9.47 -39.89
CA PRO K 265 -3.41 8.23 -40.08
C PRO K 265 -4.36 7.09 -40.41
N PRO K 266 -3.89 6.06 -41.10
CA PRO K 266 -4.77 4.92 -41.42
C PRO K 266 -5.15 4.14 -40.17
N ALA K 267 -6.31 3.50 -40.24
CA ALA K 267 -6.80 2.70 -39.13
C ALA K 267 -6.12 1.33 -39.10
N ARG K 268 -6.20 0.67 -37.95
CA ARG K 268 -5.50 -0.60 -37.75
C ARG K 268 -6.14 -1.73 -38.56
N GLU K 269 -7.44 -1.62 -38.86
CA GLU K 269 -8.10 -2.65 -39.66
C GLU K 269 -7.51 -2.74 -41.06
N GLN K 270 -7.19 -1.59 -41.67
CA GLN K 270 -6.57 -1.61 -42.98
C GLN K 270 -5.16 -2.20 -42.91
N LEU K 271 -4.41 -1.89 -41.85
CA LEU K 271 -3.07 -2.45 -41.70
C LEU K 271 -3.11 -3.96 -41.47
N ASN K 272 -4.15 -4.46 -40.81
CA ASN K 272 -4.22 -5.89 -40.50
C ASN K 272 -4.37 -6.74 -41.75
N LEU K 273 -4.82 -6.16 -42.86
CA LEU K 273 -4.90 -6.91 -44.11
C LEU K 273 -3.52 -7.08 -44.75
N ARG K 274 -2.55 -6.24 -44.36
CA ARG K 274 -1.13 -6.43 -44.68
C ARG K 274 -0.85 -6.41 -46.18
N GLU K 275 -1.54 -5.54 -46.92
CA GLU K 275 -1.19 -5.27 -48.31
C GLU K 275 -0.83 -3.81 -48.55
N SER K 276 -1.70 -2.89 -48.15
CA SER K 276 -1.45 -1.46 -48.37
C SER K 276 -2.23 -0.65 -47.37
N ALA K 277 -1.83 0.61 -47.20
CA ALA K 277 -2.48 1.54 -46.30
C ALA K 277 -2.70 2.87 -47.01
N THR K 278 -3.75 3.57 -46.63
CA THR K 278 -4.12 4.84 -47.24
C THR K 278 -3.95 5.98 -46.23
N ILE K 279 -3.35 7.07 -46.69
CA ILE K 279 -3.10 8.25 -45.87
C ILE K 279 -3.81 9.43 -46.52
N THR K 280 -4.63 10.13 -45.75
CA THR K 280 -5.52 11.18 -46.27
C THR K 280 -5.22 12.50 -45.59
N CYS K 281 -4.88 13.52 -46.39
CA CYS K 281 -4.71 14.89 -45.89
C CYS K 281 -5.92 15.71 -46.35
N LEU K 282 -6.89 15.84 -45.46
CA LEU K 282 -8.13 16.56 -45.78
C LEU K 282 -7.93 18.07 -45.71
N VAL K 283 -7.55 18.67 -46.84
CA VAL K 283 -7.46 20.13 -46.95
C VAL K 283 -8.90 20.64 -46.96
N THR K 284 -9.33 21.25 -45.86
CA THR K 284 -10.72 21.65 -45.70
C THR K 284 -10.80 23.11 -45.28
N GLY K 285 -11.98 23.69 -45.50
CA GLY K 285 -12.28 25.03 -45.06
C GLY K 285 -11.50 26.15 -45.74
N PHE K 286 -11.35 26.08 -47.07
CA PHE K 286 -10.67 27.13 -47.82
C PHE K 286 -11.59 27.72 -48.87
N SER K 287 -11.33 28.97 -49.21
CA SER K 287 -12.07 29.69 -50.24
C SER K 287 -11.09 30.59 -50.98
N PRO K 288 -11.17 30.67 -52.32
CA PRO K 288 -12.16 30.03 -53.19
C PRO K 288 -11.86 28.56 -53.49
N ALA K 289 -12.56 28.03 -54.49
CA ALA K 289 -12.44 26.60 -54.82
C ALA K 289 -11.06 26.27 -55.38
N ASP K 290 -10.43 27.22 -56.06
CA ASP K 290 -9.14 26.96 -56.69
C ASP K 290 -8.08 26.64 -55.64
N VAL K 291 -7.36 25.54 -55.85
CA VAL K 291 -6.38 25.05 -54.89
C VAL K 291 -5.48 24.03 -55.58
N PHE K 292 -4.24 23.92 -55.11
CA PHE K 292 -3.31 22.89 -55.57
C PHE K 292 -2.81 22.09 -54.37
N VAL K 293 -2.72 20.78 -54.53
CA VAL K 293 -2.25 19.88 -53.48
C VAL K 293 -1.12 19.03 -54.03
N GLN K 294 -0.08 18.86 -53.24
CA GLN K 294 1.10 18.08 -53.60
C GLN K 294 1.51 17.24 -52.40
N TRP K 295 2.13 16.10 -52.65
CA TRP K 295 2.62 15.24 -51.58
C TRP K 295 4.14 15.16 -51.66
N MET K 296 4.80 15.39 -50.52
CA MET K 296 6.26 15.42 -50.43
C MET K 296 6.69 14.39 -49.41
N GLN K 297 7.37 13.34 -49.87
CA GLN K 297 7.81 12.25 -49.00
C GLN K 297 9.21 12.54 -48.49
N ARG K 298 9.31 12.85 -47.19
CA ARG K 298 10.56 13.07 -46.44
C ARG K 298 11.62 13.87 -47.20
N GLY K 299 11.18 14.84 -47.99
CA GLY K 299 12.11 15.69 -48.72
C GLY K 299 12.44 15.25 -50.12
N GLN K 300 11.77 14.22 -50.64
CA GLN K 300 11.98 13.81 -52.03
C GLN K 300 10.65 13.80 -52.79
N PRO K 301 10.67 14.13 -54.07
CA PRO K 301 9.42 14.28 -54.83
C PRO K 301 8.67 12.95 -54.98
N LEU K 302 7.36 13.07 -55.13
CA LEU K 302 6.48 11.93 -55.37
C LEU K 302 5.79 12.11 -56.71
N SER K 303 5.73 11.04 -57.50
CA SER K 303 5.11 11.10 -58.81
C SER K 303 3.59 11.29 -58.66
N PRO K 304 2.96 12.06 -59.54
CA PRO K 304 1.50 12.23 -59.46
C PRO K 304 0.72 10.96 -59.77
N GLU K 305 1.37 9.93 -60.31
CA GLU K 305 0.67 8.67 -60.56
C GLU K 305 0.30 7.98 -59.25
N LYS K 306 1.17 8.08 -58.24
CA LYS K 306 0.94 7.34 -57.01
C LYS K 306 -0.24 7.89 -56.22
N TYR K 307 -0.31 9.20 -56.04
CA TYR K 307 -1.37 9.83 -55.27
C TYR K 307 -2.41 10.43 -56.20
N VAL K 308 -3.69 10.32 -55.82
CA VAL K 308 -4.78 10.92 -56.56
C VAL K 308 -5.63 11.73 -55.58
N THR K 309 -6.33 12.74 -56.10
CA THR K 309 -7.14 13.62 -55.29
C THR K 309 -8.48 13.85 -55.97
N SER K 310 -9.32 14.63 -55.31
CA SER K 310 -10.64 14.99 -55.81
C SER K 310 -10.75 16.50 -55.94
N ALA K 311 -11.65 16.93 -56.82
CA ALA K 311 -11.96 18.34 -56.93
C ALA K 311 -12.64 18.82 -55.64
N PRO K 312 -12.55 20.11 -55.32
CA PRO K 312 -13.22 20.61 -54.12
C PRO K 312 -14.74 20.59 -54.27
N MET K 313 -15.41 19.98 -53.28
CA MET K 313 -16.85 20.01 -53.13
C MET K 313 -17.25 21.07 -52.12
N PRO K 314 -18.45 21.63 -52.25
CA PRO K 314 -18.93 22.60 -51.24
C PRO K 314 -19.01 21.96 -49.86
N GLU K 315 -18.62 22.72 -48.85
CA GLU K 315 -18.69 22.24 -47.48
C GLU K 315 -20.16 22.16 -47.05
N PRO K 316 -20.56 21.09 -46.37
CA PRO K 316 -21.98 20.93 -46.00
C PRO K 316 -22.53 22.05 -45.12
N GLN K 317 -21.71 22.62 -44.25
CA GLN K 317 -22.20 23.65 -43.34
C GLN K 317 -22.08 25.06 -43.91
N ALA K 318 -20.94 25.39 -44.51
CA ALA K 318 -20.72 26.73 -45.07
C ALA K 318 -20.43 26.62 -46.55
N PRO K 319 -21.25 27.20 -47.42
CA PRO K 319 -20.98 27.13 -48.86
C PRO K 319 -19.70 27.82 -49.27
N GLY K 320 -19.26 28.85 -48.54
CA GLY K 320 -18.04 29.55 -48.89
C GLY K 320 -16.80 28.67 -48.77
N ARG K 321 -16.71 27.92 -47.69
CA ARG K 321 -15.58 27.02 -47.51
C ARG K 321 -15.72 25.80 -48.42
N TYR K 322 -14.57 25.25 -48.82
CA TYR K 322 -14.52 24.07 -49.67
C TYR K 322 -13.48 23.11 -49.09
N PHE K 323 -13.71 21.81 -49.28
CA PHE K 323 -12.81 20.78 -48.77
C PHE K 323 -12.40 19.84 -49.90
N ALA K 324 -11.18 19.31 -49.79
CA ALA K 324 -10.65 18.37 -50.75
C ALA K 324 -9.75 17.39 -50.01
N HIS K 325 -9.50 16.24 -50.64
CA HIS K 325 -8.71 15.20 -50.00
C HIS K 325 -7.95 14.41 -51.06
N SER K 326 -6.88 13.76 -50.62
CA SER K 326 -6.06 12.92 -51.48
C SER K 326 -5.60 11.71 -50.68
N ILE K 327 -5.31 10.62 -51.39
CA ILE K 327 -4.90 9.37 -50.77
C ILE K 327 -3.59 8.91 -51.38
N LEU K 328 -2.76 8.26 -50.57
CA LEU K 328 -1.56 7.58 -51.03
C LEU K 328 -1.56 6.15 -50.49
N THR K 329 -1.39 5.18 -51.39
CA THR K 329 -1.25 3.79 -51.01
C THR K 329 0.23 3.48 -50.84
N VAL K 330 0.63 3.16 -49.61
CA VAL K 330 2.00 2.76 -49.31
C VAL K 330 1.95 1.42 -48.59
N SER K 331 3.04 0.68 -48.70
CA SER K 331 3.14 -0.60 -48.02
C SER K 331 3.18 -0.39 -46.52
N GLU K 332 2.68 -1.40 -45.79
CA GLU K 332 2.73 -1.33 -44.33
C GLU K 332 4.15 -1.29 -43.81
N GLU K 333 5.08 -1.95 -44.51
CA GLU K 333 6.49 -1.93 -44.11
C GLU K 333 7.05 -0.51 -44.18
N GLU K 334 6.64 0.27 -45.18
CA GLU K 334 7.00 1.69 -45.20
C GLU K 334 6.42 2.42 -44.00
N TRP K 335 5.17 2.09 -43.64
CA TRP K 335 4.58 2.65 -42.43
C TRP K 335 5.15 2.03 -41.17
N ASN K 336 5.63 0.78 -41.24
CA ASN K 336 6.25 0.14 -40.08
C ASN K 336 7.50 0.91 -39.65
N THR K 337 8.38 1.19 -40.60
CA THR K 337 9.48 2.12 -40.39
C THR K 337 9.10 3.50 -40.94
N GLY K 338 8.07 4.07 -40.33
CA GLY K 338 7.40 5.26 -40.84
C GLY K 338 8.29 6.47 -41.04
N GLU K 339 8.23 7.05 -42.23
CA GLU K 339 8.94 8.28 -42.54
C GLU K 339 7.99 9.46 -42.36
N THR K 340 8.47 10.66 -42.71
CA THR K 340 7.75 11.87 -42.35
C THR K 340 6.42 11.99 -43.11
N TYR K 341 6.45 11.79 -44.43
CA TYR K 341 5.25 11.73 -45.27
C TYR K 341 4.41 13.02 -45.17
N THR K 342 5.00 14.12 -45.63
CA THR K 342 4.31 15.40 -45.59
C THR K 342 3.32 15.55 -46.74
N CYS K 343 2.18 16.15 -46.44
CA CYS K 343 1.22 16.61 -47.45
C CYS K 343 1.22 18.13 -47.44
N VAL K 344 1.56 18.74 -48.58
CA VAL K 344 1.68 20.18 -48.67
C VAL K 344 0.50 20.73 -49.47
N VAL K 345 0.15 21.98 -49.19
CA VAL K 345 -1.03 22.62 -49.76
C VAL K 345 -0.61 23.97 -50.33
N ALA K 346 -1.20 24.32 -51.48
CA ALA K 346 -0.95 25.61 -52.13
C ALA K 346 -2.29 26.32 -52.29
N HIS K 347 -2.45 27.44 -51.59
CA HIS K 347 -3.70 28.18 -51.62
C HIS K 347 -3.43 29.61 -51.18
N GLU K 348 -4.32 30.52 -51.55
CA GLU K 348 -4.22 31.91 -51.16
C GLU K 348 -4.78 32.09 -49.74
N ALA K 349 -4.94 33.34 -49.31
CA ALA K 349 -5.36 33.71 -47.96
C ALA K 349 -4.41 33.18 -46.88
N LEU K 350 -3.18 32.86 -47.26
CA LEU K 350 -2.13 32.36 -46.41
C LEU K 350 -0.85 33.14 -46.69
N PRO K 351 -0.11 33.56 -45.65
CA PRO K 351 1.09 34.39 -45.86
C PRO K 351 2.12 33.77 -46.79
N ASN K 352 2.58 32.57 -46.48
CA ASN K 352 3.55 31.88 -47.32
C ASN K 352 2.88 31.07 -48.44
N ARG K 353 1.56 30.93 -48.41
CA ARG K 353 0.76 30.17 -49.37
C ARG K 353 1.12 28.68 -49.38
N VAL K 354 1.98 28.25 -48.48
CA VAL K 354 2.38 26.84 -48.36
C VAL K 354 2.41 26.48 -46.88
N THR K 355 1.71 25.41 -46.52
CA THR K 355 1.69 24.91 -45.15
C THR K 355 2.22 23.48 -45.14
N GLU K 356 3.14 23.20 -44.22
CA GLU K 356 3.73 21.88 -44.06
C GLU K 356 2.99 21.14 -42.95
N ARG K 357 2.32 20.05 -43.32
CA ARG K 357 1.63 19.20 -42.36
C ARG K 357 2.05 17.75 -42.58
N THR K 358 2.26 17.03 -41.48
CA THR K 358 2.73 15.66 -41.56
C THR K 358 2.38 14.92 -40.28
N VAL K 359 2.32 13.59 -40.39
CA VAL K 359 2.15 12.70 -39.24
C VAL K 359 3.13 11.54 -39.39
N ASP K 360 3.34 10.84 -38.28
CA ASP K 360 4.30 9.74 -38.25
C ASP K 360 3.78 8.68 -37.28
N LYS K 361 4.31 7.47 -37.42
CA LYS K 361 4.01 6.41 -36.46
C LYS K 361 4.48 6.79 -35.06
N SER K 362 5.53 7.62 -34.96
CA SER K 362 5.98 8.09 -33.66
C SER K 362 4.92 8.92 -32.96
N THR K 363 4.29 9.85 -33.69
CA THR K 363 3.23 10.67 -33.13
C THR K 363 1.84 10.06 -33.35
N GLY K 364 1.71 8.79 -33.01
CA GLY K 364 0.42 8.12 -33.02
C GLY K 364 -0.31 8.30 -31.71
N LYS K 365 -1.38 7.56 -31.56
CA LYS K 365 -2.13 7.58 -30.30
C LYS K 365 -1.31 6.89 -29.22
N PRO K 366 -1.01 7.56 -28.11
CA PRO K 366 -0.24 6.91 -27.05
C PRO K 366 -1.03 5.79 -26.39
N THR K 367 -0.32 4.75 -25.97
CA THR K 367 -0.92 3.65 -25.24
C THR K 367 -0.33 3.49 -23.84
N LEU K 368 0.68 4.27 -23.49
CA LEU K 368 1.32 4.22 -22.19
C LEU K 368 1.66 5.64 -21.75
N TYR K 369 1.96 5.79 -20.46
CA TYR K 369 2.34 7.09 -19.90
C TYR K 369 3.33 6.85 -18.76
N ASN K 370 4.61 7.12 -19.00
CA ASN K 370 5.55 7.35 -17.91
C ASN K 370 5.26 8.71 -17.25
N VAL K 371 4.25 8.74 -16.39
CA VAL K 371 4.10 9.92 -15.55
C VAL K 371 4.98 9.74 -14.33
N SER K 372 6.00 10.58 -14.20
CA SER K 372 7.11 10.37 -13.28
C SER K 372 7.38 11.63 -12.47
N LEU K 373 6.33 12.17 -11.86
CA LEU K 373 6.45 13.36 -11.03
C LEU K 373 7.43 13.12 -9.88
N VAL K 374 8.55 13.82 -9.92
CA VAL K 374 9.63 13.66 -8.96
C VAL K 374 9.63 14.89 -8.05
N MET K 375 9.62 14.65 -6.74
CA MET K 375 9.55 15.71 -5.74
C MET K 375 10.92 15.88 -5.10
N SER K 376 11.30 17.13 -4.86
CA SER K 376 12.61 17.40 -4.29
C SER K 376 12.61 18.76 -3.61
N ASP K 377 13.49 18.90 -2.61
CA ASP K 377 13.65 20.18 -1.94
C ASP K 377 14.65 21.07 -2.68
N THR K 378 15.64 20.46 -3.33
CA THR K 378 16.62 21.20 -4.11
C THR K 378 15.95 21.71 -5.38
N ALA K 379 15.51 22.96 -5.35
CA ALA K 379 14.79 23.58 -6.44
C ALA K 379 15.68 24.60 -7.15
N GLY K 380 15.14 25.22 -8.17
CA GLY K 380 15.89 26.21 -8.93
C GLY K 380 17.09 25.65 -9.65
N THR K 381 16.93 24.46 -10.25
CA THR K 381 18.05 23.75 -10.87
C THR K 381 17.76 23.36 -12.32
N CYS K 382 16.49 23.28 -12.73
CA CYS K 382 16.05 22.81 -14.06
C CYS K 382 16.81 21.57 -14.51
N TYR K 383 16.98 20.61 -13.59
CA TYR K 383 17.53 19.30 -13.91
C TYR K 383 17.15 18.29 -12.82
N GLU L 3 16.74 7.39 -28.74
CA GLU L 3 15.72 6.95 -29.68
C GLU L 3 14.43 7.76 -29.49
N ARG L 4 14.46 8.72 -28.59
CA ARG L 4 13.31 9.55 -28.28
C ARG L 4 13.61 11.01 -28.61
N ILE L 5 12.56 11.74 -28.95
CA ILE L 5 12.65 13.16 -29.28
C ILE L 5 11.88 13.95 -28.24
N VAL L 6 12.52 14.98 -27.69
CA VAL L 6 11.93 15.81 -26.64
C VAL L 6 10.93 16.74 -27.30
N LEU L 7 9.64 16.41 -27.17
CA LEU L 7 8.61 17.24 -27.78
C LEU L 7 8.51 18.61 -27.12
N VAL L 8 8.52 18.63 -25.78
CA VAL L 8 8.43 19.88 -25.02
C VAL L 8 9.52 19.83 -23.95
N ASP L 9 10.29 20.91 -23.85
CA ASP L 9 11.38 21.04 -22.88
C ASP L 9 11.33 22.40 -22.21
N ASN L 10 10.16 22.78 -21.71
CA ASN L 10 10.00 24.06 -21.03
C ASN L 10 10.85 24.07 -19.76
N LYS L 11 11.95 24.83 -19.77
CA LYS L 11 12.90 24.79 -18.68
C LYS L 11 12.44 25.60 -17.47
N CYS L 12 11.42 26.44 -17.62
CA CYS L 12 10.89 27.15 -16.47
C CYS L 12 9.71 26.40 -15.85
N LYS L 13 9.32 25.28 -16.44
CA LYS L 13 8.37 24.34 -15.85
C LYS L 13 8.95 22.95 -15.65
N CYS L 14 10.12 22.66 -16.23
CA CYS L 14 10.90 21.44 -16.08
C CYS L 14 10.28 20.22 -16.76
N ALA L 15 9.16 20.39 -17.47
CA ALA L 15 8.57 19.27 -18.19
C ALA L 15 9.52 18.77 -19.27
N ARG L 16 9.59 17.45 -19.43
CA ARG L 16 10.52 16.81 -20.34
C ARG L 16 9.83 15.71 -21.13
N ILE L 17 8.69 16.05 -21.74
CA ILE L 17 7.94 15.07 -22.52
C ILE L 17 8.78 14.54 -23.66
N THR L 18 8.90 13.23 -23.75
CA THR L 18 9.57 12.55 -24.85
C THR L 18 8.58 11.64 -25.57
N SER L 19 9.08 10.86 -26.52
CA SER L 19 8.26 9.89 -27.24
C SER L 19 9.20 8.88 -27.88
N ARG L 20 8.92 7.59 -27.64
CA ARG L 20 9.76 6.53 -28.14
C ARG L 20 8.89 5.43 -28.75
N ILE L 21 9.50 4.66 -29.65
CA ILE L 21 8.85 3.51 -30.27
C ILE L 21 9.61 2.27 -29.82
N ILE L 22 8.99 1.48 -28.94
CA ILE L 22 9.53 0.20 -28.53
C ILE L 22 8.80 -0.90 -29.31
N ARG L 23 9.56 -1.69 -30.05
CA ARG L 23 9.00 -2.63 -31.01
C ARG L 23 8.96 -4.03 -30.43
N SER L 24 7.81 -4.70 -30.52
CA SER L 24 7.73 -6.10 -30.17
C SER L 24 8.56 -6.93 -31.14
N SER L 25 9.18 -8.00 -30.64
CA SER L 25 10.16 -8.75 -31.39
C SER L 25 9.52 -9.93 -32.12
N GLU L 26 10.06 -10.23 -33.31
CA GLU L 26 9.77 -11.43 -34.11
C GLU L 26 8.26 -11.70 -34.23
N ASP L 27 7.51 -10.63 -34.43
CA ASP L 27 6.06 -10.74 -34.49
C ASP L 27 5.53 -9.57 -35.31
N PRO L 28 4.23 -9.58 -35.68
CA PRO L 28 3.63 -8.39 -36.31
C PRO L 28 3.62 -7.18 -35.40
N ASN L 29 3.10 -6.07 -35.90
CA ASN L 29 3.24 -4.77 -35.25
C ASN L 29 2.11 -4.54 -34.24
N GLU L 30 2.37 -4.84 -32.98
CA GLU L 30 1.56 -4.37 -31.86
C GLU L 30 2.33 -3.33 -31.05
N ASP L 31 2.98 -2.40 -31.76
CA ASP L 31 3.81 -1.39 -31.14
C ASP L 31 3.03 -0.55 -30.15
N ILE L 32 3.66 -0.24 -29.02
CA ILE L 32 3.07 0.59 -27.97
C ILE L 32 3.90 1.86 -27.85
N VAL L 33 3.21 2.99 -27.69
CA VAL L 33 3.82 4.31 -27.80
C VAL L 33 4.03 4.89 -26.42
N GLU L 34 5.28 5.20 -26.09
CA GLU L 34 5.66 5.84 -24.84
C GLU L 34 5.51 7.35 -24.95
N ARG L 35 4.55 7.91 -24.23
CA ARG L 35 4.51 9.37 -24.02
C ARG L 35 5.02 9.66 -22.61
N ASN L 36 6.34 9.58 -22.46
CA ASN L 36 6.97 9.80 -21.16
C ASN L 36 6.80 11.26 -20.74
N ILE L 37 6.67 11.47 -19.44
CA ILE L 37 6.60 12.81 -18.85
C ILE L 37 7.46 12.80 -17.59
N ARG L 38 8.23 13.87 -17.39
CA ARG L 38 9.06 14.01 -16.20
C ARG L 38 8.96 15.45 -15.71
N ILE L 39 8.62 15.62 -14.43
CA ILE L 39 8.37 16.93 -13.83
C ILE L 39 9.03 16.96 -12.46
N ILE L 40 9.76 18.04 -12.17
CA ILE L 40 10.49 18.20 -10.92
C ILE L 40 9.93 19.44 -10.23
N VAL L 41 9.08 19.24 -9.22
CA VAL L 41 8.42 20.32 -8.52
C VAL L 41 9.36 20.97 -7.51
N PRO L 42 9.24 22.29 -7.26
CA PRO L 42 10.11 22.94 -6.29
C PRO L 42 9.84 22.59 -4.83
N LEU L 43 8.57 22.74 -4.42
CA LEU L 43 8.07 22.57 -3.05
C LEU L 43 8.52 23.67 -2.11
N ASN L 44 9.41 24.57 -2.56
CA ASN L 44 9.83 25.68 -1.72
C ASN L 44 9.97 27.00 -2.48
N ASN L 45 9.78 27.03 -3.79
CA ASN L 45 9.82 28.28 -4.53
C ASN L 45 8.48 29.00 -4.41
N ARG L 46 8.52 30.31 -4.69
CA ARG L 46 7.37 31.17 -4.47
C ARG L 46 6.66 31.46 -5.79
N GLU L 47 5.56 32.22 -5.71
CA GLU L 47 4.81 32.59 -6.91
C GLU L 47 5.67 33.42 -7.85
N ASN L 48 6.09 34.61 -7.40
CA ASN L 48 7.24 35.26 -8.02
C ASN L 48 8.46 34.35 -8.01
N ILE L 49 8.96 34.04 -9.20
CA ILE L 49 10.18 33.27 -9.31
C ILE L 49 11.38 34.11 -8.90
N SER L 50 11.26 35.44 -8.97
CA SER L 50 12.36 36.35 -8.66
C SER L 50 12.13 37.15 -7.38
N ASP L 51 10.96 37.77 -7.24
CA ASP L 51 10.67 38.58 -6.06
C ASP L 51 10.46 37.68 -4.84
N PRO L 52 11.24 37.84 -3.78
CA PRO L 52 11.22 36.88 -2.67
C PRO L 52 10.26 37.22 -1.52
N THR L 53 9.39 38.22 -1.66
CA THR L 53 8.46 38.58 -0.59
C THR L 53 7.05 38.04 -0.85
N SER L 54 6.90 37.10 -1.77
CA SER L 54 5.65 36.46 -2.13
C SER L 54 5.46 35.18 -1.31
N PRO L 55 4.23 34.74 -1.10
CA PRO L 55 4.00 33.44 -0.46
C PRO L 55 4.44 32.29 -1.37
N LEU L 56 4.42 31.09 -0.78
CA LEU L 56 4.78 29.90 -1.54
C LEU L 56 3.69 29.55 -2.55
N ARG L 57 4.09 28.80 -3.58
CA ARG L 57 3.16 28.27 -4.57
C ARG L 57 2.96 26.79 -4.30
N THR L 58 1.71 26.41 -4.04
CA THR L 58 1.36 25.01 -3.82
C THR L 58 0.84 24.37 -5.10
N ARG L 59 -0.16 24.99 -5.72
CA ARG L 59 -0.75 24.45 -6.93
C ARG L 59 0.25 24.49 -8.07
N PHE L 60 0.30 23.40 -8.83
CA PHE L 60 1.28 23.16 -9.90
C PHE L 60 0.56 22.86 -11.21
N VAL L 61 -0.36 23.76 -11.59
CA VAL L 61 -1.17 23.59 -12.79
C VAL L 61 -0.28 23.40 -14.01
N TYR L 62 -0.44 22.27 -14.69
CA TYR L 62 0.21 22.00 -15.98
C TYR L 62 -0.87 21.69 -17.01
N HIS L 63 -1.40 22.72 -17.65
CA HIS L 63 -2.20 22.53 -18.87
C HIS L 63 -1.21 22.27 -20.00
N LEU L 64 -1.05 21.00 -20.36
CA LEU L 64 -0.06 20.63 -21.36
C LEU L 64 -0.43 21.10 -22.76
N SER L 65 -1.67 21.55 -22.97
CA SER L 65 -2.02 22.16 -24.25
C SER L 65 -1.20 23.42 -24.50
N ASP L 66 -1.01 24.24 -23.46
CA ASP L 66 -0.19 25.44 -23.60
C ASP L 66 1.28 25.08 -23.77
N LEU L 67 1.76 24.10 -23.02
CA LEU L 67 3.16 23.69 -23.13
C LEU L 67 3.45 23.05 -24.49
N CYS L 68 2.49 22.34 -25.06
CA CYS L 68 2.71 21.72 -26.36
C CYS L 68 2.78 22.74 -27.49
N LYS L 69 2.10 23.87 -27.32
CA LYS L 69 2.12 24.92 -28.34
C LYS L 69 2.90 26.13 -27.84
N GLU L 98 4.30 34.87 -19.12
CA GLU L 98 3.26 34.56 -18.15
C GLU L 98 3.87 34.37 -16.76
N THR L 99 3.62 33.22 -16.14
CA THR L 99 4.18 32.88 -14.85
C THR L 99 4.70 31.44 -14.87
N CYS L 100 5.85 31.23 -14.24
CA CYS L 100 6.43 29.89 -14.14
C CYS L 100 7.30 29.82 -12.90
N TYR L 101 7.66 28.60 -12.53
CA TYR L 101 8.12 28.27 -11.19
C TYR L 101 9.53 27.72 -11.08
N THR L 102 10.12 27.20 -12.15
CA THR L 102 11.47 26.65 -12.08
C THR L 102 12.49 27.64 -12.63
N TYR L 103 13.59 27.83 -11.89
CA TYR L 103 14.68 28.67 -12.36
C TYR L 103 15.30 28.12 -13.64
N ASP L 104 16.07 28.96 -14.31
CA ASP L 104 16.92 28.53 -15.41
C ASP L 104 18.34 28.99 -15.11
N ARG L 105 19.32 28.13 -15.39
CA ARG L 105 20.68 28.38 -14.91
C ARG L 105 21.36 29.49 -15.71
N ASN L 106 21.15 29.55 -17.03
CA ASN L 106 21.87 30.52 -17.84
C ASN L 106 21.30 31.94 -17.65
N LYS L 107 19.99 32.06 -17.49
CA LYS L 107 19.36 33.36 -17.35
C LYS L 107 19.54 33.83 -15.91
N CYS L 108 20.20 34.96 -15.73
CA CYS L 108 20.41 35.52 -14.40
C CYS L 108 19.19 36.34 -13.98
N TYR L 109 18.85 36.25 -12.70
CA TYR L 109 17.71 36.96 -12.14
C TYR L 109 18.19 38.05 -11.20
N THR L 110 17.35 39.07 -11.01
CA THR L 110 17.77 40.30 -10.37
C THR L 110 16.61 40.90 -9.60
N ALA L 111 16.93 41.48 -8.43
CA ALA L 111 15.98 42.26 -7.65
C ALA L 111 16.72 43.41 -6.99
N VAL L 112 15.97 44.47 -6.67
CA VAL L 112 16.55 45.70 -6.13
C VAL L 112 16.07 45.89 -4.70
N VAL L 113 17.00 46.17 -3.79
CA VAL L 113 16.68 46.34 -2.38
C VAL L 113 17.15 47.71 -1.90
N PRO L 114 16.49 48.29 -0.89
CA PRO L 114 16.98 49.57 -0.34
C PRO L 114 18.01 49.37 0.77
N LEU L 115 19.17 49.99 0.61
CA LEU L 115 20.23 49.97 1.62
C LEU L 115 20.33 51.34 2.27
N VAL L 116 20.37 51.37 3.60
CA VAL L 116 20.43 52.61 4.36
C VAL L 116 21.73 52.63 5.16
N TYR L 117 22.53 53.68 4.95
CA TYR L 117 23.70 53.95 5.77
C TYR L 117 23.42 54.97 6.86
N GLY L 118 22.23 55.56 6.85
CA GLY L 118 21.87 56.61 7.79
C GLY L 118 20.58 57.28 7.36
N GLY L 119 20.60 58.61 7.29
CA GLY L 119 19.44 59.33 6.77
C GLY L 119 19.18 59.04 5.30
N GLU L 120 20.24 58.95 4.51
CA GLU L 120 20.13 58.69 3.09
C GLU L 120 19.95 57.20 2.81
N THR L 121 19.50 56.89 1.59
CA THR L 121 19.34 55.52 1.15
C THR L 121 19.80 55.40 -0.30
N LYS L 122 20.24 54.20 -0.67
CA LYS L 122 20.66 53.91 -2.03
C LYS L 122 20.19 52.50 -2.39
N MET L 123 19.60 52.36 -3.58
CA MET L 123 19.05 51.09 -4.03
C MET L 123 20.04 50.43 -4.99
N VAL L 124 20.47 49.22 -4.67
CA VAL L 124 21.47 48.49 -5.44
C VAL L 124 20.92 47.10 -5.72
N GLU L 125 20.95 46.68 -6.99
CA GLU L 125 20.37 45.39 -7.36
C GLU L 125 21.25 44.25 -6.89
N THR L 126 20.63 43.10 -6.63
CA THR L 126 21.25 41.94 -6.03
C THR L 126 21.33 40.79 -7.03
N ALA L 127 21.88 39.67 -6.56
CA ALA L 127 22.00 38.46 -7.36
C ALA L 127 21.24 37.33 -6.67
N LEU L 128 20.08 36.97 -7.22
CA LEU L 128 19.27 35.91 -6.61
C LEU L 128 19.89 34.54 -6.82
N THR L 129 20.68 34.36 -7.87
CA THR L 129 21.37 33.11 -8.16
C THR L 129 22.84 33.37 -8.44
N PRO L 130 23.59 33.81 -7.43
CA PRO L 130 25.00 34.17 -7.64
C PRO L 130 25.92 32.98 -7.84
N ASP L 131 25.42 31.75 -7.68
CA ASP L 131 26.27 30.57 -7.84
C ASP L 131 26.73 30.40 -9.29
N ALA L 132 25.93 30.88 -10.24
CA ALA L 132 26.29 30.79 -11.66
C ALA L 132 26.18 32.12 -12.38
N CYS L 133 26.14 33.24 -11.65
CA CYS L 133 25.99 34.56 -12.27
C CYS L 133 27.27 35.40 -12.21
N TYR L 134 28.24 35.04 -11.38
CA TYR L 134 29.50 35.76 -11.38
C TYR L 134 30.25 35.47 -12.68
N PRO L 135 31.08 36.41 -13.16
CA PRO L 135 31.70 36.25 -14.47
C PRO L 135 32.56 34.99 -14.55
N ASP L 136 32.49 34.33 -15.70
CA ASP L 136 33.21 33.07 -15.92
C ASP L 136 33.77 33.03 -17.33
#